data_1ON3
#
_entry.id   1ON3
#
_cell.length_a   114.805
_cell.length_b   200.708
_cell.length_c   146.347
_cell.angle_alpha   90.00
_cell.angle_beta   102.43
_cell.angle_gamma   90.00
#
_symmetry.space_group_name_H-M   'C 1 2 1'
#
loop_
_entity.id
_entity.type
_entity.pdbx_description
1 polymer 'Methylmalonyl-CoA carboxyltransferase 12S subunit'
2 non-polymer 'CADMIUM ION'
3 non-polymer 'METHYLMALONYL-COENZYME A'
4 non-polymer 'METHYLMALONIC ACID'
5 non-polymer (4S)-2-METHYL-2,4-PENTANEDIOL
6 water water
#
_entity_poly.entity_id   1
_entity_poly.type   'polypeptide(L)'
_entity_poly.pdbx_seq_one_letter_code
;AENNNLKLASTMEGRVEQLAEQRQVIEAGGGERRVEKQHSQGKQTARERLNNLLDPHSFDEVGAFRKHRTTLFGMDKAVV
PADGVVTGRGTILGRPVHAASQDFTVMGGSAGETQSTKVVETMEQALLTGTPFLFFYDSGGARIQEGIDSLSGYGKMFFA
NVKLSGVVPQIAIIAGPCAGGASYSPALTDFIIMTKKAHMFITGPQVIKSVTGEDVTADELGGAEAHMAISGNIHFVAED
DDAAELIAKKLLSFLPQNNTEEASFVNPNNDVSPNTELRDIVPIDGKKGYDVRDVIAKIVDWGDYLEVKAGYATNLVTAF
ARVNGRSVGIVANQPSVMSGCLDINASDKAAEFVNFCDSFNIPLVQLVDVPGFLPGVQQEYGGIIRHGAKMLYAYSEATV
PKITVVLRKAYGGSYLAMCNRDLGADAVYAWPSAEIAVMGAEGAANVIFRKEIKAADDPDAMRAEKIEEYQNAFNTPYVA
AARGQVDDVIDPADTRRKIASALEMYATKRQTRPAKKHGNFPC
;
_entity_poly.pdbx_strand_id   A,B,C,D,E,F
#
loop_
_chem_comp.id
_chem_comp.type
_chem_comp.name
_chem_comp.formula
CD non-polymer 'CADMIUM ION' 'Cd 2'
DXX non-polymer 'METHYLMALONIC ACID' 'C4 H6 O4'
MCA non-polymer 'METHYLMALONYL-COENZYME A' 'C25 H40 N7 O19 P3 S'
MPD non-polymer (4S)-2-METHYL-2,4-PENTANEDIOL 'C6 H14 O2'
#
# COMPACT_ATOMS: atom_id res chain seq x y z
N LYS A 7 23.52 -50.79 7.66
CA LYS A 7 22.80 -51.89 6.95
C LYS A 7 21.34 -51.92 7.37
N LEU A 8 20.45 -51.66 6.41
CA LEU A 8 19.02 -51.62 6.66
C LEU A 8 18.38 -53.01 6.73
N ALA A 9 17.39 -53.17 7.61
CA ALA A 9 16.69 -54.44 7.78
C ALA A 9 15.89 -54.81 6.53
N SER A 10 15.62 -56.10 6.37
CA SER A 10 14.90 -56.62 5.21
C SER A 10 13.41 -56.32 5.14
N THR A 11 12.79 -56.01 6.28
CA THR A 11 11.37 -55.72 6.33
C THR A 11 11.13 -54.31 6.87
N MET A 12 9.94 -53.76 6.59
CA MET A 12 9.62 -52.42 7.09
C MET A 12 9.60 -52.49 8.61
N GLU A 13 9.02 -53.56 9.14
CA GLU A 13 8.95 -53.74 10.59
C GLU A 13 10.35 -53.70 11.21
N GLY A 14 11.28 -54.40 10.57
CA GLY A 14 12.65 -54.42 11.06
C GLY A 14 13.24 -53.04 11.04
N ARG A 15 13.02 -52.31 9.94
CA ARG A 15 13.54 -50.95 9.82
C ARG A 15 12.94 -50.00 10.86
N VAL A 16 11.66 -50.19 11.18
CA VAL A 16 11.00 -49.33 12.16
C VAL A 16 11.62 -49.57 13.54
N GLU A 17 11.86 -50.84 13.85
CA GLU A 17 12.47 -51.19 15.13
C GLU A 17 13.89 -50.62 15.11
N GLN A 18 14.54 -50.75 13.96
CA GLN A 18 15.89 -50.26 13.76
C GLN A 18 15.91 -48.74 13.96
N LEU A 19 14.90 -48.07 13.41
CA LEU A 19 14.77 -46.61 13.54
C LEU A 19 14.67 -46.21 15.02
N ALA A 20 13.83 -46.91 15.76
CA ALA A 20 13.64 -46.64 17.18
C ALA A 20 14.93 -46.76 17.97
N GLU A 21 15.71 -47.79 17.67
CA GLU A 21 16.98 -47.99 18.38
C GLU A 21 17.94 -46.85 18.11
N GLN A 22 17.97 -46.39 16.87
CA GLN A 22 18.86 -45.30 16.51
C GLN A 22 18.40 -43.99 17.12
N ARG A 23 17.09 -43.76 17.16
CA ARG A 23 16.61 -42.51 17.76
C ARG A 23 17.00 -42.47 19.25
N GLN A 24 16.97 -43.62 19.91
CA GLN A 24 17.33 -43.71 21.32
C GLN A 24 18.79 -43.28 21.55
N VAL A 25 19.68 -43.76 20.70
CA VAL A 25 21.09 -43.42 20.80
C VAL A 25 21.29 -41.92 20.72
N ILE A 26 20.62 -41.27 19.77
CA ILE A 26 20.73 -39.82 19.62
C ILE A 26 20.23 -39.11 20.86
N GLU A 27 19.06 -39.52 21.36
CA GLU A 27 18.49 -38.88 22.53
C GLU A 27 19.33 -39.04 23.80
N ALA A 28 20.21 -40.05 23.83
CA ALA A 28 21.07 -40.28 24.98
C ALA A 28 22.18 -39.23 24.99
N GLY A 29 22.26 -38.46 23.91
CA GLY A 29 23.26 -37.40 23.83
C GLY A 29 24.71 -37.78 24.13
N GLY A 30 25.34 -37.05 25.04
CA GLY A 30 26.72 -37.33 25.41
C GLY A 30 26.93 -38.59 26.22
N GLY A 31 25.85 -39.28 26.59
CA GLY A 31 25.99 -40.52 27.35
C GLY A 31 25.71 -40.42 28.85
N GLU A 32 25.52 -41.58 29.48
CA GLU A 32 25.22 -41.64 30.92
C GLU A 32 26.14 -40.83 31.82
N ARG A 33 27.44 -41.05 31.70
CA ARG A 33 28.39 -40.35 32.55
C ARG A 33 28.19 -38.83 32.50
N ARG A 34 28.13 -38.28 31.29
CA ARG A 34 27.96 -36.85 31.16
C ARG A 34 26.57 -36.37 31.60
N VAL A 35 25.56 -37.22 31.41
CA VAL A 35 24.21 -36.87 31.85
C VAL A 35 24.17 -36.87 33.38
N GLU A 36 24.88 -37.82 33.99
CA GLU A 36 24.94 -37.90 35.44
C GLU A 36 25.61 -36.65 35.99
N LYS A 37 26.65 -36.21 35.31
CA LYS A 37 27.40 -35.02 35.72
C LYS A 37 26.51 -33.78 35.60
N GLN A 38 25.72 -33.70 34.54
CA GLN A 38 24.80 -32.57 34.34
C GLN A 38 23.85 -32.55 35.54
N HIS A 39 23.21 -33.69 35.79
CA HIS A 39 22.26 -33.83 36.91
C HIS A 39 22.90 -33.53 38.27
N SER A 40 24.14 -33.99 38.47
CA SER A 40 24.82 -33.76 39.73
C SER A 40 25.07 -32.28 39.98
N GLN A 41 25.06 -31.49 38.90
CA GLN A 41 25.28 -30.05 39.02
C GLN A 41 23.97 -29.28 39.19
N GLY A 42 22.88 -30.01 39.42
CA GLY A 42 21.59 -29.37 39.61
C GLY A 42 20.98 -28.82 38.32
N LYS A 43 21.34 -29.42 37.20
CA LYS A 43 20.88 -28.99 35.88
C LYS A 43 20.12 -30.11 35.17
N GLN A 44 19.04 -29.77 34.49
CA GLN A 44 18.28 -30.78 33.73
C GLN A 44 19.03 -30.91 32.40
N THR A 45 18.69 -31.92 31.63
CA THR A 45 19.31 -32.13 30.32
C THR A 45 18.54 -31.31 29.27
N ALA A 46 19.11 -31.17 28.09
CA ALA A 46 18.47 -30.42 27.02
C ALA A 46 17.04 -30.91 26.73
N ARG A 47 16.86 -32.22 26.66
CA ARG A 47 15.54 -32.76 26.38
C ARG A 47 14.56 -32.69 27.54
N GLU A 48 15.08 -32.72 28.76
CA GLU A 48 14.20 -32.65 29.93
C GLU A 48 13.64 -31.22 29.99
N ARG A 49 14.48 -30.25 29.66
CA ARG A 49 14.07 -28.86 29.67
C ARG A 49 12.90 -28.62 28.71
N LEU A 50 12.98 -29.15 27.49
CA LEU A 50 11.90 -28.99 26.52
C LEU A 50 10.66 -29.78 26.96
N ASN A 51 10.87 -30.99 27.45
CA ASN A 51 9.77 -31.83 27.92
C ASN A 51 9.04 -31.15 29.08
N ASN A 52 9.79 -30.48 29.94
CA ASN A 52 9.20 -29.77 31.09
C ASN A 52 8.50 -28.47 30.69
N LEU A 53 9.07 -27.75 29.73
CA LEU A 53 8.49 -26.48 29.28
C LEU A 53 7.24 -26.64 28.40
N LEU A 54 7.31 -27.57 27.45
CA LEU A 54 6.21 -27.77 26.51
C LEU A 54 5.09 -28.68 27.05
N ASP A 55 3.89 -28.48 26.51
CA ASP A 55 2.75 -29.30 26.92
C ASP A 55 3.13 -30.76 26.72
N PRO A 56 2.66 -31.65 27.60
CA PRO A 56 2.96 -33.07 27.49
C PRO A 56 2.78 -33.61 26.07
N HIS A 57 3.80 -34.29 25.55
CA HIS A 57 3.73 -34.92 24.23
C HIS A 57 3.63 -34.01 23.02
N SER A 58 3.72 -32.69 23.20
CA SER A 58 3.59 -31.80 22.05
C SER A 58 4.86 -31.57 21.24
N PHE A 59 6.02 -31.90 21.79
CA PHE A 59 7.27 -31.67 21.06
C PHE A 59 7.38 -32.48 19.77
N ASP A 60 7.55 -31.78 18.66
CA ASP A 60 7.74 -32.40 17.35
C ASP A 60 9.15 -31.98 16.91
N GLU A 61 10.10 -32.90 17.05
CA GLU A 61 11.50 -32.60 16.73
C GLU A 61 11.91 -32.61 15.27
N VAL A 62 12.80 -31.68 14.95
CA VAL A 62 13.35 -31.53 13.60
C VAL A 62 14.86 -31.66 13.68
N GLY A 63 15.42 -32.54 12.85
CA GLY A 63 16.87 -32.66 12.83
C GLY A 63 17.51 -33.50 13.90
N ALA A 64 16.78 -34.47 14.46
CA ALA A 64 17.37 -35.35 15.46
C ALA A 64 18.59 -36.03 14.82
N PHE A 65 18.41 -36.49 13.59
CA PHE A 65 19.49 -37.20 12.88
C PHE A 65 20.43 -36.32 12.08
N ARG A 66 20.30 -35.00 12.23
CA ARG A 66 21.16 -34.07 11.52
C ARG A 66 22.60 -34.26 12.01
N LYS A 67 23.57 -34.22 11.10
CA LYS A 67 24.98 -34.41 11.46
C LYS A 67 25.90 -33.34 10.89
N HIS A 68 26.89 -32.93 11.69
CA HIS A 68 27.85 -31.93 11.26
C HIS A 68 28.59 -32.44 10.02
N ARG A 69 29.18 -31.54 9.25
CA ARG A 69 29.92 -31.93 8.06
C ARG A 69 31.38 -31.52 8.16
N THR A 70 31.75 -30.91 9.29
CA THR A 70 33.11 -30.48 9.53
C THR A 70 34.03 -31.70 9.71
N THR A 71 35.30 -31.57 9.33
CA THR A 71 36.24 -32.68 9.42
C THR A 71 37.58 -32.41 10.13
N LEU A 72 37.96 -31.16 10.29
CA LEU A 72 39.23 -30.81 10.93
C LEU A 72 39.31 -31.06 12.44
N PHE A 73 40.54 -31.23 12.90
CA PHE A 73 40.82 -31.46 14.30
C PHE A 73 39.91 -32.48 14.96
N GLY A 74 39.82 -33.66 14.32
CA GLY A 74 39.01 -34.73 14.86
C GLY A 74 37.51 -34.70 14.64
N MET A 75 36.99 -33.69 13.95
CA MET A 75 35.55 -33.65 13.73
C MET A 75 35.13 -34.72 12.72
N ASP A 76 36.09 -35.25 11.97
CA ASP A 76 35.78 -36.26 10.97
C ASP A 76 35.41 -37.61 11.58
N LYS A 77 35.85 -37.86 12.81
CA LYS A 77 35.55 -39.13 13.47
C LYS A 77 34.56 -38.95 14.61
N ALA A 78 34.44 -37.72 15.09
CA ALA A 78 33.55 -37.40 16.19
C ALA A 78 32.07 -37.71 15.92
N VAL A 79 31.40 -38.27 16.93
CA VAL A 79 29.97 -38.59 16.84
C VAL A 79 29.34 -37.51 17.71
N VAL A 80 28.55 -36.64 17.10
CA VAL A 80 27.94 -35.51 17.80
C VAL A 80 26.42 -35.52 17.60
N PRO A 81 25.68 -36.20 18.50
CA PRO A 81 24.22 -36.33 18.45
C PRO A 81 23.50 -34.99 18.28
N ALA A 82 22.70 -34.89 17.22
CA ALA A 82 21.93 -33.67 16.90
C ALA A 82 22.80 -32.41 16.82
N ASP A 83 24.11 -32.65 16.72
CA ASP A 83 25.14 -31.61 16.70
C ASP A 83 25.02 -30.72 17.93
N GLY A 84 24.50 -31.29 19.01
CA GLY A 84 24.41 -30.54 20.26
C GLY A 84 23.25 -29.61 20.51
N VAL A 85 22.21 -29.69 19.70
CA VAL A 85 21.04 -28.84 19.94
C VAL A 85 19.78 -29.62 19.55
N VAL A 86 18.74 -29.49 20.37
CA VAL A 86 17.49 -30.18 20.12
C VAL A 86 16.52 -29.10 19.69
N THR A 87 15.96 -29.23 18.49
CA THR A 87 15.06 -28.20 17.96
C THR A 87 13.74 -28.73 17.42
N GLY A 88 12.73 -27.88 17.47
CA GLY A 88 11.46 -28.28 16.94
C GLY A 88 10.35 -27.35 17.36
N ARG A 89 9.13 -27.88 17.34
CA ARG A 89 7.98 -27.09 17.73
C ARG A 89 7.12 -27.85 18.71
N GLY A 90 6.32 -27.11 19.45
CA GLY A 90 5.45 -27.73 20.42
C GLY A 90 4.42 -26.70 20.80
N THR A 91 3.76 -26.90 21.94
CA THR A 91 2.77 -25.94 22.38
C THR A 91 2.96 -25.68 23.87
N ILE A 92 2.52 -24.50 24.31
CA ILE A 92 2.57 -24.12 25.72
C ILE A 92 1.14 -23.62 25.97
N LEU A 93 0.40 -24.33 26.80
CA LEU A 93 -1.00 -24.01 27.06
C LEU A 93 -1.71 -23.95 25.72
N GLY A 94 -1.38 -24.90 24.86
CA GLY A 94 -2.01 -24.98 23.55
C GLY A 94 -1.51 -24.01 22.51
N ARG A 95 -0.66 -23.07 22.89
CA ARG A 95 -0.15 -22.09 21.93
C ARG A 95 1.06 -22.63 21.18
N PRO A 96 1.04 -22.54 19.85
CA PRO A 96 2.17 -23.02 19.06
C PRO A 96 3.43 -22.22 19.35
N VAL A 97 4.54 -22.92 19.56
CA VAL A 97 5.82 -22.26 19.77
C VAL A 97 6.90 -23.05 19.09
N HIS A 98 8.07 -22.44 18.92
CA HIS A 98 9.22 -23.11 18.32
C HIS A 98 10.29 -22.98 19.39
N ALA A 99 11.15 -23.97 19.51
CA ALA A 99 12.17 -23.94 20.57
C ALA A 99 13.46 -24.67 20.24
N ALA A 100 14.52 -24.28 20.96
CA ALA A 100 15.82 -24.91 20.81
C ALA A 100 16.38 -25.12 22.20
N SER A 101 17.18 -26.16 22.35
CA SER A 101 17.77 -26.48 23.65
C SER A 101 19.14 -27.10 23.43
N GLN A 102 20.18 -26.38 23.85
CA GLN A 102 21.57 -26.84 23.73
C GLN A 102 21.88 -27.96 24.71
N ASP A 103 22.57 -28.98 24.20
CA ASP A 103 22.95 -30.18 24.96
C ASP A 103 24.41 -30.08 25.39
N PHE A 104 24.64 -29.64 26.62
CA PHE A 104 26.00 -29.50 27.12
C PHE A 104 26.74 -30.84 27.15
N THR A 105 26.02 -31.96 27.19
CA THR A 105 26.69 -33.26 27.22
C THR A 105 27.40 -33.61 25.91
N VAL A 106 27.12 -32.84 24.86
CA VAL A 106 27.74 -33.08 23.56
C VAL A 106 28.76 -31.99 23.25
N MET A 107 30.04 -32.29 23.48
CA MET A 107 31.13 -31.35 23.26
C MET A 107 30.86 -30.02 23.96
N GLY A 108 30.48 -30.10 25.23
CA GLY A 108 30.19 -28.91 26.01
C GLY A 108 29.16 -27.99 25.41
N GLY A 109 28.25 -28.54 24.61
CA GLY A 109 27.23 -27.71 24.00
C GLY A 109 27.81 -26.65 23.08
N SER A 110 29.08 -26.82 22.71
CA SER A 110 29.76 -25.88 21.81
C SER A 110 28.94 -25.74 20.51
N ALA A 111 28.79 -24.51 20.05
CA ALA A 111 28.00 -24.21 18.86
C ALA A 111 28.65 -24.58 17.53
N GLY A 112 28.37 -25.79 17.07
CA GLY A 112 28.91 -26.21 15.80
C GLY A 112 28.15 -25.51 14.69
N GLU A 113 28.76 -25.48 13.51
CA GLU A 113 28.18 -24.86 12.33
C GLU A 113 26.76 -25.37 12.04
N THR A 114 26.61 -26.69 12.00
CA THR A 114 25.33 -27.31 11.73
C THR A 114 24.32 -26.99 12.85
N GLN A 115 24.79 -26.98 14.09
CA GLN A 115 23.93 -26.67 15.24
C GLN A 115 23.29 -25.29 15.03
N SER A 116 24.12 -24.32 14.65
CA SER A 116 23.65 -22.95 14.44
C SER A 116 22.68 -22.88 13.26
N THR A 117 22.86 -23.76 12.30
CA THR A 117 21.99 -23.80 11.13
C THR A 117 20.64 -24.34 11.57
N LYS A 118 20.67 -25.31 12.49
CA LYS A 118 19.44 -25.91 13.01
C LYS A 118 18.64 -24.87 13.79
N VAL A 119 19.35 -24.06 14.58
CA VAL A 119 18.73 -23.02 15.39
C VAL A 119 18.12 -21.95 14.49
N VAL A 120 18.87 -21.50 13.50
CA VAL A 120 18.38 -20.48 12.58
C VAL A 120 17.15 -20.94 11.79
N GLU A 121 17.16 -22.20 11.35
CA GLU A 121 16.03 -22.71 10.58
C GLU A 121 14.79 -22.75 11.46
N THR A 122 14.97 -23.05 12.74
CA THR A 122 13.86 -23.10 13.67
C THR A 122 13.32 -21.69 13.91
N MET A 123 14.21 -20.72 13.97
CA MET A 123 13.81 -19.33 14.16
C MET A 123 13.07 -18.86 12.92
N GLU A 124 13.58 -19.23 11.75
CA GLU A 124 12.94 -18.84 10.49
C GLU A 124 11.53 -19.42 10.42
N GLN A 125 11.32 -20.59 11.01
CA GLN A 125 9.99 -21.19 10.99
C GLN A 125 9.05 -20.46 11.95
N ALA A 126 9.60 -19.97 13.06
CA ALA A 126 8.81 -19.22 14.05
C ALA A 126 8.37 -17.93 13.38
N LEU A 127 9.30 -17.30 12.66
CA LEU A 127 9.00 -16.06 11.94
C LEU A 127 7.93 -16.31 10.86
N LEU A 128 8.15 -17.34 10.06
CA LEU A 128 7.26 -17.72 8.97
C LEU A 128 5.82 -18.00 9.45
N THR A 129 5.71 -18.68 10.59
CA THR A 129 4.41 -19.03 11.16
C THR A 129 3.90 -18.06 12.24
N GLY A 130 4.65 -17.01 12.52
CA GLY A 130 4.24 -16.06 13.53
C GLY A 130 4.08 -16.62 14.94
N THR A 131 5.03 -17.45 15.37
CA THR A 131 4.97 -18.02 16.73
C THR A 131 6.17 -17.61 17.56
N PRO A 132 6.04 -17.65 18.89
CA PRO A 132 7.14 -17.27 19.77
C PRO A 132 8.32 -18.25 19.62
N PHE A 133 9.51 -17.81 20.02
CA PHE A 133 10.70 -18.65 19.94
C PHE A 133 11.39 -18.65 21.32
N LEU A 134 11.67 -19.84 21.84
CA LEU A 134 12.32 -19.99 23.14
C LEU A 134 13.58 -20.83 22.98
N PHE A 135 14.67 -20.44 23.63
CA PHE A 135 15.94 -21.14 23.45
C PHE A 135 16.66 -21.33 24.80
N PHE A 136 16.97 -22.57 25.15
CA PHE A 136 17.71 -22.85 26.39
C PHE A 136 19.19 -22.84 25.99
N TYR A 137 19.99 -21.97 26.59
CA TYR A 137 21.43 -21.89 26.29
C TYR A 137 22.21 -22.60 27.41
N ASP A 138 23.19 -23.41 27.00
CA ASP A 138 24.03 -24.20 27.91
C ASP A 138 25.24 -24.52 27.05
N SER A 139 26.22 -23.63 27.00
CA SER A 139 27.33 -23.84 26.09
C SER A 139 28.70 -23.19 26.35
N GLY A 140 29.74 -23.83 25.84
CA GLY A 140 31.08 -23.31 25.98
C GLY A 140 31.41 -22.33 24.86
N GLY A 141 30.42 -22.04 24.01
CA GLY A 141 30.64 -21.11 22.91
C GLY A 141 30.86 -21.76 21.55
N ALA A 142 31.31 -20.98 20.57
CA ALA A 142 31.56 -21.52 19.24
C ALA A 142 32.52 -22.69 19.34
N ARG A 143 32.23 -23.75 18.59
CA ARG A 143 33.06 -24.94 18.58
C ARG A 143 34.43 -24.63 18.00
N ILE A 144 35.42 -24.57 18.87
CA ILE A 144 36.79 -24.23 18.47
C ILE A 144 37.37 -25.08 17.34
N GLN A 145 37.09 -26.38 17.31
CA GLN A 145 37.62 -27.26 16.26
C GLN A 145 37.18 -26.89 14.85
N GLU A 146 36.05 -26.17 14.75
CA GLU A 146 35.51 -25.80 13.45
C GLU A 146 35.91 -24.40 12.98
N GLY A 147 36.75 -23.74 13.77
CA GLY A 147 37.23 -22.41 13.42
C GLY A 147 36.22 -21.40 12.90
N ILE A 148 36.46 -20.91 11.68
CA ILE A 148 35.57 -19.92 11.10
C ILE A 148 34.22 -20.46 10.69
N ASP A 149 34.11 -21.78 10.55
CA ASP A 149 32.84 -22.40 10.18
C ASP A 149 31.79 -22.17 11.28
N SER A 150 32.22 -22.30 12.54
CA SER A 150 31.32 -22.08 13.67
C SER A 150 31.13 -20.58 13.94
N LEU A 151 32.13 -19.78 13.57
CA LEU A 151 32.05 -18.33 13.76
C LEU A 151 30.96 -17.83 12.81
N SER A 152 30.89 -18.43 11.62
CA SER A 152 29.90 -18.05 10.63
C SER A 152 28.50 -18.38 11.14
N GLY A 153 28.39 -19.50 11.84
CA GLY A 153 27.11 -19.93 12.39
C GLY A 153 26.53 -18.88 13.32
N TYR A 154 27.36 -18.29 14.15
CA TYR A 154 26.91 -17.26 15.08
C TYR A 154 26.47 -15.99 14.36
N GLY A 155 27.16 -15.65 13.26
CA GLY A 155 26.79 -14.47 12.52
C GLY A 155 25.36 -14.62 12.01
N LYS A 156 25.06 -15.81 11.50
CA LYS A 156 23.73 -16.11 10.97
C LYS A 156 22.69 -16.08 12.09
N MET A 157 23.08 -16.55 13.28
CA MET A 157 22.16 -16.57 14.41
C MET A 157 21.83 -15.15 14.83
N PHE A 158 22.86 -14.32 14.98
CA PHE A 158 22.65 -12.93 15.39
C PHE A 158 21.76 -12.21 14.39
N PHE A 159 22.01 -12.43 13.10
CA PHE A 159 21.23 -11.77 12.06
C PHE A 159 19.76 -12.21 12.19
N ALA A 160 19.54 -13.50 12.45
CA ALA A 160 18.20 -14.06 12.63
C ALA A 160 17.49 -13.47 13.85
N ASN A 161 18.21 -13.33 14.96
CA ASN A 161 17.62 -12.74 16.17
C ASN A 161 17.07 -11.36 15.81
N VAL A 162 17.85 -10.60 15.06
CA VAL A 162 17.42 -9.24 14.72
C VAL A 162 16.26 -9.29 13.75
N LYS A 163 16.29 -10.25 12.84
CA LYS A 163 15.22 -10.38 11.84
C LYS A 163 13.89 -10.63 12.57
N LEU A 164 13.93 -11.42 13.64
CA LEU A 164 12.75 -11.74 14.42
C LEU A 164 12.37 -10.67 15.43
N SER A 165 13.33 -9.82 15.78
CA SER A 165 13.10 -8.78 16.78
C SER A 165 11.88 -7.92 16.50
N GLY A 166 10.96 -7.91 17.46
CA GLY A 166 9.75 -7.13 17.30
C GLY A 166 8.66 -7.75 16.42
N VAL A 167 8.90 -8.97 15.93
CA VAL A 167 7.90 -9.65 15.10
C VAL A 167 7.26 -10.77 15.91
N VAL A 168 8.10 -11.65 16.47
CA VAL A 168 7.65 -12.72 17.36
C VAL A 168 8.49 -12.62 18.64
N PRO A 169 7.88 -12.88 19.81
CA PRO A 169 8.64 -12.78 21.06
C PRO A 169 9.77 -13.80 21.11
N GLN A 170 10.91 -13.39 21.62
CA GLN A 170 12.06 -14.29 21.75
C GLN A 170 12.45 -14.32 23.22
N ILE A 171 12.49 -15.52 23.79
CA ILE A 171 12.83 -15.69 25.20
C ILE A 171 14.04 -16.59 25.32
N ALA A 172 15.08 -16.08 25.96
CA ALA A 172 16.31 -16.85 26.17
C ALA A 172 16.40 -17.32 27.63
N ILE A 173 16.79 -18.58 27.82
CA ILE A 173 16.97 -19.13 29.16
C ILE A 173 18.41 -19.63 29.24
N ILE A 174 19.23 -18.97 30.07
CA ILE A 174 20.62 -19.39 30.23
C ILE A 174 20.59 -20.39 31.39
N ALA A 175 20.89 -21.64 31.09
CA ALA A 175 20.81 -22.69 32.10
C ALA A 175 22.13 -23.43 32.31
N GLY A 176 23.23 -22.77 31.95
CA GLY A 176 24.55 -23.36 32.12
C GLY A 176 25.55 -22.33 31.66
N PRO A 177 26.73 -22.74 31.19
CA PRO A 177 27.70 -21.74 30.74
C PRO A 177 27.18 -21.11 29.46
N CYS A 178 27.74 -19.95 29.11
CA CYS A 178 27.42 -19.22 27.89
C CYS A 178 28.65 -18.35 27.78
N ALA A 179 29.76 -18.98 27.40
CA ALA A 179 31.06 -18.31 27.36
C ALA A 179 31.48 -17.62 26.09
N GLY A 180 31.55 -16.30 26.15
CA GLY A 180 31.98 -15.53 24.99
C GLY A 180 30.85 -14.86 24.22
N GLY A 181 31.16 -14.48 22.98
CA GLY A 181 30.21 -13.81 22.11
C GLY A 181 28.90 -14.54 21.91
N ALA A 182 28.84 -15.80 22.32
CA ALA A 182 27.60 -16.56 22.19
C ALA A 182 26.52 -15.75 22.93
N SER A 183 26.96 -15.03 23.96
CA SER A 183 26.11 -14.20 24.80
C SER A 183 25.34 -13.11 24.06
N TYR A 184 25.81 -12.77 22.86
CA TYR A 184 25.14 -11.73 22.10
C TYR A 184 23.77 -12.18 21.55
N SER A 185 23.58 -13.49 21.38
CA SER A 185 22.31 -13.97 20.89
C SER A 185 21.28 -13.68 21.98
N PRO A 186 21.54 -14.12 23.23
CA PRO A 186 20.56 -13.81 24.27
C PRO A 186 20.30 -12.30 24.36
N ALA A 187 21.35 -11.51 24.14
CA ALA A 187 21.23 -10.05 24.19
C ALA A 187 20.27 -9.54 23.12
N LEU A 188 20.19 -10.25 22.01
CA LEU A 188 19.33 -9.83 20.92
C LEU A 188 17.92 -10.37 21.00
N THR A 189 17.66 -11.27 21.96
CA THR A 189 16.30 -11.79 22.15
C THR A 189 15.64 -10.71 23.01
N ASP A 190 14.39 -10.94 23.42
CA ASP A 190 13.68 -9.93 24.22
C ASP A 190 13.90 -10.00 25.72
N PHE A 191 13.94 -11.22 26.25
CA PHE A 191 14.14 -11.42 27.68
C PHE A 191 15.11 -12.55 27.94
N ILE A 192 15.98 -12.36 28.94
CA ILE A 192 16.92 -13.38 29.34
C ILE A 192 16.61 -13.82 30.76
N ILE A 193 16.41 -15.13 30.94
CA ILE A 193 16.15 -15.73 32.25
C ILE A 193 17.41 -16.53 32.54
N MET A 194 18.08 -16.24 33.65
CA MET A 194 19.30 -16.95 34.02
C MET A 194 19.11 -17.70 35.32
N THR A 195 19.55 -18.96 35.37
CA THR A 195 19.42 -19.72 36.61
C THR A 195 20.69 -19.45 37.41
N LYS A 196 20.64 -19.75 38.71
CA LYS A 196 21.79 -19.54 39.58
C LYS A 196 22.92 -20.52 39.28
N LYS A 197 22.70 -21.43 38.35
CA LYS A 197 23.71 -22.39 37.93
C LYS A 197 24.40 -21.93 36.65
N ALA A 198 23.88 -20.88 36.02
CA ALA A 198 24.45 -20.39 34.78
C ALA A 198 25.53 -19.33 34.94
N HIS A 199 26.29 -19.12 33.86
CA HIS A 199 27.33 -18.10 33.82
C HIS A 199 27.41 -17.56 32.40
N MET A 200 27.55 -16.26 32.29
CA MET A 200 27.61 -15.61 30.99
C MET A 200 28.60 -14.45 31.01
N PHE A 201 29.40 -14.35 29.95
CA PHE A 201 30.38 -13.29 29.83
C PHE A 201 31.02 -13.27 28.44
N ILE A 202 31.55 -12.11 28.05
CA ILE A 202 32.20 -11.96 26.75
C ILE A 202 33.64 -12.46 26.88
N THR A 203 34.28 -12.10 27.98
CA THR A 203 35.66 -12.51 28.22
C THR A 203 35.75 -13.21 29.58
N GLY A 204 36.21 -14.45 29.58
CA GLY A 204 36.33 -15.22 30.82
C GLY A 204 37.35 -14.72 31.83
N PRO A 205 37.20 -15.10 33.11
CA PRO A 205 38.09 -14.70 34.22
C PRO A 205 39.58 -14.89 33.94
N GLN A 206 39.92 -16.03 33.33
CA GLN A 206 41.30 -16.37 33.01
C GLN A 206 41.94 -15.34 32.09
N VAL A 207 41.28 -15.08 30.96
CA VAL A 207 41.79 -14.11 30.01
C VAL A 207 41.89 -12.73 30.66
N ILE A 208 40.87 -12.36 31.42
CA ILE A 208 40.85 -11.07 32.10
C ILE A 208 42.09 -10.93 33.00
N LYS A 209 42.33 -11.94 33.84
CA LYS A 209 43.48 -11.93 34.74
C LYS A 209 44.75 -11.89 33.91
N SER A 210 44.79 -12.73 32.88
CA SER A 210 45.94 -12.80 31.99
C SER A 210 46.20 -11.49 31.24
N VAL A 211 45.18 -10.64 31.14
CA VAL A 211 45.34 -9.36 30.43
C VAL A 211 45.39 -8.13 31.33
N THR A 212 44.43 -8.00 32.23
CA THR A 212 44.38 -6.84 33.12
C THR A 212 44.94 -7.17 34.50
N GLY A 213 45.27 -8.44 34.71
CA GLY A 213 45.79 -8.85 36.00
C GLY A 213 44.72 -8.86 37.07
N GLU A 214 43.48 -8.54 36.69
CA GLU A 214 42.37 -8.54 37.65
C GLU A 214 41.97 -9.97 38.00
N ASP A 215 41.63 -10.19 39.26
CA ASP A 215 41.23 -11.51 39.72
C ASP A 215 39.75 -11.58 40.07
N VAL A 216 39.02 -12.46 39.39
CA VAL A 216 37.59 -12.63 39.65
C VAL A 216 37.16 -14.07 39.37
N THR A 217 36.16 -14.53 40.11
CA THR A 217 35.65 -15.87 39.90
C THR A 217 34.57 -15.73 38.84
N ALA A 218 34.26 -16.82 38.17
CA ALA A 218 33.23 -16.85 37.14
C ALA A 218 31.90 -16.38 37.72
N ASP A 219 31.61 -16.78 38.95
CA ASP A 219 30.36 -16.39 39.56
C ASP A 219 30.33 -14.89 39.84
N GLU A 220 31.45 -14.34 40.27
CA GLU A 220 31.52 -12.91 40.56
C GLU A 220 31.39 -12.13 39.26
N LEU A 221 32.03 -12.63 38.22
CA LEU A 221 32.04 -11.97 36.93
C LEU A 221 30.73 -12.06 36.15
N GLY A 222 30.24 -13.28 35.96
CA GLY A 222 29.02 -13.45 35.18
C GLY A 222 27.95 -14.38 35.69
N GLY A 223 27.71 -14.38 36.99
CA GLY A 223 26.66 -15.21 37.54
C GLY A 223 25.36 -14.44 37.43
N ALA A 224 24.21 -15.08 37.71
CA ALA A 224 22.91 -14.40 37.60
C ALA A 224 22.79 -13.11 38.40
N GLU A 225 23.24 -13.13 39.65
CA GLU A 225 23.15 -11.94 40.50
C GLU A 225 23.98 -10.78 39.94
N ALA A 226 25.14 -11.08 39.40
CA ALA A 226 26.02 -10.06 38.82
C ALA A 226 25.35 -9.38 37.63
N HIS A 227 24.85 -10.18 36.69
CA HIS A 227 24.19 -9.64 35.50
C HIS A 227 22.92 -8.87 35.81
N MET A 228 22.18 -9.31 36.81
CA MET A 228 20.93 -8.64 37.18
C MET A 228 21.13 -7.31 37.88
N ALA A 229 21.89 -7.31 38.98
CA ALA A 229 22.11 -6.11 39.77
C ALA A 229 23.13 -5.12 39.23
N ILE A 230 24.22 -5.62 38.66
CA ILE A 230 25.29 -4.76 38.19
C ILE A 230 25.27 -4.39 36.71
N SER A 231 25.42 -5.41 35.85
CA SER A 231 25.48 -5.22 34.41
C SER A 231 24.20 -4.79 33.67
N GLY A 232 23.04 -5.14 34.23
CA GLY A 232 21.79 -4.78 33.59
C GLY A 232 21.49 -5.61 32.35
N ASN A 233 22.19 -6.73 32.20
CA ASN A 233 22.03 -7.62 31.03
C ASN A 233 20.85 -8.58 31.02
N ILE A 234 20.25 -8.87 32.17
CA ILE A 234 19.17 -9.84 32.16
C ILE A 234 17.85 -9.37 32.75
N HIS A 235 16.81 -10.17 32.57
CA HIS A 235 15.48 -9.77 33.03
C HIS A 235 14.88 -10.55 34.18
N PHE A 236 15.32 -11.80 34.35
CA PHE A 236 14.83 -12.63 35.45
C PHE A 236 15.95 -13.51 36.00
N VAL A 237 15.95 -13.71 37.32
CA VAL A 237 16.90 -14.61 37.95
C VAL A 237 16.08 -15.81 38.44
N ALA A 238 16.50 -17.01 38.07
CA ALA A 238 15.79 -18.22 38.47
C ALA A 238 16.67 -19.08 39.36
N GLU A 239 16.03 -19.66 40.38
CA GLU A 239 16.73 -20.54 41.32
C GLU A 239 17.33 -21.74 40.58
N ASP A 240 16.53 -22.36 39.72
CA ASP A 240 16.97 -23.53 38.96
C ASP A 240 16.15 -23.68 37.69
N ASP A 241 16.41 -24.76 36.96
CA ASP A 241 15.69 -25.00 35.71
C ASP A 241 14.18 -25.10 35.89
N ASP A 242 13.72 -25.74 36.96
CA ASP A 242 12.28 -25.84 37.21
C ASP A 242 11.69 -24.42 37.34
N ALA A 243 12.35 -23.57 38.11
CA ALA A 243 11.86 -22.20 38.30
C ALA A 243 11.91 -21.39 37.00
N ALA A 244 12.99 -21.59 36.24
CA ALA A 244 13.16 -20.88 34.96
C ALA A 244 12.04 -21.25 33.99
N GLU A 245 11.66 -22.52 34.01
CA GLU A 245 10.59 -23.00 33.14
C GLU A 245 9.25 -22.38 33.55
N LEU A 246 9.01 -22.26 34.85
CA LEU A 246 7.77 -21.63 35.31
C LEU A 246 7.78 -20.15 34.94
N ILE A 247 8.94 -19.51 35.06
CA ILE A 247 9.04 -18.09 34.74
C ILE A 247 8.81 -17.88 33.25
N ALA A 248 9.38 -18.75 32.43
CA ALA A 248 9.20 -18.63 31.00
C ALA A 248 7.72 -18.70 30.66
N LYS A 249 6.99 -19.63 31.27
CA LYS A 249 5.56 -19.76 30.98
C LYS A 249 4.78 -18.56 31.47
N LYS A 250 5.13 -18.07 32.66
CA LYS A 250 4.44 -16.92 33.25
C LYS A 250 4.64 -15.70 32.36
N LEU A 251 5.88 -15.49 31.94
CA LEU A 251 6.21 -14.37 31.07
C LEU A 251 5.44 -14.47 29.75
N LEU A 252 5.51 -15.64 29.12
CA LEU A 252 4.84 -15.86 27.86
C LEU A 252 3.33 -15.63 27.95
N SER A 253 2.75 -15.88 29.12
CA SER A 253 1.30 -15.69 29.27
C SER A 253 0.84 -14.26 28.98
N PHE A 254 1.71 -13.28 29.21
CA PHE A 254 1.36 -11.87 28.98
C PHE A 254 1.52 -11.43 27.52
N LEU A 255 2.13 -12.27 26.70
CA LEU A 255 2.45 -11.92 25.33
C LEU A 255 1.64 -12.53 24.21
N PRO A 256 1.49 -11.80 23.10
CA PRO A 256 0.74 -12.31 21.96
C PRO A 256 1.69 -13.26 21.22
N GLN A 257 1.18 -14.00 20.23
CA GLN A 257 2.00 -14.91 19.43
C GLN A 257 2.99 -14.14 18.57
N ASN A 258 2.55 -13.00 18.06
CA ASN A 258 3.35 -12.16 17.18
C ASN A 258 2.84 -10.72 17.22
N ASN A 259 3.49 -9.83 16.46
CA ASN A 259 3.14 -8.42 16.45
C ASN A 259 1.87 -7.99 15.75
N THR A 260 1.12 -8.94 15.18
CA THR A 260 -0.12 -8.54 14.53
C THR A 260 -1.31 -8.74 15.46
N GLU A 261 -1.04 -9.19 16.68
CA GLU A 261 -2.12 -9.46 17.63
C GLU A 261 -1.87 -8.85 19.01
N GLU A 262 -2.95 -8.67 19.77
CA GLU A 262 -2.84 -8.21 21.15
C GLU A 262 -2.92 -9.52 21.95
N ALA A 263 -2.24 -9.60 23.08
CA ALA A 263 -2.26 -10.83 23.88
C ALA A 263 -3.67 -11.23 24.30
N SER A 264 -3.95 -12.53 24.30
CA SER A 264 -5.27 -13.02 24.70
C SER A 264 -5.52 -12.67 26.17
N PHE A 265 -6.74 -12.26 26.49
CA PHE A 265 -7.05 -11.94 27.89
C PHE A 265 -6.92 -13.20 28.74
N VAL A 266 -6.49 -13.04 30.00
CA VAL A 266 -6.34 -14.15 30.93
C VAL A 266 -7.04 -13.86 32.27
N ASN A 267 -7.87 -14.79 32.72
CA ASN A 267 -8.57 -14.69 34.00
C ASN A 267 -8.98 -13.26 34.38
N PRO A 268 -9.84 -12.63 33.57
CA PRO A 268 -10.27 -11.26 33.88
C PRO A 268 -10.99 -11.02 35.21
N ASN A 269 -10.60 -9.93 35.87
CA ASN A 269 -11.27 -9.50 37.08
C ASN A 269 -11.91 -8.23 36.53
N ASN A 270 -13.22 -8.24 36.33
CA ASN A 270 -13.90 -7.09 35.75
C ASN A 270 -14.41 -6.02 36.72
N ASP A 271 -14.16 -6.22 38.00
CA ASP A 271 -14.56 -5.26 39.01
C ASP A 271 -13.57 -4.09 39.08
N VAL A 272 -14.08 -2.87 39.16
CA VAL A 272 -13.23 -1.69 39.29
C VAL A 272 -13.72 -0.83 40.45
N SER A 273 -14.26 -1.49 41.48
CA SER A 273 -14.78 -0.81 42.69
C SER A 273 -13.69 -0.02 43.38
N PRO A 274 -14.07 1.07 44.08
CA PRO A 274 -13.06 1.87 44.75
C PRO A 274 -12.36 1.07 45.85
N ASN A 275 -11.13 1.48 46.18
CA ASN A 275 -10.37 0.87 47.23
C ASN A 275 -9.79 2.05 48.04
N THR A 276 -10.47 2.45 49.10
CA THR A 276 -10.00 3.59 49.89
C THR A 276 -8.58 3.42 50.44
N GLU A 277 -8.06 2.20 50.45
CA GLU A 277 -6.71 1.97 50.96
C GLU A 277 -5.64 2.70 50.13
N LEU A 278 -5.92 2.94 48.86
CA LEU A 278 -4.95 3.64 48.03
C LEU A 278 -4.71 5.05 48.55
N ARG A 279 -5.66 5.57 49.32
CA ARG A 279 -5.52 6.92 49.87
C ARG A 279 -4.43 7.05 50.92
N ASP A 280 -4.11 5.93 51.57
CA ASP A 280 -3.13 5.94 52.66
C ASP A 280 -1.74 5.40 52.37
N ILE A 281 -1.46 5.06 51.13
CA ILE A 281 -0.14 4.53 50.81
C ILE A 281 0.90 5.63 50.57
N VAL A 282 0.49 6.70 49.90
CA VAL A 282 1.41 7.78 49.58
C VAL A 282 1.29 8.90 50.61
N PRO A 283 2.36 9.12 51.39
CA PRO A 283 2.37 10.15 52.42
C PRO A 283 2.21 11.56 51.83
N ILE A 284 1.41 12.39 52.49
CA ILE A 284 1.21 13.76 52.03
C ILE A 284 2.52 14.52 52.24
N ASP A 285 3.38 13.96 53.09
CA ASP A 285 4.68 14.55 53.38
C ASP A 285 5.72 14.07 52.38
N GLY A 286 6.14 14.97 51.49
CA GLY A 286 7.10 14.63 50.47
C GLY A 286 8.42 14.04 50.94
N LYS A 287 8.72 14.19 52.23
CA LYS A 287 9.96 13.66 52.77
C LYS A 287 9.82 12.17 53.09
N LYS A 288 8.59 11.71 53.27
CA LYS A 288 8.34 10.31 53.59
C LYS A 288 8.19 9.45 52.35
N GLY A 289 8.80 8.27 52.37
CA GLY A 289 8.73 7.36 51.25
C GLY A 289 7.67 6.29 51.42
N TYR A 290 7.62 5.38 50.46
CA TYR A 290 6.69 4.27 50.46
C TYR A 290 7.13 3.33 49.35
N ASP A 291 6.54 2.15 49.30
CA ASP A 291 6.90 1.17 48.27
C ASP A 291 5.81 1.20 47.20
N VAL A 292 6.17 1.69 46.02
CA VAL A 292 5.21 1.82 44.94
C VAL A 292 4.55 0.48 44.57
N ARG A 293 5.17 -0.64 44.92
CA ARG A 293 4.58 -1.93 44.59
C ARG A 293 3.27 -2.10 45.35
N ASP A 294 3.10 -1.37 46.44
CA ASP A 294 1.86 -1.44 47.21
C ASP A 294 0.72 -0.81 46.45
N VAL A 295 1.04 0.21 45.67
CA VAL A 295 0.04 0.89 44.87
C VAL A 295 -0.32 -0.05 43.70
N ILE A 296 0.69 -0.59 43.03
CA ILE A 296 0.47 -1.50 41.91
C ILE A 296 -0.41 -2.71 42.28
N ALA A 297 -0.15 -3.30 43.44
CA ALA A 297 -0.90 -4.47 43.89
C ALA A 297 -2.40 -4.24 44.05
N LYS A 298 -2.80 -3.02 44.42
CA LYS A 298 -4.20 -2.69 44.60
C LYS A 298 -4.90 -2.27 43.31
N ILE A 299 -4.11 -1.99 42.28
CA ILE A 299 -4.64 -1.55 40.98
C ILE A 299 -4.82 -2.67 39.95
N VAL A 300 -3.89 -3.62 39.91
CA VAL A 300 -3.94 -4.70 38.93
C VAL A 300 -4.78 -5.90 39.33
N ASP A 301 -5.25 -6.66 38.35
CA ASP A 301 -6.06 -7.84 38.62
C ASP A 301 -5.38 -8.77 39.61
N TRP A 302 -6.12 -9.15 40.64
CA TRP A 302 -5.64 -10.11 41.64
C TRP A 302 -4.37 -9.71 42.35
N GLY A 303 -3.94 -8.46 42.18
CA GLY A 303 -2.71 -8.01 42.79
C GLY A 303 -1.51 -8.69 42.17
N ASP A 304 -1.72 -9.35 41.03
CA ASP A 304 -0.65 -10.08 40.36
C ASP A 304 0.15 -9.26 39.35
N TYR A 305 1.47 -9.29 39.48
CA TYR A 305 2.32 -8.59 38.54
C TYR A 305 3.65 -9.33 38.44
N LEU A 306 4.27 -9.26 37.27
CA LEU A 306 5.56 -9.91 37.07
C LEU A 306 6.60 -8.85 36.77
N GLU A 307 7.49 -8.59 37.73
CA GLU A 307 8.52 -7.58 37.52
C GLU A 307 9.58 -8.05 36.55
N VAL A 308 9.95 -7.17 35.63
CA VAL A 308 10.98 -7.42 34.65
C VAL A 308 12.19 -6.65 35.19
N LYS A 309 13.37 -7.27 35.17
CA LYS A 309 14.60 -6.67 35.72
C LYS A 309 14.35 -6.21 37.15
N ALA A 310 13.69 -7.06 37.92
CA ALA A 310 13.36 -6.76 39.32
C ALA A 310 14.53 -6.31 40.19
N GLY A 311 15.68 -6.98 40.05
CA GLY A 311 16.83 -6.63 40.87
C GLY A 311 17.80 -5.61 40.31
N TYR A 312 17.42 -4.93 39.22
CA TYR A 312 18.26 -3.92 38.59
C TYR A 312 17.56 -2.56 38.63
N ALA A 313 18.30 -1.50 38.94
CA ALA A 313 17.74 -0.14 38.99
C ALA A 313 16.37 -0.14 39.66
N THR A 314 16.35 -0.55 40.92
CA THR A 314 15.10 -0.67 41.67
C THR A 314 14.41 0.64 42.00
N ASN A 315 14.98 1.75 41.57
CA ASN A 315 14.37 3.05 41.76
C ASN A 315 13.26 3.23 40.69
N LEU A 316 13.16 2.28 39.79
CA LEU A 316 12.16 2.32 38.73
C LEU A 316 11.64 0.91 38.48
N VAL A 317 10.33 0.73 38.63
CA VAL A 317 9.71 -0.58 38.43
C VAL A 317 9.07 -0.75 37.06
N THR A 318 9.36 -1.87 36.41
CA THR A 318 8.76 -2.20 35.13
C THR A 318 8.17 -3.59 35.34
N ALA A 319 6.84 -3.70 35.24
CA ALA A 319 6.20 -4.99 35.47
C ALA A 319 5.02 -5.29 34.55
N PHE A 320 4.85 -6.56 34.18
CA PHE A 320 3.70 -6.95 33.37
C PHE A 320 2.60 -7.23 34.38
N ALA A 321 1.38 -6.93 33.99
CA ALA A 321 0.23 -7.15 34.87
C ALA A 321 -0.99 -7.15 33.95
N ARG A 322 -2.18 -7.22 34.54
CA ARG A 322 -3.42 -7.19 33.77
C ARG A 322 -4.48 -6.34 34.43
N VAL A 323 -5.33 -5.73 33.61
CA VAL A 323 -6.44 -4.92 34.10
C VAL A 323 -7.64 -5.45 33.30
N ASN A 324 -8.62 -6.02 33.99
CA ASN A 324 -9.78 -6.61 33.33
C ASN A 324 -9.32 -7.68 32.33
N GLY A 325 -8.24 -8.39 32.71
CA GLY A 325 -7.72 -9.48 31.88
C GLY A 325 -6.77 -9.12 30.77
N ARG A 326 -6.63 -7.83 30.48
CA ARG A 326 -5.77 -7.33 29.42
C ARG A 326 -4.32 -7.14 29.86
N SER A 327 -3.36 -7.64 29.09
CA SER A 327 -1.95 -7.45 29.44
C SER A 327 -1.63 -5.96 29.39
N VAL A 328 -0.91 -5.47 30.40
CA VAL A 328 -0.45 -4.09 30.41
C VAL A 328 0.97 -4.08 30.97
N GLY A 329 1.71 -3.02 30.63
CA GLY A 329 3.06 -2.88 31.11
C GLY A 329 2.99 -1.71 32.09
N ILE A 330 3.56 -1.90 33.27
CA ILE A 330 3.53 -0.82 34.25
C ILE A 330 4.93 -0.29 34.46
N VAL A 331 5.06 1.03 34.45
CA VAL A 331 6.32 1.71 34.66
C VAL A 331 6.08 2.67 35.83
N ALA A 332 6.78 2.45 36.94
CA ALA A 332 6.53 3.30 38.10
C ALA A 332 7.78 3.66 38.89
N ASN A 333 7.87 4.92 39.29
CA ASN A 333 8.99 5.39 40.10
C ASN A 333 8.85 4.72 41.47
N GLN A 334 9.99 4.34 42.06
CA GLN A 334 10.03 3.69 43.37
C GLN A 334 10.64 4.69 44.36
N PRO A 335 9.81 5.43 45.11
CA PRO A 335 10.28 6.42 46.08
C PRO A 335 11.10 5.86 47.24
N SER A 336 11.01 4.55 47.44
CA SER A 336 11.73 3.90 48.54
C SER A 336 13.21 3.71 48.21
N VAL A 337 13.57 3.93 46.94
CA VAL A 337 14.95 3.80 46.48
C VAL A 337 15.42 5.09 45.78
N MET A 338 16.45 5.72 46.32
CA MET A 338 17.01 6.96 45.75
C MET A 338 15.95 8.05 45.59
N SER A 339 15.01 8.08 46.54
CA SER A 339 13.91 9.05 46.50
C SER A 339 13.18 9.01 45.17
N GLY A 340 13.22 7.87 44.48
CA GLY A 340 12.53 7.76 43.21
C GLY A 340 13.16 8.47 42.04
N CYS A 341 14.35 9.02 42.22
CA CYS A 341 15.04 9.68 41.12
C CYS A 341 15.22 8.71 39.98
N LEU A 342 15.25 9.24 38.76
CA LEU A 342 15.50 8.43 37.58
C LEU A 342 17.00 8.62 37.43
N ASP A 343 17.70 7.63 36.89
CA ASP A 343 19.14 7.76 36.69
C ASP A 343 19.49 7.02 35.39
N ILE A 344 20.77 6.96 35.07
CA ILE A 344 21.20 6.30 33.85
C ILE A 344 20.62 4.90 33.70
N ASN A 345 20.83 4.06 34.70
CA ASN A 345 20.36 2.69 34.66
C ASN A 345 18.85 2.52 34.58
N ALA A 346 18.10 3.33 35.32
CA ALA A 346 16.64 3.23 35.29
C ALA A 346 16.12 3.66 33.92
N SER A 347 16.84 4.59 33.29
CA SER A 347 16.47 5.08 31.97
C SER A 347 16.51 3.93 30.97
N ASP A 348 17.58 3.14 31.00
CA ASP A 348 17.71 2.00 30.10
C ASP A 348 16.61 0.97 30.37
N LYS A 349 16.38 0.68 31.65
CA LYS A 349 15.39 -0.30 32.07
C LYS A 349 13.99 0.11 31.61
N ALA A 350 13.66 1.38 31.79
CA ALA A 350 12.34 1.86 31.38
C ALA A 350 12.19 1.85 29.85
N ALA A 351 13.19 2.39 29.15
CA ALA A 351 13.12 2.49 27.69
C ALA A 351 13.01 1.15 26.99
N GLU A 352 13.78 0.16 27.44
CA GLU A 352 13.72 -1.15 26.82
C GLU A 352 12.33 -1.79 26.95
N PHE A 353 11.73 -1.61 28.14
CA PHE A 353 10.41 -2.15 28.45
C PHE A 353 9.34 -1.46 27.61
N VAL A 354 9.40 -0.12 27.57
CA VAL A 354 8.44 0.66 26.78
C VAL A 354 8.51 0.23 25.31
N ASN A 355 9.72 0.13 24.78
CA ASN A 355 9.92 -0.28 23.38
C ASN A 355 9.36 -1.67 23.11
N PHE A 356 9.61 -2.61 24.02
CA PHE A 356 9.12 -3.96 23.83
C PHE A 356 7.58 -3.97 23.82
N CYS A 357 6.98 -3.37 24.85
CA CYS A 357 5.52 -3.33 24.93
C CYS A 357 4.91 -2.74 23.67
N ASP A 358 5.51 -1.66 23.17
CA ASP A 358 4.99 -1.04 21.96
C ASP A 358 5.06 -2.02 20.79
N SER A 359 6.18 -2.74 20.66
CA SER A 359 6.33 -3.70 19.55
C SER A 359 5.24 -4.76 19.57
N PHE A 360 4.81 -5.16 20.76
CA PHE A 360 3.83 -6.22 20.85
C PHE A 360 2.44 -5.81 21.31
N ASN A 361 2.10 -4.55 21.07
CA ASN A 361 0.78 -4.03 21.34
C ASN A 361 0.28 -4.11 22.77
N ILE A 362 1.19 -3.93 23.73
CA ILE A 362 0.83 -3.94 25.14
C ILE A 362 0.74 -2.50 25.66
N PRO A 363 -0.44 -2.10 26.16
CA PRO A 363 -0.64 -0.74 26.69
C PRO A 363 0.35 -0.45 27.81
N LEU A 364 0.69 0.83 27.97
CA LEU A 364 1.64 1.26 29.00
C LEU A 364 0.96 2.14 30.02
N VAL A 365 1.10 1.77 31.28
CA VAL A 365 0.50 2.47 32.41
C VAL A 365 1.60 3.01 33.33
N GLN A 366 1.62 4.33 33.51
CA GLN A 366 2.63 4.98 34.34
C GLN A 366 2.09 5.47 35.68
N LEU A 367 2.87 5.27 36.73
CA LEU A 367 2.55 5.72 38.09
C LEU A 367 3.72 6.63 38.40
N VAL A 368 3.44 7.93 38.49
CA VAL A 368 4.49 8.92 38.68
C VAL A 368 4.70 9.56 40.05
N ASP A 369 5.94 9.53 40.50
CA ASP A 369 6.37 10.16 41.75
C ASP A 369 7.88 10.26 41.62
N VAL A 370 8.33 11.29 40.89
CA VAL A 370 9.75 11.46 40.62
C VAL A 370 10.15 12.92 40.84
N PRO A 371 11.21 13.16 41.65
CA PRO A 371 11.73 14.50 41.98
C PRO A 371 12.73 15.06 40.99
N GLY A 372 13.04 14.27 39.98
CA GLY A 372 13.99 14.70 38.97
C GLY A 372 15.01 13.62 38.75
N PHE A 373 15.99 13.87 37.89
CA PHE A 373 17.04 12.89 37.66
C PHE A 373 18.05 12.96 38.82
N LEU A 374 18.77 11.85 39.05
CA LEU A 374 19.75 11.78 40.13
C LEU A 374 20.90 12.75 39.98
N PRO A 375 21.04 13.70 40.91
CA PRO A 375 22.14 14.67 40.84
C PRO A 375 23.42 13.93 41.18
N GLY A 376 24.44 14.08 40.35
CA GLY A 376 25.70 13.40 40.61
C GLY A 376 26.66 13.64 39.48
N VAL A 377 27.89 14.02 39.80
CA VAL A 377 28.87 14.26 38.75
C VAL A 377 29.02 13.05 37.86
N GLN A 378 28.88 11.86 38.45
CA GLN A 378 29.00 10.62 37.67
C GLN A 378 27.81 10.36 36.75
N GLN A 379 26.64 10.92 37.08
CA GLN A 379 25.46 10.76 36.24
C GLN A 379 25.69 11.57 34.95
N GLU A 380 26.30 12.75 35.10
CA GLU A 380 26.58 13.59 33.94
C GLU A 380 27.70 12.97 33.11
N TYR A 381 28.76 12.50 33.78
CA TYR A 381 29.89 11.89 33.09
C TYR A 381 29.55 10.55 32.45
N GLY A 382 28.49 9.92 32.96
CA GLY A 382 28.07 8.63 32.44
C GLY A 382 27.17 8.78 31.22
N GLY A 383 26.82 10.02 30.90
CA GLY A 383 25.98 10.28 29.75
C GLY A 383 24.49 10.17 30.03
N ILE A 384 24.03 10.78 31.12
CA ILE A 384 22.62 10.75 31.47
C ILE A 384 21.83 11.48 30.38
N ILE A 385 22.49 12.42 29.69
CA ILE A 385 21.81 13.16 28.63
C ILE A 385 21.34 12.19 27.55
N ARG A 386 22.23 11.34 27.06
CA ARG A 386 21.82 10.40 26.02
C ARG A 386 21.05 9.19 26.55
N HIS A 387 21.22 8.85 27.83
CA HIS A 387 20.49 7.72 28.40
C HIS A 387 19.06 8.10 28.77
N GLY A 388 18.89 9.26 29.39
CA GLY A 388 17.57 9.70 29.78
C GLY A 388 16.73 9.94 28.53
N ALA A 389 17.41 10.34 27.46
CA ALA A 389 16.73 10.61 26.19
C ALA A 389 15.97 9.38 25.70
N LYS A 390 16.50 8.19 26.01
CA LYS A 390 15.89 6.93 25.59
C LYS A 390 14.45 6.78 26.04
N MET A 391 14.13 7.32 27.21
CA MET A 391 12.78 7.24 27.73
C MET A 391 11.86 8.17 26.92
N LEU A 392 12.34 9.38 26.65
CA LEU A 392 11.57 10.37 25.88
C LEU A 392 11.33 9.81 24.48
N TYR A 393 12.36 9.18 23.93
CA TYR A 393 12.26 8.59 22.61
C TYR A 393 11.27 7.42 22.57
N ALA A 394 11.44 6.46 23.49
CA ALA A 394 10.58 5.27 23.52
C ALA A 394 9.10 5.65 23.64
N TYR A 395 8.78 6.55 24.57
CA TYR A 395 7.40 6.97 24.78
C TYR A 395 6.87 7.82 23.62
N SER A 396 7.70 8.68 23.06
CA SER A 396 7.29 9.53 21.94
C SER A 396 7.02 8.68 20.70
N GLU A 397 7.78 7.59 20.56
CA GLU A 397 7.64 6.70 19.41
C GLU A 397 6.50 5.67 19.58
N ALA A 398 6.16 5.37 20.82
CA ALA A 398 5.12 4.36 21.09
C ALA A 398 3.74 4.79 20.64
N THR A 399 3.01 3.85 20.04
CA THR A 399 1.66 4.12 19.58
C THR A 399 0.60 3.34 20.34
N VAL A 400 1.00 2.46 21.25
CA VAL A 400 0.02 1.71 22.04
C VAL A 400 -0.65 2.72 22.95
N PRO A 401 -1.77 2.34 23.58
CA PRO A 401 -2.42 3.31 24.47
C PRO A 401 -1.44 3.56 25.62
N LYS A 402 -1.32 4.82 26.03
CA LYS A 402 -0.42 5.19 27.13
C LYS A 402 -1.24 5.95 28.18
N ILE A 403 -1.30 5.39 29.39
CA ILE A 403 -2.09 5.97 30.49
C ILE A 403 -1.15 6.33 31.62
N THR A 404 -1.26 7.56 32.11
CA THR A 404 -0.37 8.02 33.17
C THR A 404 -1.11 8.58 34.38
N VAL A 405 -0.69 8.14 35.57
CA VAL A 405 -1.31 8.59 36.81
C VAL A 405 -0.23 9.23 37.64
N VAL A 406 -0.40 10.50 38.00
CA VAL A 406 0.59 11.19 38.81
C VAL A 406 0.21 11.04 40.28
N LEU A 407 1.02 10.30 41.01
CA LEU A 407 0.79 10.05 42.42
C LEU A 407 1.26 11.22 43.26
N ARG A 408 2.48 11.68 42.99
CA ARG A 408 3.01 12.77 43.80
C ARG A 408 3.94 13.69 43.02
N LYS A 409 5.25 13.57 43.25
CA LYS A 409 6.23 14.41 42.57
C LYS A 409 6.25 14.17 41.06
N ALA A 410 6.38 15.25 40.28
CA ALA A 410 6.45 15.16 38.82
C ALA A 410 7.21 16.40 38.37
N TYR A 411 8.51 16.37 38.60
CA TYR A 411 9.38 17.50 38.30
C TYR A 411 10.16 17.51 36.99
N GLY A 412 9.99 18.62 36.27
CA GLY A 412 10.71 18.85 35.03
C GLY A 412 10.88 17.72 34.05
N GLY A 413 12.09 17.60 33.52
CA GLY A 413 12.39 16.58 32.55
C GLY A 413 12.03 15.17 32.97
N SER A 414 12.24 14.83 34.24
CA SER A 414 11.93 13.48 34.70
C SER A 414 10.44 13.17 34.62
N TYR A 415 9.60 14.19 34.75
CA TYR A 415 8.16 13.98 34.64
C TYR A 415 7.84 13.75 33.15
N LEU A 416 8.48 14.51 32.28
CA LEU A 416 8.26 14.35 30.84
C LEU A 416 8.68 12.95 30.41
N ALA A 417 9.76 12.45 31.02
CA ALA A 417 10.28 11.12 30.71
C ALA A 417 9.32 10.02 31.14
N MET A 418 8.39 10.35 32.03
CA MET A 418 7.40 9.36 32.49
C MET A 418 6.12 9.46 31.66
N CYS A 419 6.25 10.08 30.49
CA CYS A 419 5.16 10.19 29.52
C CYS A 419 3.94 11.02 29.91
N ASN A 420 4.01 12.33 29.73
CA ASN A 420 2.85 13.18 30.03
C ASN A 420 2.05 13.31 28.74
N ARG A 421 1.02 14.16 28.71
CA ARG A 421 0.22 14.28 27.50
C ARG A 421 1.02 14.73 26.28
N ASP A 422 2.00 15.61 26.50
CA ASP A 422 2.85 16.09 25.41
C ASP A 422 3.64 14.98 24.75
N LEU A 423 3.87 13.88 25.45
CA LEU A 423 4.59 12.76 24.84
C LEU A 423 3.58 11.70 24.34
N GLY A 424 2.33 12.13 24.23
CA GLY A 424 1.29 11.26 23.70
C GLY A 424 0.49 10.40 24.65
N ALA A 425 0.54 10.70 25.95
CA ALA A 425 -0.27 9.93 26.89
C ALA A 425 -1.70 10.21 26.47
N ASP A 426 -2.52 9.17 26.36
CA ASP A 426 -3.91 9.30 25.93
C ASP A 426 -4.84 9.78 27.04
N ALA A 427 -4.46 9.51 28.28
CA ALA A 427 -5.24 9.97 29.43
C ALA A 427 -4.24 10.18 30.56
N VAL A 428 -4.39 11.26 31.31
CA VAL A 428 -3.50 11.55 32.43
C VAL A 428 -4.39 11.95 33.61
N TYR A 429 -4.13 11.34 34.76
CA TYR A 429 -4.92 11.63 35.96
C TYR A 429 -3.98 12.07 37.08
N ALA A 430 -4.44 13.02 37.89
CA ALA A 430 -3.63 13.50 39.01
C ALA A 430 -4.29 13.12 40.33
N TRP A 431 -3.51 12.57 41.25
CA TRP A 431 -4.03 12.28 42.58
C TRP A 431 -4.06 13.66 43.26
N PRO A 432 -4.75 13.80 44.40
CA PRO A 432 -4.83 15.10 45.09
C PRO A 432 -3.48 15.55 45.64
N SER A 433 -2.52 14.64 45.63
CA SER A 433 -1.16 14.92 46.11
C SER A 433 -0.17 15.12 44.97
N ALA A 434 -0.66 15.18 43.73
CA ALA A 434 0.22 15.35 42.59
C ALA A 434 0.90 16.72 42.62
N GLU A 435 2.18 16.74 42.28
CA GLU A 435 2.94 17.97 42.28
C GLU A 435 3.73 18.10 40.99
N ILE A 436 3.02 18.32 39.88
CA ILE A 436 3.61 18.51 38.56
C ILE A 436 4.24 19.90 38.60
N ALA A 437 5.52 20.00 38.26
CA ALA A 437 6.18 21.29 38.33
C ALA A 437 7.44 21.33 37.49
N VAL A 438 7.79 22.51 37.01
CA VAL A 438 9.00 22.66 36.21
C VAL A 438 10.19 22.44 37.14
N MET A 439 10.03 22.83 38.40
CA MET A 439 11.06 22.64 39.43
C MET A 439 10.44 22.93 40.79
N GLY A 440 11.12 22.54 41.87
CA GLY A 440 10.59 22.79 43.21
C GLY A 440 10.36 24.28 43.45
N ALA A 441 9.26 24.61 44.14
CA ALA A 441 8.93 26.00 44.41
C ALA A 441 10.05 26.78 45.13
N GLU A 442 10.88 26.05 45.86
CA GLU A 442 11.99 26.66 46.59
C GLU A 442 13.08 27.14 45.64
N GLY A 443 13.62 26.23 44.84
CA GLY A 443 14.66 26.61 43.91
C GLY A 443 14.15 27.58 42.85
N ALA A 444 12.84 27.50 42.59
CA ALA A 444 12.22 28.38 41.61
C ALA A 444 12.24 29.81 42.12
N ALA A 445 11.76 30.00 43.35
CA ALA A 445 11.73 31.32 43.96
C ALA A 445 13.13 31.88 44.16
N ASN A 446 14.07 30.99 44.46
CA ASN A 446 15.45 31.41 44.68
C ASN A 446 16.12 31.86 43.39
N VAL A 447 15.32 32.14 42.38
CA VAL A 447 15.84 32.59 41.10
C VAL A 447 15.05 33.80 40.63
N ILE A 448 13.76 33.59 40.36
CA ILE A 448 12.92 34.68 39.87
C ILE A 448 12.61 35.73 40.93
N PHE A 449 12.79 35.40 42.20
CA PHE A 449 12.52 36.35 43.29
C PHE A 449 13.81 36.74 44.00
N ARG A 450 14.94 36.33 43.44
CA ARG A 450 16.26 36.61 44.00
C ARG A 450 16.41 38.04 44.53
N LYS A 451 16.26 39.01 43.65
CA LYS A 451 16.39 40.41 44.01
C LYS A 451 15.34 40.97 44.97
N GLU A 452 14.08 40.59 44.79
CA GLU A 452 13.03 41.10 45.66
C GLU A 452 13.21 40.64 47.10
N ILE A 453 13.77 39.45 47.28
CA ILE A 453 13.98 38.90 48.60
C ILE A 453 15.12 39.65 49.32
N LYS A 454 16.24 39.80 48.63
CA LYS A 454 17.40 40.46 49.19
C LYS A 454 17.12 41.87 49.71
N ALA A 455 16.36 42.65 48.94
CA ALA A 455 16.05 44.02 49.31
C ALA A 455 14.95 44.20 50.35
N ALA A 456 14.19 43.14 50.62
CA ALA A 456 13.10 43.23 51.59
C ALA A 456 13.59 43.51 53.01
N ASP A 457 12.76 44.22 53.77
CA ASP A 457 13.08 44.56 55.15
C ASP A 457 13.08 43.28 55.97
N ASP A 458 12.63 42.20 55.34
CA ASP A 458 12.57 40.89 55.98
C ASP A 458 12.71 39.81 54.91
N PRO A 459 13.95 39.48 54.52
CA PRO A 459 14.22 38.47 53.49
C PRO A 459 13.54 37.13 53.76
N ASP A 460 13.59 36.68 55.01
CA ASP A 460 13.00 35.41 55.43
C ASP A 460 11.50 35.35 55.16
N ALA A 461 10.78 36.37 55.60
CA ALA A 461 9.33 36.41 55.41
C ALA A 461 9.03 36.50 53.93
N MET A 462 9.83 37.29 53.21
CA MET A 462 9.65 37.46 51.77
C MET A 462 9.72 36.12 51.06
N ARG A 463 10.85 35.44 51.21
CA ARG A 463 11.06 34.14 50.59
C ARG A 463 9.91 33.16 50.84
N ALA A 464 9.52 33.01 52.10
CA ALA A 464 8.44 32.10 52.46
C ALA A 464 7.16 32.50 51.71
N GLU A 465 6.93 33.80 51.65
CA GLU A 465 5.76 34.34 50.96
C GLU A 465 5.81 34.01 49.47
N LYS A 466 6.99 34.16 48.88
CA LYS A 466 7.19 33.90 47.47
C LYS A 466 7.03 32.42 47.11
N ILE A 467 7.62 31.56 47.93
CA ILE A 467 7.54 30.13 47.68
C ILE A 467 6.08 29.68 47.69
N GLU A 468 5.36 29.98 48.76
CA GLU A 468 3.96 29.59 48.82
C GLU A 468 3.19 30.16 47.62
N GLU A 469 3.63 31.32 47.15
CA GLU A 469 2.99 31.98 46.01
C GLU A 469 3.23 31.18 44.73
N TYR A 470 4.49 30.84 44.49
CA TYR A 470 4.89 30.07 43.32
C TYR A 470 4.26 28.68 43.41
N GLN A 471 4.30 28.12 44.61
CA GLN A 471 3.74 26.81 44.89
C GLN A 471 2.28 26.68 44.49
N ASN A 472 1.48 27.65 44.89
CA ASN A 472 0.05 27.61 44.59
C ASN A 472 -0.35 28.09 43.20
N ALA A 473 0.55 28.80 42.53
CA ALA A 473 0.22 29.29 41.19
C ALA A 473 0.49 28.22 40.13
N PHE A 474 1.40 27.29 40.44
CA PHE A 474 1.76 26.27 39.46
C PHE A 474 1.75 24.80 39.86
N ASN A 475 2.16 24.51 41.09
CA ASN A 475 2.31 23.12 41.49
C ASN A 475 1.23 22.33 42.20
N THR A 476 -0.02 22.73 42.05
CA THR A 476 -1.10 21.99 42.67
C THR A 476 -1.83 21.20 41.56
N PRO A 477 -2.46 20.09 41.92
CA PRO A 477 -3.16 19.29 40.90
C PRO A 477 -4.19 20.13 40.13
N TYR A 478 -4.71 21.16 40.78
CA TYR A 478 -5.73 21.99 40.15
C TYR A 478 -5.19 22.89 39.07
N VAL A 479 -3.92 23.24 39.14
CA VAL A 479 -3.35 24.08 38.10
C VAL A 479 -3.02 23.17 36.93
N ALA A 480 -2.58 21.95 37.23
CA ALA A 480 -2.26 21.02 36.16
C ALA A 480 -3.56 20.79 35.37
N ALA A 481 -4.65 20.59 36.10
CA ALA A 481 -5.97 20.37 35.50
C ALA A 481 -6.43 21.62 34.76
N ALA A 482 -6.16 22.77 35.35
CA ALA A 482 -6.55 24.06 34.75
C ALA A 482 -5.95 24.19 33.36
N ARG A 483 -4.70 23.76 33.20
CA ARG A 483 -4.00 23.88 31.93
C ARG A 483 -4.25 22.71 30.99
N GLY A 484 -4.99 21.71 31.46
CA GLY A 484 -5.28 20.57 30.62
C GLY A 484 -4.18 19.54 30.61
N GLN A 485 -3.19 19.71 31.48
CA GLN A 485 -2.08 18.76 31.57
C GLN A 485 -2.53 17.42 32.18
N VAL A 486 -3.70 17.41 32.78
CA VAL A 486 -4.25 16.17 33.31
C VAL A 486 -5.73 16.26 32.97
N ASP A 487 -6.34 15.11 32.71
CA ASP A 487 -7.75 15.05 32.34
C ASP A 487 -8.66 15.38 33.53
N ASP A 488 -8.16 15.11 34.73
CA ASP A 488 -8.98 15.27 35.91
C ASP A 488 -8.11 15.07 37.14
N VAL A 489 -8.63 15.52 38.28
CA VAL A 489 -7.96 15.33 39.56
C VAL A 489 -8.87 14.27 40.14
N ILE A 490 -8.28 13.19 40.64
CA ILE A 490 -9.09 12.09 41.11
C ILE A 490 -8.81 11.64 42.53
N ASP A 491 -9.78 10.92 43.07
CA ASP A 491 -9.70 10.33 44.39
C ASP A 491 -8.82 9.11 44.18
N PRO A 492 -7.72 8.99 44.94
CA PRO A 492 -6.81 7.85 44.81
C PRO A 492 -7.54 6.52 44.83
N ALA A 493 -8.70 6.48 45.49
CA ALA A 493 -9.49 5.26 45.59
C ALA A 493 -10.06 4.78 44.25
N ASP A 494 -10.17 5.69 43.28
CA ASP A 494 -10.72 5.34 41.97
C ASP A 494 -9.67 5.09 40.89
N THR A 495 -8.41 4.91 41.28
CA THR A 495 -7.35 4.72 40.30
C THR A 495 -7.56 3.52 39.35
N ARG A 496 -7.94 2.38 39.90
CA ARG A 496 -8.15 1.21 39.05
C ARG A 496 -9.22 1.52 38.02
N ARG A 497 -10.35 2.08 38.45
CA ARG A 497 -11.44 2.40 37.53
C ARG A 497 -11.01 3.38 36.45
N LYS A 498 -10.26 4.40 36.83
CA LYS A 498 -9.81 5.40 35.86
C LYS A 498 -8.91 4.78 34.79
N ILE A 499 -7.95 3.96 35.23
CA ILE A 499 -7.06 3.29 34.29
C ILE A 499 -7.83 2.31 33.40
N ALA A 500 -8.72 1.54 34.02
CA ALA A 500 -9.51 0.54 33.28
C ALA A 500 -10.42 1.17 32.22
N SER A 501 -11.07 2.29 32.56
CA SER A 501 -11.94 3.00 31.62
C SER A 501 -11.13 3.53 30.42
N ALA A 502 -9.95 4.07 30.70
CA ALA A 502 -9.11 4.60 29.62
C ALA A 502 -8.62 3.46 28.73
N LEU A 503 -8.17 2.37 29.34
CA LEU A 503 -7.71 1.24 28.56
C LEU A 503 -8.85 0.76 27.68
N GLU A 504 -10.06 0.69 28.23
CA GLU A 504 -11.21 0.24 27.44
C GLU A 504 -11.50 1.18 26.27
N MET A 505 -11.59 2.48 26.52
CA MET A 505 -11.87 3.38 25.40
C MET A 505 -10.72 3.45 24.39
N TYR A 506 -9.48 3.28 24.85
CA TYR A 506 -8.39 3.36 23.91
C TYR A 506 -7.97 2.01 23.31
N ALA A 507 -8.78 0.98 23.53
CA ALA A 507 -8.50 -0.35 22.97
C ALA A 507 -8.56 -0.28 21.44
N THR A 508 -9.31 0.69 20.92
CA THR A 508 -9.47 0.86 19.46
C THR A 508 -8.58 1.96 18.89
N LYS A 509 -7.58 2.39 19.64
CA LYS A 509 -6.68 3.44 19.20
C LYS A 509 -5.89 3.03 17.95
N ARG A 510 -5.86 3.90 16.94
CA ARG A 510 -5.08 3.64 15.73
C ARG A 510 -4.30 4.93 15.48
N GLN A 511 -3.00 4.87 15.79
CA GLN A 511 -2.13 6.02 15.64
C GLN A 511 -1.04 5.73 14.61
N THR A 512 -0.83 6.69 13.72
CA THR A 512 0.18 6.52 12.68
C THR A 512 1.36 7.46 12.87
N ARG A 513 2.51 6.99 12.41
CA ARG A 513 3.77 7.72 12.51
C ARG A 513 4.30 8.05 11.12
N PRO A 514 5.07 9.15 10.99
CA PRO A 514 5.64 9.52 9.68
C PRO A 514 6.35 8.29 9.14
N ALA A 515 6.49 8.20 7.83
CA ALA A 515 7.16 7.05 7.24
C ALA A 515 8.67 7.16 7.43
N LYS A 516 9.31 6.07 7.82
CA LYS A 516 10.76 6.05 8.04
C LYS A 516 11.22 4.60 8.19
N LYS A 517 12.48 4.32 7.88
CA LYS A 517 12.99 2.97 8.07
C LYS A 517 12.91 2.72 9.58
N HIS A 518 13.34 3.74 10.32
CA HIS A 518 13.34 3.72 11.78
C HIS A 518 13.84 5.08 12.24
N GLY A 519 13.56 5.40 13.50
CA GLY A 519 14.03 6.66 14.04
C GLY A 519 15.46 6.40 14.47
N ASN A 520 16.09 7.38 15.12
CA ASN A 520 17.45 7.18 15.56
C ASN A 520 17.46 7.11 17.09
N PHE A 521 17.27 5.90 17.59
CA PHE A 521 17.21 5.62 19.02
C PHE A 521 18.53 5.94 19.74
N PRO A 522 18.48 6.74 20.81
CA PRO A 522 19.75 7.05 21.49
C PRO A 522 20.50 5.81 21.94
N CYS A 523 21.83 5.89 21.87
CA CYS A 523 22.68 4.78 22.29
C CYS A 523 23.33 5.10 23.63
N LEU B 8 -4.83 23.35 50.19
CA LEU B 8 -4.91 21.87 50.19
C LEU B 8 -4.99 21.35 51.63
N ALA B 9 -6.03 20.57 51.93
CA ALA B 9 -6.21 20.00 53.26
C ALA B 9 -4.96 19.26 53.69
N SER B 10 -4.87 18.97 54.98
CA SER B 10 -3.71 18.30 55.54
C SER B 10 -3.60 16.80 55.26
N THR B 11 -4.73 16.11 55.23
CA THR B 11 -4.72 14.66 54.98
C THR B 11 -5.30 14.34 53.60
N MET B 12 -4.95 13.17 53.08
CA MET B 12 -5.44 12.76 51.77
C MET B 12 -6.98 12.72 51.82
N GLU B 13 -7.53 12.23 52.93
CA GLU B 13 -8.99 12.17 53.05
C GLU B 13 -9.59 13.56 52.97
N GLY B 14 -8.93 14.51 53.62
CA GLY B 14 -9.40 15.88 53.60
C GLY B 14 -9.33 16.44 52.19
N ARG B 15 -8.25 16.12 51.48
CA ARG B 15 -8.09 16.60 50.11
C ARG B 15 -9.12 15.98 49.19
N VAL B 16 -9.51 14.74 49.50
CA VAL B 16 -10.51 14.05 48.70
C VAL B 16 -11.88 14.71 48.89
N GLU B 17 -12.16 15.16 50.11
CA GLU B 17 -13.44 15.82 50.37
C GLU B 17 -13.41 17.19 49.69
N GLN B 18 -12.25 17.84 49.74
CA GLN B 18 -12.09 19.15 49.12
C GLN B 18 -12.33 19.05 47.62
N LEU B 19 -11.81 17.98 47.03
CA LEU B 19 -11.96 17.73 45.60
C LEU B 19 -13.45 17.61 45.26
N ALA B 20 -14.18 16.86 46.08
CA ALA B 20 -15.60 16.66 45.84
C ALA B 20 -16.35 17.99 45.87
N GLU B 21 -16.01 18.84 46.83
CA GLU B 21 -16.68 20.13 46.95
C GLU B 21 -16.37 21.02 45.75
N GLN B 22 -15.10 21.03 45.35
CA GLN B 22 -14.66 21.83 44.22
C GLN B 22 -15.36 21.36 42.95
N ARG B 23 -15.48 20.04 42.80
CA ARG B 23 -16.12 19.48 41.61
C ARG B 23 -17.59 19.84 41.57
N GLN B 24 -18.25 19.83 42.73
CA GLN B 24 -19.66 20.18 42.74
C GLN B 24 -19.88 21.63 42.33
N VAL B 25 -18.98 22.52 42.73
CA VAL B 25 -19.12 23.92 42.35
C VAL B 25 -19.03 24.04 40.83
N ILE B 26 -18.09 23.32 40.22
CA ILE B 26 -17.95 23.37 38.77
C ILE B 26 -19.20 22.85 38.08
N GLU B 27 -19.73 21.75 38.58
CA GLU B 27 -20.91 21.15 37.97
C GLU B 27 -22.15 22.03 38.09
N ALA B 28 -22.12 22.96 39.03
CA ALA B 28 -23.24 23.88 39.24
C ALA B 28 -23.27 24.92 38.12
N GLY B 29 -22.18 24.98 37.37
CA GLY B 29 -22.11 25.91 36.25
C GLY B 29 -22.30 27.37 36.59
N GLY B 30 -23.31 27.97 35.97
CA GLY B 30 -23.61 29.38 36.19
C GLY B 30 -24.42 29.72 37.43
N GLY B 31 -24.68 28.73 38.28
CA GLY B 31 -25.44 28.97 39.50
C GLY B 31 -26.90 28.63 39.37
N GLU B 32 -27.57 28.50 40.52
CA GLU B 32 -28.98 28.14 40.57
C GLU B 32 -29.96 29.03 39.79
N ARG B 33 -29.76 30.35 39.84
CA ARG B 33 -30.68 31.24 39.13
C ARG B 33 -30.67 31.01 37.62
N ARG B 34 -29.47 30.96 37.04
CA ARG B 34 -29.35 30.73 35.60
C ARG B 34 -29.87 29.35 35.22
N VAL B 35 -29.65 28.37 36.09
CA VAL B 35 -30.12 27.01 35.84
C VAL B 35 -31.64 27.02 35.84
N GLU B 36 -32.23 27.76 36.78
CA GLU B 36 -33.69 27.85 36.86
C GLU B 36 -34.22 28.56 35.60
N LYS B 37 -33.49 29.58 35.15
CA LYS B 37 -33.90 30.31 33.95
C LYS B 37 -33.87 29.36 32.74
N GLN B 38 -32.82 28.55 32.66
CA GLN B 38 -32.70 27.58 31.57
C GLN B 38 -33.91 26.66 31.59
N HIS B 39 -34.19 26.08 32.75
CA HIS B 39 -35.34 25.20 32.88
C HIS B 39 -36.65 25.90 32.58
N SER B 40 -36.81 27.15 33.04
CA SER B 40 -38.06 27.88 32.77
C SER B 40 -38.28 28.09 31.28
N GLN B 41 -37.20 28.06 30.50
CA GLN B 41 -37.31 28.22 29.06
C GLN B 41 -37.59 26.89 28.37
N GLY B 42 -37.72 25.84 29.18
CA GLY B 42 -38.02 24.51 28.65
C GLY B 42 -36.81 23.76 28.13
N LYS B 43 -35.63 24.10 28.67
CA LYS B 43 -34.37 23.50 28.24
C LYS B 43 -33.66 22.76 29.38
N GLN B 44 -33.04 21.63 29.04
CA GLN B 44 -32.27 20.89 30.05
C GLN B 44 -30.92 21.59 30.08
N THR B 45 -30.15 21.33 31.12
CA THR B 45 -28.83 21.92 31.23
C THR B 45 -27.86 21.09 30.40
N ALA B 46 -26.63 21.57 30.29
CA ALA B 46 -25.60 20.88 29.54
C ALA B 46 -25.34 19.48 30.09
N ARG B 47 -25.31 19.36 31.42
CA ARG B 47 -25.04 18.07 32.06
C ARG B 47 -26.23 17.12 32.05
N GLU B 48 -27.45 17.67 32.11
CA GLU B 48 -28.65 16.84 32.07
C GLU B 48 -28.74 16.24 30.66
N ARG B 49 -28.34 17.01 29.67
CA ARG B 49 -28.37 16.53 28.29
C ARG B 49 -27.43 15.34 28.09
N LEU B 50 -26.20 15.44 28.56
CA LEU B 50 -25.27 14.33 28.44
C LEU B 50 -25.77 13.16 29.28
N ASN B 51 -26.27 13.47 30.48
CA ASN B 51 -26.76 12.42 31.35
C ASN B 51 -27.95 11.67 30.73
N ASN B 52 -28.77 12.36 29.96
CA ASN B 52 -29.91 11.70 29.34
C ASN B 52 -29.57 10.97 28.05
N LEU B 53 -28.58 11.50 27.32
CA LEU B 53 -28.16 10.88 26.06
C LEU B 53 -27.39 9.60 26.28
N LEU B 54 -26.39 9.66 27.15
CA LEU B 54 -25.51 8.54 27.41
C LEU B 54 -26.10 7.48 28.33
N ASP B 55 -25.57 6.25 28.21
CA ASP B 55 -26.04 5.16 29.06
C ASP B 55 -25.81 5.60 30.49
N PRO B 56 -26.73 5.24 31.39
CA PRO B 56 -26.63 5.61 32.80
C PRO B 56 -25.24 5.49 33.43
N HIS B 57 -24.77 6.61 33.96
CA HIS B 57 -23.49 6.68 34.64
C HIS B 57 -22.25 6.36 33.81
N SER B 58 -22.39 6.30 32.48
CA SER B 58 -21.24 5.99 31.64
C SER B 58 -20.36 7.20 31.31
N PHE B 59 -20.86 8.40 31.54
CA PHE B 59 -20.09 9.60 31.24
C PHE B 59 -18.78 9.71 32.03
N ASP B 60 -17.67 9.79 31.31
CA ASP B 60 -16.34 9.90 31.89
C ASP B 60 -15.84 11.26 31.39
N GLU B 61 -15.89 12.26 32.27
CA GLU B 61 -15.54 13.63 31.91
C GLU B 61 -14.06 14.02 31.87
N VAL B 62 -13.70 14.76 30.84
CA VAL B 62 -12.33 15.26 30.67
C VAL B 62 -12.39 16.79 30.74
N GLY B 63 -11.52 17.37 31.56
CA GLY B 63 -11.45 18.83 31.66
C GLY B 63 -12.50 19.57 32.48
N ALA B 64 -13.10 18.91 33.47
CA ALA B 64 -14.09 19.60 34.30
C ALA B 64 -13.40 20.80 34.95
N PHE B 65 -12.15 20.59 35.33
CA PHE B 65 -11.35 21.62 35.99
C PHE B 65 -10.49 22.46 35.05
N ARG B 66 -10.66 22.30 33.74
CA ARG B 66 -9.89 23.06 32.75
C ARG B 66 -10.34 24.51 32.85
N LYS B 67 -9.39 25.44 32.73
CA LYS B 67 -9.72 26.87 32.83
C LYS B 67 -9.15 27.70 31.69
N HIS B 68 -9.86 28.77 31.33
CA HIS B 68 -9.42 29.69 30.27
C HIS B 68 -8.12 30.31 30.77
N ARG B 69 -7.30 30.78 29.83
CA ARG B 69 -6.03 31.40 30.16
C ARG B 69 -6.03 32.87 29.74
N THR B 70 -7.15 33.29 29.18
CA THR B 70 -7.32 34.66 28.73
C THR B 70 -7.42 35.58 29.96
N THR B 71 -6.98 36.83 29.82
CA THR B 71 -7.00 37.75 30.96
C THR B 71 -7.60 39.13 30.67
N LEU B 72 -7.68 39.51 29.39
CA LEU B 72 -8.21 40.82 29.04
C LEU B 72 -9.70 41.01 29.24
N PHE B 73 -10.07 42.25 29.54
CA PHE B 73 -11.46 42.64 29.73
C PHE B 73 -12.29 41.83 30.72
N GLY B 74 -11.74 41.66 31.92
CA GLY B 74 -12.43 40.95 32.98
C GLY B 74 -12.17 39.45 33.07
N MET B 75 -11.59 38.86 32.04
CA MET B 75 -11.34 37.43 32.05
C MET B 75 -10.32 37.00 33.10
N ASP B 76 -9.41 37.89 33.46
CA ASP B 76 -8.41 37.53 34.46
C ASP B 76 -9.04 37.18 35.80
N LYS B 77 -10.21 37.75 36.07
CA LYS B 77 -10.89 37.49 37.33
C LYS B 77 -12.16 36.65 37.19
N ALA B 78 -12.65 36.47 35.96
CA ALA B 78 -13.86 35.70 35.71
C ALA B 78 -13.72 34.23 36.10
N VAL B 79 -14.78 33.66 36.65
CA VAL B 79 -14.81 32.26 37.05
C VAL B 79 -15.73 31.65 36.02
N VAL B 80 -15.16 30.87 35.11
CA VAL B 80 -15.91 30.26 34.02
C VAL B 80 -15.73 28.73 34.10
N PRO B 81 -16.64 28.05 34.82
CA PRO B 81 -16.63 26.59 35.02
C PRO B 81 -16.51 25.76 33.73
N ALA B 82 -15.47 24.93 33.66
CA ALA B 82 -15.22 24.06 32.49
C ALA B 82 -15.14 24.85 31.19
N ASP B 83 -14.98 26.16 31.34
CA ASP B 83 -14.94 27.15 30.26
C ASP B 83 -16.20 27.08 29.41
N GLY B 84 -17.29 26.62 30.02
CA GLY B 84 -18.56 26.58 29.32
C GLY B 84 -18.93 25.41 28.45
N VAL B 85 -18.14 24.33 28.50
CA VAL B 85 -18.47 23.15 27.70
C VAL B 85 -18.09 21.90 28.48
N VAL B 86 -18.98 20.91 28.49
CA VAL B 86 -18.71 19.67 29.21
C VAL B 86 -18.36 18.65 28.14
N THR B 87 -17.19 18.04 28.28
CA THR B 87 -16.68 17.10 27.29
C THR B 87 -16.17 15.79 27.87
N GLY B 88 -16.26 14.73 27.09
CA GLY B 88 -15.77 13.45 27.57
C GLY B 88 -16.27 12.28 26.75
N ARG B 89 -16.19 11.09 27.32
CA ARG B 89 -16.67 9.91 26.61
C ARG B 89 -17.72 9.18 27.42
N GLY B 90 -18.52 8.36 26.76
CA GLY B 90 -19.56 7.59 27.42
C GLY B 90 -19.96 6.48 26.47
N THR B 91 -21.15 5.92 26.64
CA THR B 91 -21.62 4.89 25.73
C THR B 91 -23.08 5.12 25.45
N ILE B 92 -23.54 4.64 24.29
CA ILE B 92 -24.94 4.73 23.92
C ILE B 92 -25.24 3.29 23.50
N LEU B 93 -26.10 2.65 24.29
CA LEU B 93 -26.44 1.24 24.08
C LEU B 93 -25.17 0.41 24.02
N GLY B 94 -24.22 0.73 24.90
CA GLY B 94 -22.98 -0.02 24.98
C GLY B 94 -21.86 0.37 24.03
N ARG B 95 -22.18 1.18 23.03
CA ARG B 95 -21.20 1.63 22.03
C ARG B 95 -20.47 2.86 22.54
N PRO B 96 -19.13 2.83 22.51
CA PRO B 96 -18.36 3.99 22.97
C PRO B 96 -18.57 5.20 22.06
N VAL B 97 -18.78 6.37 22.67
CA VAL B 97 -18.92 7.60 21.91
C VAL B 97 -18.21 8.72 22.65
N HIS B 98 -17.96 9.81 21.94
CA HIS B 98 -17.35 11.00 22.57
C HIS B 98 -18.42 12.07 22.42
N ALA B 99 -18.50 12.98 23.40
CA ALA B 99 -19.52 14.00 23.32
C ALA B 99 -19.10 15.31 23.96
N ALA B 100 -19.78 16.39 23.57
CA ALA B 100 -19.57 17.74 24.06
C ALA B 100 -20.97 18.34 24.30
N SER B 101 -21.07 19.21 25.29
CA SER B 101 -22.35 19.85 25.61
C SER B 101 -22.06 21.27 26.11
N GLN B 102 -22.52 22.26 25.36
CA GLN B 102 -22.30 23.67 25.70
C GLN B 102 -23.20 24.11 26.85
N ASP B 103 -22.60 24.83 27.79
CA ASP B 103 -23.30 25.30 29.00
C ASP B 103 -23.70 26.77 28.86
N PHE B 104 -24.95 27.01 28.46
CA PHE B 104 -25.44 28.36 28.27
C PHE B 104 -25.45 29.20 29.56
N THR B 105 -25.47 28.54 30.72
CA THR B 105 -25.50 29.28 31.99
C THR B 105 -24.15 29.92 32.31
N VAL B 106 -23.13 29.57 31.54
CA VAL B 106 -21.81 30.11 31.77
C VAL B 106 -21.47 31.07 30.61
N MET B 107 -21.44 32.37 30.91
CA MET B 107 -21.18 33.41 29.91
C MET B 107 -21.96 33.19 28.62
N GLY B 108 -23.25 32.91 28.77
CA GLY B 108 -24.11 32.69 27.62
C GLY B 108 -23.63 31.58 26.71
N GLY B 109 -22.85 30.64 27.26
CA GLY B 109 -22.34 29.54 26.46
C GLY B 109 -21.38 30.05 25.39
N SER B 110 -20.89 31.28 25.55
CA SER B 110 -19.96 31.87 24.59
C SER B 110 -18.76 30.95 24.43
N ALA B 111 -18.28 30.80 23.19
CA ALA B 111 -17.16 29.92 22.89
C ALA B 111 -15.78 30.49 23.22
N GLY B 112 -15.31 30.19 24.42
CA GLY B 112 -13.98 30.65 24.81
C GLY B 112 -12.97 29.83 24.05
N GLU B 113 -11.75 30.36 23.96
CA GLU B 113 -10.66 29.69 23.27
C GLU B 113 -10.40 28.31 23.86
N THR B 114 -10.37 28.22 25.19
CA THR B 114 -10.14 26.94 25.85
C THR B 114 -11.34 26.01 25.64
N GLN B 115 -12.55 26.57 25.63
CA GLN B 115 -13.73 25.74 25.40
C GLN B 115 -13.63 25.04 24.05
N SER B 116 -13.24 25.80 23.02
CA SER B 116 -13.12 25.25 21.67
C SER B 116 -12.01 24.22 21.62
N THR B 117 -10.94 24.46 22.38
CA THR B 117 -9.82 23.53 22.44
C THR B 117 -10.29 22.20 23.06
N LYS B 118 -11.12 22.29 24.10
CA LYS B 118 -11.64 21.10 24.74
C LYS B 118 -12.43 20.30 23.73
N VAL B 119 -13.24 20.99 22.96
CA VAL B 119 -14.07 20.35 21.93
C VAL B 119 -13.20 19.65 20.89
N VAL B 120 -12.20 20.35 20.38
CA VAL B 120 -11.32 19.78 19.36
C VAL B 120 -10.59 18.55 19.89
N GLU B 121 -10.07 18.65 21.11
CA GLU B 121 -9.39 17.51 21.71
C GLU B 121 -10.34 16.32 21.79
N THR B 122 -11.59 16.57 22.15
CA THR B 122 -12.55 15.48 22.23
C THR B 122 -12.76 14.87 20.84
N MET B 123 -12.90 15.73 19.84
CA MET B 123 -13.07 15.27 18.47
C MET B 123 -11.86 14.46 18.01
N GLU B 124 -10.66 14.91 18.36
CA GLU B 124 -9.46 14.18 17.95
C GLU B 124 -9.45 12.79 18.59
N GLN B 125 -10.00 12.68 19.81
CA GLN B 125 -10.03 11.39 20.49
C GLN B 125 -10.99 10.45 19.78
N ALA B 126 -12.12 10.98 19.34
CA ALA B 126 -13.10 10.19 18.61
C ALA B 126 -12.49 9.68 17.30
N LEU B 127 -11.68 10.53 16.65
CA LEU B 127 -11.05 10.13 15.40
C LEU B 127 -10.02 9.05 15.68
N LEU B 128 -9.18 9.31 16.67
CA LEU B 128 -8.13 8.38 17.06
C LEU B 128 -8.65 7.00 17.46
N THR B 129 -9.78 6.98 18.18
CA THR B 129 -10.36 5.71 18.62
C THR B 129 -11.47 5.21 17.69
N GLY B 130 -11.79 5.99 16.68
CA GLY B 130 -12.82 5.59 15.74
C GLY B 130 -14.22 5.45 16.31
N THR B 131 -14.68 6.44 17.07
CA THR B 131 -16.03 6.38 17.63
C THR B 131 -16.81 7.62 17.19
N PRO B 132 -18.15 7.54 17.25
CA PRO B 132 -19.00 8.66 16.86
C PRO B 132 -18.76 9.86 17.79
N PHE B 133 -19.13 11.05 17.32
CA PHE B 133 -18.99 12.28 18.09
C PHE B 133 -20.34 13.04 18.05
N LEU B 134 -20.89 13.35 19.22
CA LEU B 134 -22.17 14.06 19.32
C LEU B 134 -21.92 15.36 20.08
N PHE B 135 -22.59 16.43 19.64
CA PHE B 135 -22.37 17.75 20.25
C PHE B 135 -23.68 18.53 20.46
N PHE B 136 -23.94 18.95 21.69
CA PHE B 136 -25.13 19.76 22.00
C PHE B 136 -24.66 21.21 21.93
N TYR B 137 -25.27 22.01 21.05
CA TYR B 137 -24.91 23.42 20.89
C TYR B 137 -25.95 24.29 21.61
N ASP B 138 -25.47 25.29 22.35
CA ASP B 138 -26.33 26.21 23.11
C ASP B 138 -25.35 27.35 23.44
N SER B 139 -25.25 28.32 22.52
CA SER B 139 -24.25 29.37 22.68
C SER B 139 -24.51 30.70 21.97
N GLY B 140 -23.93 31.75 22.51
CA GLY B 140 -24.07 33.07 21.92
C GLY B 140 -22.99 33.38 20.90
N GLY B 141 -22.15 32.39 20.60
CA GLY B 141 -21.08 32.60 19.64
C GLY B 141 -19.71 32.73 20.27
N ALA B 142 -18.73 33.13 19.47
CA ALA B 142 -17.37 33.27 19.99
C ALA B 142 -17.38 34.27 21.14
N ARG B 143 -16.63 33.97 22.20
CA ARG B 143 -16.57 34.84 23.38
C ARG B 143 -15.92 36.17 23.02
N ILE B 144 -16.74 37.21 22.96
CA ILE B 144 -16.24 38.53 22.58
C ILE B 144 -15.05 39.06 23.38
N GLN B 145 -15.06 38.87 24.69
CA GLN B 145 -13.94 39.35 25.52
C GLN B 145 -12.58 38.81 25.07
N GLU B 146 -12.58 37.68 24.35
CA GLU B 146 -11.33 37.06 23.93
C GLU B 146 -10.91 37.34 22.49
N GLY B 147 -11.65 38.20 21.81
CA GLY B 147 -11.30 38.59 20.45
C GLY B 147 -10.77 37.52 19.52
N ILE B 148 -9.60 37.76 18.94
CA ILE B 148 -9.03 36.81 17.98
C ILE B 148 -8.66 35.45 18.55
N ASP B 149 -8.59 35.33 19.88
CA ASP B 149 -8.28 34.06 20.50
C ASP B 149 -9.47 33.13 20.38
N SER B 150 -10.68 33.66 20.59
CA SER B 150 -11.87 32.82 20.48
C SER B 150 -12.17 32.60 19.01
N LEU B 151 -11.80 33.57 18.17
CA LEU B 151 -12.00 33.45 16.74
C LEU B 151 -11.20 32.25 16.21
N SER B 152 -9.94 32.16 16.63
CA SER B 152 -9.04 31.08 16.23
C SER B 152 -9.57 29.72 16.72
N GLY B 153 -10.21 29.73 17.89
CA GLY B 153 -10.78 28.49 18.40
C GLY B 153 -11.79 27.92 17.41
N TYR B 154 -12.60 28.78 16.83
CA TYR B 154 -13.59 28.35 15.84
C TYR B 154 -12.90 27.82 14.58
N GLY B 155 -11.77 28.42 14.22
CA GLY B 155 -11.03 27.95 13.06
C GLY B 155 -10.57 26.52 13.28
N LYS B 156 -10.04 26.24 14.47
CA LYS B 156 -9.60 24.89 14.79
C LYS B 156 -10.78 23.91 14.82
N MET B 157 -11.93 24.35 15.33
CA MET B 157 -13.08 23.45 15.37
C MET B 157 -13.60 23.08 13.98
N PHE B 158 -13.69 24.06 13.09
CA PHE B 158 -14.19 23.78 11.75
C PHE B 158 -13.24 22.82 11.03
N PHE B 159 -11.95 23.06 11.17
CA PHE B 159 -10.97 22.20 10.52
C PHE B 159 -11.10 20.77 11.06
N ALA B 160 -11.40 20.65 12.36
CA ALA B 160 -11.57 19.37 12.98
C ALA B 160 -12.82 18.67 12.45
N ASN B 161 -13.91 19.41 12.28
CA ASN B 161 -15.13 18.80 11.76
C ASN B 161 -14.85 18.19 10.39
N VAL B 162 -14.04 18.88 9.59
CA VAL B 162 -13.77 18.38 8.25
C VAL B 162 -12.85 17.17 8.30
N LYS B 163 -11.89 17.18 9.22
CA LYS B 163 -10.96 16.07 9.39
C LYS B 163 -11.74 14.79 9.70
N LEU B 164 -12.72 14.91 10.60
CA LEU B 164 -13.55 13.77 10.97
C LEU B 164 -14.58 13.37 9.90
N SER B 165 -14.92 14.29 9.01
CA SER B 165 -15.95 14.02 7.98
C SER B 165 -15.70 12.76 7.18
N GLY B 166 -16.70 11.87 7.21
CA GLY B 166 -16.58 10.60 6.49
C GLY B 166 -15.73 9.57 7.18
N VAL B 167 -15.25 9.86 8.40
CA VAL B 167 -14.42 8.91 9.16
C VAL B 167 -15.22 8.39 10.34
N VAL B 168 -15.78 9.29 11.16
CA VAL B 168 -16.65 8.87 12.26
C VAL B 168 -17.89 9.74 12.13
N PRO B 169 -19.06 9.18 12.43
CA PRO B 169 -20.31 9.96 12.32
C PRO B 169 -20.30 11.14 13.29
N GLN B 170 -20.79 12.29 12.84
CA GLN B 170 -20.85 13.47 13.71
C GLN B 170 -22.28 13.95 13.76
N ILE B 171 -22.82 14.06 14.97
CA ILE B 171 -24.20 14.47 15.15
C ILE B 171 -24.27 15.74 15.98
N ALA B 172 -24.98 16.74 15.46
CA ALA B 172 -25.13 18.03 16.13
C ALA B 172 -26.57 18.19 16.60
N ILE B 173 -26.72 18.64 17.84
CA ILE B 173 -28.05 18.89 18.39
C ILE B 173 -28.05 20.36 18.83
N ILE B 174 -28.83 21.17 18.15
CA ILE B 174 -28.94 22.59 18.48
C ILE B 174 -30.09 22.67 19.49
N ALA B 175 -29.78 23.01 20.73
CA ALA B 175 -30.78 23.05 21.78
C ALA B 175 -30.91 24.41 22.47
N GLY B 176 -30.48 25.45 21.78
CA GLY B 176 -30.55 26.80 22.29
C GLY B 176 -30.12 27.73 21.18
N PRO B 177 -29.56 28.89 21.53
CA PRO B 177 -29.13 29.78 20.44
C PRO B 177 -27.86 29.20 19.79
N CYS B 178 -27.60 29.64 18.57
CA CYS B 178 -26.39 29.24 17.85
C CYS B 178 -26.23 30.43 16.91
N ALA B 179 -25.79 31.53 17.51
CA ALA B 179 -25.65 32.81 16.84
C ALA B 179 -24.34 33.07 16.12
N GLY B 180 -24.44 33.21 14.80
CA GLY B 180 -23.28 33.51 14.00
C GLY B 180 -22.58 32.36 13.33
N GLY B 181 -21.30 32.58 13.05
CA GLY B 181 -20.48 31.59 12.37
C GLY B 181 -20.36 30.29 13.14
N ALA B 182 -20.69 30.32 14.43
CA ALA B 182 -20.64 29.10 15.24
C ALA B 182 -21.43 28.04 14.48
N SER B 183 -22.47 28.49 13.78
CA SER B 183 -23.38 27.65 13.00
C SER B 183 -22.71 26.77 11.94
N TYR B 184 -21.50 27.13 11.53
CA TYR B 184 -20.80 26.37 10.50
C TYR B 184 -20.31 25.00 11.00
N SER B 185 -20.11 24.85 12.32
CA SER B 185 -19.68 23.57 12.87
C SER B 185 -20.84 22.58 12.63
N PRO B 186 -22.06 22.94 13.08
CA PRO B 186 -23.16 22.01 12.83
C PRO B 186 -23.25 21.69 11.34
N ALA B 187 -23.07 22.69 10.48
CA ALA B 187 -23.16 22.46 9.03
C ALA B 187 -22.11 21.46 8.54
N LEU B 188 -20.97 21.41 9.21
CA LEU B 188 -19.90 20.52 8.83
C LEU B 188 -20.05 19.11 9.40
N THR B 189 -20.99 18.93 10.33
CA THR B 189 -21.22 17.59 10.88
C THR B 189 -22.12 16.88 9.87
N ASP B 190 -22.55 15.66 10.18
CA ASP B 190 -23.40 14.94 9.22
C ASP B 190 -24.89 15.18 9.36
N PHE B 191 -25.35 15.30 10.60
CA PHE B 191 -26.78 15.52 10.85
C PHE B 191 -27.04 16.54 11.94
N ILE B 192 -28.00 17.43 11.67
CA ILE B 192 -28.40 18.42 12.64
C ILE B 192 -29.85 18.14 13.07
N ILE B 193 -30.04 18.04 14.38
CA ILE B 193 -31.33 17.84 15.03
C ILE B 193 -31.50 19.16 15.78
N MET B 194 -32.59 19.87 15.49
CA MET B 194 -32.84 21.16 16.11
C MET B 194 -34.13 21.14 16.93
N THR B 195 -34.09 21.59 18.18
CA THR B 195 -35.33 21.61 18.97
C THR B 195 -36.12 22.88 18.67
N LYS B 196 -37.38 22.88 19.08
CA LYS B 196 -38.23 24.05 18.83
C LYS B 196 -37.90 25.26 19.69
N LYS B 197 -36.91 25.11 20.58
CA LYS B 197 -36.51 26.22 21.45
C LYS B 197 -35.22 26.83 20.91
N ALA B 198 -34.65 26.21 19.88
CA ALA B 198 -33.40 26.67 19.30
C ALA B 198 -33.56 27.70 18.20
N HIS B 199 -32.47 28.41 17.94
CA HIS B 199 -32.44 29.42 16.90
C HIS B 199 -31.03 29.42 16.35
N MET B 200 -30.92 29.47 15.03
CA MET B 200 -29.63 29.45 14.38
C MET B 200 -29.64 30.39 13.20
N PHE B 201 -28.52 31.07 12.97
CA PHE B 201 -28.39 31.99 11.85
C PHE B 201 -26.99 32.56 11.78
N ILE B 202 -26.60 33.04 10.60
CA ILE B 202 -25.28 33.61 10.42
C ILE B 202 -25.30 35.08 10.85
N THR B 203 -26.38 35.77 10.54
CA THR B 203 -26.54 37.18 10.90
C THR B 203 -27.90 37.32 11.58
N GLY B 204 -27.90 37.90 12.78
CA GLY B 204 -29.14 38.07 13.53
C GLY B 204 -30.13 39.08 12.98
N PRO B 205 -31.38 39.08 13.49
CA PRO B 205 -32.48 39.95 13.09
C PRO B 205 -32.14 41.45 13.18
N GLN B 206 -31.47 41.82 14.26
CA GLN B 206 -31.08 43.20 14.51
C GLN B 206 -30.09 43.73 13.48
N VAL B 207 -28.95 43.06 13.34
CA VAL B 207 -27.95 43.49 12.37
C VAL B 207 -28.60 43.49 11.01
N ILE B 208 -29.44 42.50 10.74
CA ILE B 208 -30.11 42.46 9.45
C ILE B 208 -30.92 43.75 9.25
N LYS B 209 -31.78 44.07 10.20
CA LYS B 209 -32.60 45.27 10.06
C LYS B 209 -31.75 46.54 9.91
N SER B 210 -30.69 46.65 10.72
CA SER B 210 -29.83 47.82 10.65
C SER B 210 -29.07 47.92 9.32
N VAL B 211 -28.95 46.80 8.63
CA VAL B 211 -28.22 46.79 7.37
C VAL B 211 -29.13 46.79 6.13
N THR B 212 -30.21 46.00 6.17
CA THR B 212 -31.10 45.91 5.02
C THR B 212 -32.48 46.50 5.26
N GLY B 213 -32.80 46.78 6.53
CA GLY B 213 -34.11 47.33 6.84
C GLY B 213 -35.19 46.28 7.01
N GLU B 214 -34.88 45.03 6.66
CA GLU B 214 -35.83 43.93 6.76
C GLU B 214 -36.20 43.63 8.21
N ASP B 215 -37.49 43.42 8.47
CA ASP B 215 -37.95 43.11 9.81
C ASP B 215 -38.35 41.65 9.92
N VAL B 216 -37.68 40.92 10.81
CA VAL B 216 -37.96 39.51 11.00
C VAL B 216 -37.65 39.14 12.44
N THR B 217 -38.40 38.17 12.97
CA THR B 217 -38.14 37.73 14.34
C THR B 217 -37.11 36.60 14.27
N ALA B 218 -36.49 36.29 15.39
CA ALA B 218 -35.48 35.22 15.44
C ALA B 218 -36.14 33.91 15.04
N ASP B 219 -37.37 33.70 15.50
CA ASP B 219 -38.07 32.48 15.19
C ASP B 219 -38.38 32.37 13.72
N GLU B 220 -38.76 33.49 13.11
CA GLU B 220 -39.07 33.51 11.69
C GLU B 220 -37.82 33.28 10.85
N LEU B 221 -36.73 33.92 11.27
CA LEU B 221 -35.45 33.85 10.57
C LEU B 221 -34.70 32.54 10.73
N GLY B 222 -34.60 32.06 11.96
CA GLY B 222 -33.84 30.85 12.21
C GLY B 222 -34.40 29.84 13.20
N GLY B 223 -35.72 29.75 13.33
CA GLY B 223 -36.29 28.75 14.21
C GLY B 223 -36.19 27.41 13.49
N ALA B 224 -36.42 26.30 14.19
CA ALA B 224 -36.34 24.98 13.58
C ALA B 224 -37.19 24.80 12.33
N GLU B 225 -38.39 25.35 12.30
CA GLU B 225 -39.23 25.16 11.12
C GLU B 225 -38.70 25.84 9.87
N ALA B 226 -38.14 27.03 10.05
CA ALA B 226 -37.58 27.80 8.95
C ALA B 226 -36.41 27.03 8.36
N HIS B 227 -35.53 26.56 9.23
CA HIS B 227 -34.37 25.80 8.77
C HIS B 227 -34.73 24.52 8.05
N MET B 228 -35.74 23.82 8.54
CA MET B 228 -36.18 22.59 7.91
C MET B 228 -36.87 22.76 6.56
N ALA B 229 -37.94 23.56 6.53
CA ALA B 229 -38.71 23.74 5.30
C ALA B 229 -38.17 24.71 4.26
N ILE B 230 -37.49 25.76 4.71
CA ILE B 230 -36.99 26.76 3.79
C ILE B 230 -35.51 26.68 3.44
N SER B 231 -34.66 26.80 4.44
CA SER B 231 -33.21 26.80 4.26
C SER B 231 -32.55 25.49 3.86
N GLY B 232 -33.19 24.37 4.20
CA GLY B 232 -32.61 23.06 3.90
C GLY B 232 -31.35 22.77 4.70
N ASN B 233 -31.23 23.42 5.85
CA ASN B 233 -30.05 23.30 6.73
C ASN B 233 -30.04 22.16 7.74
N ILE B 234 -31.21 21.67 8.14
CA ILE B 234 -31.25 20.65 9.18
C ILE B 234 -31.92 19.34 8.82
N HIS B 235 -31.67 18.31 9.61
CA HIS B 235 -32.20 17.00 9.28
C HIS B 235 -33.40 16.51 10.09
N PHE B 236 -33.55 17.02 11.30
CA PHE B 236 -34.66 16.61 12.16
C PHE B 236 -35.12 17.76 13.04
N VAL B 237 -36.44 17.87 13.22
CA VAL B 237 -36.98 18.88 14.12
C VAL B 237 -37.45 18.12 15.36
N ALA B 238 -37.02 18.56 16.53
CA ALA B 238 -37.41 17.89 17.77
C ALA B 238 -38.24 18.85 18.61
N GLU B 239 -39.27 18.32 19.27
CA GLU B 239 -40.12 19.16 20.10
C GLU B 239 -39.32 19.80 21.20
N ASP B 240 -38.55 18.99 21.92
CA ASP B 240 -37.72 19.46 23.03
C ASP B 240 -36.47 18.59 23.17
N ASP B 241 -35.69 18.85 24.22
CA ASP B 241 -34.47 18.11 24.45
C ASP B 241 -34.67 16.61 24.60
N ASP B 242 -35.74 16.20 25.28
CA ASP B 242 -36.00 14.78 25.47
C ASP B 242 -36.19 14.10 24.10
N ALA B 243 -36.95 14.74 23.23
CA ALA B 243 -37.21 14.19 21.92
C ALA B 243 -35.94 14.21 21.05
N ALA B 244 -35.12 15.25 21.19
CA ALA B 244 -33.89 15.37 20.41
C ALA B 244 -32.96 14.23 20.82
N GLU B 245 -32.93 13.95 22.12
CA GLU B 245 -32.10 12.88 22.64
C GLU B 245 -32.60 11.53 22.10
N LEU B 246 -33.91 11.34 22.02
CA LEU B 246 -34.42 10.08 21.47
C LEU B 246 -34.06 9.95 19.98
N ILE B 247 -34.22 11.04 19.25
CA ILE B 247 -33.92 11.06 17.83
C ILE B 247 -32.45 10.77 17.58
N ALA B 248 -31.60 11.32 18.44
CA ALA B 248 -30.17 11.12 18.29
C ALA B 248 -29.82 9.65 18.44
N LYS B 249 -30.44 8.96 19.42
CA LYS B 249 -30.13 7.55 19.62
C LYS B 249 -30.67 6.68 18.48
N LYS B 250 -31.87 7.00 18.01
CA LYS B 250 -32.50 6.28 16.92
C LYS B 250 -31.65 6.41 15.64
N LEU B 251 -31.18 7.62 15.39
CA LEU B 251 -30.34 7.91 14.24
C LEU B 251 -29.06 7.09 14.34
N LEU B 252 -28.38 7.20 15.48
CA LEU B 252 -27.14 6.49 15.70
C LEU B 252 -27.29 4.98 15.52
N SER B 253 -28.44 4.43 15.89
CA SER B 253 -28.63 2.98 15.76
C SER B 253 -28.44 2.46 14.32
N PHE B 254 -28.56 3.32 13.31
CA PHE B 254 -28.40 2.87 11.92
C PHE B 254 -26.95 2.99 11.44
N LEU B 255 -26.12 3.65 12.24
CA LEU B 255 -24.74 3.90 11.85
C LEU B 255 -23.66 3.04 12.46
N PRO B 256 -22.54 2.85 11.74
CA PRO B 256 -21.43 2.07 12.27
C PRO B 256 -20.66 3.04 13.16
N GLN B 257 -19.69 2.53 13.90
CA GLN B 257 -18.86 3.36 14.78
C GLN B 257 -17.96 4.26 13.94
N ASN B 258 -17.54 3.75 12.78
CA ASN B 258 -16.65 4.48 11.90
C ASN B 258 -16.67 3.91 10.48
N ASN B 259 -15.92 4.52 9.56
CA ASN B 259 -15.93 4.10 8.17
C ASN B 259 -15.26 2.78 7.79
N THR B 260 -14.73 2.04 8.76
CA THR B 260 -14.11 0.75 8.44
C THR B 260 -15.09 -0.36 8.74
N GLU B 261 -16.28 0.00 9.20
CA GLU B 261 -17.26 -0.99 9.58
C GLU B 261 -18.64 -0.77 8.98
N GLU B 262 -19.43 -1.85 8.94
CA GLU B 262 -20.79 -1.75 8.49
C GLU B 262 -21.55 -1.73 9.82
N ALA B 263 -22.67 -1.04 9.87
CA ALA B 263 -23.47 -0.96 11.10
C ALA B 263 -23.91 -2.34 11.59
N SER B 264 -23.88 -2.52 12.91
CA SER B 264 -24.32 -3.80 13.48
C SER B 264 -25.81 -4.00 13.18
N PHE B 265 -26.21 -5.23 12.90
CA PHE B 265 -27.61 -5.53 12.62
C PHE B 265 -28.44 -5.33 13.87
N VAL B 266 -29.71 -4.98 13.68
CA VAL B 266 -30.62 -4.75 14.80
C VAL B 266 -31.97 -5.40 14.55
N ASN B 267 -32.44 -6.16 15.54
CA ASN B 267 -33.77 -6.80 15.49
C ASN B 267 -34.19 -7.27 14.09
N PRO B 268 -33.41 -8.17 13.48
CA PRO B 268 -33.71 -8.67 12.14
C PRO B 268 -35.06 -9.34 11.97
N ASN B 269 -35.73 -9.05 10.87
CA ASN B 269 -36.97 -9.74 10.55
C ASN B 269 -36.50 -10.47 9.30
N ASN B 270 -36.27 -11.78 9.41
CA ASN B 270 -35.80 -12.52 8.26
C ASN B 270 -36.89 -13.03 7.30
N ASP B 271 -38.13 -12.68 7.60
CA ASP B 271 -39.24 -13.08 6.74
C ASP B 271 -39.24 -12.22 5.48
N VAL B 272 -39.40 -12.85 4.31
CA VAL B 272 -39.46 -12.11 3.05
C VAL B 272 -40.65 -12.61 2.23
N SER B 273 -41.72 -12.98 2.95
CA SER B 273 -42.94 -13.45 2.33
C SER B 273 -43.48 -12.38 1.41
N PRO B 274 -44.26 -12.77 0.40
CA PRO B 274 -44.81 -11.76 -0.51
C PRO B 274 -45.81 -10.93 0.27
N ASN B 275 -46.35 -9.88 -0.38
CA ASN B 275 -47.36 -9.00 0.19
C ASN B 275 -48.10 -8.47 -1.02
N THR B 276 -49.19 -9.12 -1.39
CA THR B 276 -49.92 -8.70 -2.57
C THR B 276 -50.56 -7.31 -2.52
N GLU B 277 -50.70 -6.73 -1.33
CA GLU B 277 -51.25 -5.39 -1.22
C GLU B 277 -50.33 -4.38 -1.91
N LEU B 278 -49.04 -4.72 -2.02
CA LEU B 278 -48.10 -3.84 -2.70
C LEU B 278 -48.52 -3.58 -4.13
N ARG B 279 -49.31 -4.49 -4.69
CA ARG B 279 -49.77 -4.34 -6.07
C ARG B 279 -50.77 -3.21 -6.21
N ASP B 280 -51.44 -2.85 -5.12
CA ASP B 280 -52.47 -1.82 -5.16
C ASP B 280 -52.10 -0.45 -4.65
N ILE B 281 -50.84 -0.22 -4.32
CA ILE B 281 -50.44 1.09 -3.82
C ILE B 281 -50.15 2.04 -4.97
N VAL B 282 -49.44 1.56 -5.98
CA VAL B 282 -49.10 2.39 -7.14
C VAL B 282 -50.20 2.24 -8.20
N PRO B 283 -50.90 3.34 -8.52
CA PRO B 283 -51.97 3.37 -9.51
C PRO B 283 -51.52 3.14 -10.95
N ILE B 284 -52.30 2.38 -11.71
CA ILE B 284 -51.96 2.15 -13.10
C ILE B 284 -52.19 3.47 -13.85
N ASP B 285 -53.13 4.27 -13.35
CA ASP B 285 -53.44 5.58 -13.93
C ASP B 285 -52.26 6.47 -13.53
N GLY B 286 -51.45 6.83 -14.53
CA GLY B 286 -50.27 7.65 -14.28
C GLY B 286 -50.53 9.06 -13.81
N LYS B 287 -51.75 9.55 -14.00
CA LYS B 287 -52.10 10.90 -13.57
C LYS B 287 -52.50 10.88 -12.10
N LYS B 288 -52.52 9.71 -11.49
CA LYS B 288 -52.89 9.58 -10.08
C LYS B 288 -51.69 9.26 -9.17
N GLY B 289 -51.62 9.96 -8.04
CA GLY B 289 -50.51 9.77 -7.11
C GLY B 289 -50.73 8.86 -5.93
N TYR B 290 -49.75 8.86 -5.03
CA TYR B 290 -49.77 8.04 -3.83
C TYR B 290 -48.60 8.49 -2.96
N ASP B 291 -48.53 7.97 -1.74
CA ASP B 291 -47.45 8.30 -0.82
C ASP B 291 -46.47 7.13 -0.91
N VAL B 292 -45.27 7.40 -1.43
CA VAL B 292 -44.29 6.34 -1.59
C VAL B 292 -43.89 5.68 -0.29
N ARG B 293 -44.21 6.33 0.82
CA ARG B 293 -43.85 5.76 2.10
C ARG B 293 -44.72 4.55 2.41
N ASP B 294 -45.87 4.46 1.76
CA ASP B 294 -46.74 3.31 1.96
C ASP B 294 -46.00 2.10 1.40
N VAL B 295 -45.27 2.31 0.31
CA VAL B 295 -44.50 1.23 -0.31
C VAL B 295 -43.36 0.88 0.65
N ILE B 296 -42.63 1.91 1.10
CA ILE B 296 -41.53 1.71 2.02
C ILE B 296 -41.96 0.89 3.23
N ALA B 297 -43.04 1.31 3.88
CA ALA B 297 -43.52 0.61 5.08
C ALA B 297 -43.73 -0.90 4.87
N LYS B 298 -44.18 -1.26 3.68
CA LYS B 298 -44.45 -2.67 3.35
C LYS B 298 -43.21 -3.49 3.05
N ILE B 299 -42.09 -2.83 2.75
CA ILE B 299 -40.92 -3.62 2.43
C ILE B 299 -39.77 -3.62 3.44
N VAL B 300 -39.78 -2.69 4.39
CA VAL B 300 -38.71 -2.66 5.39
C VAL B 300 -39.10 -3.39 6.67
N ASP B 301 -38.11 -3.87 7.41
CA ASP B 301 -38.36 -4.62 8.66
C ASP B 301 -39.30 -3.87 9.60
N TRP B 302 -40.39 -4.53 9.97
CA TRP B 302 -41.38 -4.00 10.89
C TRP B 302 -42.02 -2.67 10.47
N GLY B 303 -41.88 -2.30 9.20
CA GLY B 303 -42.43 -1.04 8.72
C GLY B 303 -41.72 0.17 9.35
N ASP B 304 -40.61 -0.08 10.03
CA ASP B 304 -39.87 0.99 10.69
C ASP B 304 -38.89 1.75 9.80
N TYR B 305 -38.96 3.07 9.88
CA TYR B 305 -38.01 3.90 9.13
C TYR B 305 -37.86 5.26 9.80
N LEU B 306 -36.67 5.83 9.66
CA LEU B 306 -36.39 7.13 10.23
C LEU B 306 -36.16 8.08 9.05
N GLU B 307 -37.17 8.90 8.76
CA GLU B 307 -37.06 9.83 7.65
C GLU B 307 -36.12 10.99 7.94
N VAL B 308 -35.25 11.27 6.98
CA VAL B 308 -34.29 12.36 7.13
C VAL B 308 -34.81 13.55 6.34
N LYS B 309 -34.71 14.74 6.91
CA LYS B 309 -35.21 15.96 6.28
C LYS B 309 -36.65 15.75 5.81
N ALA B 310 -37.46 15.19 6.71
CA ALA B 310 -38.86 14.88 6.40
C ALA B 310 -39.67 16.09 5.95
N GLY B 311 -39.32 17.26 6.48
CA GLY B 311 -40.07 18.45 6.13
C GLY B 311 -39.46 19.37 5.11
N TYR B 312 -38.45 18.89 4.39
CA TYR B 312 -37.78 19.68 3.35
C TYR B 312 -37.87 18.93 2.02
N ALA B 313 -38.17 19.63 0.93
CA ALA B 313 -38.24 19.04 -0.40
C ALA B 313 -38.93 17.69 -0.32
N THR B 314 -40.20 17.74 0.07
CA THR B 314 -41.01 16.55 0.25
C THR B 314 -41.37 15.84 -1.04
N ASN B 315 -40.85 16.34 -2.17
CA ASN B 315 -41.08 15.69 -3.45
C ASN B 315 -40.13 14.50 -3.57
N LEU B 316 -39.22 14.39 -2.60
CA LEU B 316 -38.26 13.29 -2.56
C LEU B 316 -38.04 12.83 -1.12
N VAL B 317 -38.14 11.53 -0.91
CA VAL B 317 -37.99 10.96 0.41
C VAL B 317 -36.65 10.25 0.65
N THR B 318 -35.99 10.61 1.75
CA THR B 318 -34.74 9.95 2.12
C THR B 318 -34.99 9.41 3.52
N ALA B 319 -34.71 8.14 3.75
CA ALA B 319 -34.95 7.55 5.06
C ALA B 319 -34.06 6.36 5.36
N PHE B 320 -33.72 6.20 6.64
CA PHE B 320 -32.94 5.03 7.06
C PHE B 320 -33.97 3.97 7.42
N ALA B 321 -33.67 2.71 7.12
CA ALA B 321 -34.55 1.61 7.44
C ALA B 321 -33.68 0.36 7.51
N ARG B 322 -34.33 -0.78 7.62
CA ARG B 322 -33.62 -2.05 7.69
C ARG B 322 -34.31 -3.14 6.89
N VAL B 323 -33.51 -4.06 6.37
CA VAL B 323 -34.00 -5.21 5.62
C VAL B 323 -33.21 -6.37 6.20
N ASN B 324 -33.92 -7.28 6.87
CA ASN B 324 -33.28 -8.43 7.50
C ASN B 324 -32.25 -7.95 8.53
N GLY B 325 -32.54 -6.85 9.22
CA GLY B 325 -31.64 -6.37 10.24
C GLY B 325 -30.53 -5.41 9.79
N ARG B 326 -30.29 -5.35 8.49
CA ARG B 326 -29.22 -4.50 7.92
C ARG B 326 -29.69 -3.05 7.63
N SER B 327 -28.90 -2.07 8.05
CA SER B 327 -29.23 -0.67 7.78
C SER B 327 -29.16 -0.42 6.28
N VAL B 328 -30.13 0.31 5.75
CA VAL B 328 -30.14 0.71 4.35
C VAL B 328 -30.66 2.15 4.28
N GLY B 329 -30.21 2.86 3.25
CA GLY B 329 -30.67 4.21 3.02
C GLY B 329 -31.62 4.15 1.83
N ILE B 330 -32.84 4.61 2.00
CA ILE B 330 -33.81 4.59 0.92
C ILE B 330 -34.02 5.98 0.31
N VAL B 331 -33.99 6.06 -1.02
CA VAL B 331 -34.21 7.30 -1.76
C VAL B 331 -35.40 7.02 -2.70
N ALA B 332 -36.48 7.76 -2.53
CA ALA B 332 -37.69 7.52 -3.31
C ALA B 332 -38.42 8.78 -3.75
N ASN B 333 -38.88 8.80 -4.99
CA ASN B 333 -39.62 9.94 -5.51
C ASN B 333 -41.00 9.89 -4.87
N GLN B 334 -41.57 11.07 -4.63
CA GLN B 334 -42.89 11.21 -3.99
C GLN B 334 -43.86 11.77 -5.01
N PRO B 335 -44.54 10.89 -5.78
CA PRO B 335 -45.48 11.38 -6.79
C PRO B 335 -46.62 12.25 -6.27
N SER B 336 -46.94 12.12 -5.00
CA SER B 336 -48.02 12.92 -4.41
C SER B 336 -47.62 14.39 -4.15
N VAL B 337 -46.37 14.76 -4.48
CA VAL B 337 -45.90 16.13 -4.28
C VAL B 337 -45.19 16.58 -5.55
N MET B 338 -45.69 17.65 -6.17
CA MET B 338 -45.10 18.16 -7.41
C MET B 338 -44.95 17.07 -8.46
N SER B 339 -45.91 16.13 -8.47
CA SER B 339 -45.90 15.04 -9.43
C SER B 339 -44.65 14.19 -9.36
N GLY B 340 -43.93 14.29 -8.24
CA GLY B 340 -42.72 13.51 -8.05
C GLY B 340 -41.50 14.05 -8.78
N CYS B 341 -41.62 15.24 -9.39
CA CYS B 341 -40.50 15.86 -10.11
C CYS B 341 -39.32 16.11 -9.17
N LEU B 342 -38.11 15.99 -9.70
CA LEU B 342 -36.91 16.32 -8.91
C LEU B 342 -36.72 17.82 -9.16
N ASP B 343 -36.11 18.53 -8.22
CA ASP B 343 -35.88 19.96 -8.40
C ASP B 343 -34.57 20.28 -7.72
N ILE B 344 -34.21 21.57 -7.67
CA ILE B 344 -32.96 21.95 -7.03
C ILE B 344 -32.83 21.43 -5.59
N ASN B 345 -33.83 21.72 -4.77
CA ASN B 345 -33.78 21.31 -3.38
C ASN B 345 -33.75 19.80 -3.15
N ALA B 346 -34.55 19.05 -3.90
CA ALA B 346 -34.57 17.58 -3.75
C ALA B 346 -33.23 16.99 -4.21
N SER B 347 -32.60 17.64 -5.17
CA SER B 347 -31.31 17.18 -5.67
C SER B 347 -30.24 17.26 -4.55
N ASP B 348 -30.26 18.34 -3.79
CA ASP B 348 -29.32 18.49 -2.69
C ASP B 348 -29.60 17.47 -1.60
N LYS B 349 -30.89 17.33 -1.26
CA LYS B 349 -31.34 16.42 -0.22
C LYS B 349 -30.91 14.98 -0.54
N ALA B 350 -31.11 14.57 -1.79
CA ALA B 350 -30.74 13.21 -2.22
C ALA B 350 -29.23 13.01 -2.21
N ALA B 351 -28.51 13.92 -2.85
CA ALA B 351 -27.07 13.79 -2.96
C ALA B 351 -26.37 13.73 -1.61
N GLU B 352 -26.77 14.57 -0.67
CA GLU B 352 -26.14 14.56 0.64
C GLU B 352 -26.32 13.20 1.32
N PHE B 353 -27.53 12.67 1.24
CA PHE B 353 -27.89 11.39 1.86
C PHE B 353 -27.09 10.26 1.18
N VAL B 354 -27.03 10.28 -0.14
CA VAL B 354 -26.29 9.25 -0.90
C VAL B 354 -24.82 9.31 -0.50
N ASN B 355 -24.25 10.51 -0.53
CA ASN B 355 -22.85 10.66 -0.16
C ASN B 355 -22.59 10.18 1.26
N PHE B 356 -23.49 10.50 2.19
CA PHE B 356 -23.29 10.06 3.57
C PHE B 356 -23.36 8.54 3.71
N CYS B 357 -24.38 7.91 3.13
CA CYS B 357 -24.50 6.46 3.22
C CYS B 357 -23.26 5.77 2.66
N ASP B 358 -22.75 6.29 1.54
CA ASP B 358 -21.56 5.71 0.93
C ASP B 358 -20.34 5.77 1.85
N SER B 359 -20.11 6.92 2.48
CA SER B 359 -18.97 7.06 3.37
C SER B 359 -19.04 6.10 4.55
N PHE B 360 -20.24 5.71 4.95
CA PHE B 360 -20.37 4.81 6.07
C PHE B 360 -20.87 3.40 5.79
N ASN B 361 -20.61 2.94 4.57
CA ASN B 361 -20.92 1.58 4.15
C ASN B 361 -22.37 1.13 4.28
N ILE B 362 -23.28 2.05 4.00
CA ILE B 362 -24.70 1.76 4.08
C ILE B 362 -25.28 1.63 2.67
N PRO B 363 -25.84 0.46 2.32
CA PRO B 363 -26.43 0.22 0.99
C PRO B 363 -27.52 1.22 0.70
N LEU B 364 -27.71 1.50 -0.59
CA LEU B 364 -28.69 2.46 -1.05
C LEU B 364 -29.78 1.79 -1.90
N VAL B 365 -31.02 1.99 -1.48
CA VAL B 365 -32.16 1.40 -2.20
C VAL B 365 -33.01 2.51 -2.78
N GLN B 366 -33.20 2.47 -4.10
CA GLN B 366 -33.99 3.48 -4.80
C GLN B 366 -35.38 2.98 -5.20
N LEU B 367 -36.39 3.83 -4.98
CA LEU B 367 -37.77 3.50 -5.41
C LEU B 367 -38.08 4.63 -6.40
N VAL B 368 -38.18 4.26 -7.67
CA VAL B 368 -38.36 5.25 -8.72
C VAL B 368 -39.71 5.47 -9.38
N ASP B 369 -40.12 6.73 -9.41
CA ASP B 369 -41.36 7.14 -10.05
C ASP B 369 -41.17 8.65 -10.27
N VAL B 370 -40.43 8.98 -11.32
CA VAL B 370 -40.10 10.37 -11.63
C VAL B 370 -40.32 10.70 -13.10
N PRO B 371 -41.05 11.81 -13.38
CA PRO B 371 -41.35 12.25 -14.75
C PRO B 371 -40.36 13.23 -15.35
N GLY B 372 -39.38 13.65 -14.56
CA GLY B 372 -38.38 14.59 -15.03
C GLY B 372 -38.11 15.62 -13.96
N PHE B 373 -37.33 16.65 -14.29
CA PHE B 373 -37.06 17.72 -13.33
C PHE B 373 -38.15 18.76 -13.45
N LEU B 374 -38.38 19.49 -12.38
CA LEU B 374 -39.41 20.52 -12.33
C LEU B 374 -39.20 21.64 -13.34
N PRO B 375 -40.18 21.88 -14.22
CA PRO B 375 -40.05 22.96 -15.21
C PRO B 375 -40.25 24.29 -14.51
N GLY B 376 -39.49 25.31 -14.90
CA GLY B 376 -39.63 26.59 -14.25
C GLY B 376 -38.43 27.47 -14.51
N VAL B 377 -38.66 28.76 -14.79
CA VAL B 377 -37.55 29.66 -15.04
C VAL B 377 -36.59 29.72 -13.86
N GLN B 378 -37.12 29.78 -12.65
CA GLN B 378 -36.27 29.86 -11.47
C GLN B 378 -35.47 28.58 -11.20
N GLN B 379 -35.93 27.44 -11.70
CA GLN B 379 -35.17 26.21 -11.50
C GLN B 379 -33.91 26.35 -12.37
N GLU B 380 -34.07 26.89 -13.57
CA GLU B 380 -32.92 27.07 -14.44
C GLU B 380 -32.04 28.18 -13.84
N TYR B 381 -32.65 29.32 -13.50
CA TYR B 381 -31.88 30.43 -12.92
C TYR B 381 -31.25 30.06 -11.58
N GLY B 382 -31.83 29.09 -10.88
CA GLY B 382 -31.28 28.66 -9.61
C GLY B 382 -30.16 27.63 -9.76
N GLY B 383 -29.83 27.31 -11.01
CA GLY B 383 -28.79 26.34 -11.27
C GLY B 383 -29.18 24.87 -11.15
N ILE B 384 -30.34 24.47 -11.72
CA ILE B 384 -30.71 23.07 -11.63
C ILE B 384 -29.63 22.20 -12.30
N ILE B 385 -28.98 22.74 -13.35
CA ILE B 385 -27.91 22.00 -14.02
C ILE B 385 -26.84 21.57 -13.00
N ARG B 386 -26.28 22.52 -12.27
CA ARG B 386 -25.26 22.14 -11.29
C ARG B 386 -25.78 21.39 -10.06
N HIS B 387 -27.01 21.65 -9.63
CA HIS B 387 -27.57 20.94 -8.47
C HIS B 387 -27.99 19.52 -8.84
N GLY B 388 -28.69 19.38 -9.94
CA GLY B 388 -29.10 18.04 -10.36
C GLY B 388 -27.87 17.17 -10.56
N ALA B 389 -26.80 17.77 -11.06
CA ALA B 389 -25.58 17.02 -11.28
C ALA B 389 -25.08 16.36 -9.99
N LYS B 390 -25.40 16.91 -8.82
CA LYS B 390 -24.95 16.31 -7.57
C LYS B 390 -25.46 14.90 -7.36
N MET B 391 -26.66 14.61 -7.87
CA MET B 391 -27.21 13.26 -7.70
C MET B 391 -26.45 12.27 -8.56
N LEU B 392 -26.21 12.66 -9.81
CA LEU B 392 -25.47 11.81 -10.74
C LEU B 392 -24.05 11.61 -10.20
N TYR B 393 -23.46 12.68 -9.67
CA TYR B 393 -22.12 12.57 -9.12
C TYR B 393 -22.08 11.66 -7.89
N ALA B 394 -22.97 11.88 -6.93
CA ALA B 394 -22.99 11.07 -5.71
C ALA B 394 -23.19 9.57 -5.99
N TYR B 395 -24.16 9.22 -6.83
CA TYR B 395 -24.38 7.81 -7.15
C TYR B 395 -23.25 7.21 -7.99
N SER B 396 -22.69 7.99 -8.92
CA SER B 396 -21.61 7.48 -9.77
C SER B 396 -20.37 7.18 -8.94
N GLU B 397 -20.14 7.98 -7.91
CA GLU B 397 -18.98 7.80 -7.05
C GLU B 397 -19.19 6.73 -5.98
N ALA B 398 -20.44 6.52 -5.57
CA ALA B 398 -20.73 5.53 -4.53
C ALA B 398 -20.34 4.10 -4.89
N THR B 399 -19.80 3.39 -3.90
CA THR B 399 -19.38 2.00 -4.09
C THR B 399 -20.13 0.97 -3.25
N VAL B 400 -21.01 1.43 -2.36
CA VAL B 400 -21.79 0.50 -1.56
C VAL B 400 -22.78 -0.17 -2.51
N PRO B 401 -23.44 -1.25 -2.08
CA PRO B 401 -24.41 -1.91 -2.95
C PRO B 401 -25.50 -0.88 -3.28
N LYS B 402 -25.92 -0.83 -4.53
CA LYS B 402 -26.95 0.10 -4.99
C LYS B 402 -28.02 -0.76 -5.66
N ILE B 403 -29.21 -0.73 -5.09
CA ILE B 403 -30.33 -1.53 -5.57
C ILE B 403 -31.46 -0.59 -5.95
N THR B 404 -31.92 -0.71 -7.19
CA THR B 404 -32.98 0.17 -7.70
C THR B 404 -34.23 -0.56 -8.18
N VAL B 405 -35.39 -0.12 -7.70
CA VAL B 405 -36.68 -0.68 -8.11
C VAL B 405 -37.46 0.43 -8.80
N VAL B 406 -37.79 0.23 -10.07
CA VAL B 406 -38.52 1.24 -10.82
C VAL B 406 -40.01 0.97 -10.64
N LEU B 407 -40.67 1.80 -9.85
CA LEU B 407 -42.10 1.63 -9.59
C LEU B 407 -42.97 2.02 -10.78
N ARG B 408 -42.72 3.20 -11.34
CA ARG B 408 -43.53 3.67 -12.45
C ARG B 408 -42.72 4.52 -13.45
N LYS B 409 -42.94 5.83 -13.46
CA LYS B 409 -42.22 6.68 -14.40
C LYS B 409 -40.72 6.72 -14.11
N ALA B 410 -39.91 6.77 -15.17
CA ALA B 410 -38.46 6.86 -15.06
C ALA B 410 -38.03 7.56 -16.35
N TYR B 411 -38.22 8.87 -16.37
CA TYR B 411 -37.95 9.70 -17.54
C TYR B 411 -36.61 10.42 -17.64
N GLY B 412 -35.95 10.22 -18.77
CA GLY B 412 -34.68 10.86 -19.07
C GLY B 412 -33.66 10.99 -17.96
N GLY B 413 -33.04 12.16 -17.89
CA GLY B 413 -32.02 12.41 -16.89
C GLY B 413 -32.44 12.14 -15.46
N SER B 414 -33.69 12.41 -15.13
CA SER B 414 -34.15 12.19 -13.76
C SER B 414 -34.07 10.72 -13.38
N TYR B 415 -34.24 9.84 -14.36
CA TYR B 415 -34.16 8.40 -14.13
C TYR B 415 -32.71 8.05 -13.85
N LEU B 416 -31.81 8.64 -14.62
CA LEU B 416 -30.39 8.39 -14.43
C LEU B 416 -29.98 8.91 -13.04
N ALA B 417 -30.56 10.02 -12.62
CA ALA B 417 -30.25 10.62 -11.32
C ALA B 417 -30.70 9.71 -10.18
N MET B 418 -31.61 8.80 -10.48
CA MET B 418 -32.12 7.87 -9.48
C MET B 418 -31.34 6.54 -9.52
N CYS B 419 -30.17 6.57 -10.15
CA CYS B 419 -29.28 5.42 -10.20
C CYS B 419 -29.69 4.16 -10.98
N ASN B 420 -29.49 4.19 -12.29
CA ASN B 420 -29.81 3.01 -13.08
C ASN B 420 -28.52 2.18 -13.21
N ARG B 421 -28.53 1.11 -14.00
CA ARG B 421 -27.32 0.29 -14.08
C ARG B 421 -26.10 1.05 -14.60
N ASP B 422 -26.33 2.04 -15.45
CA ASP B 422 -25.25 2.85 -16.00
C ASP B 422 -24.53 3.65 -14.94
N LEU B 423 -25.21 3.96 -13.83
CA LEU B 423 -24.56 4.69 -12.75
C LEU B 423 -24.11 3.72 -11.65
N GLY B 424 -24.06 2.44 -11.99
CA GLY B 424 -23.59 1.46 -11.03
C GLY B 424 -24.57 0.69 -10.18
N ALA B 425 -25.87 0.75 -10.47
CA ALA B 425 -26.82 -0.04 -9.69
C ALA B 425 -26.39 -1.49 -9.86
N ASP B 426 -26.37 -2.25 -8.77
CA ASP B 426 -25.96 -3.65 -8.84
C ASP B 426 -27.08 -4.58 -9.24
N ALA B 427 -28.31 -4.13 -9.04
CA ALA B 427 -29.50 -4.88 -9.41
C ALA B 427 -30.58 -3.85 -9.65
N VAL B 428 -31.32 -4.02 -10.75
CA VAL B 428 -32.40 -3.09 -11.06
C VAL B 428 -33.64 -3.94 -11.39
N TYR B 429 -34.76 -3.66 -10.71
CA TYR B 429 -35.99 -4.41 -11.00
C TYR B 429 -37.08 -3.46 -11.46
N ALA B 430 -37.91 -3.93 -12.38
CA ALA B 430 -39.01 -3.14 -12.89
C ALA B 430 -40.34 -3.77 -12.49
N TRP B 431 -41.25 -2.94 -11.97
CA TRP B 431 -42.58 -3.41 -11.62
C TRP B 431 -43.25 -3.45 -12.98
N PRO B 432 -44.43 -4.11 -13.08
CA PRO B 432 -45.10 -4.16 -14.39
C PRO B 432 -45.56 -2.79 -14.85
N SER B 433 -45.60 -1.84 -13.92
CA SER B 433 -46.00 -0.46 -14.25
C SER B 433 -44.82 0.43 -14.62
N ALA B 434 -43.61 -0.14 -14.58
CA ALA B 434 -42.39 0.61 -14.92
C ALA B 434 -42.50 1.28 -16.29
N GLU B 435 -42.07 2.54 -16.35
CA GLU B 435 -42.14 3.29 -17.58
C GLU B 435 -40.85 4.07 -17.83
N ILE B 436 -39.77 3.32 -18.08
CA ILE B 436 -38.45 3.90 -18.34
C ILE B 436 -38.44 4.49 -19.75
N ALA B 437 -38.23 5.79 -19.86
CA ALA B 437 -38.26 6.44 -21.16
C ALA B 437 -37.27 7.60 -21.28
N VAL B 438 -36.82 7.88 -22.49
CA VAL B 438 -35.90 8.99 -22.68
C VAL B 438 -36.72 10.27 -22.48
N MET B 439 -37.99 10.21 -22.88
CA MET B 439 -38.93 11.32 -22.71
C MET B 439 -40.34 10.78 -23.00
N GLY B 440 -41.36 11.53 -22.58
CA GLY B 440 -42.72 11.09 -22.81
C GLY B 440 -43.00 10.82 -24.27
N ALA B 441 -43.75 9.75 -24.53
CA ALA B 441 -44.09 9.36 -25.89
C ALA B 441 -44.73 10.53 -26.65
N GLU B 442 -45.54 11.31 -25.95
CA GLU B 442 -46.21 12.45 -26.56
C GLU B 442 -45.23 13.50 -27.06
N GLY B 443 -44.26 13.86 -26.23
CA GLY B 443 -43.29 14.85 -26.65
C GLY B 443 -42.32 14.28 -27.68
N ALA B 444 -42.00 13.01 -27.54
CA ALA B 444 -41.09 12.36 -28.47
C ALA B 444 -41.69 12.39 -29.87
N ALA B 445 -42.88 11.80 -30.01
CA ALA B 445 -43.57 11.74 -31.29
C ALA B 445 -43.60 13.13 -31.92
N ASN B 446 -44.07 14.10 -31.14
CA ASN B 446 -44.16 15.48 -31.60
C ASN B 446 -42.87 16.05 -32.15
N VAL B 447 -41.77 15.33 -32.02
CA VAL B 447 -40.50 15.82 -32.53
C VAL B 447 -40.03 15.02 -33.75
N ILE B 448 -40.12 13.71 -33.67
CA ILE B 448 -39.69 12.86 -34.76
C ILE B 448 -40.74 12.60 -35.83
N PHE B 449 -42.02 12.81 -35.49
CA PHE B 449 -43.11 12.59 -36.44
C PHE B 449 -43.93 13.85 -36.69
N ARG B 450 -43.31 15.01 -36.56
CA ARG B 450 -44.04 16.25 -36.77
C ARG B 450 -44.69 16.31 -38.15
N LYS B 451 -43.89 16.33 -39.20
CA LYS B 451 -44.43 16.40 -40.55
C LYS B 451 -45.33 15.21 -40.91
N GLU B 452 -44.94 14.01 -40.50
CA GLU B 452 -45.74 12.83 -40.80
C GLU B 452 -47.14 13.00 -40.19
N ILE B 453 -47.22 13.64 -39.03
CA ILE B 453 -48.50 13.87 -38.36
C ILE B 453 -49.22 15.02 -39.04
N LYS B 454 -48.46 16.06 -39.39
CA LYS B 454 -49.01 17.23 -40.07
C LYS B 454 -49.78 16.80 -41.32
N ALA B 455 -49.05 16.28 -42.30
CA ALA B 455 -49.65 15.82 -43.55
C ALA B 455 -50.41 14.51 -43.33
N ALA B 456 -51.56 14.60 -42.68
CA ALA B 456 -52.38 13.42 -42.41
C ALA B 456 -53.86 13.74 -42.53
N ASP B 457 -54.18 15.02 -42.67
CA ASP B 457 -55.56 15.48 -42.80
C ASP B 457 -56.42 15.06 -41.61
N ASP B 458 -55.79 14.40 -40.65
CA ASP B 458 -56.45 13.96 -39.42
C ASP B 458 -55.35 13.66 -38.39
N PRO B 459 -54.41 14.61 -38.22
CA PRO B 459 -53.29 14.49 -37.28
C PRO B 459 -53.67 13.98 -35.89
N ASP B 460 -54.91 14.22 -35.48
CA ASP B 460 -55.36 13.77 -34.17
C ASP B 460 -55.26 12.26 -34.05
N ALA B 461 -55.84 11.54 -35.01
CA ALA B 461 -55.79 10.09 -34.99
C ALA B 461 -54.38 9.63 -35.38
N MET B 462 -53.64 10.52 -36.04
CA MET B 462 -52.27 10.22 -36.45
C MET B 462 -51.36 10.37 -35.23
N ARG B 463 -51.56 11.46 -34.50
CA ARG B 463 -50.79 11.76 -33.29
C ARG B 463 -50.91 10.58 -32.33
N ALA B 464 -52.14 10.21 -32.01
CA ALA B 464 -52.40 9.12 -31.11
C ALA B 464 -51.71 7.84 -31.57
N GLU B 465 -51.69 7.61 -32.87
CA GLU B 465 -51.07 6.41 -33.42
C GLU B 465 -49.55 6.43 -33.23
N LYS B 466 -48.92 7.52 -33.65
CA LYS B 466 -47.48 7.64 -33.52
C LYS B 466 -47.09 7.65 -32.04
N ILE B 467 -47.90 8.30 -31.22
CA ILE B 467 -47.64 8.35 -29.78
C ILE B 467 -47.70 6.93 -29.21
N GLU B 468 -48.73 6.17 -29.59
CA GLU B 468 -48.88 4.80 -29.11
C GLU B 468 -47.74 3.93 -29.62
N GLU B 469 -47.36 4.15 -30.87
CA GLU B 469 -46.28 3.39 -31.50
C GLU B 469 -44.97 3.60 -30.75
N TYR B 470 -44.73 4.84 -30.34
CA TYR B 470 -43.52 5.17 -29.62
C TYR B 470 -43.56 4.52 -28.24
N GLN B 471 -44.67 4.70 -27.54
CA GLN B 471 -44.88 4.15 -26.21
C GLN B 471 -44.59 2.65 -26.15
N ASN B 472 -45.14 1.90 -27.11
CA ASN B 472 -44.96 0.46 -27.11
C ASN B 472 -43.60 0.00 -27.61
N ALA B 473 -42.93 0.86 -28.37
CA ALA B 473 -41.61 0.51 -28.91
C ALA B 473 -40.50 0.64 -27.88
N PHE B 474 -40.67 1.56 -26.93
CA PHE B 474 -39.62 1.80 -25.94
C PHE B 474 -40.00 1.81 -24.46
N ASN B 475 -41.17 2.36 -24.16
CA ASN B 475 -41.56 2.58 -22.78
C ASN B 475 -42.26 1.51 -21.91
N THR B 476 -42.13 0.24 -22.27
CA THR B 476 -42.73 -0.82 -21.46
C THR B 476 -41.62 -1.50 -20.67
N PRO B 477 -41.96 -2.14 -19.54
CA PRO B 477 -40.86 -2.79 -18.80
C PRO B 477 -40.20 -3.91 -19.59
N TYR B 478 -40.93 -4.49 -20.54
CA TYR B 478 -40.38 -5.57 -21.34
C TYR B 478 -39.28 -5.09 -22.28
N VAL B 479 -39.38 -3.85 -22.75
CA VAL B 479 -38.35 -3.33 -23.63
C VAL B 479 -37.12 -2.98 -22.77
N ALA B 480 -37.36 -2.42 -21.60
CA ALA B 480 -36.26 -2.09 -20.69
C ALA B 480 -35.54 -3.40 -20.36
N ALA B 481 -36.32 -4.44 -20.10
CA ALA B 481 -35.75 -5.75 -19.80
C ALA B 481 -35.06 -6.34 -21.04
N ALA B 482 -35.65 -6.12 -22.22
CA ALA B 482 -35.05 -6.63 -23.45
C ALA B 482 -33.64 -6.07 -23.65
N ARG B 483 -33.47 -4.80 -23.29
CA ARG B 483 -32.18 -4.11 -23.43
C ARG B 483 -31.21 -4.36 -22.26
N GLY B 484 -31.67 -5.04 -21.21
CA GLY B 484 -30.82 -5.32 -20.07
C GLY B 484 -30.75 -4.18 -19.06
N GLN B 485 -31.58 -3.16 -19.26
CA GLN B 485 -31.60 -2.03 -18.34
C GLN B 485 -32.19 -2.42 -16.99
N VAL B 486 -32.97 -3.50 -16.97
CA VAL B 486 -33.46 -4.02 -15.70
C VAL B 486 -33.12 -5.51 -15.74
N ASP B 487 -32.88 -6.09 -14.56
CA ASP B 487 -32.54 -7.52 -14.40
C ASP B 487 -33.72 -8.44 -14.66
N ASP B 488 -34.91 -7.95 -14.30
CA ASP B 488 -36.12 -8.74 -14.42
C ASP B 488 -37.31 -7.81 -14.23
N VAL B 489 -38.48 -8.24 -14.69
CA VAL B 489 -39.73 -7.51 -14.50
C VAL B 489 -40.30 -8.34 -13.36
N ILE B 490 -40.73 -7.70 -12.29
CA ILE B 490 -41.20 -8.44 -11.13
C ILE B 490 -42.62 -8.15 -10.68
N ASP B 491 -43.14 -9.07 -9.89
CA ASP B 491 -44.48 -8.95 -9.33
C ASP B 491 -44.25 -8.00 -8.14
N PRO B 492 -45.00 -6.89 -8.07
CA PRO B 492 -44.83 -5.96 -6.97
C PRO B 492 -44.84 -6.63 -5.60
N ALA B 493 -45.67 -7.66 -5.46
CA ALA B 493 -45.76 -8.37 -4.19
C ALA B 493 -44.44 -8.96 -3.74
N ASP B 494 -43.53 -9.22 -4.69
CA ASP B 494 -42.22 -9.80 -4.35
C ASP B 494 -41.09 -8.79 -4.10
N THR B 495 -41.42 -7.52 -4.09
CA THR B 495 -40.41 -6.47 -3.88
C THR B 495 -39.47 -6.67 -2.70
N ARG B 496 -40.00 -6.97 -1.53
CA ARG B 496 -39.14 -7.16 -0.35
C ARG B 496 -38.12 -8.29 -0.54
N ARG B 497 -38.58 -9.43 -1.03
CA ARG B 497 -37.68 -10.57 -1.25
C ARG B 497 -36.59 -10.24 -2.28
N LYS B 498 -36.99 -9.56 -3.34
CA LYS B 498 -36.03 -9.20 -4.39
C LYS B 498 -34.95 -8.28 -3.86
N ILE B 499 -35.36 -7.27 -3.09
CA ILE B 499 -34.40 -6.35 -2.50
C ILE B 499 -33.54 -7.09 -1.47
N ALA B 500 -34.17 -7.88 -0.60
CA ALA B 500 -33.43 -8.61 0.43
C ALA B 500 -32.40 -9.55 -0.17
N SER B 501 -32.79 -10.23 -1.24
CA SER B 501 -31.92 -11.18 -1.92
C SER B 501 -30.71 -10.46 -2.54
N ALA B 502 -30.97 -9.32 -3.15
CA ALA B 502 -29.89 -8.55 -3.77
C ALA B 502 -28.93 -8.03 -2.69
N LEU B 503 -29.46 -7.56 -1.57
CA LEU B 503 -28.59 -7.06 -0.50
C LEU B 503 -27.69 -8.18 0.04
N GLU B 504 -28.26 -9.36 0.18
CA GLU B 504 -27.52 -10.52 0.66
C GLU B 504 -26.39 -10.87 -0.31
N MET B 505 -26.70 -10.97 -1.60
CA MET B 505 -25.63 -11.32 -2.53
C MET B 505 -24.57 -10.24 -2.63
N TYR B 506 -24.96 -8.98 -2.60
CA TYR B 506 -23.95 -7.93 -2.71
C TYR B 506 -23.32 -7.52 -1.37
N ALA B 507 -23.64 -8.26 -0.31
CA ALA B 507 -23.07 -7.97 1.00
C ALA B 507 -21.55 -8.19 0.95
N THR B 508 -21.04 -8.84 -0.09
CA THR B 508 -19.60 -9.07 -0.21
C THR B 508 -19.01 -8.28 -1.36
N LYS B 509 -19.77 -7.31 -1.86
CA LYS B 509 -19.31 -6.45 -2.95
C LYS B 509 -18.04 -5.70 -2.57
N ARG B 510 -17.03 -5.75 -3.43
CA ARG B 510 -15.78 -5.03 -3.19
C ARG B 510 -15.50 -4.27 -4.48
N GLN B 511 -15.71 -2.96 -4.45
CA GLN B 511 -15.53 -2.11 -5.62
C GLN B 511 -14.64 -0.90 -5.30
N THR B 512 -13.72 -0.59 -6.20
CA THR B 512 -12.82 0.55 -5.99
C THR B 512 -12.90 1.60 -7.09
N ARG B 513 -12.33 2.77 -6.80
CA ARG B 513 -12.34 3.90 -7.73
C ARG B 513 -10.92 4.32 -8.11
N PRO B 514 -10.78 5.11 -9.19
CA PRO B 514 -9.46 5.57 -9.63
C PRO B 514 -8.83 6.38 -8.51
N ALA B 515 -7.50 6.40 -8.46
CA ALA B 515 -6.77 7.14 -7.42
C ALA B 515 -6.95 8.65 -7.60
N LYS B 516 -7.31 9.33 -6.53
CA LYS B 516 -7.50 10.78 -6.61
C LYS B 516 -7.62 11.30 -5.18
N LYS B 517 -7.32 12.58 -4.99
CA LYS B 517 -7.46 13.17 -3.66
C LYS B 517 -8.95 13.12 -3.39
N HIS B 518 -9.71 13.51 -4.42
CA HIS B 518 -11.17 13.54 -4.39
C HIS B 518 -11.65 13.97 -5.78
N GLY B 519 -12.90 13.70 -6.07
CA GLY B 519 -13.43 14.11 -7.35
C GLY B 519 -13.83 15.56 -7.17
N ASN B 520 -14.43 16.15 -8.18
CA ASN B 520 -14.85 17.55 -8.06
C ASN B 520 -16.38 17.64 -7.93
N PHE B 521 -16.85 17.46 -6.70
CA PHE B 521 -18.29 17.48 -6.38
C PHE B 521 -18.93 18.81 -6.75
N PRO B 522 -20.03 18.78 -7.50
CA PRO B 522 -20.70 20.03 -7.89
C PRO B 522 -21.10 20.89 -6.71
N CYS B 523 -21.03 22.20 -6.90
CA CYS B 523 -21.42 23.16 -5.86
C CYS B 523 -22.75 23.82 -6.24
N LEU C 8 -50.13 -4.05 -22.72
CA LEU C 8 -50.11 -4.18 -21.24
C LEU C 8 -51.55 -4.27 -20.70
N ALA C 9 -51.76 -5.20 -19.77
CA ALA C 9 -53.07 -5.40 -19.15
C ALA C 9 -53.61 -4.09 -18.60
N SER C 10 -54.83 -4.12 -18.07
CA SER C 10 -55.48 -2.92 -17.54
C SER C 10 -55.26 -2.68 -16.06
N THR C 11 -54.93 -3.72 -15.32
CA THR C 11 -54.71 -3.57 -13.88
C THR C 11 -53.39 -4.20 -13.48
N MET C 12 -52.96 -3.97 -12.25
CA MET C 12 -51.70 -4.54 -11.78
C MET C 12 -51.83 -6.05 -11.67
N GLU C 13 -52.90 -6.51 -11.01
CA GLU C 13 -53.14 -7.94 -10.87
C GLU C 13 -53.09 -8.59 -12.24
N GLY C 14 -53.74 -7.94 -13.21
CA GLY C 14 -53.76 -8.46 -14.57
C GLY C 14 -52.41 -8.43 -15.26
N ARG C 15 -51.61 -7.42 -14.94
CA ARG C 15 -50.29 -7.32 -15.56
C ARG C 15 -49.38 -8.37 -14.92
N VAL C 16 -49.66 -8.72 -13.68
CA VAL C 16 -48.87 -9.73 -12.99
C VAL C 16 -49.15 -11.09 -13.62
N GLU C 17 -50.39 -11.32 -14.03
CA GLU C 17 -50.74 -12.60 -14.65
C GLU C 17 -50.06 -12.66 -16.01
N GLN C 18 -50.09 -11.53 -16.74
CA GLN C 18 -49.49 -11.43 -18.05
C GLN C 18 -47.98 -11.73 -17.96
N LEU C 19 -47.35 -11.16 -16.93
CA LEU C 19 -45.92 -11.36 -16.69
C LEU C 19 -45.63 -12.85 -16.51
N ALA C 20 -46.48 -13.53 -15.75
CA ALA C 20 -46.31 -14.97 -15.53
C ALA C 20 -46.37 -15.75 -16.84
N GLU C 21 -47.37 -15.47 -17.66
CA GLU C 21 -47.53 -16.17 -18.94
C GLU C 21 -46.33 -15.92 -19.83
N GLN C 22 -45.87 -14.67 -19.87
CA GLN C 22 -44.72 -14.30 -20.68
C GLN C 22 -43.47 -15.01 -20.18
N ARG C 23 -43.29 -15.07 -18.87
CA ARG C 23 -42.11 -15.74 -18.32
C ARG C 23 -42.19 -17.22 -18.66
N GLN C 24 -43.39 -17.80 -18.60
CA GLN C 24 -43.53 -19.22 -18.94
C GLN C 24 -43.09 -19.51 -20.38
N VAL C 25 -43.40 -18.59 -21.28
CA VAL C 25 -43.00 -18.76 -22.68
C VAL C 25 -41.48 -18.75 -22.80
N ILE C 26 -40.83 -17.81 -22.11
CA ILE C 26 -39.37 -17.71 -22.14
C ILE C 26 -38.74 -19.01 -21.65
N GLU C 27 -39.19 -19.48 -20.49
CA GLU C 27 -38.65 -20.68 -19.88
C GLU C 27 -38.88 -21.95 -20.68
N ALA C 28 -39.81 -21.90 -21.64
CA ALA C 28 -40.08 -23.06 -22.48
C ALA C 28 -38.97 -23.22 -23.52
N GLY C 29 -38.13 -22.20 -23.63
CA GLY C 29 -37.03 -22.26 -24.57
C GLY C 29 -37.44 -22.48 -26.02
N GLY C 30 -36.81 -23.45 -26.66
CA GLY C 30 -37.11 -23.73 -28.06
C GLY C 30 -38.41 -24.46 -28.32
N GLY C 31 -39.20 -24.70 -27.26
CA GLY C 31 -40.47 -25.39 -27.43
C GLY C 31 -40.45 -26.85 -27.03
N GLU C 32 -41.63 -27.40 -26.77
CA GLU C 32 -41.78 -28.79 -26.35
C GLU C 32 -41.08 -29.82 -27.22
N ARG C 33 -41.23 -29.70 -28.54
CA ARG C 33 -40.61 -30.65 -29.44
C ARG C 33 -39.10 -30.71 -29.25
N ARG C 34 -38.45 -29.55 -29.22
CA ARG C 34 -37.00 -29.49 -29.06
C ARG C 34 -36.53 -29.97 -27.69
N VAL C 35 -37.38 -29.78 -26.69
CA VAL C 35 -37.09 -30.20 -25.31
C VAL C 35 -37.19 -31.73 -25.24
N GLU C 36 -38.18 -32.29 -25.93
CA GLU C 36 -38.32 -33.74 -25.93
C GLU C 36 -37.12 -34.36 -26.62
N LYS C 37 -36.61 -33.68 -27.65
CA LYS C 37 -35.44 -34.18 -28.37
C LYS C 37 -34.22 -34.16 -27.44
N GLN C 38 -34.07 -33.06 -26.70
CA GLN C 38 -32.97 -32.92 -25.76
C GLN C 38 -33.03 -34.08 -24.76
N HIS C 39 -34.20 -34.31 -24.17
CA HIS C 39 -34.40 -35.42 -23.23
C HIS C 39 -34.17 -36.77 -23.89
N SER C 40 -34.63 -36.95 -25.12
CA SER C 40 -34.45 -38.22 -25.81
C SER C 40 -32.97 -38.51 -26.00
N GLN C 41 -32.14 -37.46 -26.07
CA GLN C 41 -30.71 -37.65 -26.23
C GLN C 41 -30.05 -37.87 -24.88
N GLY C 42 -30.89 -37.97 -23.84
CA GLY C 42 -30.39 -38.20 -22.49
C GLY C 42 -29.75 -36.99 -21.84
N LYS C 43 -30.23 -35.80 -22.21
CA LYS C 43 -29.70 -34.54 -21.68
C LYS C 43 -30.78 -33.79 -20.90
N GLN C 44 -30.39 -33.10 -19.83
CA GLN C 44 -31.35 -32.31 -19.08
C GLN C 44 -31.39 -30.96 -19.83
N THR C 45 -32.40 -30.15 -19.59
CA THR C 45 -32.50 -28.83 -20.25
C THR C 45 -31.61 -27.86 -19.45
N ALA C 46 -31.33 -26.69 -20.01
CA ALA C 46 -30.50 -25.70 -19.32
C ALA C 46 -31.08 -25.36 -17.95
N ARG C 47 -32.40 -25.24 -17.88
CA ARG C 47 -33.05 -24.89 -16.63
C ARG C 47 -33.13 -26.03 -15.63
N GLU C 48 -33.16 -27.26 -16.12
CA GLU C 48 -33.18 -28.42 -15.25
C GLU C 48 -31.81 -28.53 -14.59
N ARG C 49 -30.76 -28.28 -15.38
CA ARG C 49 -29.39 -28.38 -14.85
C ARG C 49 -29.16 -27.40 -13.71
N LEU C 50 -29.59 -26.16 -13.87
CA LEU C 50 -29.43 -25.17 -12.81
C LEU C 50 -30.29 -25.58 -11.62
N ASN C 51 -31.51 -26.01 -11.90
CA ASN C 51 -32.39 -26.41 -10.82
C ASN C 51 -31.86 -27.59 -10.01
N ASN C 52 -31.12 -28.49 -10.65
CA ASN C 52 -30.57 -29.65 -9.96
C ASN C 52 -29.29 -29.29 -9.19
N LEU C 53 -28.48 -28.41 -9.78
CA LEU C 53 -27.23 -27.98 -9.17
C LEU C 53 -27.42 -27.10 -7.94
N LEU C 54 -28.26 -26.07 -8.08
CA LEU C 54 -28.48 -25.11 -7.02
C LEU C 54 -29.45 -25.58 -5.93
N ASP C 55 -29.33 -25.02 -4.74
CA ASP C 55 -30.24 -25.40 -3.67
C ASP C 55 -31.66 -25.09 -4.10
N PRO C 56 -32.64 -25.91 -3.67
CA PRO C 56 -34.04 -25.72 -4.03
C PRO C 56 -34.49 -24.27 -3.92
N HIS C 57 -35.08 -23.77 -4.99
CA HIS C 57 -35.60 -22.41 -5.05
C HIS C 57 -34.62 -21.27 -4.76
N SER C 58 -33.32 -21.51 -4.89
CA SER C 58 -32.36 -20.46 -4.62
C SER C 58 -32.02 -19.66 -5.87
N PHE C 59 -32.32 -20.23 -7.04
CA PHE C 59 -31.99 -19.53 -8.28
C PHE C 59 -32.68 -18.19 -8.46
N ASP C 60 -31.88 -17.16 -8.66
CA ASP C 60 -32.34 -15.80 -8.88
C ASP C 60 -31.87 -15.42 -10.28
N GLU C 61 -32.79 -15.42 -11.24
CA GLU C 61 -32.42 -15.15 -12.63
C GLU C 61 -32.29 -13.72 -13.08
N VAL C 62 -31.25 -13.46 -13.87
CA VAL C 62 -31.03 -12.14 -14.42
C VAL C 62 -31.12 -12.26 -15.94
N GLY C 63 -31.91 -11.39 -16.57
CA GLY C 63 -32.01 -11.43 -18.01
C GLY C 63 -32.92 -12.45 -18.71
N ALA C 64 -33.92 -12.97 -18.01
CA ALA C 64 -34.83 -13.92 -18.67
C ALA C 64 -35.43 -13.19 -19.88
N PHE C 65 -35.79 -11.92 -19.69
CA PHE C 65 -36.38 -11.15 -20.78
C PHE C 65 -35.40 -10.40 -21.68
N ARG C 66 -34.12 -10.67 -21.52
CA ARG C 66 -33.09 -10.01 -22.34
C ARG C 66 -33.24 -10.50 -23.78
N LYS C 67 -33.10 -9.60 -24.75
CA LYS C 67 -33.23 -9.99 -26.16
C LYS C 67 -32.05 -9.56 -27.02
N HIS C 68 -31.83 -10.27 -28.13
CA HIS C 68 -30.76 -9.94 -29.04
C HIS C 68 -31.15 -8.66 -29.76
N ARG C 69 -30.16 -7.92 -30.26
CA ARG C 69 -30.42 -6.69 -30.98
C ARG C 69 -29.95 -6.82 -32.42
N THR C 70 -29.42 -7.99 -32.76
CA THR C 70 -28.91 -8.25 -34.09
C THR C 70 -30.08 -8.35 -35.05
N THR C 71 -29.85 -8.06 -36.33
CA THR C 71 -30.94 -8.07 -37.30
C THR C 71 -30.67 -8.76 -38.64
N LEU C 72 -29.41 -9.02 -38.94
CA LEU C 72 -29.05 -9.65 -40.21
C LEU C 72 -29.35 -11.13 -40.32
N PHE C 73 -29.53 -11.58 -41.56
CA PHE C 73 -29.78 -12.98 -41.85
C PHE C 73 -30.87 -13.64 -41.03
N GLY C 74 -32.01 -12.96 -40.92
CA GLY C 74 -33.14 -13.49 -40.20
C GLY C 74 -33.25 -13.14 -38.73
N MET C 75 -32.21 -12.54 -38.16
CA MET C 75 -32.28 -12.22 -36.74
C MET C 75 -33.35 -11.18 -36.42
N ASP C 76 -33.65 -10.30 -37.37
CA ASP C 76 -34.67 -9.29 -37.10
C ASP C 76 -36.02 -9.92 -36.77
N LYS C 77 -36.30 -11.09 -37.35
CA LYS C 77 -37.56 -11.77 -37.11
C LYS C 77 -37.49 -12.95 -36.14
N ALA C 78 -36.28 -13.37 -35.78
CA ALA C 78 -36.11 -14.50 -34.87
C ALA C 78 -36.51 -14.25 -33.41
N VAL C 79 -37.18 -15.24 -32.83
CA VAL C 79 -37.60 -15.19 -31.43
C VAL C 79 -36.61 -16.12 -30.73
N VAL C 80 -35.74 -15.52 -29.91
CA VAL C 80 -34.66 -16.26 -29.25
C VAL C 80 -34.64 -16.05 -27.74
N PRO C 81 -35.48 -16.80 -27.01
CA PRO C 81 -35.62 -16.73 -25.55
C PRO C 81 -34.30 -16.65 -24.78
N ALA C 82 -34.17 -15.61 -23.95
CA ALA C 82 -33.00 -15.37 -23.09
C ALA C 82 -31.69 -15.38 -23.88
N ASP C 83 -31.84 -15.25 -25.18
CA ASP C 83 -30.77 -15.33 -26.17
C ASP C 83 -29.99 -16.63 -26.07
N GLY C 84 -30.66 -17.66 -25.54
CA GLY C 84 -30.02 -18.96 -25.46
C GLY C 84 -29.24 -19.30 -24.21
N VAL C 85 -29.22 -18.41 -23.22
CA VAL C 85 -28.49 -18.75 -22.00
C VAL C 85 -29.28 -18.29 -20.79
N VAL C 86 -29.21 -19.09 -19.72
CA VAL C 86 -29.90 -18.77 -18.49
C VAL C 86 -28.80 -18.43 -17.51
N THR C 87 -28.86 -17.21 -16.98
CA THR C 87 -27.85 -16.71 -16.05
C THR C 87 -28.44 -16.16 -14.75
N GLY C 88 -27.70 -16.26 -13.66
CA GLY C 88 -28.19 -15.75 -12.40
C GLY C 88 -27.34 -16.17 -11.23
N ARG C 89 -27.89 -16.03 -10.04
CA ARG C 89 -27.17 -16.42 -8.83
C ARG C 89 -28.03 -17.36 -8.01
N GLY C 90 -27.38 -18.17 -7.18
CA GLY C 90 -28.11 -19.09 -6.32
C GLY C 90 -27.17 -19.51 -5.22
N THR C 91 -27.45 -20.64 -4.58
CA THR C 91 -26.58 -21.15 -3.53
C THR C 91 -26.38 -22.64 -3.70
N ILE C 92 -25.26 -23.14 -3.19
CA ILE C 92 -24.95 -24.56 -3.22
C ILE C 92 -24.55 -24.85 -1.79
N LEU C 93 -25.39 -25.62 -1.08
CA LEU C 93 -25.17 -25.92 0.32
C LEU C 93 -24.99 -24.61 1.09
N GLY C 94 -25.84 -23.64 0.73
CA GLY C 94 -25.81 -22.35 1.41
C GLY C 94 -24.78 -21.33 0.92
N ARG C 95 -23.83 -21.78 0.10
CA ARG C 95 -22.80 -20.89 -0.41
C ARG C 95 -23.26 -20.16 -1.68
N PRO C 96 -23.17 -18.82 -1.68
CA PRO C 96 -23.59 -18.05 -2.86
C PRO C 96 -22.69 -18.37 -4.05
N VAL C 97 -23.28 -18.55 -5.23
CA VAL C 97 -22.52 -18.81 -6.45
C VAL C 97 -23.25 -18.11 -7.60
N HIS C 98 -22.55 -17.93 -8.71
CA HIS C 98 -23.17 -17.35 -9.90
C HIS C 98 -23.08 -18.46 -10.93
N ALA C 99 -24.02 -18.53 -11.85
CA ALA C 99 -24.01 -19.61 -12.82
C ALA C 99 -24.63 -19.24 -14.16
N ALA C 100 -24.25 -19.98 -15.19
CA ALA C 100 -24.78 -19.77 -16.54
C ALA C 100 -25.08 -21.18 -17.09
N SER C 101 -26.02 -21.27 -18.01
CA SER C 101 -26.40 -22.57 -18.57
C SER C 101 -26.98 -22.38 -19.98
N GLN C 102 -26.24 -22.79 -21.01
CA GLN C 102 -26.69 -22.65 -22.39
C GLN C 102 -27.88 -23.54 -22.70
N ASP C 103 -28.81 -22.99 -23.48
CA ASP C 103 -30.03 -23.68 -23.87
C ASP C 103 -29.92 -24.10 -25.34
N PHE C 104 -29.61 -25.38 -25.56
CA PHE C 104 -29.44 -25.93 -26.90
C PHE C 104 -30.68 -25.91 -27.77
N THR C 105 -31.85 -25.89 -27.14
CA THR C 105 -33.10 -25.88 -27.87
C THR C 105 -33.33 -24.56 -28.58
N VAL C 106 -32.55 -23.55 -28.20
CA VAL C 106 -32.68 -22.25 -28.83
C VAL C 106 -31.52 -22.01 -29.79
N MET C 107 -31.81 -22.11 -31.08
CA MET C 107 -30.78 -21.93 -32.10
C MET C 107 -29.51 -22.72 -31.78
N GLY C 108 -29.70 -23.99 -31.43
CA GLY C 108 -28.57 -24.87 -31.10
C GLY C 108 -27.63 -24.31 -30.04
N GLY C 109 -28.16 -23.54 -29.12
CA GLY C 109 -27.33 -22.95 -28.08
C GLY C 109 -26.24 -22.04 -28.65
N SER C 110 -26.34 -21.68 -29.93
CA SER C 110 -25.34 -20.82 -30.55
C SER C 110 -25.17 -19.58 -29.70
N ALA C 111 -23.93 -19.13 -29.58
CA ALA C 111 -23.62 -17.98 -28.75
C ALA C 111 -23.84 -16.61 -29.39
N GLY C 112 -25.03 -16.05 -29.19
CA GLY C 112 -25.32 -14.73 -29.71
C GLY C 112 -24.52 -13.68 -28.94
N GLU C 113 -24.40 -12.51 -29.54
CA GLU C 113 -23.67 -11.40 -28.92
C GLU C 113 -24.26 -11.11 -27.53
N THR C 114 -25.58 -11.06 -27.47
CA THR C 114 -26.24 -10.77 -26.21
C THR C 114 -26.04 -11.89 -25.20
N GLN C 115 -26.07 -13.13 -25.69
CA GLN C 115 -25.86 -14.29 -24.83
C GLN C 115 -24.51 -14.12 -24.13
N SER C 116 -23.47 -13.82 -24.91
CA SER C 116 -22.14 -13.63 -24.35
C SER C 116 -22.07 -12.47 -23.37
N THR C 117 -22.81 -11.39 -23.65
CA THR C 117 -22.83 -10.24 -22.74
C THR C 117 -23.44 -10.67 -21.41
N LYS C 118 -24.53 -11.42 -21.46
CA LYS C 118 -25.17 -11.92 -20.25
C LYS C 118 -24.21 -12.78 -19.45
N VAL C 119 -23.46 -13.63 -20.15
CA VAL C 119 -22.51 -14.49 -19.47
C VAL C 119 -21.40 -13.66 -18.84
N VAL C 120 -20.87 -12.70 -19.59
CA VAL C 120 -19.80 -11.87 -19.04
C VAL C 120 -20.30 -11.03 -17.87
N GLU C 121 -21.54 -10.57 -17.93
CA GLU C 121 -22.06 -9.77 -16.82
C GLU C 121 -22.13 -10.60 -15.55
N THR C 122 -22.55 -11.86 -15.69
CA THR C 122 -22.66 -12.77 -14.56
C THR C 122 -21.27 -13.07 -13.99
N MET C 123 -20.30 -13.19 -14.89
CA MET C 123 -18.93 -13.45 -14.46
C MET C 123 -18.43 -12.24 -13.66
N GLU C 124 -18.68 -11.04 -14.17
CA GLU C 124 -18.27 -9.83 -13.47
C GLU C 124 -18.95 -9.74 -12.10
N GLN C 125 -20.18 -10.20 -11.98
CA GLN C 125 -20.86 -10.17 -10.68
C GLN C 125 -20.19 -11.17 -9.75
N ALA C 126 -19.78 -12.32 -10.28
CA ALA C 126 -19.11 -13.32 -9.46
C ALA C 126 -17.80 -12.74 -8.94
N LEU C 127 -17.10 -12.01 -9.79
CA LEU C 127 -15.83 -11.40 -9.39
C LEU C 127 -16.05 -10.31 -8.37
N LEU C 128 -16.99 -9.43 -8.69
CA LEU C 128 -17.32 -8.32 -7.82
C LEU C 128 -17.68 -8.78 -6.41
N THR C 129 -18.44 -9.87 -6.32
CA THR C 129 -18.87 -10.39 -5.01
C THR C 129 -18.01 -11.50 -4.42
N GLY C 130 -17.02 -11.95 -5.16
CA GLY C 130 -16.16 -13.01 -4.64
C GLY C 130 -16.78 -14.38 -4.52
N THR C 131 -17.58 -14.79 -5.49
CA THR C 131 -18.20 -16.11 -5.43
C THR C 131 -17.79 -16.94 -6.62
N PRO C 132 -17.90 -18.27 -6.49
CA PRO C 132 -17.56 -19.20 -7.55
C PRO C 132 -18.44 -18.96 -8.76
N PHE C 133 -17.97 -19.37 -9.93
CA PHE C 133 -18.74 -19.23 -11.15
C PHE C 133 -18.82 -20.59 -11.87
N LEU C 134 -20.04 -21.08 -12.10
CA LEU C 134 -20.23 -22.37 -12.78
C LEU C 134 -20.98 -22.17 -14.11
N PHE C 135 -20.60 -22.93 -15.14
CA PHE C 135 -21.20 -22.76 -16.48
C PHE C 135 -21.44 -24.09 -17.19
N PHE C 136 -22.68 -24.37 -17.57
CA PHE C 136 -23.02 -25.59 -18.33
C PHE C 136 -22.99 -25.18 -19.79
N TYR C 137 -22.09 -25.77 -20.57
CA TYR C 137 -21.97 -25.51 -22.00
C TYR C 137 -22.73 -26.58 -22.82
N ASP C 138 -23.42 -26.12 -23.86
CA ASP C 138 -24.22 -27.00 -24.72
C ASP C 138 -24.52 -26.09 -25.91
N SER C 139 -23.60 -26.04 -26.87
CA SER C 139 -23.75 -25.09 -27.97
C SER C 139 -23.02 -25.36 -29.28
N GLY C 140 -23.55 -24.78 -30.35
CA GLY C 140 -22.95 -24.93 -31.66
C GLY C 140 -21.84 -23.92 -31.88
N GLY C 141 -21.54 -23.11 -30.87
CA GLY C 141 -20.49 -22.10 -31.02
C GLY C 141 -21.03 -20.72 -31.30
N ALA C 142 -20.17 -19.81 -31.77
CA ALA C 142 -20.61 -18.44 -32.06
C ALA C 142 -21.74 -18.47 -33.08
N ARG C 143 -22.77 -17.66 -32.85
CA ARG C 143 -23.92 -17.60 -33.73
C ARG C 143 -23.50 -17.04 -35.07
N ILE C 144 -23.51 -17.91 -36.09
CA ILE C 144 -23.06 -17.57 -37.42
C ILE C 144 -23.78 -16.40 -38.09
N GLN C 145 -25.08 -16.27 -37.86
CA GLN C 145 -25.85 -15.17 -38.45
C GLN C 145 -25.41 -13.79 -37.94
N GLU C 146 -24.71 -13.74 -36.81
CA GLU C 146 -24.30 -12.45 -36.26
C GLU C 146 -22.86 -12.08 -36.57
N GLY C 147 -22.24 -12.89 -37.41
CA GLY C 147 -20.87 -12.61 -37.84
C GLY C 147 -19.92 -12.08 -36.78
N ILE C 148 -19.29 -10.94 -37.07
CA ILE C 148 -18.32 -10.40 -36.13
C ILE C 148 -18.90 -9.95 -34.80
N ASP C 149 -20.22 -9.83 -34.71
CA ASP C 149 -20.83 -9.42 -33.43
C ASP C 149 -20.72 -10.56 -32.42
N SER C 150 -21.01 -11.78 -32.86
CA SER C 150 -20.90 -12.94 -31.97
C SER C 150 -19.44 -13.21 -31.68
N LEU C 151 -18.57 -12.92 -32.67
CA LEU C 151 -17.12 -13.09 -32.52
C LEU C 151 -16.62 -12.22 -31.36
N SER C 152 -17.01 -10.95 -31.37
CA SER C 152 -16.60 -10.01 -30.32
C SER C 152 -17.06 -10.53 -28.95
N GLY C 153 -18.26 -11.10 -28.91
CA GLY C 153 -18.76 -11.64 -27.67
C GLY C 153 -17.81 -12.67 -27.08
N TYR C 154 -17.28 -13.56 -27.90
CA TYR C 154 -16.36 -14.56 -27.41
C TYR C 154 -15.08 -13.88 -26.91
N GLY C 155 -14.63 -12.86 -27.64
CA GLY C 155 -13.43 -12.16 -27.20
C GLY C 155 -13.64 -11.65 -25.79
N LYS C 156 -14.80 -11.06 -25.52
CA LYS C 156 -15.09 -10.55 -24.17
C LYS C 156 -15.19 -11.65 -23.13
N MET C 157 -15.70 -12.82 -23.54
CA MET C 157 -15.84 -13.93 -22.59
C MET C 157 -14.47 -14.47 -22.19
N PHE C 158 -13.59 -14.70 -23.17
CA PHE C 158 -12.25 -15.24 -22.86
C PHE C 158 -11.49 -14.27 -21.97
N PHE C 159 -11.58 -12.99 -22.27
CA PHE C 159 -10.90 -11.98 -21.47
C PHE C 159 -11.42 -12.06 -20.04
N ALA C 160 -12.74 -12.24 -19.89
CA ALA C 160 -13.32 -12.33 -18.55
C ALA C 160 -12.88 -13.60 -17.83
N ASN C 161 -12.78 -14.72 -18.54
CA ASN C 161 -12.32 -15.94 -17.87
C ASN C 161 -10.94 -15.68 -17.26
N VAL C 162 -10.10 -14.96 -17.99
CA VAL C 162 -8.75 -14.67 -17.52
C VAL C 162 -8.75 -13.70 -16.35
N LYS C 163 -9.67 -12.74 -16.37
CA LYS C 163 -9.80 -11.75 -15.30
C LYS C 163 -10.14 -12.48 -13.99
N LEU C 164 -11.07 -13.43 -14.06
CA LEU C 164 -11.48 -14.19 -12.89
C LEU C 164 -10.47 -15.25 -12.45
N SER C 165 -9.56 -15.63 -13.35
CA SER C 165 -8.60 -16.69 -13.04
C SER C 165 -7.74 -16.45 -11.79
N GLY C 166 -7.80 -17.40 -10.85
CA GLY C 166 -7.04 -17.27 -9.63
C GLY C 166 -7.71 -16.36 -8.62
N VAL C 167 -8.89 -15.84 -8.96
CA VAL C 167 -9.65 -14.97 -8.06
C VAL C 167 -10.87 -15.72 -7.50
N VAL C 168 -11.73 -16.23 -8.37
CA VAL C 168 -12.85 -17.04 -7.92
C VAL C 168 -12.80 -18.35 -8.70
N PRO C 169 -13.12 -19.48 -8.06
CA PRO C 169 -13.07 -20.76 -8.78
C PRO C 169 -14.04 -20.77 -9.95
N GLN C 170 -13.57 -21.29 -11.09
CA GLN C 170 -14.42 -21.38 -12.29
C GLN C 170 -14.54 -22.84 -12.70
N ILE C 171 -15.77 -23.34 -12.77
CA ILE C 171 -16.02 -24.73 -13.13
C ILE C 171 -16.85 -24.79 -14.41
N ALA C 172 -16.36 -25.57 -15.37
CA ALA C 172 -17.04 -25.75 -16.65
C ALA C 172 -17.62 -27.15 -16.73
N ILE C 173 -18.87 -27.25 -17.14
CA ILE C 173 -19.51 -28.55 -17.30
C ILE C 173 -19.95 -28.61 -18.76
N ILE C 174 -19.31 -29.47 -19.55
CA ILE C 174 -19.67 -29.59 -20.97
C ILE C 174 -20.75 -30.66 -20.97
N ALA C 175 -21.95 -30.27 -21.39
CA ALA C 175 -23.08 -31.18 -21.35
C ALA C 175 -23.76 -31.41 -22.68
N GLY C 176 -23.06 -31.05 -23.76
CA GLY C 176 -23.58 -31.22 -25.10
C GLY C 176 -22.45 -30.81 -26.01
N PRO C 177 -22.76 -30.38 -27.24
CA PRO C 177 -21.75 -29.95 -28.20
C PRO C 177 -21.03 -28.72 -27.64
N CYS C 178 -19.84 -28.47 -28.16
CA CYS C 178 -19.03 -27.30 -27.80
C CYS C 178 -18.12 -27.21 -28.99
N ALA C 179 -18.73 -26.83 -30.11
CA ALA C 179 -18.08 -26.75 -31.41
C ALA C 179 -17.23 -25.54 -31.78
N GLY C 180 -15.91 -25.71 -31.74
CA GLY C 180 -15.02 -24.64 -32.13
C GLY C 180 -14.39 -23.84 -31.02
N GLY C 181 -13.98 -22.62 -31.35
CA GLY C 181 -13.34 -21.73 -30.40
C GLY C 181 -14.01 -21.58 -29.05
N ALA C 182 -15.30 -21.89 -28.98
CA ALA C 182 -16.01 -21.78 -27.71
C ALA C 182 -15.29 -22.60 -26.66
N SER C 183 -14.67 -23.68 -27.10
CA SER C 183 -13.94 -24.59 -26.22
C SER C 183 -12.87 -23.89 -25.42
N TYR C 184 -12.41 -22.73 -25.88
CA TYR C 184 -11.35 -22.03 -25.16
C TYR C 184 -11.83 -21.45 -23.82
N SER C 185 -13.14 -21.26 -23.66
CA SER C 185 -13.65 -20.72 -22.39
C SER C 185 -13.42 -21.83 -21.35
N PRO C 186 -13.90 -23.05 -21.61
CA PRO C 186 -13.67 -24.12 -20.64
C PRO C 186 -12.17 -24.25 -20.32
N ALA C 187 -11.32 -24.12 -21.35
CA ALA C 187 -9.87 -24.22 -21.14
C ALA C 187 -9.37 -23.17 -20.14
N LEU C 188 -9.98 -21.99 -20.16
CA LEU C 188 -9.57 -20.90 -19.29
C LEU C 188 -10.17 -20.97 -17.89
N THR C 189 -11.16 -21.85 -17.69
CA THR C 189 -11.73 -21.99 -16.35
C THR C 189 -10.78 -22.94 -15.60
N ASP C 190 -11.09 -23.31 -14.37
CA ASP C 190 -10.17 -24.19 -13.64
C ASP C 190 -10.41 -25.67 -13.83
N PHE C 191 -11.66 -26.10 -13.89
CA PHE C 191 -11.95 -27.51 -14.06
C PHE C 191 -13.05 -27.73 -15.08
N ILE C 192 -12.85 -28.73 -15.92
CA ILE C 192 -13.86 -29.07 -16.90
C ILE C 192 -14.44 -30.44 -16.56
N ILE C 193 -15.77 -30.50 -16.44
CA ILE C 193 -16.45 -31.78 -16.19
C ILE C 193 -17.16 -32.02 -17.52
N MET C 194 -16.98 -33.21 -18.10
CA MET C 194 -17.57 -33.53 -19.39
C MET C 194 -18.45 -34.78 -19.30
N THR C 195 -19.68 -34.72 -19.80
CA THR C 195 -20.55 -35.90 -19.75
C THR C 195 -20.32 -36.73 -21.01
N LYS C 196 -20.91 -37.92 -21.04
CA LYS C 196 -20.76 -38.82 -22.18
C LYS C 196 -21.61 -38.38 -23.36
N LYS C 197 -22.43 -37.36 -23.15
CA LYS C 197 -23.27 -36.85 -24.23
C LYS C 197 -22.67 -35.59 -24.83
N ALA C 198 -21.49 -35.20 -24.35
CA ALA C 198 -20.84 -33.99 -24.80
C ALA C 198 -19.71 -34.23 -25.77
N HIS C 199 -19.40 -33.18 -26.53
CA HIS C 199 -18.31 -33.21 -27.48
C HIS C 199 -17.64 -31.84 -27.46
N MET C 200 -16.34 -31.84 -27.76
CA MET C 200 -15.60 -30.60 -27.74
C MET C 200 -14.41 -30.72 -28.67
N PHE C 201 -14.17 -29.68 -29.46
CA PHE C 201 -13.05 -29.63 -30.40
C PHE C 201 -12.93 -28.26 -31.05
N ILE C 202 -11.72 -27.92 -31.48
CA ILE C 202 -11.47 -26.63 -32.11
C ILE C 202 -11.91 -26.71 -33.58
N THR C 203 -11.58 -27.81 -34.25
CA THR C 203 -11.99 -28.00 -35.65
C THR C 203 -12.80 -29.30 -35.74
N GLY C 204 -13.98 -29.21 -36.33
CA GLY C 204 -14.85 -30.37 -36.47
C GLY C 204 -14.36 -31.48 -37.40
N PRO C 205 -14.94 -32.68 -37.29
CA PRO C 205 -14.58 -33.84 -38.11
C PRO C 205 -14.72 -33.60 -39.62
N GLN C 206 -15.78 -32.91 -40.01
CA GLN C 206 -16.01 -32.63 -41.42
C GLN C 206 -14.94 -31.73 -42.00
N VAL C 207 -14.61 -30.66 -41.30
CA VAL C 207 -13.60 -29.73 -41.77
C VAL C 207 -12.25 -30.44 -41.78
N ILE C 208 -12.03 -31.32 -40.81
CA ILE C 208 -10.78 -32.06 -40.74
C ILE C 208 -10.68 -32.93 -41.98
N LYS C 209 -11.77 -33.60 -42.32
CA LYS C 209 -11.78 -34.45 -43.50
C LYS C 209 -11.49 -33.64 -44.76
N SER C 210 -12.19 -32.52 -44.92
CA SER C 210 -12.02 -31.67 -46.10
C SER C 210 -10.61 -31.12 -46.29
N VAL C 211 -9.91 -30.85 -45.20
CA VAL C 211 -8.57 -30.27 -45.25
C VAL C 211 -7.42 -31.27 -45.20
N THR C 212 -7.53 -32.27 -44.33
CA THR C 212 -6.48 -33.26 -44.14
C THR C 212 -6.78 -34.63 -44.75
N GLY C 213 -8.05 -34.91 -44.98
CA GLY C 213 -8.43 -36.20 -45.55
C GLY C 213 -8.67 -37.24 -44.47
N GLU C 214 -8.32 -36.92 -43.22
CA GLU C 214 -8.51 -37.85 -42.11
C GLU C 214 -9.98 -38.13 -41.81
N ASP C 215 -10.26 -39.38 -41.45
CA ASP C 215 -11.61 -39.84 -41.11
C ASP C 215 -11.68 -40.08 -39.61
N VAL C 216 -12.56 -39.35 -38.93
CA VAL C 216 -12.73 -39.51 -37.50
C VAL C 216 -14.16 -39.11 -37.16
N THR C 217 -14.74 -39.78 -36.18
CA THR C 217 -16.10 -39.46 -35.74
C THR C 217 -15.98 -38.38 -34.67
N ALA C 218 -17.09 -37.75 -34.31
CA ALA C 218 -17.06 -36.71 -33.30
C ALA C 218 -16.65 -37.33 -31.97
N ASP C 219 -17.16 -38.52 -31.71
CA ASP C 219 -16.86 -39.26 -30.50
C ASP C 219 -15.37 -39.55 -30.37
N GLU C 220 -14.76 -40.07 -31.43
CA GLU C 220 -13.34 -40.41 -31.44
C GLU C 220 -12.46 -39.17 -31.32
N LEU C 221 -12.90 -38.09 -31.97
CA LEU C 221 -12.17 -36.84 -31.99
C LEU C 221 -12.24 -36.08 -30.66
N GLY C 222 -13.45 -35.82 -30.18
CA GLY C 222 -13.57 -35.04 -28.96
C GLY C 222 -14.64 -35.43 -27.97
N GLY C 223 -14.81 -36.74 -27.74
CA GLY C 223 -15.76 -37.22 -26.77
C GLY C 223 -15.02 -37.19 -25.44
N ALA C 224 -15.74 -37.42 -24.34
CA ALA C 224 -15.12 -37.38 -23.01
C ALA C 224 -13.87 -38.24 -22.86
N GLU C 225 -13.90 -39.46 -23.39
CA GLU C 225 -12.75 -40.35 -23.26
C GLU C 225 -11.53 -39.82 -23.98
N ALA C 226 -11.72 -39.30 -25.19
CA ALA C 226 -10.60 -38.77 -25.94
C ALA C 226 -9.95 -37.61 -25.18
N HIS C 227 -10.76 -36.69 -24.68
CA HIS C 227 -10.19 -35.56 -23.95
C HIS C 227 -9.51 -35.94 -22.66
N MET C 228 -10.07 -36.92 -21.96
CA MET C 228 -9.48 -37.36 -20.71
C MET C 228 -8.17 -38.13 -20.87
N ALA C 229 -8.19 -39.20 -21.65
CA ALA C 229 -7.00 -40.04 -21.82
C ALA C 229 -5.95 -39.59 -22.82
N ILE C 230 -6.36 -38.91 -23.88
CA ILE C 230 -5.42 -38.49 -24.90
C ILE C 230 -5.00 -37.01 -24.87
N SER C 231 -5.97 -36.12 -25.03
CA SER C 231 -5.74 -34.68 -25.10
C SER C 231 -5.26 -34.01 -23.82
N GLY C 232 -5.69 -34.52 -22.68
CA GLY C 232 -5.31 -33.93 -21.40
C GLY C 232 -6.06 -32.62 -21.15
N ASN C 233 -7.17 -32.43 -21.85
CA ASN C 233 -8.01 -31.22 -21.75
C ASN C 233 -9.01 -31.15 -20.61
N ILE C 234 -9.44 -32.29 -20.09
CA ILE C 234 -10.46 -32.26 -19.04
C ILE C 234 -10.08 -32.88 -17.71
N HIS C 235 -10.84 -32.54 -16.66
CA HIS C 235 -10.53 -33.01 -15.32
C HIS C 235 -11.43 -34.10 -14.76
N PHE C 236 -12.67 -34.17 -15.24
CA PHE C 236 -13.60 -35.20 -14.78
C PHE C 236 -14.48 -35.70 -15.90
N VAL C 237 -14.77 -36.99 -15.87
CA VAL C 237 -15.67 -37.61 -16.84
C VAL C 237 -16.92 -37.95 -16.05
N ALA C 238 -18.08 -37.65 -16.61
CA ALA C 238 -19.34 -37.94 -15.95
C ALA C 238 -20.22 -38.72 -16.91
N GLU C 239 -20.93 -39.71 -16.40
CA GLU C 239 -21.82 -40.52 -17.23
C GLU C 239 -22.96 -39.70 -17.82
N ASP C 240 -23.55 -38.85 -17.00
CA ASP C 240 -24.65 -38.00 -17.45
C ASP C 240 -24.70 -36.73 -16.63
N ASP C 241 -25.74 -35.93 -16.84
CA ASP C 241 -25.91 -34.65 -16.17
C ASP C 241 -26.05 -34.78 -14.65
N ASP C 242 -26.78 -35.79 -14.19
CA ASP C 242 -26.94 -36.01 -12.76
C ASP C 242 -25.55 -36.22 -12.14
N ALA C 243 -24.74 -37.04 -12.78
CA ALA C 243 -23.41 -37.35 -12.30
C ALA C 243 -22.49 -36.11 -12.31
N ALA C 244 -22.64 -35.29 -13.34
CA ALA C 244 -21.83 -34.08 -13.49
C ALA C 244 -22.20 -33.11 -12.39
N GLU C 245 -23.49 -33.08 -12.05
CA GLU C 245 -23.96 -32.20 -11.00
C GLU C 245 -23.44 -32.64 -9.64
N LEU C 246 -23.36 -33.96 -9.43
CA LEU C 246 -22.85 -34.45 -8.16
C LEU C 246 -21.37 -34.14 -8.07
N ILE C 247 -20.66 -34.39 -9.16
CA ILE C 247 -19.23 -34.12 -9.20
C ILE C 247 -18.93 -32.63 -8.99
N ALA C 248 -19.71 -31.76 -9.61
CA ALA C 248 -19.49 -30.32 -9.44
C ALA C 248 -19.59 -29.90 -7.97
N LYS C 249 -20.59 -30.41 -7.27
CA LYS C 249 -20.79 -30.07 -5.87
C LYS C 249 -19.66 -30.62 -5.01
N LYS C 250 -19.27 -31.87 -5.27
CA LYS C 250 -18.19 -32.51 -4.52
C LYS C 250 -16.93 -31.69 -4.73
N LEU C 251 -16.69 -31.34 -5.98
CA LEU C 251 -15.52 -30.53 -6.31
C LEU C 251 -15.56 -29.20 -5.55
N LEU C 252 -16.71 -28.53 -5.63
CA LEU C 252 -16.84 -27.23 -4.99
C LEU C 252 -16.65 -27.29 -3.47
N SER C 253 -17.06 -28.39 -2.86
CA SER C 253 -16.95 -28.54 -1.41
C SER C 253 -15.51 -28.41 -0.91
N PHE C 254 -14.53 -28.67 -1.78
CA PHE C 254 -13.13 -28.57 -1.36
C PHE C 254 -12.55 -27.16 -1.53
N LEU C 255 -13.26 -26.31 -2.25
CA LEU C 255 -12.74 -24.98 -2.56
C LEU C 255 -13.34 -23.82 -1.78
N PRO C 256 -12.57 -22.75 -1.64
CA PRO C 256 -13.05 -21.56 -0.93
C PRO C 256 -13.91 -20.76 -1.92
N GLN C 257 -14.58 -19.73 -1.44
CA GLN C 257 -15.41 -18.87 -2.30
C GLN C 257 -14.54 -18.06 -3.24
N ASN C 258 -13.38 -17.63 -2.74
CA ASN C 258 -12.49 -16.80 -3.55
C ASN C 258 -11.08 -16.87 -2.97
N ASN C 259 -10.13 -16.21 -3.62
CA ASN C 259 -8.74 -16.28 -3.20
C ASN C 259 -8.35 -15.61 -1.87
N THR C 260 -9.27 -14.91 -1.21
CA THR C 260 -8.92 -14.27 0.07
C THR C 260 -9.20 -15.18 1.26
N GLU C 261 -9.75 -16.36 0.99
CA GLU C 261 -10.10 -17.29 2.07
C GLU C 261 -9.61 -18.72 1.88
N GLU C 262 -9.62 -19.50 2.96
CA GLU C 262 -9.25 -20.89 2.89
C GLU C 262 -10.60 -21.62 2.90
N ALA C 263 -10.68 -22.78 2.27
CA ALA C 263 -11.96 -23.50 2.23
C ALA C 263 -12.43 -23.86 3.63
N SER C 264 -13.75 -23.81 3.85
CA SER C 264 -14.32 -24.16 5.16
C SER C 264 -14.07 -25.65 5.42
N PHE C 265 -13.79 -26.00 6.67
CA PHE C 265 -13.57 -27.40 7.00
C PHE C 265 -14.88 -28.14 6.85
N VAL C 266 -14.78 -29.41 6.52
CA VAL C 266 -15.94 -30.26 6.36
C VAL C 266 -15.72 -31.58 7.09
N ASN C 267 -16.73 -31.97 7.87
CA ASN C 267 -16.77 -33.24 8.60
C ASN C 267 -15.40 -33.73 9.08
N PRO C 268 -14.73 -32.92 9.90
CA PRO C 268 -13.40 -33.29 10.39
C PRO C 268 -13.31 -34.60 11.16
N ASN C 269 -12.23 -35.33 10.90
CA ASN C 269 -11.95 -36.52 11.68
C ASN C 269 -10.66 -36.06 12.32
N ASN C 270 -10.72 -35.78 13.62
CA ASN C 270 -9.57 -35.26 14.35
C ASN C 270 -8.61 -36.30 14.88
N ASP C 271 -8.89 -37.57 14.64
CA ASP C 271 -8.02 -38.64 15.10
C ASP C 271 -6.73 -38.64 14.29
N VAL C 272 -5.60 -38.82 14.96
CA VAL C 272 -4.30 -38.89 14.29
C VAL C 272 -3.54 -40.10 14.84
N SER C 273 -4.28 -41.10 15.31
CA SER C 273 -3.68 -42.32 15.87
C SER C 273 -2.89 -43.05 14.78
N PRO C 274 -1.90 -43.87 15.19
CA PRO C 274 -1.10 -44.59 14.19
C PRO C 274 -1.88 -45.69 13.47
N ASN C 275 -1.43 -46.05 12.27
CA ASN C 275 -2.04 -47.15 11.55
C ASN C 275 -0.89 -47.99 11.01
N THR C 276 -0.59 -49.10 11.68
CA THR C 276 0.51 -49.98 11.28
C THR C 276 0.35 -50.56 9.88
N GLU C 277 -0.89 -50.58 9.39
CA GLU C 277 -1.19 -51.08 8.05
C GLU C 277 -0.37 -50.33 6.99
N LEU C 278 0.00 -49.09 7.28
CA LEU C 278 0.78 -48.26 6.35
C LEU C 278 2.19 -48.81 6.05
N ARG C 279 2.73 -49.57 6.99
CA ARG C 279 4.06 -50.17 6.87
C ARG C 279 4.14 -51.24 5.80
N ASP C 280 3.01 -51.82 5.43
CA ASP C 280 3.01 -52.92 4.47
C ASP C 280 2.50 -52.64 3.08
N ILE C 281 2.17 -51.39 2.77
CA ILE C 281 1.67 -51.07 1.45
C ILE C 281 2.82 -50.90 0.45
N VAL C 282 3.89 -50.22 0.87
CA VAL C 282 5.05 -50.00 0.01
C VAL C 282 6.07 -51.12 0.21
N PRO C 283 6.29 -51.94 -0.83
CA PRO C 283 7.25 -53.06 -0.76
C PRO C 283 8.69 -52.63 -0.60
N ILE C 284 9.43 -53.30 0.27
CA ILE C 284 10.84 -52.99 0.45
C ILE C 284 11.56 -53.36 -0.86
N ASP C 285 10.95 -54.26 -1.63
CA ASP C 285 11.53 -54.69 -2.90
C ASP C 285 11.23 -53.66 -3.99
N GLY C 286 12.27 -52.92 -4.39
CA GLY C 286 12.11 -51.89 -5.40
C GLY C 286 11.50 -52.31 -6.72
N LYS C 287 11.48 -53.61 -7.00
CA LYS C 287 10.91 -54.09 -8.26
C LYS C 287 9.42 -54.34 -8.17
N LYS C 288 8.85 -54.15 -6.98
CA LYS C 288 7.41 -54.38 -6.82
C LYS C 288 6.71 -53.04 -6.67
N GLY C 289 5.63 -52.88 -7.42
CA GLY C 289 4.86 -51.65 -7.35
C GLY C 289 3.70 -51.81 -6.39
N TYR C 290 2.80 -50.83 -6.42
CA TYR C 290 1.62 -50.81 -5.56
C TYR C 290 0.81 -49.58 -6.01
N ASP C 291 -0.42 -49.45 -5.51
CA ASP C 291 -1.27 -48.32 -5.86
C ASP C 291 -1.06 -47.25 -4.77
N VAL C 292 -0.46 -46.13 -5.13
CA VAL C 292 -0.21 -45.10 -4.12
C VAL C 292 -1.51 -44.61 -3.47
N ARG C 293 -2.65 -44.87 -4.11
CA ARG C 293 -3.92 -44.44 -3.53
C ARG C 293 -4.28 -45.23 -2.27
N ASP C 294 -3.65 -46.39 -2.08
CA ASP C 294 -3.90 -47.17 -0.88
C ASP C 294 -3.28 -46.44 0.30
N VAL C 295 -2.18 -45.74 0.03
CA VAL C 295 -1.52 -44.96 1.06
C VAL C 295 -2.39 -43.74 1.36
N ILE C 296 -2.81 -43.05 0.30
CA ILE C 296 -3.66 -41.87 0.45
C ILE C 296 -4.90 -42.22 1.28
N ALA C 297 -5.54 -43.35 0.97
CA ALA C 297 -6.76 -43.75 1.68
C ALA C 297 -6.59 -43.91 3.19
N LYS C 298 -5.43 -44.37 3.63
CA LYS C 298 -5.20 -44.57 5.05
C LYS C 298 -4.76 -43.31 5.78
N ILE C 299 -4.42 -42.26 5.06
CA ILE C 299 -4.00 -41.05 5.73
C ILE C 299 -5.00 -39.90 5.70
N VAL C 300 -5.90 -39.87 4.72
CA VAL C 300 -6.86 -38.76 4.65
C VAL C 300 -8.17 -39.09 5.40
N ASP C 301 -8.89 -38.07 5.85
CA ASP C 301 -10.14 -38.27 6.59
C ASP C 301 -11.10 -39.23 5.90
N TRP C 302 -11.51 -40.26 6.63
CA TRP C 302 -12.49 -41.23 6.14
C TRP C 302 -12.07 -41.95 4.86
N GLY C 303 -10.80 -41.79 4.48
CA GLY C 303 -10.30 -42.42 3.26
C GLY C 303 -10.87 -41.76 2.01
N ASP C 304 -11.46 -40.59 2.19
CA ASP C 304 -12.11 -39.88 1.09
C ASP C 304 -11.21 -38.96 0.27
N TYR C 305 -11.39 -39.00 -1.04
CA TYR C 305 -10.63 -38.14 -1.93
C TYR C 305 -11.33 -38.07 -3.27
N LEU C 306 -11.11 -36.95 -3.96
CA LEU C 306 -11.68 -36.75 -5.28
C LEU C 306 -10.47 -36.63 -6.20
N GLU C 307 -10.25 -37.67 -6.99
CA GLU C 307 -9.14 -37.65 -7.91
C GLU C 307 -9.43 -36.77 -9.13
N VAL C 308 -8.48 -35.89 -9.45
CA VAL C 308 -8.58 -34.97 -10.58
C VAL C 308 -7.78 -35.58 -11.73
N LYS C 309 -8.32 -35.51 -12.95
CA LYS C 309 -7.68 -36.08 -14.15
C LYS C 309 -7.29 -37.55 -13.90
N ALA C 310 -8.20 -38.28 -13.27
CA ALA C 310 -7.99 -39.69 -12.92
C ALA C 310 -7.63 -40.60 -14.11
N GLY C 311 -8.10 -40.27 -15.30
CA GLY C 311 -7.81 -41.11 -16.45
C GLY C 311 -6.72 -40.59 -17.38
N TYR C 312 -6.04 -39.53 -16.97
CA TYR C 312 -4.98 -38.94 -17.77
C TYR C 312 -3.66 -39.03 -17.01
N ALA C 313 -2.60 -39.41 -17.72
CA ALA C 313 -1.27 -39.52 -17.11
C ALA C 313 -1.36 -40.20 -15.76
N THR C 314 -1.80 -41.45 -15.75
CA THR C 314 -1.98 -42.19 -14.52
C THR C 314 -0.71 -42.58 -13.77
N ASN C 315 0.44 -42.15 -14.29
CA ASN C 315 1.71 -42.42 -13.63
C ASN C 315 1.89 -41.41 -12.50
N LEU C 316 0.95 -40.49 -12.39
CA LEU C 316 0.97 -39.45 -11.36
C LEU C 316 -0.47 -39.20 -10.90
N VAL C 317 -0.69 -39.21 -9.60
CA VAL C 317 -2.01 -39.00 -9.03
C VAL C 317 -2.12 -37.58 -8.43
N THR C 318 -3.21 -36.89 -8.76
CA THR C 318 -3.51 -35.56 -8.21
C THR C 318 -4.92 -35.70 -7.64
N ALA C 319 -5.09 -35.40 -6.35
CA ALA C 319 -6.40 -35.56 -5.71
C ALA C 319 -6.67 -34.60 -4.56
N PHE C 320 -7.94 -34.24 -4.42
CA PHE C 320 -8.35 -33.39 -3.31
C PHE C 320 -8.77 -34.34 -2.20
N ALA C 321 -8.50 -33.97 -0.96
CA ALA C 321 -8.89 -34.79 0.19
C ALA C 321 -8.88 -33.86 1.40
N ARG C 322 -9.04 -34.43 2.59
CA ARG C 322 -9.02 -33.62 3.82
C ARG C 322 -8.24 -34.30 4.94
N VAL C 323 -7.63 -33.48 5.79
CA VAL C 323 -6.90 -33.98 6.96
C VAL C 323 -7.45 -33.13 8.10
N ASN C 324 -8.13 -33.77 9.05
CA ASN C 324 -8.74 -33.05 10.17
C ASN C 324 -9.70 -31.98 9.64
N GLY C 325 -10.40 -32.32 8.56
CA GLY C 325 -11.37 -31.42 7.95
C GLY C 325 -10.87 -30.38 6.97
N ARG C 326 -9.56 -30.19 6.91
CA ARG C 326 -8.96 -29.19 6.02
C ARG C 326 -8.73 -29.71 4.59
N SER C 327 -9.11 -28.91 3.60
CA SER C 327 -8.88 -29.30 2.21
C SER C 327 -7.38 -29.32 1.94
N VAL C 328 -6.94 -30.34 1.21
CA VAL C 328 -5.55 -30.44 0.80
C VAL C 328 -5.52 -31.02 -0.61
N GLY C 329 -4.45 -30.71 -1.32
CA GLY C 329 -4.25 -31.24 -2.65
C GLY C 329 -3.09 -32.24 -2.53
N ILE C 330 -3.30 -33.46 -3.01
CA ILE C 330 -2.27 -34.49 -2.92
C ILE C 330 -1.71 -34.78 -4.32
N VAL C 331 -0.38 -34.79 -4.42
CA VAL C 331 0.32 -35.09 -5.67
C VAL C 331 1.16 -36.32 -5.33
N ALA C 332 0.92 -37.44 -6.03
CA ALA C 332 1.65 -38.65 -5.70
C ALA C 332 2.05 -39.51 -6.89
N ASN C 333 3.29 -39.96 -6.90
CA ASN C 333 3.79 -40.80 -7.98
C ASN C 333 3.07 -42.14 -7.87
N GLN C 334 2.78 -42.76 -9.02
CA GLN C 334 2.08 -44.05 -9.06
C GLN C 334 3.06 -45.10 -9.58
N PRO C 335 3.77 -45.79 -8.66
CA PRO C 335 4.74 -46.82 -9.04
C PRO C 335 4.19 -47.94 -9.92
N SER C 336 2.90 -48.21 -9.82
CA SER C 336 2.29 -49.27 -10.61
C SER C 336 2.02 -48.89 -12.09
N VAL C 337 2.33 -47.66 -12.46
CA VAL C 337 2.14 -47.22 -13.85
C VAL C 337 3.43 -46.63 -14.36
N MET C 338 4.01 -47.25 -15.38
CA MET C 338 5.26 -46.78 -15.95
C MET C 338 6.32 -46.61 -14.87
N SER C 339 6.34 -47.54 -13.91
CA SER C 339 7.32 -47.49 -12.81
C SER C 339 7.28 -46.16 -12.04
N GLY C 340 6.20 -45.40 -12.24
CA GLY C 340 6.06 -44.12 -11.57
C GLY C 340 6.96 -43.02 -12.12
N CYS C 341 7.45 -43.19 -13.34
CA CYS C 341 8.28 -42.16 -13.94
C CYS C 341 7.42 -40.92 -14.19
N LEU C 342 8.06 -39.76 -14.15
CA LEU C 342 7.35 -38.54 -14.49
C LEU C 342 7.61 -38.43 -16.01
N ASP C 343 6.68 -37.80 -16.73
CA ASP C 343 6.85 -37.61 -18.17
C ASP C 343 6.19 -36.29 -18.56
N ILE C 344 6.15 -35.99 -19.85
CA ILE C 344 5.55 -34.75 -20.31
C ILE C 344 4.13 -34.52 -19.80
N ASN C 345 3.26 -35.49 -20.02
CA ASN C 345 1.88 -35.34 -19.61
C ASN C 345 1.69 -35.23 -18.09
N ALA C 346 2.40 -36.04 -17.32
CA ALA C 346 2.28 -35.96 -15.87
C ALA C 346 2.84 -34.64 -15.35
N SER C 347 3.86 -34.08 -16.03
CA SER C 347 4.41 -32.81 -15.56
C SER C 347 3.32 -31.74 -15.68
N ASP C 348 2.59 -31.73 -16.80
CA ASP C 348 1.50 -30.78 -17.03
C ASP C 348 0.40 -30.96 -15.99
N LYS C 349 -0.03 -32.21 -15.84
CA LYS C 349 -1.07 -32.61 -14.89
C LYS C 349 -0.74 -32.17 -13.47
N ALA C 350 0.52 -32.36 -13.07
CA ALA C 350 0.94 -31.95 -11.73
C ALA C 350 1.05 -30.44 -11.61
N ALA C 351 1.70 -29.79 -12.58
CA ALA C 351 1.87 -28.34 -12.51
C ALA C 351 0.54 -27.58 -12.46
N GLU C 352 -0.43 -28.01 -13.26
CA GLU C 352 -1.71 -27.33 -13.28
C GLU C 352 -2.36 -27.41 -11.90
N PHE C 353 -2.31 -28.60 -11.32
CA PHE C 353 -2.89 -28.84 -10.00
C PHE C 353 -2.23 -28.00 -8.91
N VAL C 354 -0.90 -27.98 -8.91
CA VAL C 354 -0.15 -27.20 -7.94
C VAL C 354 -0.46 -25.71 -8.05
N ASN C 355 -0.45 -25.17 -9.27
CA ASN C 355 -0.76 -23.77 -9.45
C ASN C 355 -2.17 -23.42 -8.96
N PHE C 356 -3.13 -24.31 -9.22
CA PHE C 356 -4.49 -24.06 -8.76
C PHE C 356 -4.61 -24.02 -7.25
N CYS C 357 -4.12 -25.08 -6.59
CA CYS C 357 -4.17 -25.14 -5.14
C CYS C 357 -3.51 -23.91 -4.53
N ASP C 358 -2.35 -23.52 -5.06
CA ASP C 358 -1.66 -22.35 -4.54
C ASP C 358 -2.53 -21.09 -4.67
N SER C 359 -3.22 -20.94 -5.81
CA SER C 359 -4.08 -19.80 -6.05
C SER C 359 -5.23 -19.72 -5.05
N PHE C 360 -5.74 -20.88 -4.65
CA PHE C 360 -6.85 -20.91 -3.71
C PHE C 360 -6.55 -21.35 -2.28
N ASN C 361 -5.30 -21.13 -1.89
CA ASN C 361 -4.85 -21.39 -0.53
C ASN C 361 -5.06 -22.81 -0.01
N ILE C 362 -4.88 -23.78 -0.90
CA ILE C 362 -5.03 -25.19 -0.54
C ILE C 362 -3.62 -25.80 -0.36
N PRO C 363 -3.31 -26.31 0.86
CA PRO C 363 -1.99 -26.90 1.10
C PRO C 363 -1.72 -28.07 0.17
N LEU C 364 -0.44 -28.26 -0.15
CA LEU C 364 0.01 -29.32 -1.04
C LEU C 364 0.80 -30.39 -0.30
N VAL C 365 0.34 -31.63 -0.43
CA VAL C 365 0.96 -32.79 0.21
C VAL C 365 1.49 -33.74 -0.86
N GLN C 366 2.79 -33.98 -0.85
CA GLN C 366 3.43 -34.86 -1.81
C GLN C 366 3.79 -36.23 -1.23
N LEU C 367 3.52 -37.29 -2.00
CA LEU C 367 3.86 -38.65 -1.60
C LEU C 367 4.81 -39.08 -2.71
N VAL C 368 6.10 -39.14 -2.38
CA VAL C 368 7.15 -39.41 -3.34
C VAL C 368 7.71 -40.84 -3.47
N ASP C 369 7.76 -41.30 -4.72
CA ASP C 369 8.33 -42.61 -5.08
C ASP C 369 8.53 -42.53 -6.60
N VAL C 370 9.57 -41.79 -7.01
CA VAL C 370 9.87 -41.55 -8.42
C VAL C 370 11.33 -41.89 -8.75
N PRO C 371 11.53 -42.71 -9.79
CA PRO C 371 12.85 -43.15 -10.27
C PRO C 371 13.51 -42.24 -11.29
N GLY C 372 12.84 -41.13 -11.64
CA GLY C 372 13.37 -40.20 -12.61
C GLY C 372 12.34 -39.96 -13.69
N PHE C 373 12.70 -39.19 -14.72
CA PHE C 373 11.78 -38.93 -15.83
C PHE C 373 11.84 -40.08 -16.83
N LEU C 374 10.73 -40.29 -17.53
CA LEU C 374 10.63 -41.35 -18.52
C LEU C 374 11.64 -41.22 -19.66
N PRO C 375 12.50 -42.24 -19.86
CA PRO C 375 13.46 -42.15 -20.96
C PRO C 375 12.75 -42.37 -22.29
N GLY C 376 13.18 -41.66 -23.33
CA GLY C 376 12.57 -41.84 -24.64
C GLY C 376 12.84 -40.69 -25.60
N VAL C 377 13.22 -41.02 -26.84
CA VAL C 377 13.49 -39.97 -27.80
C VAL C 377 12.30 -39.00 -27.94
N GLN C 378 11.09 -39.54 -28.03
CA GLN C 378 9.91 -38.68 -28.15
C GLN C 378 9.65 -37.81 -26.90
N GLN C 379 10.17 -38.21 -25.75
CA GLN C 379 10.01 -37.40 -24.55
C GLN C 379 10.94 -36.18 -24.72
N GLU C 380 12.11 -36.39 -25.29
CA GLU C 380 13.05 -35.27 -25.49
C GLU C 380 12.52 -34.41 -26.62
N TYR C 381 12.10 -35.06 -27.71
CA TYR C 381 11.58 -34.35 -28.87
C TYR C 381 10.29 -33.60 -28.52
N GLY C 382 9.57 -34.11 -27.53
CA GLY C 382 8.33 -33.48 -27.11
C GLY C 382 8.55 -32.34 -26.12
N GLY C 383 9.81 -32.02 -25.85
CA GLY C 383 10.14 -30.95 -24.94
C GLY C 383 9.98 -31.24 -23.45
N ILE C 384 10.47 -32.38 -22.99
CA ILE C 384 10.35 -32.69 -21.58
C ILE C 384 11.11 -31.63 -20.77
N ILE C 385 12.13 -31.03 -21.38
CA ILE C 385 12.90 -29.99 -20.68
C ILE C 385 11.99 -28.84 -20.27
N ARG C 386 11.18 -28.35 -21.20
CA ARG C 386 10.28 -27.24 -20.86
C ARG C 386 9.01 -27.68 -20.14
N HIS C 387 8.56 -28.92 -20.32
CA HIS C 387 7.36 -29.37 -19.62
C HIS C 387 7.68 -29.75 -18.17
N GLY C 388 8.78 -30.45 -17.96
CA GLY C 388 9.15 -30.83 -16.61
C GLY C 388 9.44 -29.59 -15.78
N ALA C 389 9.97 -28.57 -16.43
CA ALA C 389 10.29 -27.32 -15.75
C ALA C 389 9.03 -26.72 -15.12
N LYS C 390 7.86 -27.06 -15.66
CA LYS C 390 6.59 -26.57 -15.13
C LYS C 390 6.36 -26.98 -13.67
N MET C 391 6.77 -28.21 -13.33
CA MET C 391 6.62 -28.70 -11.96
C MET C 391 7.52 -27.92 -11.03
N LEU C 392 8.77 -27.75 -11.45
CA LEU C 392 9.74 -27.00 -10.66
C LEU C 392 9.24 -25.57 -10.49
N TYR C 393 8.65 -25.01 -11.54
CA TYR C 393 8.16 -23.64 -11.50
C TYR C 393 6.99 -23.51 -10.51
N ALA C 394 5.97 -24.33 -10.72
CA ALA C 394 4.77 -24.29 -9.88
C ALA C 394 5.11 -24.42 -8.40
N TYR C 395 5.92 -25.42 -8.05
CA TYR C 395 6.29 -25.62 -6.65
C TYR C 395 7.15 -24.50 -6.09
N SER C 396 8.09 -24.01 -6.88
CA SER C 396 8.94 -22.93 -6.42
C SER C 396 8.15 -21.64 -6.23
N GLU C 397 7.11 -21.45 -7.04
CA GLU C 397 6.29 -20.24 -6.93
C GLU C 397 5.24 -20.33 -5.81
N ALA C 398 4.80 -21.54 -5.54
CA ALA C 398 3.76 -21.76 -4.53
C ALA C 398 4.15 -21.28 -3.14
N THR C 399 3.17 -20.70 -2.44
CA THR C 399 3.43 -20.18 -1.10
C THR C 399 2.54 -20.83 -0.04
N VAL C 400 1.63 -21.71 -0.46
CA VAL C 400 0.78 -22.42 0.50
C VAL C 400 1.70 -23.40 1.26
N PRO C 401 1.20 -23.99 2.36
CA PRO C 401 2.06 -24.94 3.07
C PRO C 401 2.38 -26.11 2.12
N LYS C 402 3.64 -26.54 2.08
CA LYS C 402 4.04 -27.65 1.22
C LYS C 402 4.68 -28.71 2.11
N ILE C 403 4.05 -29.89 2.16
CA ILE C 403 4.51 -30.99 3.00
C ILE C 403 4.80 -32.20 2.12
N THR C 404 6.02 -32.70 2.22
CA THR C 404 6.45 -33.80 1.39
C THR C 404 6.88 -35.03 2.17
N VAL C 405 6.35 -36.19 1.78
CA VAL C 405 6.69 -37.45 2.41
C VAL C 405 7.29 -38.37 1.34
N VAL C 406 8.55 -38.74 1.53
CA VAL C 406 9.23 -39.63 0.58
C VAL C 406 8.96 -41.06 1.01
N LEU C 407 8.20 -41.79 0.20
CA LEU C 407 7.86 -43.18 0.48
C LEU C 407 8.97 -44.14 0.07
N ARG C 408 9.53 -43.91 -1.12
CA ARG C 408 10.59 -44.80 -1.61
C ARG C 408 11.59 -44.08 -2.52
N LYS C 409 11.57 -44.37 -3.82
CA LYS C 409 12.52 -43.72 -4.72
C LYS C 409 12.38 -42.19 -4.84
N ALA C 410 13.51 -41.49 -4.94
CA ALA C 410 13.53 -40.04 -5.07
C ALA C 410 14.84 -39.72 -5.79
N TYR C 411 14.81 -39.87 -7.11
CA TYR C 411 15.97 -39.69 -7.95
C TYR C 411 16.13 -38.38 -8.74
N GLY C 412 17.27 -37.73 -8.51
CA GLY C 412 17.63 -36.51 -9.20
C GLY C 412 16.57 -35.44 -9.41
N GLY C 413 16.51 -34.92 -10.63
CA GLY C 413 15.56 -33.88 -10.96
C GLY C 413 14.10 -34.25 -10.70
N SER C 414 13.75 -35.51 -10.91
CA SER C 414 12.36 -35.91 -10.71
C SER C 414 11.98 -35.80 -9.24
N TYR C 415 12.97 -35.93 -8.36
CA TYR C 415 12.73 -35.81 -6.92
C TYR C 415 12.53 -34.32 -6.59
N LEU C 416 13.36 -33.47 -7.19
CA LEU C 416 13.25 -32.04 -6.96
C LEU C 416 11.91 -31.54 -7.48
N ALA C 417 11.44 -32.16 -8.57
CA ALA C 417 10.17 -31.76 -9.17
C ALA C 417 9.00 -32.09 -8.26
N MET C 418 9.21 -33.00 -7.30
CA MET C 418 8.18 -33.39 -6.35
C MET C 418 8.25 -32.55 -5.08
N CYS C 419 8.90 -31.40 -5.17
CA CYS C 419 9.00 -30.46 -4.07
C CYS C 419 9.74 -30.90 -2.81
N ASN C 420 11.07 -30.83 -2.84
CA ASN C 420 11.84 -31.20 -1.67
C ASN C 420 12.05 -29.90 -0.92
N ARG C 421 12.90 -29.93 0.09
CA ARG C 421 13.18 -28.76 0.90
C ARG C 421 13.68 -27.55 0.13
N ASP C 422 14.50 -27.79 -0.88
CA ASP C 422 15.06 -26.71 -1.68
C ASP C 422 14.04 -25.97 -2.53
N LEU C 423 12.92 -26.63 -2.83
CA LEU C 423 11.86 -25.98 -3.59
C LEU C 423 10.79 -25.42 -2.65
N GLY C 424 11.18 -25.24 -1.39
CA GLY C 424 10.28 -24.68 -0.40
C GLY C 424 9.34 -25.55 0.40
N ALA C 425 9.55 -26.86 0.43
CA ALA C 425 8.68 -27.71 1.24
C ALA C 425 8.90 -27.24 2.68
N ASP C 426 7.81 -27.12 3.45
CA ASP C 426 7.90 -26.66 4.83
C ASP C 426 8.29 -27.77 5.80
N ALA C 427 7.97 -29.00 5.43
CA ALA C 427 8.29 -30.16 6.24
C ALA C 427 8.49 -31.32 5.27
N VAL C 428 9.55 -32.08 5.47
CA VAL C 428 9.81 -33.23 4.61
C VAL C 428 10.12 -34.43 5.52
N TYR C 429 9.42 -35.53 5.30
CA TYR C 429 9.63 -36.74 6.08
C TYR C 429 10.01 -37.90 5.19
N ALA C 430 10.91 -38.71 5.68
CA ALA C 430 11.36 -39.88 4.94
C ALA C 430 10.92 -41.17 5.64
N TRP C 431 10.29 -42.06 4.89
CA TRP C 431 9.92 -43.37 5.43
C TRP C 431 11.26 -44.13 5.49
N PRO C 432 11.32 -45.27 6.20
CA PRO C 432 12.60 -46.01 6.27
C PRO C 432 13.01 -46.58 4.92
N SER C 433 12.08 -46.57 3.98
CA SER C 433 12.30 -47.09 2.65
C SER C 433 12.69 -45.98 1.66
N ALA C 434 12.81 -44.76 2.15
CA ALA C 434 13.16 -43.61 1.32
C ALA C 434 14.52 -43.79 0.66
N GLU C 435 14.58 -43.56 -0.65
CA GLU C 435 15.82 -43.70 -1.38
C GLU C 435 16.10 -42.44 -2.20
N ILE C 436 16.53 -41.38 -1.50
CA ILE C 436 16.84 -40.12 -2.14
C ILE C 436 18.26 -40.22 -2.72
N ALA C 437 18.38 -39.98 -4.03
CA ALA C 437 19.69 -40.07 -4.66
C ALA C 437 19.79 -39.19 -5.88
N VAL C 438 21.01 -38.74 -6.19
CA VAL C 438 21.21 -37.91 -7.36
C VAL C 438 20.92 -38.77 -8.59
N MET C 439 21.23 -40.06 -8.48
CA MET C 439 20.99 -41.01 -9.58
C MET C 439 21.20 -42.43 -9.05
N GLY C 440 20.84 -43.42 -9.86
CA GLY C 440 21.02 -44.81 -9.45
C GLY C 440 22.47 -45.15 -9.18
N ALA C 441 22.72 -45.92 -8.13
CA ALA C 441 24.08 -46.31 -7.75
C ALA C 441 24.86 -46.91 -8.92
N GLU C 442 24.20 -47.76 -9.71
CA GLU C 442 24.85 -48.39 -10.86
C GLU C 442 25.32 -47.34 -11.85
N GLY C 443 24.40 -46.48 -12.29
CA GLY C 443 24.76 -45.44 -13.23
C GLY C 443 25.86 -44.58 -12.68
N ALA C 444 25.84 -44.38 -11.36
CA ALA C 444 26.84 -43.56 -10.71
C ALA C 444 28.22 -44.18 -10.82
N ALA C 445 28.35 -45.43 -10.39
CA ALA C 445 29.63 -46.14 -10.44
C ALA C 445 30.23 -46.16 -11.84
N ASN C 446 29.39 -46.43 -12.83
CA ASN C 446 29.83 -46.50 -14.22
C ASN C 446 30.51 -45.21 -14.68
N VAL C 447 30.50 -44.20 -13.82
CA VAL C 447 31.11 -42.92 -14.14
C VAL C 447 32.27 -42.58 -13.21
N ILE C 448 32.01 -42.68 -11.91
CA ILE C 448 33.01 -42.40 -10.88
C ILE C 448 34.17 -43.38 -10.91
N PHE C 449 33.85 -44.67 -11.01
CA PHE C 449 34.87 -45.71 -11.00
C PHE C 449 35.09 -46.36 -12.36
N ARG C 450 34.95 -45.58 -13.42
CA ARG C 450 35.14 -46.08 -14.78
C ARG C 450 36.38 -46.97 -14.85
N LYS C 451 37.44 -46.53 -14.19
CA LYS C 451 38.70 -47.26 -14.16
C LYS C 451 38.69 -48.34 -13.08
N GLU C 452 38.44 -49.58 -13.50
CA GLU C 452 38.39 -50.72 -12.57
C GLU C 452 37.11 -50.66 -11.75
N PRO C 459 37.94 -57.64 -11.11
CA PRO C 459 36.96 -58.44 -11.84
C PRO C 459 35.58 -57.77 -11.91
N ASP C 460 34.57 -58.55 -12.27
CA ASP C 460 33.22 -58.06 -12.39
C ASP C 460 32.68 -57.66 -11.00
N ALA C 461 33.33 -58.18 -9.96
CA ALA C 461 32.92 -57.90 -8.58
C ALA C 461 33.29 -56.49 -8.14
N MET C 462 34.14 -55.82 -8.91
CA MET C 462 34.52 -54.45 -8.57
C MET C 462 33.30 -53.56 -8.72
N ARG C 463 32.57 -53.77 -9.80
CA ARG C 463 31.37 -53.02 -10.10
C ARG C 463 30.30 -53.22 -9.04
N ALA C 464 29.97 -54.47 -8.76
CA ALA C 464 28.97 -54.79 -7.74
C ALA C 464 29.40 -54.23 -6.38
N GLU C 465 30.70 -54.21 -6.15
CA GLU C 465 31.22 -53.71 -4.88
C GLU C 465 31.11 -52.19 -4.77
N LYS C 466 31.44 -51.49 -5.85
CA LYS C 466 31.38 -50.04 -5.86
C LYS C 466 29.93 -49.56 -5.76
N ILE C 467 29.03 -50.33 -6.36
CA ILE C 467 27.61 -49.99 -6.31
C ILE C 467 27.15 -49.94 -4.87
N GLU C 468 27.42 -51.04 -4.15
CA GLU C 468 27.04 -51.15 -2.75
C GLU C 468 27.66 -49.99 -1.97
N GLU C 469 28.87 -49.62 -2.36
CA GLU C 469 29.60 -48.53 -1.72
C GLU C 469 28.89 -47.18 -1.88
N TYR C 470 28.53 -46.85 -3.11
CA TYR C 470 27.85 -45.59 -3.41
C TYR C 470 26.49 -45.57 -2.74
N GLN C 471 25.78 -46.69 -2.85
CA GLN C 471 24.45 -46.84 -2.27
C GLN C 471 24.40 -46.53 -0.78
N ASN C 472 25.28 -47.17 -0.02
CA ASN C 472 25.33 -46.99 1.43
C ASN C 472 25.80 -45.60 1.85
N ALA C 473 26.62 -44.99 1.00
CA ALA C 473 27.16 -43.67 1.28
C ALA C 473 26.17 -42.53 1.13
N PHE C 474 25.21 -42.70 0.22
CA PHE C 474 24.26 -41.63 -0.06
C PHE C 474 22.76 -41.90 -0.05
N ASN C 475 22.36 -43.09 -0.48
CA ASN C 475 20.94 -43.39 -0.63
C ASN C 475 20.09 -43.96 0.48
N THR C 476 20.49 -43.80 1.74
CA THR C 476 19.66 -44.31 2.83
C THR C 476 19.00 -43.12 3.50
N PRO C 477 17.85 -43.34 4.15
CA PRO C 477 17.12 -42.27 4.83
C PRO C 477 18.00 -41.53 5.81
N TYR C 478 18.93 -42.23 6.42
CA TYR C 478 19.78 -41.59 7.41
C TYR C 478 20.76 -40.57 6.86
N VAL C 479 21.20 -40.74 5.61
CA VAL C 479 22.13 -39.78 5.06
C VAL C 479 21.31 -38.54 4.67
N ALA C 480 20.12 -38.77 4.13
CA ALA C 480 19.26 -37.65 3.77
C ALA C 480 19.00 -36.82 5.03
N ALA C 481 18.71 -37.49 6.14
CA ALA C 481 18.46 -36.79 7.40
C ALA C 481 19.74 -36.15 7.95
N ALA C 482 20.87 -36.80 7.76
CA ALA C 482 22.13 -36.23 8.26
C ALA C 482 22.38 -34.87 7.61
N ARG C 483 22.03 -34.77 6.33
CA ARG C 483 22.22 -33.55 5.55
C ARG C 483 21.09 -32.53 5.74
N GLY C 484 20.05 -32.93 6.47
CA GLY C 484 18.94 -32.02 6.71
C GLY C 484 17.94 -31.94 5.58
N GLN C 485 18.01 -32.88 4.65
CA GLN C 485 17.09 -32.86 3.52
C GLN C 485 15.71 -33.35 3.91
N VAL C 486 15.64 -34.10 5.00
CA VAL C 486 14.36 -34.54 5.54
C VAL C 486 14.44 -34.11 7.00
N ASP C 487 13.30 -33.76 7.60
CA ASP C 487 13.29 -33.32 9.00
C ASP C 487 13.48 -34.48 9.96
N ASP C 488 13.02 -35.65 9.54
CA ASP C 488 13.10 -36.82 10.38
C ASP C 488 12.88 -38.04 9.51
N VAL C 489 13.21 -39.21 10.06
CA VAL C 489 12.96 -40.47 9.38
C VAL C 489 11.81 -40.96 10.25
N ILE C 490 10.75 -41.47 9.65
CA ILE C 490 9.59 -41.87 10.45
C ILE C 490 9.02 -43.25 10.20
N ASP C 491 8.22 -43.68 11.16
CA ASP C 491 7.52 -44.95 11.10
C ASP C 491 6.34 -44.66 10.17
N PRO C 492 6.21 -45.44 9.09
CA PRO C 492 5.10 -45.20 8.16
C PRO C 492 3.77 -45.11 8.87
N ALA C 493 3.66 -45.82 9.98
CA ALA C 493 2.43 -45.84 10.77
C ALA C 493 2.04 -44.48 11.31
N ASP C 494 3.01 -43.57 11.46
CA ASP C 494 2.75 -42.24 11.98
C ASP C 494 2.61 -41.19 10.85
N THR C 495 2.42 -41.62 9.62
CA THR C 495 2.34 -40.67 8.50
C THR C 495 1.23 -39.63 8.67
N ARG C 496 0.02 -40.08 8.96
CA ARG C 496 -1.10 -39.15 9.12
C ARG C 496 -0.81 -38.09 10.18
N ARG C 497 -0.36 -38.50 11.35
CA ARG C 497 -0.06 -37.56 12.41
C ARG C 497 1.02 -36.57 12.00
N LYS C 498 2.06 -37.06 11.32
CA LYS C 498 3.14 -36.17 10.88
C LYS C 498 2.63 -35.09 9.90
N ILE C 499 1.78 -35.48 8.96
CA ILE C 499 1.21 -34.53 8.00
C ILE C 499 0.26 -33.58 8.72
N ALA C 500 -0.63 -34.14 9.54
CA ALA C 500 -1.61 -33.34 10.30
C ALA C 500 -0.95 -32.29 11.17
N SER C 501 0.11 -32.68 11.86
CA SER C 501 0.82 -31.75 12.73
C SER C 501 1.49 -30.63 11.93
N ALA C 502 2.06 -30.97 10.79
CA ALA C 502 2.71 -29.97 9.94
C ALA C 502 1.66 -29.02 9.38
N LEU C 503 0.54 -29.57 8.92
CA LEU C 503 -0.55 -28.73 8.40
C LEU C 503 -1.03 -27.78 9.49
N GLU C 504 -1.11 -28.29 10.71
CA GLU C 504 -1.54 -27.47 11.85
C GLU C 504 -0.56 -26.34 12.16
N MET C 505 0.73 -26.66 12.25
CA MET C 505 1.69 -25.60 12.56
C MET C 505 1.80 -24.58 11.45
N TYR C 506 1.72 -25.04 10.21
CA TYR C 506 1.84 -24.13 9.07
C TYR C 506 0.54 -23.48 8.64
N ALA C 507 -0.52 -23.66 9.43
CA ALA C 507 -1.80 -23.04 9.11
C ALA C 507 -1.67 -21.53 9.21
N THR C 508 -0.61 -21.06 9.84
CA THR C 508 -0.40 -19.63 9.98
C THR C 508 0.76 -19.11 9.14
N LYS C 509 1.21 -19.93 8.19
CA LYS C 509 2.30 -19.56 7.29
C LYS C 509 2.00 -18.29 6.47
N ARG C 510 2.93 -17.35 6.48
CA ARG C 510 2.82 -16.11 5.70
C ARG C 510 4.15 -15.95 4.96
N GLN C 511 4.15 -16.29 3.68
CA GLN C 511 5.34 -16.26 2.84
C GLN C 511 5.14 -15.37 1.62
N THR C 512 6.04 -14.42 1.42
CA THR C 512 5.92 -13.52 0.28
C THR C 512 6.94 -13.76 -0.84
N ARG C 513 6.55 -13.36 -2.04
CA ARG C 513 7.39 -13.53 -3.22
C ARG C 513 7.90 -12.19 -3.75
N PRO C 514 8.87 -12.22 -4.68
CA PRO C 514 9.38 -10.97 -5.25
C PRO C 514 8.28 -10.26 -6.07
N ALA C 515 8.27 -8.93 -6.02
CA ALA C 515 7.28 -8.13 -6.76
C ALA C 515 7.42 -8.36 -8.26
N LYS C 516 6.31 -8.67 -8.92
CA LYS C 516 6.33 -8.93 -10.36
C LYS C 516 4.90 -9.01 -10.90
N LYS C 517 4.68 -8.69 -12.17
CA LYS C 517 3.33 -8.81 -12.72
C LYS C 517 3.04 -10.30 -12.68
N HIS C 518 4.06 -11.07 -13.01
CA HIS C 518 3.98 -12.52 -13.04
C HIS C 518 5.35 -13.02 -13.47
N GLY C 519 5.63 -14.28 -13.21
CA GLY C 519 6.90 -14.83 -13.61
C GLY C 519 6.73 -15.29 -15.04
N ASN C 520 7.71 -15.98 -15.59
CA ASN C 520 7.57 -16.44 -16.95
C ASN C 520 7.43 -17.97 -16.93
N PHE C 521 6.20 -18.40 -16.68
CA PHE C 521 5.86 -19.81 -16.59
C PHE C 521 6.15 -20.57 -17.89
N PRO C 522 6.86 -21.70 -17.80
CA PRO C 522 7.15 -22.42 -19.04
C PRO C 522 5.93 -22.87 -19.85
N CYS C 523 6.09 -22.85 -21.17
CA CYS C 523 5.01 -23.23 -22.07
C CYS C 523 5.32 -24.58 -22.70
N LEU D 6 0.54 48.57 20.55
CA LEU D 6 0.64 50.00 20.15
C LEU D 6 -0.51 50.45 19.25
N LYS D 7 -0.58 51.76 18.99
CA LYS D 7 -1.61 52.35 18.15
C LYS D 7 -1.07 52.61 16.75
N LEU D 8 -1.79 52.13 15.74
CA LEU D 8 -1.37 52.29 14.34
C LEU D 8 -1.26 53.74 13.91
N ALA D 9 -0.34 54.01 12.98
CA ALA D 9 -0.12 55.34 12.44
C ALA D 9 -1.31 55.70 11.55
N SER D 10 -1.33 56.95 11.07
CA SER D 10 -2.45 57.43 10.25
C SER D 10 -2.47 57.13 8.75
N THR D 11 -1.30 56.93 8.14
CA THR D 11 -1.26 56.63 6.70
C THR D 11 -0.45 55.35 6.47
N MET D 12 -0.53 54.81 5.26
CA MET D 12 0.20 53.57 4.95
C MET D 12 1.71 53.78 4.96
N GLU D 13 2.15 54.95 4.51
CA GLU D 13 3.58 55.26 4.50
C GLU D 13 4.06 55.34 5.93
N GLY D 14 3.26 55.96 6.78
CA GLY D 14 3.63 56.08 8.17
C GLY D 14 3.62 54.71 8.86
N ARG D 15 2.67 53.86 8.50
CA ARG D 15 2.60 52.53 9.12
C ARG D 15 3.76 51.65 8.67
N VAL D 16 4.21 51.83 7.43
CA VAL D 16 5.35 51.06 6.94
C VAL D 16 6.60 51.49 7.73
N GLU D 17 6.64 52.76 8.09
CA GLU D 17 7.76 53.31 8.86
C GLU D 17 7.68 52.79 10.27
N GLN D 18 6.48 52.81 10.83
CA GLN D 18 6.27 52.32 12.17
C GLN D 18 6.66 50.84 12.23
N LEU D 19 6.32 50.10 11.17
CA LEU D 19 6.64 48.68 11.08
C LEU D 19 8.16 48.45 11.09
N ALA D 20 8.89 49.26 10.33
CA ALA D 20 10.34 49.14 10.27
C ALA D 20 10.94 49.45 11.65
N GLU D 21 10.41 50.47 12.31
CA GLU D 21 10.86 50.87 13.64
C GLU D 21 10.69 49.70 14.61
N GLN D 22 9.46 49.21 14.70
CA GLN D 22 9.12 48.10 15.57
C GLN D 22 9.97 46.86 15.31
N ARG D 23 10.15 46.51 14.05
CA ARG D 23 10.95 45.34 13.72
C ARG D 23 12.38 45.54 14.18
N GLN D 24 12.84 46.78 14.05
CA GLN D 24 14.19 47.12 14.49
C GLN D 24 14.31 46.88 16.00
N VAL D 25 13.28 47.26 16.75
CA VAL D 25 13.28 47.07 18.20
C VAL D 25 13.39 45.58 18.50
N ILE D 26 12.45 44.81 17.95
CA ILE D 26 12.44 43.36 18.15
C ILE D 26 13.80 42.76 17.86
N GLU D 27 14.38 43.13 16.73
CA GLU D 27 15.67 42.58 16.34
C GLU D 27 16.84 42.95 17.26
N ALA D 28 16.66 43.98 18.08
CA ALA D 28 17.72 44.39 19.01
C ALA D 28 17.79 43.46 20.22
N GLY D 29 16.89 42.47 20.27
CA GLY D 29 16.88 41.53 21.37
C GLY D 29 16.86 42.16 22.75
N GLY D 30 17.75 41.70 23.62
CA GLY D 30 17.84 42.21 24.98
C GLY D 30 18.46 43.58 25.14
N GLY D 31 18.94 44.18 24.06
CA GLY D 31 19.53 45.51 24.17
C GLY D 31 21.03 45.54 23.92
N GLU D 32 21.54 46.73 23.61
CA GLU D 32 22.95 46.93 23.32
C GLU D 32 23.92 46.37 24.37
N ARG D 33 23.66 46.66 25.64
CA ARG D 33 24.53 46.19 26.71
C ARG D 33 24.61 44.66 26.72
N ARG D 34 23.45 44.00 26.77
CA ARG D 34 23.45 42.54 26.76
C ARG D 34 24.10 42.00 25.50
N VAL D 35 23.93 42.72 24.39
CA VAL D 35 24.53 42.30 23.13
C VAL D 35 26.06 42.40 23.20
N GLU D 36 26.54 43.50 23.79
CA GLU D 36 27.97 43.69 23.94
C GLU D 36 28.50 42.61 24.87
N LYS D 37 27.74 42.28 25.91
CA LYS D 37 28.14 41.24 26.86
C LYS D 37 28.30 39.91 26.13
N GLN D 38 27.30 39.54 25.34
CA GLN D 38 27.35 38.30 24.58
C GLN D 38 28.65 38.29 23.78
N HIS D 39 28.88 39.38 23.04
CA HIS D 39 30.09 39.51 22.21
C HIS D 39 31.38 39.45 23.03
N SER D 40 31.40 40.10 24.18
CA SER D 40 32.59 40.09 25.01
C SER D 40 32.95 38.67 25.43
N GLN D 41 31.96 37.78 25.49
CA GLN D 41 32.20 36.39 25.87
C GLN D 41 32.64 35.54 24.68
N GLY D 42 32.86 36.21 23.55
CA GLY D 42 33.29 35.50 22.36
C GLY D 42 32.16 34.76 21.68
N LYS D 43 30.93 35.27 21.82
CA LYS D 43 29.77 34.63 21.22
C LYS D 43 28.99 35.58 20.30
N GLN D 44 28.50 35.04 19.19
CA GLN D 44 27.71 35.82 18.25
C GLN D 44 26.27 35.82 18.79
N THR D 45 25.44 36.73 18.29
CA THR D 45 24.05 36.81 18.71
C THR D 45 23.23 35.78 17.95
N ALA D 46 21.97 35.63 18.33
CA ALA D 46 21.07 34.67 17.68
C ALA D 46 20.97 34.94 16.19
N ARG D 47 20.76 36.21 15.83
CA ARG D 47 20.60 36.58 14.42
C ARG D 47 21.89 36.50 13.63
N GLU D 48 23.01 36.83 14.27
CA GLU D 48 24.31 36.75 13.60
C GLU D 48 24.60 35.31 13.21
N ARG D 49 24.29 34.38 14.11
CA ARG D 49 24.52 32.96 13.83
C ARG D 49 23.72 32.46 12.62
N LEU D 50 22.46 32.87 12.53
CA LEU D 50 21.63 32.45 11.39
C LEU D 50 22.13 33.11 10.11
N ASN D 51 22.55 34.37 10.23
CA ASN D 51 23.06 35.09 9.07
C ASN D 51 24.34 34.46 8.54
N ASN D 52 25.20 33.97 9.44
CA ASN D 52 26.46 33.34 9.01
C ASN D 52 26.26 31.92 8.49
N LEU D 53 25.28 31.22 9.04
CA LEU D 53 24.99 29.85 8.63
C LEU D 53 24.28 29.75 7.28
N LEU D 54 23.23 30.55 7.12
CA LEU D 54 22.42 30.53 5.88
C LEU D 54 23.01 31.39 4.77
N ASP D 55 22.64 31.06 3.54
CA ASP D 55 23.10 31.82 2.38
C ASP D 55 22.70 33.28 2.53
N PRO D 56 23.54 34.20 2.02
CA PRO D 56 23.20 35.63 2.13
C PRO D 56 21.78 35.95 1.72
N HIS D 57 21.11 36.72 2.58
CA HIS D 57 19.74 37.19 2.35
C HIS D 57 18.66 36.13 2.20
N SER D 58 18.97 34.89 2.55
CA SER D 58 17.98 33.82 2.39
C SER D 58 17.08 33.65 3.60
N PHE D 59 17.42 34.27 4.73
CA PHE D 59 16.60 34.09 5.90
C PHE D 59 15.22 34.71 5.83
N ASP D 60 14.20 33.85 5.86
CA ASP D 60 12.82 34.28 5.84
C ASP D 60 12.32 33.97 7.25
N GLU D 61 12.21 34.99 8.09
CA GLU D 61 11.81 34.80 9.47
C GLU D 61 10.33 34.70 9.75
N VAL D 62 9.98 33.79 10.65
CA VAL D 62 8.59 33.59 11.05
C VAL D 62 8.50 33.90 12.54
N GLY D 63 7.50 34.69 12.93
CA GLY D 63 7.30 34.99 14.33
C GLY D 63 8.13 36.06 15.03
N ALA D 64 8.67 37.03 14.29
CA ALA D 64 9.44 38.09 14.92
C ALA D 64 8.54 38.82 15.91
N PHE D 65 7.30 39.06 15.50
CA PHE D 65 6.37 39.76 16.35
C PHE D 65 5.55 38.87 17.26
N ARG D 66 5.88 37.58 17.28
CA ARG D 66 5.18 36.59 18.12
C ARG D 66 5.47 36.92 19.59
N LYS D 67 4.44 36.92 20.44
CA LYS D 67 4.66 37.24 21.86
C LYS D 67 4.12 36.21 22.82
N HIS D 68 4.75 36.10 23.99
CA HIS D 68 4.31 35.17 25.02
C HIS D 68 2.92 35.62 25.49
N ARG D 69 2.16 34.70 26.09
CA ARG D 69 0.83 35.04 26.58
C ARG D 69 0.72 34.87 28.09
N THR D 70 1.82 34.43 28.70
CA THR D 70 1.89 34.23 30.14
C THR D 70 1.82 35.59 30.86
N THR D 71 1.22 35.60 32.06
CA THR D 71 1.04 36.85 32.80
C THR D 71 1.53 36.81 34.25
N LEU D 72 1.77 35.62 34.77
CA LEU D 72 2.23 35.45 36.14
C LEU D 72 3.66 35.89 36.41
N PHE D 73 3.90 36.32 37.63
CA PHE D 73 5.21 36.75 38.07
C PHE D 73 5.95 37.73 37.15
N GLY D 74 5.28 38.82 36.81
CA GLY D 74 5.89 39.84 35.98
C GLY D 74 5.82 39.68 34.47
N MET D 75 5.50 38.48 33.99
CA MET D 75 5.42 38.27 32.55
C MET D 75 4.41 39.20 31.90
N ASP D 76 3.34 39.54 32.63
CA ASP D 76 2.31 40.43 32.08
C ASP D 76 2.87 41.78 31.63
N LYS D 77 3.96 42.22 32.26
CA LYS D 77 4.57 43.49 31.89
C LYS D 77 5.93 43.35 31.20
N ALA D 78 6.47 42.13 31.18
CA ALA D 78 7.77 41.93 30.55
C ALA D 78 7.72 41.99 29.03
N VAL D 79 8.68 42.68 28.43
CA VAL D 79 8.78 42.77 26.98
C VAL D 79 9.86 41.75 26.64
N VAL D 80 9.48 40.73 25.88
CA VAL D 80 10.39 39.66 25.53
C VAL D 80 10.37 39.40 24.02
N PRO D 81 11.25 40.08 23.27
CA PRO D 81 11.40 40.00 21.81
C PRO D 81 11.47 38.60 21.23
N ALA D 82 10.50 38.27 20.37
CA ALA D 82 10.43 36.97 19.69
C ALA D 82 10.36 35.82 20.67
N ASP D 83 10.02 36.15 21.91
CA ASP D 83 9.96 35.24 23.04
C ASP D 83 11.28 34.52 23.18
N GLY D 84 12.35 35.17 22.73
CA GLY D 84 13.68 34.58 22.89
C GLY D 84 14.23 33.63 21.85
N VAL D 85 13.53 33.45 20.74
CA VAL D 85 14.06 32.56 19.71
C VAL D 85 13.75 33.10 18.33
N VAL D 86 14.73 32.96 17.42
CA VAL D 86 14.58 33.43 16.06
C VAL D 86 14.40 32.19 15.19
N THR D 87 13.26 32.10 14.52
CA THR D 87 12.94 30.94 13.70
C THR D 87 12.55 31.31 12.26
N GLY D 88 12.72 30.35 11.35
CA GLY D 88 12.34 30.60 9.97
C GLY D 88 13.01 29.63 9.04
N ARG D 89 13.05 29.98 7.76
CA ARG D 89 13.67 29.13 6.76
C ARG D 89 14.69 29.89 5.94
N GLY D 90 15.56 29.15 5.27
CA GLY D 90 16.57 29.76 4.45
C GLY D 90 17.16 28.68 3.59
N THR D 91 18.38 28.91 3.12
CA THR D 91 19.05 27.93 2.30
C THR D 91 20.50 27.90 2.71
N ILE D 92 21.11 26.74 2.52
CA ILE D 92 22.52 26.52 2.80
C ILE D 92 22.95 25.85 1.50
N LEU D 93 23.81 26.53 0.76
CA LEU D 93 24.27 26.03 -0.53
C LEU D 93 23.07 25.75 -1.45
N GLY D 94 22.09 26.66 -1.40
CA GLY D 94 20.91 26.52 -2.23
C GLY D 94 19.89 25.51 -1.74
N ARG D 95 20.20 24.80 -0.66
CA ARG D 95 19.27 23.80 -0.13
C ARG D 95 18.34 24.37 0.92
N PRO D 96 17.02 24.23 0.71
CA PRO D 96 16.05 24.76 1.68
C PRO D 96 16.24 24.08 3.05
N VAL D 97 16.17 24.87 4.11
CA VAL D 97 16.28 24.33 5.45
C VAL D 97 15.44 25.20 6.38
N HIS D 98 15.16 24.67 7.57
CA HIS D 98 14.43 25.41 8.59
C HIS D 98 15.39 25.50 9.75
N ALA D 99 15.34 26.59 10.49
CA ALA D 99 16.26 26.76 11.62
C ALA D 99 15.67 27.56 12.76
N ALA D 100 16.29 27.43 13.94
CA ALA D 100 15.89 28.17 15.12
C ALA D 100 17.19 28.63 15.80
N SER D 101 17.12 29.72 16.55
CA SER D 101 18.30 30.25 17.23
C SER D 101 17.89 31.00 18.50
N GLN D 102 18.24 30.44 19.65
CA GLN D 102 17.90 31.05 20.93
C GLN D 102 18.71 32.32 21.19
N ASP D 103 18.01 33.33 21.69
CA ASP D 103 18.61 34.63 22.00
C ASP D 103 18.87 34.73 23.52
N PHE D 104 20.10 34.47 23.93
CA PHE D 104 20.44 34.51 25.35
C PHE D 104 20.24 35.89 25.96
N THR D 105 20.28 36.94 25.14
CA THR D 105 20.12 38.30 25.64
C THR D 105 18.70 38.57 26.08
N VAL D 106 17.79 37.65 25.75
CA VAL D 106 16.39 37.81 26.13
C VAL D 106 16.03 36.81 27.24
N MET D 107 15.98 37.31 28.47
CA MET D 107 15.67 36.51 29.66
C MET D 107 16.56 35.28 29.71
N GLY D 108 17.84 35.50 29.41
CA GLY D 108 18.81 34.41 29.43
C GLY D 108 18.46 33.30 28.49
N GLY D 109 17.71 33.62 27.44
CA GLY D 109 17.30 32.60 26.49
C GLY D 109 16.38 31.55 27.12
N SER D 110 15.85 31.85 28.31
CA SER D 110 14.95 30.89 28.97
C SER D 110 13.85 30.49 28.00
N ALA D 111 13.58 29.19 27.93
CA ALA D 111 12.58 28.68 27.00
C ALA D 111 11.14 28.95 27.39
N GLY D 112 10.60 30.06 26.90
CA GLY D 112 9.21 30.36 27.19
C GLY D 112 8.32 29.35 26.48
N GLU D 113 7.07 29.27 26.91
CA GLU D 113 6.09 28.35 26.32
C GLU D 113 5.93 28.68 24.83
N THR D 114 5.71 29.95 24.53
CA THR D 114 5.56 30.40 23.15
C THR D 114 6.85 30.12 22.38
N GLN D 115 7.99 30.28 23.04
CA GLN D 115 9.27 30.04 22.37
C GLN D 115 9.35 28.58 21.88
N SER D 116 9.01 27.63 22.76
CA SER D 116 9.06 26.22 22.39
C SER D 116 8.01 25.95 21.31
N THR D 117 6.91 26.69 21.37
CA THR D 117 5.85 26.54 20.38
C THR D 117 6.36 26.99 19.00
N LYS D 118 7.13 28.07 18.97
CA LYS D 118 7.70 28.55 17.71
C LYS D 118 8.68 27.50 17.17
N VAL D 119 9.45 26.89 18.06
CA VAL D 119 10.41 25.88 17.65
C VAL D 119 9.69 24.64 17.09
N VAL D 120 8.65 24.19 17.79
CA VAL D 120 7.90 23.02 17.32
C VAL D 120 7.26 23.30 15.96
N GLU D 121 6.63 24.47 15.82
CA GLU D 121 6.02 24.82 14.54
C GLU D 121 7.05 24.76 13.42
N THR D 122 8.23 25.31 13.69
CA THR D 122 9.30 25.30 12.70
C THR D 122 9.70 23.88 12.35
N MET D 123 9.76 23.02 13.37
CA MET D 123 10.14 21.64 13.13
C MET D 123 9.07 20.93 12.28
N GLU D 124 7.81 21.22 12.58
CA GLU D 124 6.71 20.62 11.81
C GLU D 124 6.81 21.05 10.34
N GLN D 125 7.20 22.29 10.09
CA GLN D 125 7.34 22.76 8.72
C GLN D 125 8.46 21.99 8.04
N ALA D 126 9.55 21.75 8.77
CA ALA D 126 10.69 21.01 8.24
C ALA D 126 10.25 19.62 7.81
N LEU D 127 9.44 18.99 8.65
CA LEU D 127 8.93 17.65 8.40
C LEU D 127 7.98 17.66 7.20
N LEU D 128 7.05 18.61 7.25
CA LEU D 128 6.03 18.81 6.22
C LEU D 128 6.61 19.00 4.82
N THR D 129 7.69 19.76 4.72
CA THR D 129 8.32 20.04 3.44
C THR D 129 9.55 19.19 3.18
N GLY D 130 9.86 18.29 4.12
CA GLY D 130 11.01 17.41 3.95
C GLY D 130 12.37 18.09 3.90
N THR D 131 12.60 19.05 4.80
CA THR D 131 13.89 19.75 4.82
C THR D 131 14.62 19.56 6.15
N PRO D 132 15.95 19.73 6.15
CA PRO D 132 16.73 19.58 7.39
C PRO D 132 16.31 20.67 8.38
N PHE D 133 16.60 20.44 9.65
CA PHE D 133 16.30 21.37 10.72
C PHE D 133 17.56 21.57 11.54
N LEU D 134 17.93 22.82 11.79
CA LEU D 134 19.12 23.16 12.57
C LEU D 134 18.70 24.11 13.68
N PHE D 135 19.24 23.89 14.89
CA PHE D 135 18.86 24.69 16.06
C PHE D 135 20.08 25.15 16.87
N PHE D 136 20.21 26.46 17.10
CA PHE D 136 21.31 27.00 17.91
C PHE D 136 20.73 27.18 19.31
N TYR D 137 21.28 26.45 20.28
CA TYR D 137 20.83 26.51 21.68
C TYR D 137 21.75 27.43 22.49
N ASP D 138 21.18 28.25 23.36
CA ASP D 138 21.93 29.21 24.17
C ASP D 138 20.84 29.59 25.17
N SER D 139 20.66 28.78 26.21
CA SER D 139 19.56 29.03 27.12
C SER D 139 19.76 28.61 28.57
N GLY D 140 19.01 29.27 29.45
CA GLY D 140 19.05 28.95 30.86
C GLY D 140 18.03 27.87 31.19
N GLY D 141 17.42 27.29 30.15
CA GLY D 141 16.44 26.25 30.36
C GLY D 141 15.01 26.77 30.36
N ALA D 142 14.05 25.91 30.69
CA ALA D 142 12.65 26.33 30.72
C ALA D 142 12.47 27.58 31.59
N ARG D 143 11.72 28.56 31.09
CA ARG D 143 11.47 29.80 31.80
C ARG D 143 10.69 29.58 33.11
N ILE D 144 11.38 29.77 34.22
CA ILE D 144 10.81 29.54 35.54
C ILE D 144 9.55 30.29 35.90
N GLN D 145 9.42 31.55 35.48
CA GLN D 145 8.22 32.31 35.80
C GLN D 145 6.97 31.72 35.19
N GLU D 146 7.16 30.86 34.17
CA GLU D 146 6.04 30.24 33.46
C GLU D 146 5.67 28.85 33.97
N GLY D 147 6.41 28.37 34.96
CA GLY D 147 6.12 27.08 35.56
C GLY D 147 5.80 25.92 34.65
N ILE D 148 4.61 25.34 34.84
CA ILE D 148 4.25 24.18 34.03
C ILE D 148 3.95 24.52 32.58
N ASP D 149 3.73 25.79 32.27
CA ASP D 149 3.46 26.16 30.88
C ASP D 149 4.74 25.99 30.10
N SER D 150 5.84 26.35 30.74
CA SER D 150 7.17 26.24 30.13
C SER D 150 7.57 24.76 30.05
N LEU D 151 7.18 23.99 31.05
CA LEU D 151 7.47 22.57 31.10
C LEU D 151 6.77 21.86 29.94
N SER D 152 5.51 22.21 29.72
CA SER D 152 4.75 21.59 28.64
C SER D 152 5.40 21.84 27.29
N GLY D 153 5.99 23.03 27.13
CA GLY D 153 6.64 23.36 25.86
C GLY D 153 7.76 22.39 25.53
N TYR D 154 8.51 21.98 26.55
CA TYR D 154 9.62 21.06 26.36
C TYR D 154 9.13 19.68 25.98
N GLY D 155 8.01 19.29 26.56
CA GLY D 155 7.44 18.00 26.25
C GLY D 155 7.09 17.97 24.78
N LYS D 156 6.47 19.07 24.31
CA LYS D 156 6.09 19.16 22.91
C LYS D 156 7.32 19.13 22.02
N MET D 157 8.40 19.79 22.46
CA MET D 157 9.63 19.81 21.66
C MET D 157 10.25 18.41 21.51
N PHE D 158 10.37 17.69 22.62
CA PHE D 158 10.97 16.36 22.58
C PHE D 158 10.15 15.42 21.70
N PHE D 159 8.83 15.48 21.81
CA PHE D 159 7.99 14.62 20.97
C PHE D 159 8.27 14.97 19.52
N ALA D 160 8.46 16.25 19.21
CA ALA D 160 8.71 16.65 17.84
C ALA D 160 10.05 16.15 17.33
N ASN D 161 11.08 16.23 18.16
CA ASN D 161 12.41 15.75 17.78
C ASN D 161 12.30 14.28 17.38
N VAL D 162 11.48 13.52 18.13
CA VAL D 162 11.34 12.11 17.83
C VAL D 162 10.53 11.92 16.55
N LYS D 163 9.50 12.75 16.38
CA LYS D 163 8.68 12.66 15.18
C LYS D 163 9.56 12.85 13.92
N LEU D 164 10.44 13.85 13.93
CA LEU D 164 11.34 14.11 12.81
C LEU D 164 12.49 13.12 12.69
N SER D 165 12.79 12.42 13.78
CA SER D 165 13.91 11.48 13.80
C SER D 165 13.90 10.44 12.67
N GLY D 166 14.98 10.41 11.89
CA GLY D 166 15.05 9.46 10.80
C GLY D 166 14.24 9.84 9.56
N VAL D 167 13.65 11.04 9.59
CA VAL D 167 12.85 11.55 8.46
C VAL D 167 13.60 12.70 7.80
N VAL D 168 13.98 13.69 8.61
CA VAL D 168 14.78 14.82 8.11
C VAL D 168 15.94 14.99 9.09
N PRO D 169 17.13 15.35 8.59
CA PRO D 169 18.31 15.55 9.44
C PRO D 169 18.07 16.63 10.47
N GLN D 170 18.51 16.40 11.70
CA GLN D 170 18.36 17.41 12.75
C GLN D 170 19.75 17.69 13.34
N ILE D 171 20.19 18.94 13.27
CA ILE D 171 21.50 19.31 13.78
C ILE D 171 21.36 20.35 14.86
N ALA D 172 21.95 20.06 16.01
CA ALA D 172 21.90 20.97 17.14
C ALA D 172 23.28 21.59 17.32
N ILE D 173 23.29 22.86 17.70
CA ILE D 173 24.56 23.56 17.93
C ILE D 173 24.43 24.28 19.25
N ILE D 174 25.20 23.82 20.24
CA ILE D 174 25.19 24.43 21.56
C ILE D 174 26.27 25.51 21.50
N ALA D 175 25.87 26.76 21.63
CA ALA D 175 26.80 27.87 21.55
C ALA D 175 26.81 28.73 22.80
N GLY D 176 26.36 28.15 23.91
CA GLY D 176 26.31 28.84 25.18
C GLY D 176 25.74 27.93 26.24
N PRO D 177 25.06 28.45 27.27
CA PRO D 177 24.49 27.53 28.26
C PRO D 177 23.35 26.68 27.66
N CYS D 178 23.03 25.58 28.33
CA CYS D 178 21.93 24.67 27.96
C CYS D 178 21.72 23.93 29.27
N ALA D 179 21.07 24.63 30.19
CA ALA D 179 20.84 24.17 31.55
C ALA D 179 19.57 23.36 31.85
N GLY D 180 19.77 22.09 32.18
CA GLY D 180 18.66 21.23 32.53
C GLY D 180 18.21 20.28 31.44
N GLY D 181 17.01 19.74 31.62
CA GLY D 181 16.46 18.81 30.66
C GLY D 181 16.39 19.35 29.24
N ALA D 182 16.54 20.66 29.11
CA ALA D 182 16.51 21.31 27.79
C ALA D 182 17.44 20.49 26.92
N SER D 183 18.50 19.98 27.55
CA SER D 183 19.52 19.19 26.90
C SER D 183 19.01 17.93 26.20
N TYR D 184 17.84 17.45 26.60
CA TYR D 184 17.33 16.24 25.97
C TYR D 184 16.95 16.49 24.51
N SER D 185 16.69 17.75 24.14
CA SER D 185 16.35 18.02 22.74
C SER D 185 17.59 17.72 21.88
N PRO D 186 18.74 18.33 22.22
CA PRO D 186 19.91 18.03 21.41
C PRO D 186 20.18 16.51 21.33
N ALA D 187 20.00 15.81 22.44
CA ALA D 187 20.24 14.36 22.45
C ALA D 187 19.34 13.62 21.48
N LEU D 188 18.16 14.18 21.24
CA LEU D 188 17.20 13.56 20.34
C LEU D 188 17.42 13.96 18.88
N THR D 189 18.26 14.98 18.64
CA THR D 189 18.59 15.37 17.26
C THR D 189 19.63 14.35 16.80
N ASP D 190 20.15 14.47 15.58
CA ASP D 190 21.12 13.50 15.09
C ASP D 190 22.58 13.85 15.42
N PHE D 191 22.90 15.13 15.39
CA PHE D 191 24.27 15.55 15.70
C PHE D 191 24.30 16.80 16.55
N ILE D 192 25.21 16.81 17.52
CA ILE D 192 25.37 17.95 18.39
C ILE D 192 26.77 18.51 18.17
N ILE D 193 26.83 19.83 17.98
CA ILE D 193 28.09 20.53 17.78
C ILE D 193 28.16 21.50 18.96
N MET D 194 29.24 21.43 19.73
CA MET D 194 29.40 22.32 20.89
C MET D 194 30.60 23.24 20.72
N THR D 195 30.43 24.52 21.05
CA THR D 195 31.54 25.47 20.96
C THR D 195 32.26 25.38 22.31
N LYS D 196 33.40 26.05 22.43
CA LYS D 196 34.14 26.00 23.67
C LYS D 196 33.61 27.01 24.68
N LYS D 197 32.54 27.71 24.33
CA LYS D 197 31.94 28.68 25.25
C LYS D 197 30.65 28.09 25.81
N ALA D 198 30.22 26.98 25.23
CA ALA D 198 28.97 26.34 25.63
C ALA D 198 29.06 25.35 26.80
N HIS D 199 27.92 25.10 27.41
CA HIS D 199 27.84 24.16 28.53
C HIS D 199 26.53 23.43 28.41
N MET D 200 26.47 22.22 28.95
CA MET D 200 25.27 21.41 28.87
C MET D 200 25.28 20.36 29.97
N PHE D 201 24.15 20.15 30.63
CA PHE D 201 24.04 19.17 31.70
C PHE D 201 22.59 19.06 32.16
N ILE D 202 22.24 17.89 32.71
CA ILE D 202 20.89 17.66 33.21
C ILE D 202 20.69 18.34 34.57
N THR D 203 21.70 18.19 35.43
CA THR D 203 21.69 18.80 36.76
C THR D 203 22.90 19.73 36.83
N GLY D 204 22.66 20.98 37.22
CA GLY D 204 23.72 21.96 37.32
C GLY D 204 24.58 21.91 38.57
N PRO D 205 25.77 22.57 38.55
CA PRO D 205 26.68 22.59 39.68
C PRO D 205 26.06 23.00 41.02
N GLN D 206 25.16 23.99 40.99
CA GLN D 206 24.53 24.45 42.23
C GLN D 206 23.80 23.30 42.93
N VAL D 207 22.90 22.64 42.20
CA VAL D 207 22.14 21.52 42.78
C VAL D 207 23.03 20.36 43.14
N ILE D 208 23.96 20.00 42.26
CA ILE D 208 24.86 18.88 42.53
C ILE D 208 25.63 19.09 43.85
N LYS D 209 26.09 20.33 44.08
CA LYS D 209 26.83 20.65 45.29
C LYS D 209 25.94 20.53 46.53
N SER D 210 24.77 21.14 46.45
CA SER D 210 23.82 21.10 47.56
C SER D 210 23.40 19.67 47.90
N VAL D 211 23.12 18.88 46.87
CA VAL D 211 22.70 17.50 47.07
C VAL D 211 23.80 16.49 47.34
N THR D 212 24.91 16.54 46.59
CA THR D 212 25.98 15.57 46.78
C THR D 212 27.20 16.11 47.51
N GLY D 213 27.24 17.42 47.77
CA GLY D 213 28.40 17.97 48.45
C GLY D 213 29.57 18.19 47.50
N GLU D 214 29.41 17.77 46.25
CA GLU D 214 30.48 17.95 45.29
C GLU D 214 30.39 19.32 44.63
N ASP D 215 31.50 20.06 44.67
CA ASP D 215 31.57 21.40 44.08
C ASP D 215 32.47 21.42 42.84
N VAL D 216 31.86 21.49 41.66
CA VAL D 216 32.58 21.53 40.40
C VAL D 216 32.10 22.72 39.57
N THR D 217 32.87 23.10 38.55
CA THR D 217 32.49 24.23 37.71
C THR D 217 31.61 23.77 36.55
N ALA D 218 30.91 24.70 35.92
CA ALA D 218 30.05 24.36 34.79
C ALA D 218 30.92 23.75 33.70
N ASP D 219 32.15 24.24 33.58
CA ASP D 219 33.05 23.76 32.54
C ASP D 219 33.58 22.35 32.80
N GLU D 220 33.87 22.04 34.05
CA GLU D 220 34.37 20.70 34.38
C GLU D 220 33.21 19.71 34.23
N LEU D 221 32.04 20.13 34.69
CA LEU D 221 30.84 19.30 34.64
C LEU D 221 30.33 19.06 33.21
N GLY D 222 30.01 20.15 32.50
CA GLY D 222 29.46 20.01 31.16
C GLY D 222 30.06 20.82 30.02
N GLY D 223 31.36 21.06 30.07
CA GLY D 223 32.00 21.79 28.99
C GLY D 223 32.12 20.88 27.79
N ALA D 224 32.47 21.43 26.63
CA ALA D 224 32.58 20.62 25.42
C ALA D 224 33.51 19.42 25.50
N GLU D 225 34.70 19.61 26.06
CA GLU D 225 35.66 18.52 26.18
C GLU D 225 35.12 17.40 27.05
N ALA D 226 34.44 17.76 28.13
CA ALA D 226 33.87 16.77 29.04
C ALA D 226 32.83 15.91 28.31
N HIS D 227 31.93 16.56 27.56
CA HIS D 227 30.90 15.83 26.83
C HIS D 227 31.46 14.98 25.72
N MET D 228 32.50 15.47 25.06
CA MET D 228 33.10 14.73 23.96
C MET D 228 33.89 13.50 24.41
N ALA D 229 34.84 13.71 25.31
CA ALA D 229 35.70 12.63 25.77
C ALA D 229 35.15 11.71 26.85
N ILE D 230 34.40 12.28 27.78
CA ILE D 230 33.88 11.47 28.87
C ILE D 230 32.46 10.96 28.66
N SER D 231 31.50 11.89 28.57
CA SER D 231 30.09 11.57 28.42
C SER D 231 29.68 10.83 27.13
N GLY D 232 30.31 11.18 26.02
CA GLY D 232 29.96 10.56 24.75
C GLY D 232 28.64 11.12 24.20
N ASN D 233 28.30 12.32 24.67
CA ASN D 233 27.07 13.02 24.28
C ASN D 233 27.09 13.81 22.97
N ILE D 234 28.27 14.29 22.55
CA ILE D 234 28.35 15.11 21.34
C ILE D 234 29.20 14.55 20.22
N HIS D 235 29.03 15.10 19.01
CA HIS D 235 29.75 14.61 17.85
C HIS D 235 30.83 15.53 17.31
N PHE D 236 30.79 16.80 17.69
CA PHE D 236 31.80 17.77 17.24
C PHE D 236 32.04 18.86 18.26
N VAL D 237 33.31 19.21 18.43
CA VAL D 237 33.66 20.30 19.32
C VAL D 237 34.12 21.43 18.41
N ALA D 238 33.63 22.64 18.66
CA ALA D 238 34.00 23.80 17.85
C ALA D 238 34.69 24.87 18.69
N GLU D 239 35.71 25.51 18.12
CA GLU D 239 36.44 26.56 18.83
C GLU D 239 35.51 27.70 19.23
N ASP D 240 34.71 28.16 18.27
CA ASP D 240 33.76 29.24 18.47
C ASP D 240 32.58 29.11 17.49
N ASP D 241 31.68 30.09 17.51
CA ASP D 241 30.52 30.05 16.63
C ASP D 241 30.88 29.95 15.16
N ASP D 242 31.93 30.66 14.76
CA ASP D 242 32.37 30.63 13.37
C ASP D 242 32.71 29.23 12.90
N ALA D 243 33.45 28.48 13.72
CA ALA D 243 33.84 27.13 13.32
C ALA D 243 32.67 26.15 13.41
N ALA D 244 31.75 26.38 14.34
CA ALA D 244 30.59 25.52 14.49
C ALA D 244 29.72 25.65 13.22
N GLU D 245 29.59 26.89 12.74
CA GLU D 245 28.80 27.13 11.55
C GLU D 245 29.42 26.44 10.34
N LEU D 246 30.75 26.46 10.25
CA LEU D 246 31.44 25.82 9.14
C LEU D 246 31.26 24.31 9.24
N ILE D 247 31.31 23.81 10.47
CA ILE D 247 31.12 22.39 10.71
C ILE D 247 29.69 22.00 10.31
N ALA D 248 28.71 22.78 10.75
CA ALA D 248 27.33 22.50 10.41
C ALA D 248 27.15 22.34 8.90
N LYS D 249 27.71 23.28 8.14
CA LYS D 249 27.61 23.21 6.69
C LYS D 249 28.32 21.99 6.14
N LYS D 250 29.55 21.73 6.60
CA LYS D 250 30.30 20.57 6.12
C LYS D 250 29.49 19.30 6.42
N LEU D 251 28.93 19.22 7.62
CA LEU D 251 28.14 18.05 8.01
C LEU D 251 26.95 17.87 7.06
N LEU D 252 26.19 18.93 6.87
CA LEU D 252 25.00 18.87 6.04
C LEU D 252 25.28 18.44 4.59
N SER D 253 26.45 18.81 4.07
CA SER D 253 26.79 18.47 2.69
C SER D 253 26.82 16.97 2.40
N PHE D 254 26.92 16.15 3.43
CA PHE D 254 26.93 14.70 3.24
C PHE D 254 25.53 14.11 3.34
N LEU D 255 24.59 14.91 3.83
CA LEU D 255 23.22 14.42 4.06
C LEU D 255 22.16 14.80 3.05
N PRO D 256 21.18 13.90 2.82
CA PRO D 256 20.12 14.21 1.86
C PRO D 256 19.15 15.17 2.57
N GLN D 257 18.21 15.72 1.82
CA GLN D 257 17.23 16.62 2.42
C GLN D 257 16.33 15.86 3.40
N ASN D 258 16.00 14.63 3.05
CA ASN D 258 15.11 13.83 3.88
C ASN D 258 15.35 12.37 3.58
N ASN D 259 14.63 11.50 4.28
CA ASN D 259 14.81 10.07 4.11
C ASN D 259 14.34 9.42 2.82
N THR D 260 13.74 10.19 1.91
CA THR D 260 13.29 9.61 0.65
C THR D 260 14.34 9.73 -0.46
N GLU D 261 15.46 10.35 -0.15
CA GLU D 261 16.50 10.53 -1.15
C GLU D 261 17.88 10.15 -0.66
N GLU D 262 18.79 9.95 -1.59
CA GLU D 262 20.17 9.67 -1.24
C GLU D 262 20.80 11.05 -1.40
N ALA D 263 21.80 11.38 -0.58
CA ALA D 263 22.45 12.69 -0.68
C ALA D 263 22.93 12.95 -2.10
N SER D 264 22.89 14.21 -2.53
CA SER D 264 23.36 14.57 -3.87
C SER D 264 24.86 14.41 -3.88
N PHE D 265 25.39 13.87 -4.98
CA PHE D 265 26.83 13.69 -5.14
C PHE D 265 27.51 15.06 -5.11
N VAL D 266 28.71 15.12 -4.54
CA VAL D 266 29.47 16.36 -4.43
C VAL D 266 30.90 16.20 -4.91
N ASN D 267 31.30 17.03 -5.87
CA ASN D 267 32.66 17.02 -6.42
C ASN D 267 33.26 15.62 -6.51
N PRO D 268 32.73 14.77 -7.40
CA PRO D 268 33.20 13.39 -7.59
C PRO D 268 34.59 13.24 -8.16
N ASN D 269 35.33 12.28 -7.64
CA ASN D 269 36.64 11.97 -8.18
C ASN D 269 36.37 10.60 -8.76
N ASN D 270 36.29 10.50 -10.08
CA ASN D 270 36.00 9.23 -10.71
C ASN D 270 37.22 8.35 -10.92
N ASP D 271 38.39 8.86 -10.52
CA ASP D 271 39.61 8.07 -10.66
C ASP D 271 39.67 7.00 -9.57
N VAL D 272 39.92 5.74 -9.96
CA VAL D 272 40.03 4.66 -8.99
C VAL D 272 41.21 3.75 -9.31
N SER D 273 42.26 4.32 -9.88
CA SER D 273 43.44 3.54 -10.23
C SER D 273 44.16 3.11 -8.95
N PRO D 274 45.00 2.06 -9.06
CA PRO D 274 45.76 1.53 -7.91
C PRO D 274 46.54 2.59 -7.13
N ASN D 275 46.82 2.29 -5.87
CA ASN D 275 47.57 3.18 -5.00
C ASN D 275 48.36 2.28 -4.04
N THR D 276 49.54 1.86 -4.48
CA THR D 276 50.39 0.96 -3.70
C THR D 276 50.72 1.47 -2.29
N GLU D 277 50.46 2.75 -2.04
CA GLU D 277 50.73 3.32 -0.73
C GLU D 277 49.87 2.66 0.35
N LEU D 278 48.84 1.93 -0.08
CA LEU D 278 47.95 1.25 0.86
C LEU D 278 48.59 -0.01 1.44
N ARG D 279 49.53 -0.60 0.69
CA ARG D 279 50.22 -1.81 1.12
C ARG D 279 51.09 -1.64 2.37
N ASP D 280 51.57 -0.44 2.62
CA ASP D 280 52.48 -0.22 3.74
C ASP D 280 51.93 0.33 5.05
N ILE D 281 50.73 0.87 5.01
CA ILE D 281 50.13 1.45 6.19
C ILE D 281 49.86 0.40 7.27
N VAL D 282 49.51 -0.80 6.84
CA VAL D 282 49.19 -1.90 7.77
C VAL D 282 50.37 -2.86 7.94
N PRO D 283 51.07 -2.78 9.08
CA PRO D 283 52.22 -3.65 9.35
C PRO D 283 51.88 -5.13 9.36
N ILE D 284 52.76 -5.94 8.80
CA ILE D 284 52.58 -7.38 8.79
C ILE D 284 52.77 -7.92 10.21
N ASP D 285 53.35 -7.07 11.06
CA ASP D 285 53.60 -7.44 12.45
C ASP D 285 52.41 -7.01 13.32
N GLY D 286 51.62 -8.00 13.72
CA GLY D 286 50.45 -7.74 14.54
C GLY D 286 50.72 -6.99 15.83
N LYS D 287 51.99 -6.88 16.18
CA LYS D 287 52.35 -6.19 17.41
C LYS D 287 52.50 -4.69 17.17
N LYS D 288 52.55 -4.29 15.91
CA LYS D 288 52.70 -2.87 15.58
C LYS D 288 51.38 -2.27 15.12
N GLY D 289 51.06 -1.10 15.66
CA GLY D 289 49.83 -0.42 15.31
C GLY D 289 49.98 0.57 14.19
N TYR D 290 48.99 1.46 14.06
CA TYR D 290 48.97 2.49 13.04
C TYR D 290 47.68 3.29 13.16
N ASP D 291 47.57 4.36 12.39
CA ASP D 291 46.36 5.18 12.41
C ASP D 291 45.54 4.74 11.20
N VAL D 292 44.41 4.11 11.44
CA VAL D 292 43.58 3.61 10.34
C VAL D 292 43.09 4.75 9.42
N ARG D 293 43.11 5.97 9.93
CA ARG D 293 42.66 7.11 9.13
C ARG D 293 43.58 7.37 7.95
N ASP D 294 44.80 6.82 7.97
CA ASP D 294 45.71 7.00 6.85
C ASP D 294 45.18 6.11 5.74
N VAL D 295 44.56 5.00 6.14
CA VAL D 295 43.99 4.07 5.16
C VAL D 295 42.81 4.77 4.50
N ILE D 296 41.93 5.32 5.33
CA ILE D 296 40.75 6.04 4.86
C ILE D 296 41.18 7.10 3.86
N ALA D 297 42.06 7.99 4.31
CA ALA D 297 42.54 9.08 3.49
C ALA D 297 42.92 8.66 2.07
N LYS D 298 43.51 7.48 1.93
CA LYS D 298 43.92 6.98 0.63
C LYS D 298 42.82 6.25 -0.15
N ILE D 299 41.63 6.15 0.42
CA ILE D 299 40.53 5.47 -0.25
C ILE D 299 39.40 6.40 -0.66
N VAL D 300 39.18 7.45 0.12
CA VAL D 300 38.11 8.40 -0.15
C VAL D 300 38.52 9.54 -1.08
N ASP D 301 37.53 10.07 -1.82
CA ASP D 301 37.78 11.16 -2.73
C ASP D 301 38.58 12.27 -2.07
N TRP D 302 39.67 12.65 -2.71
CA TRP D 302 40.53 13.73 -2.26
C TRP D 302 41.04 13.59 -0.82
N GLY D 303 40.91 12.39 -0.25
CA GLY D 303 41.36 12.16 1.13
C GLY D 303 40.54 12.94 2.15
N ASP D 304 39.41 13.46 1.73
CA ASP D 304 38.54 14.25 2.61
C ASP D 304 37.61 13.37 3.44
N TYR D 305 37.45 13.72 4.71
CA TYR D 305 36.53 13.01 5.60
C TYR D 305 36.21 13.89 6.79
N LEU D 306 34.98 13.79 7.28
CA LEU D 306 34.56 14.55 8.44
C LEU D 306 34.40 13.47 9.49
N GLU D 307 35.30 13.47 10.47
CA GLU D 307 35.25 12.44 11.50
C GLU D 307 34.22 12.79 12.57
N VAL D 308 33.34 11.83 12.86
CA VAL D 308 32.32 12.00 13.87
C VAL D 308 32.83 11.40 15.17
N LYS D 309 32.63 12.13 16.27
CA LYS D 309 33.09 11.71 17.59
C LYS D 309 34.58 11.38 17.58
N ALA D 310 35.35 12.29 16.98
CA ALA D 310 36.79 12.16 16.87
C ALA D 310 37.49 12.03 18.22
N GLY D 311 36.98 12.73 19.23
CA GLY D 311 37.60 12.67 20.54
C GLY D 311 36.97 11.73 21.55
N TYR D 312 36.10 10.83 21.07
CA TYR D 312 35.43 9.88 21.96
C TYR D 312 35.69 8.45 21.48
N ALA D 313 35.91 7.55 22.43
CA ALA D 313 36.17 6.15 22.10
C ALA D 313 37.06 6.08 20.84
N THR D 314 38.23 6.71 20.95
CA THR D 314 39.16 6.75 19.82
C THR D 314 39.68 5.39 19.37
N ASN D 315 39.23 4.32 20.00
CA ASN D 315 39.67 3.00 19.58
C ASN D 315 38.90 2.58 18.34
N LEU D 316 37.92 3.39 17.96
CA LEU D 316 37.12 3.15 16.75
C LEU D 316 36.84 4.49 16.07
N VAL D 317 36.93 4.51 14.76
CA VAL D 317 36.68 5.74 14.00
C VAL D 317 35.43 5.66 13.12
N THR D 318 34.64 6.73 13.18
CA THR D 318 33.44 6.84 12.35
C THR D 318 33.56 8.18 11.64
N ALA D 319 33.43 8.17 10.33
CA ALA D 319 33.54 9.43 9.58
C ALA D 319 32.81 9.41 8.25
N PHE D 320 32.31 10.56 7.86
CA PHE D 320 31.65 10.67 6.57
C PHE D 320 32.77 10.93 5.56
N ALA D 321 32.57 10.46 4.35
CA ALA D 321 33.52 10.68 3.29
C ALA D 321 32.74 10.43 2.03
N ARG D 322 33.42 10.38 0.90
CA ARG D 322 32.76 10.14 -0.37
C ARG D 322 33.61 9.27 -1.25
N VAL D 323 32.94 8.48 -2.08
CA VAL D 323 33.62 7.62 -3.04
C VAL D 323 32.93 7.92 -4.36
N ASN D 324 33.67 8.51 -5.30
CA ASN D 324 33.10 8.88 -6.59
C ASN D 324 31.96 9.88 -6.36
N GLY D 325 32.14 10.78 -5.39
CA GLY D 325 31.15 11.79 -5.08
C GLY D 325 29.96 11.37 -4.22
N ARG D 326 29.86 10.08 -3.93
CA ARG D 326 28.77 9.54 -3.12
C ARG D 326 29.09 9.55 -1.62
N SER D 327 28.16 10.05 -0.82
CA SER D 327 28.33 10.06 0.61
C SER D 327 28.36 8.62 1.11
N VAL D 328 29.26 8.34 2.02
CA VAL D 328 29.36 7.02 2.63
C VAL D 328 29.76 7.21 4.09
N GLY D 329 29.51 6.20 4.89
CA GLY D 329 29.87 6.26 6.30
C GLY D 329 30.96 5.22 6.47
N ILE D 330 32.05 5.59 7.13
CA ILE D 330 33.14 4.65 7.34
C ILE D 330 33.27 4.32 8.81
N VAL D 331 33.36 3.03 9.11
CA VAL D 331 33.49 2.51 10.47
C VAL D 331 34.80 1.75 10.48
N ALA D 332 35.77 2.22 11.27
CA ALA D 332 37.08 1.58 11.27
C ALA D 332 37.72 1.39 12.64
N ASN D 333 38.31 0.21 12.82
CA ASN D 333 38.99 -0.11 14.08
C ASN D 333 40.31 0.66 14.08
N GLN D 334 40.67 1.22 15.24
CA GLN D 334 41.89 1.99 15.40
C GLN D 334 42.89 1.18 16.24
N PRO D 335 43.77 0.41 15.58
CA PRO D 335 44.78 -0.43 16.22
C PRO D 335 45.77 0.30 17.13
N SER D 336 46.00 1.58 16.85
CA SER D 336 46.94 2.36 17.64
C SER D 336 46.33 2.81 18.95
N VAL D 337 45.09 2.40 19.21
CA VAL D 337 44.44 2.76 20.46
C VAL D 337 43.79 1.53 21.10
N MET D 338 44.24 1.20 22.31
CA MET D 338 43.73 0.03 23.03
C MET D 338 43.80 -1.21 22.15
N SER D 339 44.80 -1.26 21.27
CA SER D 339 44.99 -2.41 20.38
C SER D 339 43.84 -2.58 19.38
N GLY D 340 43.00 -1.56 19.25
CA GLY D 340 41.89 -1.65 18.32
C GLY D 340 40.73 -2.47 18.84
N CYS D 341 40.76 -2.77 20.14
CA CYS D 341 39.68 -3.52 20.78
C CYS D 341 38.36 -2.74 20.76
N LEU D 342 37.25 -3.44 20.64
CA LEU D 342 35.95 -2.78 20.71
C LEU D 342 35.62 -2.82 22.20
N ASP D 343 34.89 -1.83 22.69
CA ASP D 343 34.51 -1.80 24.09
C ASP D 343 33.12 -1.19 24.24
N ILE D 344 32.69 -0.93 25.46
CA ILE D 344 31.36 -0.34 25.69
C ILE D 344 31.15 0.96 24.92
N ASN D 345 32.05 1.91 25.12
CA ASN D 345 31.92 3.20 24.46
C ASN D 345 32.02 3.17 22.93
N ALA D 346 32.87 2.31 22.38
CA ALA D 346 33.02 2.23 20.93
C ALA D 346 31.82 1.54 20.30
N SER D 347 31.18 0.65 21.05
CA SER D 347 30.01 -0.04 20.53
C SER D 347 28.91 1.00 20.33
N ASP D 348 28.76 1.90 21.30
CA ASP D 348 27.75 2.95 21.22
C ASP D 348 28.03 3.90 20.04
N LYS D 349 29.29 4.30 19.92
CA LYS D 349 29.73 5.21 18.88
C LYS D 349 29.47 4.65 17.49
N ALA D 350 29.78 3.38 17.28
CA ALA D 350 29.56 2.77 15.99
C ALA D 350 28.08 2.54 15.67
N ALA D 351 27.35 2.02 16.66
CA ALA D 351 25.93 1.72 16.51
C ALA D 351 25.11 2.95 16.08
N GLU D 352 25.30 4.06 16.78
CA GLU D 352 24.60 5.29 16.49
C GLU D 352 24.87 5.75 15.07
N PHE D 353 26.14 5.70 14.68
CA PHE D 353 26.55 6.11 13.35
C PHE D 353 25.89 5.22 12.31
N VAL D 354 26.06 3.91 12.49
CA VAL D 354 25.48 2.93 11.58
C VAL D 354 23.98 3.10 11.42
N ASN D 355 23.30 3.30 12.55
CA ASN D 355 21.85 3.48 12.52
C ASN D 355 21.47 4.74 11.74
N PHE D 356 22.19 5.83 12.01
CA PHE D 356 21.92 7.09 11.32
C PHE D 356 22.13 6.98 9.82
N CYS D 357 23.24 6.37 9.42
CA CYS D 357 23.50 6.22 8.00
C CYS D 357 22.37 5.44 7.33
N ASP D 358 21.98 4.34 7.94
CA ASP D 358 20.89 3.53 7.38
C ASP D 358 19.59 4.33 7.21
N SER D 359 19.23 5.13 8.22
CA SER D 359 18.01 5.93 8.16
C SER D 359 18.01 6.91 7.00
N PHE D 360 19.19 7.38 6.61
CA PHE D 360 19.29 8.34 5.52
C PHE D 360 19.95 7.87 4.24
N ASN D 361 19.92 6.56 4.02
CA ASN D 361 20.41 5.94 2.79
C ASN D 361 21.89 6.14 2.44
N ILE D 362 22.72 6.24 3.47
CA ILE D 362 24.15 6.41 3.27
C ILE D 362 24.81 5.04 3.38
N PRO D 363 25.48 4.59 2.30
CA PRO D 363 26.13 3.28 2.36
C PRO D 363 27.18 3.27 3.48
N LEU D 364 27.44 2.06 4.01
CA LEU D 364 28.40 1.89 5.09
C LEU D 364 29.61 1.07 4.68
N VAL D 365 30.79 1.63 4.93
CA VAL D 365 32.05 0.96 4.59
C VAL D 365 32.85 0.70 5.86
N GLN D 366 33.16 -0.56 6.15
CA GLN D 366 33.99 -0.77 7.33
C GLN D 366 35.37 -1.32 6.99
N LEU D 367 36.35 -0.89 7.77
CA LEU D 367 37.74 -1.33 7.61
C LEU D 367 38.00 -2.10 8.89
N VAL D 368 38.21 -3.40 8.76
CA VAL D 368 38.38 -4.25 9.93
C VAL D 368 39.78 -4.68 10.34
N ASP D 369 40.06 -4.50 11.64
CA ASP D 369 41.32 -4.88 12.27
C ASP D 369 41.04 -4.86 13.75
N VAL D 370 40.33 -5.89 14.22
CA VAL D 370 39.95 -5.97 15.61
C VAL D 370 40.34 -7.32 16.22
N PRO D 371 40.98 -7.29 17.39
CA PRO D 371 41.42 -8.51 18.08
C PRO D 371 40.36 -9.09 19.02
N GLY D 372 39.28 -8.34 19.25
CA GLY D 372 38.22 -8.77 20.13
C GLY D 372 37.70 -7.63 20.99
N PHE D 373 36.88 -7.95 21.98
CA PHE D 373 36.37 -6.91 22.87
C PHE D 373 37.37 -6.74 23.99
N LEU D 374 37.45 -5.52 24.51
CA LEU D 374 38.37 -5.17 25.59
C LEU D 374 38.13 -5.98 26.88
N PRO D 375 39.14 -6.77 27.30
CA PRO D 375 38.97 -7.55 28.54
C PRO D 375 38.97 -6.64 29.77
N GLY D 376 38.19 -6.98 30.78
CA GLY D 376 38.15 -6.16 31.97
C GLY D 376 36.86 -6.33 32.75
N VAL D 377 36.96 -6.37 34.06
CA VAL D 377 35.79 -6.54 34.90
C VAL D 377 34.77 -5.43 34.68
N GLN D 378 35.22 -4.19 34.63
CA GLN D 378 34.31 -3.07 34.43
C GLN D 378 33.58 -3.12 33.09
N GLN D 379 34.14 -3.83 32.11
CA GLN D 379 33.47 -3.95 30.82
C GLN D 379 32.29 -4.92 30.99
N GLU D 380 32.51 -6.02 31.68
CA GLU D 380 31.41 -6.96 31.89
C GLU D 380 30.37 -6.27 32.78
N TYR D 381 30.85 -5.69 33.89
CA TYR D 381 29.98 -5.00 34.83
C TYR D 381 29.23 -3.82 34.20
N GLY D 382 29.83 -3.22 33.18
CA GLY D 382 29.21 -2.09 32.52
C GLY D 382 28.26 -2.49 31.40
N GLY D 383 28.01 -3.80 31.27
CA GLY D 383 27.11 -4.28 30.25
C GLY D 383 27.67 -4.37 28.85
N ILE D 384 28.89 -4.89 28.70
CA ILE D 384 29.44 -4.99 27.36
C ILE D 384 28.54 -5.88 26.51
N ILE D 385 27.85 -6.83 27.15
CA ILE D 385 26.95 -7.72 26.41
C ILE D 385 25.81 -6.96 25.71
N ARG D 386 25.14 -6.07 26.43
CA ARG D 386 24.04 -5.32 25.81
C ARG D 386 24.53 -4.15 24.94
N HIS D 387 25.62 -3.50 25.33
CA HIS D 387 26.13 -2.37 24.53
C HIS D 387 26.74 -2.92 23.22
N GLY D 388 27.45 -4.04 23.31
CA GLY D 388 28.06 -4.63 22.14
C GLY D 388 27.02 -5.14 21.15
N ALA D 389 25.89 -5.62 21.67
CA ALA D 389 24.79 -6.13 20.84
C ALA D 389 24.26 -5.02 19.92
N LYS D 390 24.42 -3.77 20.34
CA LYS D 390 23.95 -2.64 19.53
C LYS D 390 24.57 -2.63 18.13
N MET D 391 25.84 -3.01 18.02
CA MET D 391 26.52 -3.03 16.73
C MET D 391 25.96 -4.14 15.84
N LEU D 392 25.72 -5.31 16.43
CA LEU D 392 25.19 -6.45 15.71
C LEU D 392 23.78 -6.14 15.23
N TYR D 393 23.00 -5.49 16.09
CA TYR D 393 21.63 -5.11 15.77
C TYR D 393 21.62 -4.08 14.64
N ALA D 394 22.34 -2.98 14.83
CA ALA D 394 22.39 -1.91 13.85
C ALA D 394 22.76 -2.41 12.46
N TYR D 395 23.83 -3.20 12.35
CA TYR D 395 24.23 -3.73 11.05
C TYR D 395 23.24 -4.74 10.50
N SER D 396 22.69 -5.59 11.37
CA SER D 396 21.72 -6.63 10.93
C SER D 396 20.42 -6.04 10.41
N GLU D 397 20.05 -4.89 10.96
CA GLU D 397 18.83 -4.20 10.59
C GLU D 397 19.03 -3.29 9.37
N ALA D 398 20.24 -2.78 9.20
CA ALA D 398 20.57 -1.87 8.09
C ALA D 398 20.34 -2.48 6.72
N THR D 399 19.74 -1.69 5.83
CA THR D 399 19.46 -2.15 4.48
C THR D 399 20.26 -1.39 3.42
N VAL D 400 21.02 -0.38 3.82
CA VAL D 400 21.84 0.33 2.84
C VAL D 400 22.95 -0.62 2.41
N PRO D 401 23.67 -0.29 1.32
CA PRO D 401 24.75 -1.18 0.88
C PRO D 401 25.76 -1.23 2.01
N LYS D 402 26.33 -2.42 2.25
CA LYS D 402 27.31 -2.61 3.33
C LYS D 402 28.53 -3.29 2.70
N ILE D 403 29.65 -2.57 2.69
CA ILE D 403 30.91 -3.07 2.09
C ILE D 403 31.97 -3.14 3.17
N THR D 404 32.56 -4.31 3.33
CA THR D 404 33.54 -4.52 4.39
C THR D 404 34.90 -4.97 3.87
N VAL D 405 35.96 -4.34 4.37
CA VAL D 405 37.30 -4.73 3.97
C VAL D 405 38.05 -5.15 5.24
N VAL D 406 38.49 -6.41 5.27
CA VAL D 406 39.22 -6.90 6.43
C VAL D 406 40.70 -6.60 6.19
N LEU D 407 41.23 -5.66 6.96
CA LEU D 407 42.63 -5.25 6.85
C LEU D 407 43.60 -6.22 7.49
N ARG D 408 43.32 -6.56 8.75
CA ARG D 408 44.21 -7.46 9.48
C ARG D 408 43.42 -8.40 10.40
N LYS D 409 43.42 -8.14 11.70
CA LYS D 409 42.71 -9.04 12.59
C LYS D 409 41.19 -8.88 12.58
N ALA D 410 40.51 -10.01 12.67
CA ALA D 410 39.05 -10.07 12.72
C ALA D 410 38.72 -11.29 13.59
N TYR D 411 38.71 -11.07 14.90
CA TYR D 411 38.46 -12.14 15.86
C TYR D 411 37.05 -12.26 16.41
N GLY D 412 36.53 -13.49 16.36
CA GLY D 412 35.22 -13.83 16.88
C GLY D 412 34.11 -12.80 16.75
N GLY D 413 33.38 -12.62 17.85
CA GLY D 413 32.27 -11.69 17.87
C GLY D 413 32.59 -10.27 17.43
N SER D 414 33.79 -9.78 17.75
CA SER D 414 34.13 -8.41 17.37
C SER D 414 34.14 -8.24 15.84
N TYR D 415 34.42 -9.33 15.14
CA TYR D 415 34.47 -9.36 13.68
C TYR D 415 33.05 -9.35 13.10
N LEU D 416 32.15 -10.06 13.76
CA LEU D 416 30.76 -10.09 13.32
C LEU D 416 30.17 -8.70 13.55
N ALA D 417 30.56 -8.07 14.65
CA ALA D 417 30.10 -6.74 14.98
C ALA D 417 30.51 -5.73 13.93
N MET D 418 31.58 -6.03 13.19
CA MET D 418 32.08 -5.14 12.14
C MET D 418 31.44 -5.46 10.79
N CYS D 419 30.32 -6.20 10.86
CA CYS D 419 29.52 -6.56 9.69
C CYS D 419 30.13 -7.44 8.62
N ASN D 420 30.05 -8.75 8.80
CA ASN D 420 30.58 -9.67 7.81
C ASN D 420 29.39 -10.05 6.94
N ARG D 421 29.56 -11.03 6.06
CA ARG D 421 28.47 -11.41 5.16
C ARG D 421 27.23 -11.96 5.83
N ASP D 422 27.40 -12.62 6.97
CA ASP D 422 26.27 -13.19 7.68
C ASP D 422 25.42 -12.09 8.30
N LEU D 423 26.00 -10.90 8.42
CA LEU D 423 25.30 -9.75 8.94
C LEU D 423 24.81 -8.90 7.76
N GLY D 424 24.80 -9.49 6.57
CA GLY D 424 24.31 -8.77 5.40
C GLY D 424 25.27 -7.90 4.61
N ALA D 425 26.59 -8.02 4.84
CA ALA D 425 27.54 -7.23 4.06
C ALA D 425 27.37 -7.70 2.61
N ASP D 426 27.25 -6.76 1.68
CA ASP D 426 27.04 -7.10 0.27
C ASP D 426 28.32 -7.55 -0.45
N ALA D 427 29.46 -7.06 0.02
CA ALA D 427 30.74 -7.43 -0.54
C ALA D 427 31.73 -7.41 0.59
N VAL D 428 32.56 -8.43 0.65
CA VAL D 428 33.57 -8.52 1.69
C VAL D 428 34.89 -8.83 1.01
N TYR D 429 35.92 -8.06 1.34
CA TYR D 429 37.23 -8.28 0.74
C TYR D 429 38.26 -8.50 1.83
N ALA D 430 39.22 -9.37 1.55
CA ALA D 430 40.28 -9.66 2.49
C ALA D 430 41.63 -9.18 1.94
N TRP D 431 42.38 -8.44 2.75
CA TRP D 431 43.71 -7.99 2.36
C TRP D 431 44.56 -9.23 2.59
N PRO D 432 45.82 -9.23 2.11
CA PRO D 432 46.63 -10.44 2.33
C PRO D 432 47.07 -10.66 3.79
N SER D 433 46.87 -9.64 4.62
CA SER D 433 47.22 -9.71 6.03
C SER D 433 45.95 -9.99 6.86
N ALA D 434 44.87 -10.34 6.17
CA ALA D 434 43.58 -10.60 6.84
C ALA D 434 43.68 -11.84 7.74
N GLU D 435 43.33 -11.67 9.01
CA GLU D 435 43.38 -12.77 9.96
C GLU D 435 42.02 -12.98 10.66
N ILE D 436 41.11 -13.64 9.94
CA ILE D 436 39.76 -13.94 10.41
C ILE D 436 39.79 -15.27 11.17
N ALA D 437 39.41 -15.23 12.43
CA ALA D 437 39.43 -16.44 13.26
C ALA D 437 38.35 -16.38 14.32
N VAL D 438 37.97 -17.54 14.83
CA VAL D 438 36.96 -17.57 15.88
C VAL D 438 37.62 -17.07 17.16
N MET D 439 38.91 -17.36 17.29
CA MET D 439 39.70 -16.92 18.45
C MET D 439 41.17 -17.13 18.12
N GLY D 440 42.06 -16.48 18.88
CA GLY D 440 43.48 -16.63 18.63
C GLY D 440 43.84 -18.10 18.67
N ALA D 441 44.81 -18.50 17.86
CA ALA D 441 45.24 -19.90 17.80
C ALA D 441 45.85 -20.41 19.11
N GLU D 442 46.37 -19.52 19.94
CA GLU D 442 46.99 -19.94 21.18
C GLU D 442 45.94 -20.41 22.19
N GLY D 443 44.96 -19.55 22.47
CA GLY D 443 43.91 -19.91 23.41
C GLY D 443 43.04 -21.04 22.90
N ALA D 444 42.96 -21.18 21.58
CA ALA D 444 42.17 -22.23 20.97
C ALA D 444 42.91 -23.54 21.17
N ALA D 445 44.22 -23.51 20.95
CA ALA D 445 45.06 -24.69 21.12
C ALA D 445 44.98 -25.13 22.57
N ASN D 446 45.07 -24.16 23.48
CA ASN D 446 45.00 -24.44 24.90
C ASN D 446 43.68 -25.08 25.32
N VAL D 447 42.76 -25.20 24.38
CA VAL D 447 41.46 -25.79 24.69
C VAL D 447 41.25 -27.14 24.01
N ILE D 448 41.36 -27.17 22.69
CA ILE D 448 41.16 -28.41 21.95
C ILE D 448 42.31 -29.41 21.99
N PHE D 449 43.46 -28.99 22.49
CA PHE D 449 44.60 -29.89 22.59
C PHE D 449 45.07 -30.01 24.02
N ARG D 450 44.25 -29.49 24.93
CA ARG D 450 44.52 -29.51 26.36
C ARG D 450 45.15 -30.83 26.82
N LYS D 451 44.53 -31.94 26.43
CA LYS D 451 45.01 -33.27 26.81
C LYS D 451 46.28 -33.68 26.05
N GLU D 452 46.16 -33.84 24.73
CA GLU D 452 47.30 -34.25 23.90
C GLU D 452 48.57 -33.47 24.17
N ILE D 453 48.46 -32.41 24.97
CA ILE D 453 49.61 -31.59 25.33
C ILE D 453 49.88 -31.79 26.82
N LYS D 454 50.66 -32.81 27.14
CA LYS D 454 51.00 -33.13 28.52
C LYS D 454 52.15 -34.12 28.55
N ASP D 460 55.94 -31.60 26.37
CA ASP D 460 55.67 -30.17 26.29
C ASP D 460 56.24 -29.56 25.01
N ALA D 461 56.02 -28.26 24.84
CA ALA D 461 56.46 -27.56 23.64
C ALA D 461 55.62 -28.08 22.47
N MET D 462 54.76 -29.04 22.79
CA MET D 462 53.84 -29.67 21.85
C MET D 462 52.86 -28.60 21.37
N ARG D 463 52.64 -27.63 22.23
CA ARG D 463 51.75 -26.51 21.95
C ARG D 463 52.18 -25.81 20.67
N ALA D 464 53.50 -25.65 20.52
CA ALA D 464 54.07 -24.99 19.36
C ALA D 464 53.49 -25.51 18.06
N GLU D 465 53.53 -26.83 17.88
CA GLU D 465 53.01 -27.43 16.66
C GLU D 465 51.49 -27.26 16.53
N LYS D 466 50.78 -27.40 17.63
CA LYS D 466 49.33 -27.29 17.60
C LYS D 466 48.88 -25.87 17.26
N ILE D 467 49.46 -24.89 17.95
CA ILE D 467 49.13 -23.49 17.69
C ILE D 467 49.32 -23.21 16.21
N GLU D 468 50.51 -23.56 15.73
CA GLU D 468 50.90 -23.37 14.34
C GLU D 468 49.85 -24.02 13.42
N GLU D 469 49.56 -25.28 13.68
CA GLU D 469 48.60 -26.05 12.88
C GLU D 469 47.20 -25.42 12.83
N TYR D 470 46.74 -24.91 13.98
CA TYR D 470 45.43 -24.28 14.04
C TYR D 470 45.46 -23.00 13.22
N GLN D 471 46.48 -22.18 13.47
CA GLN D 471 46.67 -20.92 12.78
C GLN D 471 46.61 -21.09 11.26
N ASN D 472 47.24 -22.14 10.75
CA ASN D 472 47.28 -22.37 9.31
C ASN D 472 46.01 -23.00 8.75
N ALA D 473 45.29 -23.74 9.59
CA ALA D 473 44.08 -24.40 9.11
C ALA D 473 42.90 -23.46 8.94
N PHE D 474 42.88 -22.38 9.71
CA PHE D 474 41.75 -21.45 9.65
C PHE D 474 42.02 -19.97 9.46
N ASN D 475 43.00 -19.46 10.18
CA ASN D 475 43.29 -18.03 10.19
C ASN D 475 43.99 -17.34 9.02
N THR D 476 43.99 -17.95 7.84
CA THR D 476 44.63 -17.34 6.69
C THR D 476 43.58 -16.77 5.74
N PRO D 477 43.94 -15.71 4.99
CA PRO D 477 43.01 -15.09 4.05
C PRO D 477 42.42 -16.11 3.07
N TYR D 478 43.25 -17.07 2.66
CA TYR D 478 42.81 -18.08 1.70
C TYR D 478 41.78 -19.05 2.24
N VAL D 479 41.78 -19.27 3.55
CA VAL D 479 40.81 -20.19 4.13
C VAL D 479 39.48 -19.46 4.19
N ALA D 480 39.53 -18.20 4.61
CA ALA D 480 38.32 -17.39 4.68
C ALA D 480 37.69 -17.37 3.29
N ALA D 481 38.52 -17.16 2.27
CA ALA D 481 38.05 -17.14 0.89
C ALA D 481 37.55 -18.52 0.47
N ALA D 482 38.23 -19.56 0.93
CA ALA D 482 37.85 -20.92 0.61
C ALA D 482 36.43 -21.23 1.10
N ARG D 483 36.05 -20.64 2.23
CA ARG D 483 34.73 -20.87 2.81
C ARG D 483 33.69 -19.91 2.24
N GLY D 484 34.15 -18.91 1.50
CA GLY D 484 33.23 -17.95 0.93
C GLY D 484 32.94 -16.78 1.86
N GLN D 485 33.65 -16.71 2.99
CA GLN D 485 33.44 -15.62 3.93
C GLN D 485 33.90 -14.27 3.38
N VAL D 486 34.80 -14.30 2.40
CA VAL D 486 35.23 -13.08 1.74
C VAL D 486 35.09 -13.42 0.26
N ASP D 487 34.77 -12.43 -0.55
CA ASP D 487 34.55 -12.66 -1.96
C ASP D 487 35.85 -12.91 -2.73
N ASP D 488 36.93 -12.31 -2.24
CA ASP D 488 38.21 -12.42 -2.91
C ASP D 488 39.28 -11.92 -1.96
N VAL D 489 40.52 -12.32 -2.24
CA VAL D 489 41.66 -11.84 -1.44
C VAL D 489 42.21 -10.79 -2.41
N ILE D 490 42.46 -9.58 -1.91
CA ILE D 490 42.93 -8.53 -2.82
C ILE D 490 44.25 -7.87 -2.48
N ASP D 491 44.79 -7.18 -3.48
CA ASP D 491 46.01 -6.42 -3.35
C ASP D 491 45.54 -5.13 -2.68
N PRO D 492 46.06 -4.81 -1.50
CA PRO D 492 45.64 -3.59 -0.81
C PRO D 492 45.63 -2.30 -1.65
N ALA D 493 46.33 -2.32 -2.78
CA ALA D 493 46.39 -1.14 -3.64
C ALA D 493 45.09 -0.95 -4.43
N ASP D 494 44.31 -2.03 -4.56
CA ASP D 494 43.05 -2.01 -5.30
C ASP D 494 41.82 -1.76 -4.44
N THR D 495 42.02 -1.53 -3.14
CA THR D 495 40.88 -1.31 -2.24
C THR D 495 39.86 -0.29 -2.73
N ARG D 496 40.30 0.94 -2.98
CA ARG D 496 39.39 2.00 -3.46
C ARG D 496 38.58 1.53 -4.67
N ARG D 497 39.22 0.84 -5.60
CA ARG D 497 38.51 0.37 -6.79
C ARG D 497 37.46 -0.72 -6.52
N LYS D 498 37.76 -1.64 -5.62
CA LYS D 498 36.82 -2.72 -5.31
C LYS D 498 35.60 -2.15 -4.57
N ILE D 499 35.85 -1.21 -3.66
CA ILE D 499 34.80 -0.56 -2.89
C ILE D 499 33.92 0.26 -3.84
N ALA D 500 34.58 1.02 -4.72
CA ALA D 500 33.89 1.85 -5.70
C ALA D 500 32.98 1.02 -6.59
N SER D 501 33.52 -0.09 -7.11
CA SER D 501 32.75 -0.96 -7.98
C SER D 501 31.58 -1.59 -7.22
N ALA D 502 31.84 -1.95 -5.97
CA ALA D 502 30.80 -2.56 -5.15
C ALA D 502 29.67 -1.54 -4.94
N LEU D 503 30.04 -0.33 -4.57
CA LEU D 503 29.06 0.72 -4.32
C LEU D 503 28.23 1.01 -5.57
N GLU D 504 28.89 0.97 -6.73
CA GLU D 504 28.21 1.23 -7.99
C GLU D 504 27.16 0.17 -8.25
N MET D 505 27.54 -1.10 -8.09
CA MET D 505 26.62 -2.20 -8.34
C MET D 505 25.45 -2.25 -7.35
N TYR D 506 25.74 -2.00 -6.08
CA TYR D 506 24.70 -2.05 -5.07
C TYR D 506 23.92 -0.75 -4.86
N ALA D 507 24.19 0.25 -5.70
CA ALA D 507 23.49 1.52 -5.62
C ALA D 507 21.97 1.30 -5.85
N THR D 508 21.63 0.17 -6.48
CA THR D 508 20.22 -0.17 -6.77
C THR D 508 19.69 -1.28 -5.85
N LYS D 509 20.40 -1.55 -4.75
CA LYS D 509 19.99 -2.58 -3.80
C LYS D 509 18.62 -2.28 -3.20
N ARG D 510 17.75 -3.29 -3.19
CA ARG D 510 16.40 -3.15 -2.60
C ARG D 510 16.17 -4.36 -1.71
N GLN D 511 16.49 -4.23 -0.43
CA GLN D 511 16.33 -5.31 0.54
C GLN D 511 15.02 -5.30 1.32
N THR D 512 14.37 -6.45 1.41
CA THR D 512 13.11 -6.56 2.13
C THR D 512 13.34 -6.90 3.62
N ARG D 513 12.48 -6.36 4.48
CA ARG D 513 12.55 -6.61 5.92
C ARG D 513 11.16 -6.95 6.43
N PRO D 514 11.06 -7.87 7.41
CA PRO D 514 9.76 -8.25 7.97
C PRO D 514 8.99 -7.02 8.49
N ALA D 515 7.67 -7.04 8.40
CA ALA D 515 6.83 -5.94 8.88
C ALA D 515 6.87 -5.89 10.41
N LYS D 516 7.09 -4.69 10.95
CA LYS D 516 7.16 -4.51 12.40
C LYS D 516 7.11 -3.02 12.68
N LYS D 517 6.64 -2.62 13.86
CA LYS D 517 6.64 -1.20 14.16
C LYS D 517 8.13 -0.82 14.22
N HIS D 518 8.90 -1.67 14.89
CA HIS D 518 10.34 -1.50 15.06
C HIS D 518 10.86 -2.72 15.79
N GLY D 519 12.16 -2.98 15.69
CA GLY D 519 12.75 -4.11 16.40
C GLY D 519 13.05 -3.68 17.82
N ASN D 520 13.73 -4.53 18.58
CA ASN D 520 14.07 -4.25 19.98
C ASN D 520 15.54 -3.84 20.06
N PHE D 521 15.83 -2.57 19.82
CA PHE D 521 17.21 -2.10 19.85
C PHE D 521 17.77 -2.15 21.28
N PRO D 522 18.88 -2.87 21.48
CA PRO D 522 19.46 -2.96 22.83
C PRO D 522 19.67 -1.59 23.49
N CYS D 523 19.48 -1.54 24.82
CA CYS D 523 19.66 -0.30 25.56
C CYS D 523 20.95 -0.35 26.38
N ASN E 4 -24.37 -6.17 -46.39
CA ASN E 4 -23.90 -5.96 -47.79
C ASN E 4 -24.06 -4.50 -48.16
N ASN E 5 -23.20 -3.67 -47.58
CA ASN E 5 -23.24 -2.24 -47.82
C ASN E 5 -22.35 -1.82 -48.98
N LEU E 6 -21.05 -1.72 -48.71
CA LEU E 6 -20.08 -1.29 -49.71
C LEU E 6 -19.22 -2.45 -50.23
N LYS E 7 -19.07 -2.51 -51.55
CA LYS E 7 -18.26 -3.56 -52.16
C LYS E 7 -16.83 -3.06 -52.33
N LEU E 8 -15.87 -3.87 -51.89
CA LEU E 8 -14.47 -3.49 -51.99
C LEU E 8 -13.93 -3.55 -53.41
N ALA E 9 -13.03 -2.62 -53.73
CA ALA E 9 -12.41 -2.58 -55.04
C ALA E 9 -11.53 -3.82 -55.18
N SER E 10 -11.30 -4.25 -56.42
CA SER E 10 -10.52 -5.45 -56.67
C SER E 10 -9.00 -5.40 -56.48
N THR E 11 -8.39 -4.22 -56.50
CA THR E 11 -6.94 -4.10 -56.32
C THR E 11 -6.60 -3.25 -55.10
N MET E 12 -5.44 -3.49 -54.48
CA MET E 12 -5.07 -2.71 -53.30
C MET E 12 -5.10 -1.23 -53.60
N GLU E 13 -4.52 -0.84 -54.73
CA GLU E 13 -4.49 0.56 -55.14
C GLU E 13 -5.92 1.08 -55.24
N GLY E 14 -6.80 0.25 -55.77
CA GLY E 14 -8.19 0.64 -55.90
C GLY E 14 -8.80 0.81 -54.52
N ARG E 15 -8.46 -0.08 -53.61
CA ARG E 15 -9.01 -0.01 -52.25
C ARG E 15 -8.47 1.17 -51.47
N VAL E 16 -7.23 1.57 -51.73
CA VAL E 16 -6.66 2.73 -51.04
C VAL E 16 -7.37 3.99 -51.53
N GLU E 17 -7.67 4.06 -52.82
CA GLU E 17 -8.36 5.22 -53.37
C GLU E 17 -9.81 5.24 -52.86
N GLN E 18 -10.43 4.07 -52.85
CA GLN E 18 -11.79 3.93 -52.35
C GLN E 18 -11.85 4.40 -50.90
N LEU E 19 -10.86 3.98 -50.12
CA LEU E 19 -10.80 4.37 -48.71
C LEU E 19 -10.83 5.88 -48.57
N ALA E 20 -9.98 6.57 -49.31
CA ALA E 20 -9.94 8.03 -49.25
C ALA E 20 -11.29 8.65 -49.61
N GLU E 21 -11.94 8.12 -50.65
CA GLU E 21 -13.25 8.63 -51.06
C GLU E 21 -14.27 8.50 -49.92
N GLN E 22 -14.31 7.34 -49.30
CA GLN E 22 -15.25 7.08 -48.21
C GLN E 22 -14.97 7.96 -47.00
N ARG E 23 -13.70 8.17 -46.70
CA ARG E 23 -13.34 9.00 -45.55
C ARG E 23 -13.77 10.43 -45.86
N GLN E 24 -13.54 10.87 -47.08
CA GLN E 24 -13.91 12.22 -47.48
C GLN E 24 -15.41 12.44 -47.29
N VAL E 25 -16.21 11.42 -47.59
CA VAL E 25 -17.65 11.54 -47.42
C VAL E 25 -18.03 11.66 -45.95
N ILE E 26 -17.43 10.83 -45.10
CA ILE E 26 -17.74 10.90 -43.68
C ILE E 26 -17.45 12.30 -43.15
N GLU E 27 -16.28 12.82 -43.52
CA GLU E 27 -15.87 14.13 -43.04
C GLU E 27 -16.78 15.25 -43.52
N ALA E 28 -17.54 14.99 -44.59
CA ALA E 28 -18.45 16.00 -45.13
C ALA E 28 -19.62 16.18 -44.15
N GLY E 29 -19.70 15.28 -43.17
CA GLY E 29 -20.78 15.37 -42.19
C GLY E 29 -22.16 15.44 -42.81
N GLY E 30 -22.96 16.39 -42.38
CA GLY E 30 -24.31 16.51 -42.90
C GLY E 30 -24.43 17.08 -44.31
N GLY E 31 -23.30 17.37 -44.93
CA GLY E 31 -23.32 17.91 -46.28
C GLY E 31 -23.12 19.41 -46.40
N GLU E 32 -22.79 19.84 -47.60
CA GLU E 32 -22.54 21.24 -47.91
C GLU E 32 -23.59 22.23 -47.39
N ARG E 33 -24.85 21.91 -47.59
CA ARG E 33 -25.92 22.80 -47.17
C ARG E 33 -26.02 23.01 -45.66
N ARG E 34 -26.01 21.93 -44.90
CA ARG E 34 -26.12 22.06 -43.45
C ARG E 34 -24.86 22.70 -42.87
N VAL E 35 -23.75 22.51 -43.58
CA VAL E 35 -22.48 23.11 -43.18
C VAL E 35 -22.60 24.62 -43.42
N GLU E 36 -23.18 25.02 -44.55
CA GLU E 36 -23.34 26.43 -44.82
C GLU E 36 -24.25 27.07 -43.79
N LYS E 37 -25.30 26.36 -43.37
CA LYS E 37 -26.20 26.92 -42.37
C LYS E 37 -25.44 27.12 -41.06
N GLN E 38 -24.63 26.14 -40.69
CA GLN E 38 -23.85 26.22 -39.46
C GLN E 38 -22.99 27.48 -39.56
N HIS E 39 -22.27 27.62 -40.66
CA HIS E 39 -21.43 28.79 -40.86
C HIS E 39 -22.21 30.10 -40.86
N SER E 40 -23.39 30.09 -41.44
CA SER E 40 -24.20 31.31 -41.49
C SER E 40 -24.60 31.73 -40.08
N GLN E 41 -24.70 30.78 -39.17
CA GLN E 41 -25.08 31.07 -37.78
C GLN E 41 -23.89 31.51 -36.94
N GLY E 42 -22.76 31.72 -37.62
CA GLY E 42 -21.55 32.15 -36.94
C GLY E 42 -20.83 31.08 -36.13
N LYS E 43 -21.03 29.82 -36.51
CA LYS E 43 -20.41 28.68 -35.82
C LYS E 43 -19.52 27.89 -36.75
N GLN E 44 -18.43 27.33 -36.20
CA GLN E 44 -17.53 26.49 -36.98
C GLN E 44 -18.13 25.08 -36.96
N THR E 45 -17.65 24.19 -37.82
CA THR E 45 -18.14 22.81 -37.84
C THR E 45 -17.38 22.03 -36.78
N ALA E 46 -17.81 20.81 -36.50
CA ALA E 46 -17.13 19.96 -35.54
C ALA E 46 -15.65 19.75 -35.88
N ARG E 47 -15.35 19.53 -37.16
CA ARG E 47 -13.97 19.29 -37.54
C ARG E 47 -13.11 20.54 -37.58
N GLU E 48 -13.70 21.68 -37.90
CA GLU E 48 -12.95 22.93 -37.91
C GLU E 48 -12.52 23.25 -36.47
N ARG E 49 -13.43 22.98 -35.53
CA ARG E 49 -13.16 23.24 -34.12
C ARG E 49 -11.96 22.45 -33.62
N LEU E 50 -11.92 21.16 -33.95
CA LEU E 50 -10.80 20.34 -33.52
C LEU E 50 -9.53 20.78 -34.24
N ASN E 51 -9.67 21.12 -35.52
CA ASN E 51 -8.51 21.56 -36.30
C ASN E 51 -7.94 22.87 -35.76
N ASN E 52 -8.83 23.74 -35.26
CA ASN E 52 -8.42 25.02 -34.71
C ASN E 52 -7.83 24.89 -33.30
N LEU E 53 -8.36 23.96 -32.52
CA LEU E 53 -7.89 23.76 -31.16
C LEU E 53 -6.57 23.00 -31.06
N LEU E 54 -6.44 21.93 -31.85
CA LEU E 54 -5.26 21.07 -31.81
C LEU E 54 -4.09 21.55 -32.68
N ASP E 55 -2.89 21.13 -32.32
CA ASP E 55 -1.70 21.49 -33.10
C ASP E 55 -1.91 20.98 -34.53
N PRO E 56 -1.38 21.72 -35.51
CA PRO E 56 -1.52 21.31 -36.91
C PRO E 56 -1.16 19.84 -37.16
N HIS E 57 -2.04 19.13 -37.86
CA HIS E 57 -1.85 17.73 -38.21
C HIS E 57 -1.65 16.76 -37.05
N SER E 58 -2.03 17.17 -35.84
CA SER E 58 -1.85 16.31 -34.68
C SER E 58 -3.07 15.43 -34.40
N PHE E 59 -4.21 15.75 -34.99
CA PHE E 59 -5.41 14.97 -34.74
C PHE E 59 -5.37 13.56 -35.29
N ASP E 60 -5.51 12.58 -34.40
CA ASP E 60 -5.52 11.17 -34.77
C ASP E 60 -6.93 10.67 -34.47
N GLU E 61 -7.78 10.63 -35.49
CA GLU E 61 -9.17 10.25 -35.29
C GLU E 61 -9.46 8.78 -35.07
N VAL E 62 -10.38 8.50 -34.16
CA VAL E 62 -10.82 7.14 -33.86
C VAL E 62 -12.32 7.05 -34.13
N GLY E 63 -12.74 6.01 -34.86
CA GLY E 63 -14.17 5.85 -35.10
C GLY E 63 -14.81 6.70 -36.20
N ALA E 64 -14.01 7.19 -37.15
CA ALA E 64 -14.58 7.96 -38.24
C ALA E 64 -15.61 7.07 -38.92
N PHE E 65 -15.24 5.82 -39.15
CA PHE E 65 -16.15 4.89 -39.81
C PHE E 65 -17.14 4.16 -38.91
N ARG E 66 -17.14 4.49 -37.62
CA ARG E 66 -18.05 3.85 -36.66
C ARG E 66 -19.49 4.18 -37.05
N LYS E 67 -20.40 3.21 -36.89
CA LYS E 67 -21.80 3.43 -37.27
C LYS E 67 -22.79 2.96 -36.23
N HIS E 68 -23.92 3.66 -36.16
CA HIS E 68 -24.98 3.32 -35.23
C HIS E 68 -25.54 1.95 -35.58
N ARG E 69 -26.08 1.26 -34.58
CA ARG E 69 -26.65 -0.05 -34.77
C ARG E 69 -28.16 -0.06 -34.51
N THR E 70 -28.71 1.09 -34.16
CA THR E 70 -30.14 1.21 -33.88
C THR E 70 -30.91 1.06 -35.19
N THR E 71 -32.15 0.60 -35.12
CA THR E 71 -32.93 0.40 -36.34
C THR E 71 -34.32 1.02 -36.33
N LEU E 72 -34.89 1.19 -35.15
CA LEU E 72 -36.24 1.74 -35.02
C LEU E 72 -36.40 3.16 -35.55
N PHE E 73 -37.64 3.49 -35.87
CA PHE E 73 -38.06 4.79 -36.38
C PHE E 73 -37.14 5.42 -37.43
N GLY E 74 -36.81 4.64 -38.45
CA GLY E 74 -35.99 5.11 -39.54
C GLY E 74 -34.48 5.03 -39.36
N MET E 75 -34.02 4.60 -38.19
CA MET E 75 -32.59 4.53 -37.99
C MET E 75 -31.94 3.46 -38.86
N ASP E 76 -32.74 2.47 -39.27
CA ASP E 76 -32.24 1.38 -40.11
C ASP E 76 -31.78 1.85 -41.47
N LYS E 77 -32.37 2.94 -41.96
CA LYS E 77 -32.03 3.48 -43.27
C LYS E 77 -31.19 4.74 -43.16
N ALA E 78 -31.12 5.33 -41.96
CA ALA E 78 -30.37 6.56 -41.78
C ALA E 78 -28.86 6.42 -41.94
N VAL E 79 -28.28 7.42 -42.61
CA VAL E 79 -26.83 7.50 -42.82
C VAL E 79 -26.43 8.61 -41.85
N VAL E 80 -25.66 8.25 -40.84
CA VAL E 80 -25.26 9.21 -39.80
C VAL E 80 -23.74 9.15 -39.62
N PRO E 81 -22.99 9.90 -40.45
CA PRO E 81 -21.51 9.94 -40.41
C PRO E 81 -20.92 10.10 -39.00
N ALA E 82 -20.05 9.16 -38.62
CA ALA E 82 -19.38 9.15 -37.31
C ALA E 82 -20.35 9.16 -36.14
N ASP E 83 -21.60 8.87 -36.46
CA ASP E 83 -22.73 8.92 -35.51
C ASP E 83 -22.85 10.30 -34.87
N GLY E 84 -22.38 11.31 -35.58
CA GLY E 84 -22.50 12.67 -35.09
C GLY E 84 -21.43 13.19 -34.15
N VAL E 85 -20.34 12.46 -33.92
CA VAL E 85 -19.28 12.98 -33.05
C VAL E 85 -17.90 12.59 -33.59
N VAL E 86 -16.97 13.54 -33.55
CA VAL E 86 -15.61 13.31 -34.03
C VAL E 86 -14.75 13.18 -32.79
N THR E 87 -14.11 12.02 -32.63
CA THR E 87 -13.30 11.73 -31.45
C THR E 87 -11.89 11.27 -31.78
N GLY E 88 -10.95 11.62 -30.91
CA GLY E 88 -9.58 11.21 -31.15
C GLY E 88 -8.58 11.79 -30.19
N ARG E 89 -7.31 11.68 -30.58
CA ARG E 89 -6.17 12.13 -29.79
C ARG E 89 -5.38 13.16 -30.60
N GLY E 90 -4.85 14.17 -29.92
CA GLY E 90 -4.06 15.18 -30.61
C GLY E 90 -3.14 15.82 -29.58
N THR E 91 -2.53 16.94 -29.93
CA THR E 91 -1.67 17.64 -28.98
C THR E 91 -2.00 19.12 -29.00
N ILE E 92 -1.74 19.80 -27.88
CA ILE E 92 -1.95 21.24 -27.80
C ILE E 92 -0.63 21.73 -27.24
N LEU E 93 0.09 22.51 -28.06
CA LEU E 93 1.40 23.00 -27.69
C LEU E 93 2.26 21.80 -27.28
N GLY E 94 2.15 20.72 -28.06
CA GLY E 94 2.93 19.52 -27.78
C GLY E 94 2.37 18.58 -26.73
N ARG E 95 1.42 19.07 -25.92
CA ARG E 95 0.83 18.26 -24.85
C ARG E 95 -0.25 17.33 -25.38
N PRO E 96 -0.13 16.04 -25.09
CA PRO E 96 -1.12 15.06 -25.55
C PRO E 96 -2.48 15.32 -24.92
N VAL E 97 -3.54 15.25 -25.72
CA VAL E 97 -4.90 15.41 -25.21
C VAL E 97 -5.83 14.50 -26.00
N HIS E 98 -7.02 14.27 -25.45
CA HIS E 98 -8.07 13.50 -26.10
C HIS E 98 -9.25 14.47 -26.21
N ALA E 99 -10.02 14.37 -27.29
CA ALA E 99 -11.12 15.31 -27.51
C ALA E 99 -12.29 14.71 -28.27
N ALA E 100 -13.45 15.35 -28.11
CA ALA E 100 -14.67 14.93 -28.80
C ALA E 100 -15.31 16.21 -29.34
N SER E 101 -15.97 16.12 -30.48
CA SER E 101 -16.58 17.31 -31.06
C SER E 101 -17.87 16.89 -31.75
N GLN E 102 -19.00 17.34 -31.21
CA GLN E 102 -20.30 16.98 -31.77
C GLN E 102 -20.55 17.70 -33.08
N ASP E 103 -21.18 16.97 -34.01
CA ASP E 103 -21.48 17.49 -35.33
C ASP E 103 -22.98 17.75 -35.45
N PHE E 104 -23.36 19.00 -35.23
CA PHE E 104 -24.75 19.40 -35.33
C PHE E 104 -25.37 19.18 -36.72
N THR E 105 -24.55 19.14 -37.78
CA THR E 105 -25.08 18.93 -39.13
C THR E 105 -25.59 17.51 -39.34
N VAL E 106 -25.33 16.65 -38.37
CA VAL E 106 -25.78 15.26 -38.44
C VAL E 106 -26.88 15.01 -37.42
N MET E 107 -28.13 14.97 -37.90
CA MET E 107 -29.28 14.76 -37.03
C MET E 107 -29.26 15.69 -35.80
N GLY E 108 -29.00 16.97 -36.06
CA GLY E 108 -28.96 17.94 -34.98
C GLY E 108 -27.97 17.63 -33.87
N GLY E 109 -26.91 16.88 -34.21
CA GLY E 109 -25.94 16.51 -33.20
C GLY E 109 -26.54 15.68 -32.08
N SER E 110 -27.78 15.22 -32.26
CA SER E 110 -28.46 14.40 -31.26
C SER E 110 -27.55 13.24 -30.85
N ALA E 111 -27.54 12.96 -29.56
CA ALA E 111 -26.68 11.93 -29.00
C ALA E 111 -27.12 10.49 -29.20
N GLY E 112 -26.61 9.87 -30.26
CA GLY E 112 -26.95 8.48 -30.51
C GLY E 112 -26.27 7.62 -29.45
N GLU E 113 -26.74 6.40 -29.28
CA GLU E 113 -26.15 5.49 -28.33
C GLU E 113 -24.68 5.25 -28.70
N THR E 114 -24.40 5.04 -29.99
CA THR E 114 -23.04 4.81 -30.42
C THR E 114 -22.20 6.06 -30.29
N GLN E 115 -22.81 7.23 -30.53
CA GLN E 115 -22.10 8.50 -30.38
C GLN E 115 -21.60 8.61 -28.94
N SER E 116 -22.48 8.32 -27.99
CA SER E 116 -22.09 8.39 -26.58
C SER E 116 -21.04 7.35 -26.22
N THR E 117 -21.11 6.18 -26.85
CA THR E 117 -20.12 5.14 -26.57
C THR E 117 -18.75 5.61 -27.06
N LYS E 118 -18.73 6.28 -28.22
CA LYS E 118 -17.48 6.79 -28.79
C LYS E 118 -16.85 7.81 -27.83
N VAL E 119 -17.68 8.68 -27.30
CA VAL E 119 -17.19 9.70 -26.37
C VAL E 119 -16.63 9.04 -25.10
N VAL E 120 -17.36 8.08 -24.55
CA VAL E 120 -16.90 7.39 -23.35
C VAL E 120 -15.58 6.65 -23.60
N GLU E 121 -15.45 6.01 -24.76
CA GLU E 121 -14.22 5.30 -25.06
C GLU E 121 -13.06 6.27 -25.13
N THR E 122 -13.30 7.46 -25.65
CA THR E 122 -12.26 8.48 -25.75
C THR E 122 -11.90 8.99 -24.35
N MET E 123 -12.91 9.12 -23.50
CA MET E 123 -12.68 9.55 -22.12
C MET E 123 -11.86 8.49 -21.38
N GLU E 124 -12.19 7.22 -21.61
CA GLU E 124 -11.45 6.13 -20.96
C GLU E 124 -10.00 6.14 -21.42
N GLN E 125 -9.77 6.52 -22.67
CA GLN E 125 -8.39 6.59 -23.17
C GLN E 125 -7.65 7.77 -22.52
N ALA E 126 -8.34 8.88 -22.28
CA ALA E 126 -7.69 10.00 -21.62
C ALA E 126 -7.28 9.58 -20.20
N LEU E 127 -8.15 8.82 -19.54
CA LEU E 127 -7.91 8.32 -18.19
C LEU E 127 -6.74 7.32 -18.16
N LEU E 128 -6.77 6.38 -19.08
CA LEU E 128 -5.72 5.35 -19.18
C LEU E 128 -4.32 5.91 -19.45
N THR E 129 -4.24 6.96 -20.26
CA THR E 129 -2.96 7.57 -20.63
C THR E 129 -2.66 8.82 -19.83
N GLY E 130 -3.58 9.20 -18.96
CA GLY E 130 -3.39 10.37 -18.12
C GLY E 130 -3.37 11.72 -18.85
N THR E 131 -4.27 11.93 -19.79
CA THR E 131 -4.27 13.22 -20.48
C THR E 131 -5.57 13.98 -20.29
N PRO E 132 -5.54 15.28 -20.56
CA PRO E 132 -6.74 16.11 -20.42
C PRO E 132 -7.76 15.65 -21.47
N PHE E 133 -9.04 15.95 -21.21
CA PHE E 133 -10.14 15.62 -22.11
C PHE E 133 -10.95 16.89 -22.39
N LEU E 134 -11.12 17.21 -23.68
CA LEU E 134 -11.86 18.40 -24.09
C LEU E 134 -13.03 17.95 -24.98
N PHE E 135 -14.17 18.60 -24.80
CA PHE E 135 -15.39 18.22 -25.53
C PHE E 135 -16.19 19.43 -26.02
N PHE E 136 -16.39 19.53 -27.34
CA PHE E 136 -17.21 20.60 -27.94
C PHE E 136 -18.63 20.04 -28.07
N TYR E 137 -19.56 20.64 -27.33
CA TYR E 137 -20.96 20.24 -27.33
C TYR E 137 -21.77 21.11 -28.31
N ASP E 138 -22.64 20.49 -29.09
CA ASP E 138 -23.44 21.19 -30.08
C ASP E 138 -24.50 20.14 -30.39
N SER E 139 -25.55 20.07 -29.57
CA SER E 139 -26.52 18.99 -29.73
C SER E 139 -27.96 19.24 -29.26
N GLY E 140 -28.89 18.52 -29.88
CA GLY E 140 -30.30 18.61 -29.50
C GLY E 140 -30.63 17.64 -28.38
N GLY E 141 -29.62 17.02 -27.79
CA GLY E 141 -29.85 16.08 -26.70
C GLY E 141 -29.84 14.60 -27.11
N ALA E 142 -30.39 13.74 -26.27
CA ALA E 142 -30.43 12.30 -26.58
C ALA E 142 -31.22 12.10 -27.88
N ARG E 143 -30.70 11.26 -28.78
CA ARG E 143 -31.37 11.01 -30.05
C ARG E 143 -32.71 10.32 -29.76
N ILE E 144 -33.78 11.07 -29.95
CA ILE E 144 -35.13 10.59 -29.65
C ILE E 144 -35.60 9.29 -30.32
N GLN E 145 -35.17 9.05 -31.56
CA GLN E 145 -35.56 7.83 -32.27
C GLN E 145 -34.99 6.58 -31.60
N GLU E 146 -33.93 6.74 -30.82
CA GLU E 146 -33.29 5.61 -30.15
C GLU E 146 -33.80 5.31 -28.73
N GLY E 147 -34.84 6.02 -28.34
CA GLY E 147 -35.47 5.80 -27.04
C GLY E 147 -34.55 5.52 -25.87
N ILE E 148 -34.78 4.40 -25.17
CA ILE E 148 -33.96 4.10 -24.00
C ILE E 148 -32.50 3.77 -24.34
N ASP E 149 -32.19 3.54 -25.61
CA ASP E 149 -30.82 3.26 -25.99
C ASP E 149 -29.95 4.51 -25.88
N SER E 150 -30.44 5.66 -26.35
CA SER E 150 -29.63 6.87 -26.24
C SER E 150 -29.65 7.31 -24.77
N LEU E 151 -30.71 6.94 -24.05
CA LEU E 151 -30.83 7.27 -22.63
C LEU E 151 -29.65 6.63 -21.90
N SER E 152 -29.46 5.33 -22.14
CA SER E 152 -28.36 4.59 -21.52
C SER E 152 -26.99 5.17 -21.89
N GLY E 153 -26.87 5.69 -23.10
CA GLY E 153 -25.61 6.29 -23.53
C GLY E 153 -25.24 7.46 -22.61
N TYR E 154 -26.22 8.29 -22.27
CA TYR E 154 -25.96 9.42 -21.36
C TYR E 154 -25.58 8.91 -19.97
N GLY E 155 -26.24 7.86 -19.50
CA GLY E 155 -25.89 7.30 -18.20
C GLY E 155 -24.41 6.94 -18.18
N LYS E 156 -23.94 6.25 -19.22
CA LYS E 156 -22.53 5.85 -19.29
C LYS E 156 -21.62 7.06 -19.34
N MET E 157 -22.02 8.09 -20.09
CA MET E 157 -21.21 9.30 -20.17
C MET E 157 -21.09 10.04 -18.82
N PHE E 158 -22.20 10.15 -18.09
CA PHE E 158 -22.17 10.84 -16.79
C PHE E 158 -21.27 10.08 -15.83
N PHE E 159 -21.41 8.76 -15.81
CA PHE E 159 -20.59 7.94 -14.93
C PHE E 159 -19.11 8.11 -15.28
N ALA E 160 -18.81 8.23 -16.56
CA ALA E 160 -17.43 8.41 -17.02
C ALA E 160 -16.88 9.78 -16.60
N ASN E 161 -17.72 10.82 -16.67
CA ASN E 161 -17.29 12.18 -16.27
C ASN E 161 -16.88 12.13 -14.80
N VAL E 162 -17.67 11.44 -13.99
CA VAL E 162 -17.38 11.32 -12.57
C VAL E 162 -16.14 10.46 -12.36
N LYS E 163 -15.98 9.41 -13.15
CA LYS E 163 -14.81 8.56 -13.00
C LYS E 163 -13.52 9.39 -13.26
N LEU E 164 -13.54 10.22 -14.30
CA LEU E 164 -12.38 11.06 -14.63
C LEU E 164 -12.21 12.26 -13.70
N SER E 165 -13.27 12.61 -12.98
CA SER E 165 -13.22 13.78 -12.12
C SER E 165 -12.06 13.76 -11.12
N GLY E 166 -11.22 14.79 -11.16
CA GLY E 166 -10.09 14.85 -10.24
C GLY E 166 -8.89 14.00 -10.62
N VAL E 167 -8.96 13.34 -11.78
CA VAL E 167 -7.84 12.49 -12.26
C VAL E 167 -7.22 13.18 -13.47
N VAL E 168 -8.02 13.53 -14.47
CA VAL E 168 -7.52 14.28 -15.63
C VAL E 168 -8.46 15.48 -15.78
N PRO E 169 -7.94 16.65 -16.18
CA PRO E 169 -8.79 17.83 -16.34
C PRO E 169 -9.81 17.61 -17.45
N GLN E 170 -11.03 18.12 -17.25
CA GLN E 170 -12.10 17.98 -18.24
C GLN E 170 -12.67 19.36 -18.54
N ILE E 171 -12.59 19.76 -19.81
CA ILE E 171 -13.05 21.06 -20.26
C ILE E 171 -14.20 20.91 -21.28
N ALA E 172 -15.32 21.56 -20.99
CA ALA E 172 -16.45 21.50 -21.88
C ALA E 172 -16.60 22.83 -22.61
N ILE E 173 -16.85 22.77 -23.91
CA ILE E 173 -17.08 23.99 -24.68
C ILE E 173 -18.44 23.84 -25.33
N ILE E 174 -19.41 24.65 -24.90
CA ILE E 174 -20.76 24.60 -25.45
C ILE E 174 -20.75 25.61 -26.59
N ALA E 175 -20.90 25.11 -27.82
CA ALA E 175 -20.83 25.99 -28.99
C ALA E 175 -22.06 25.91 -29.89
N GLY E 176 -23.17 25.47 -29.31
CA GLY E 176 -24.42 25.36 -30.02
C GLY E 176 -25.45 24.97 -28.98
N PRO E 177 -26.55 24.32 -29.38
CA PRO E 177 -27.55 23.93 -28.38
C PRO E 177 -27.01 22.82 -27.51
N CYS E 178 -27.63 22.67 -26.34
CA CYS E 178 -27.34 21.63 -25.36
C CYS E 178 -28.68 21.53 -24.67
N ALA E 179 -29.62 20.92 -25.38
CA ALA E 179 -31.00 20.79 -24.90
C ALA E 179 -31.31 19.60 -24.02
N GLY E 180 -31.62 19.86 -22.76
CA GLY E 180 -31.97 18.81 -21.84
C GLY E 180 -30.89 18.25 -20.93
N GLY E 181 -31.12 17.03 -20.47
CA GLY E 181 -30.19 16.36 -19.57
C GLY E 181 -28.77 16.28 -20.08
N ALA E 182 -28.57 16.44 -21.39
CA ALA E 182 -27.21 16.42 -21.96
C ALA E 182 -26.35 17.40 -21.16
N SER E 183 -26.98 18.47 -20.68
CA SER E 183 -26.31 19.51 -19.90
C SER E 183 -25.58 19.02 -18.64
N TYR E 184 -25.98 17.87 -18.10
CA TYR E 184 -25.30 17.37 -16.90
C TYR E 184 -23.86 16.92 -17.15
N SER E 185 -23.53 16.55 -18.38
CA SER E 185 -22.15 16.14 -18.68
C SER E 185 -21.24 17.39 -18.49
N PRO E 186 -21.59 18.52 -19.10
CA PRO E 186 -20.75 19.72 -18.90
C PRO E 186 -20.64 20.06 -17.41
N ALA E 187 -21.75 19.91 -16.69
CA ALA E 187 -21.76 20.21 -15.26
C ALA E 187 -20.81 19.31 -14.50
N LEU E 188 -20.61 18.11 -14.99
CA LEU E 188 -19.72 17.15 -14.32
C LEU E 188 -18.26 17.29 -14.76
N THR E 189 -17.99 18.12 -15.76
CA THR E 189 -16.60 18.35 -16.18
C THR E 189 -16.10 19.43 -15.25
N ASP E 190 -14.89 19.93 -15.43
CA ASP E 190 -14.40 20.95 -14.51
C ASP E 190 -14.71 22.40 -14.87
N PHE E 191 -14.59 22.72 -16.16
CA PHE E 191 -14.86 24.07 -16.64
C PHE E 191 -15.75 24.08 -17.86
N ILE E 192 -16.73 24.99 -17.85
CA ILE E 192 -17.61 25.14 -19.01
C ILE E 192 -17.35 26.49 -19.70
N ILE E 193 -16.98 26.44 -20.98
CA ILE E 193 -16.77 27.65 -21.79
C ILE E 193 -17.97 27.64 -22.72
N MET E 194 -18.74 28.72 -22.71
CA MET E 194 -19.95 28.82 -23.52
C MET E 194 -19.89 30.02 -24.46
N THR E 195 -20.15 29.79 -25.76
CA THR E 195 -20.12 30.89 -26.72
C THR E 195 -21.46 31.62 -26.70
N LYS E 196 -21.49 32.80 -27.32
CA LYS E 196 -22.75 33.58 -27.35
C LYS E 196 -23.75 33.03 -28.36
N LYS E 197 -23.38 31.98 -29.07
CA LYS E 197 -24.29 31.35 -30.02
C LYS E 197 -24.90 30.12 -29.38
N ALA E 198 -24.38 29.73 -28.22
CA ALA E 198 -24.87 28.54 -27.54
C ALA E 198 -26.02 28.76 -26.59
N HIS E 199 -26.72 27.67 -26.28
CA HIS E 199 -27.82 27.68 -25.32
C HIS E 199 -27.79 26.36 -24.57
N MET E 200 -28.13 26.41 -23.29
CA MET E 200 -28.12 25.23 -22.45
C MET E 200 -29.26 25.33 -21.44
N PHE E 201 -29.96 24.22 -21.21
CA PHE E 201 -31.05 24.20 -20.25
C PHE E 201 -31.56 22.79 -20.03
N ILE E 202 -32.16 22.55 -18.87
CA ILE E 202 -32.69 21.23 -18.57
C ILE E 202 -34.06 21.13 -19.22
N THR E 203 -34.86 22.19 -19.09
CA THR E 203 -36.18 22.23 -19.69
C THR E 203 -36.26 23.41 -20.66
N GLY E 204 -36.75 23.16 -21.87
CA GLY E 204 -36.86 24.21 -22.87
C GLY E 204 -37.91 25.25 -22.57
N PRO E 205 -37.84 26.42 -23.23
CA PRO E 205 -38.79 27.52 -23.03
C PRO E 205 -40.22 27.10 -23.37
N GLN E 206 -40.38 26.39 -24.48
CA GLN E 206 -41.70 25.94 -24.89
C GLN E 206 -42.33 25.11 -23.77
N VAL E 207 -41.60 24.08 -23.33
CA VAL E 207 -42.11 23.23 -22.27
C VAL E 207 -42.41 24.02 -21.01
N ILE E 208 -41.54 24.96 -20.66
CA ILE E 208 -41.75 25.79 -19.47
C ILE E 208 -43.05 26.57 -19.59
N LYS E 209 -43.31 27.10 -20.78
CA LYS E 209 -44.54 27.86 -21.01
C LYS E 209 -45.73 26.91 -20.87
N SER E 210 -45.62 25.75 -21.52
CA SER E 210 -46.69 24.75 -21.49
C SER E 210 -47.00 24.30 -20.07
N VAL E 211 -46.00 24.31 -19.20
CA VAL E 211 -46.23 23.87 -17.84
C VAL E 211 -46.45 24.95 -16.80
N THR E 212 -45.66 26.02 -16.83
CA THR E 212 -45.82 27.08 -15.85
C THR E 212 -46.42 28.36 -16.45
N GLY E 213 -46.47 28.40 -17.77
CA GLY E 213 -47.01 29.57 -18.43
C GLY E 213 -45.99 30.70 -18.53
N GLU E 214 -44.82 30.50 -17.94
CA GLU E 214 -43.77 31.52 -17.98
C GLU E 214 -43.30 31.76 -19.41
N ASP E 215 -43.13 33.04 -19.74
CA ASP E 215 -42.65 33.43 -21.06
C ASP E 215 -41.20 33.84 -20.97
N VAL E 216 -40.37 33.23 -21.81
CA VAL E 216 -38.96 33.52 -21.82
C VAL E 216 -38.38 32.99 -23.12
N THR E 217 -37.33 33.62 -23.60
CA THR E 217 -36.68 33.19 -24.83
C THR E 217 -35.55 32.23 -24.47
N ALA E 218 -35.04 31.49 -25.45
CA ALA E 218 -33.95 30.57 -25.17
C ALA E 218 -32.77 31.40 -24.66
N ASP E 219 -32.59 32.58 -25.23
CA ASP E 219 -31.50 33.46 -24.85
C ASP E 219 -31.62 33.95 -23.42
N GLU E 220 -32.82 34.35 -23.02
CA GLU E 220 -33.04 34.83 -21.66
C GLU E 220 -32.92 33.65 -20.70
N LEU E 221 -33.45 32.51 -21.12
CA LEU E 221 -33.45 31.31 -20.30
C LEU E 221 -32.09 30.64 -20.11
N GLY E 222 -31.42 30.33 -21.21
CA GLY E 222 -30.15 29.62 -21.09
C GLY E 222 -29.00 30.09 -21.96
N GLY E 223 -28.96 31.39 -22.25
CA GLY E 223 -27.87 31.94 -23.03
C GLY E 223 -26.64 32.03 -22.15
N ALA E 224 -25.46 32.20 -22.75
CA ALA E 224 -24.22 32.27 -21.98
C ALA E 224 -24.25 33.29 -20.84
N GLU E 225 -24.78 34.48 -21.10
CA GLU E 225 -24.83 35.50 -20.06
C GLU E 225 -25.76 35.13 -18.92
N ALA E 226 -26.87 34.47 -19.21
CA ALA E 226 -27.78 34.06 -18.15
C ALA E 226 -27.06 33.02 -17.27
N HIS E 227 -26.42 32.02 -17.90
CA HIS E 227 -25.74 31.01 -17.09
C HIS E 227 -24.60 31.59 -16.26
N MET E 228 -23.91 32.59 -16.80
CA MET E 228 -22.80 33.19 -16.09
C MET E 228 -23.19 34.05 -14.90
N ALA E 229 -24.05 35.04 -15.14
CA ALA E 229 -24.44 35.96 -14.08
C ALA E 229 -25.53 35.50 -13.12
N ILE E 230 -26.46 34.71 -13.63
CA ILE E 230 -27.59 34.26 -12.81
C ILE E 230 -27.50 32.87 -12.20
N SER E 231 -27.46 31.84 -13.07
CA SER E 231 -27.45 30.44 -12.64
C SER E 231 -26.16 29.93 -12.00
N GLY E 232 -25.02 30.55 -12.36
CA GLY E 232 -23.75 30.13 -11.78
C GLY E 232 -23.23 28.81 -12.34
N ASN E 233 -23.73 28.43 -13.51
CA ASN E 233 -23.37 27.15 -14.16
C ASN E 233 -22.09 27.11 -14.99
N ILE E 234 -21.59 28.26 -15.44
CA ILE E 234 -20.43 28.24 -16.33
C ILE E 234 -19.25 29.07 -15.88
N HIS E 235 -18.12 28.84 -16.52
CA HIS E 235 -16.90 29.51 -16.10
C HIS E 235 -16.33 30.58 -16.99
N PHE E 236 -16.64 30.53 -18.28
CA PHE E 236 -16.15 31.51 -19.23
C PHE E 236 -17.18 31.78 -20.30
N VAL E 237 -17.32 33.06 -20.65
CA VAL E 237 -18.21 33.42 -21.75
C VAL E 237 -17.29 33.78 -22.89
N ALA E 238 -17.55 33.23 -24.07
CA ALA E 238 -16.74 33.48 -25.24
C ALA E 238 -17.62 34.08 -26.34
N GLU E 239 -17.09 35.06 -27.06
CA GLU E 239 -17.86 35.70 -28.13
C GLU E 239 -18.26 34.71 -29.22
N ASP E 240 -17.31 33.91 -29.67
CA ASP E 240 -17.58 32.94 -30.71
C ASP E 240 -16.64 31.76 -30.57
N ASP E 241 -16.60 30.88 -31.56
CA ASP E 241 -15.75 29.72 -31.50
C ASP E 241 -14.27 30.01 -31.47
N ASP E 242 -13.80 31.02 -32.21
CA ASP E 242 -12.36 31.33 -32.19
C ASP E 242 -11.96 31.75 -30.77
N ALA E 243 -12.83 32.52 -30.12
CA ALA E 243 -12.58 32.99 -28.77
C ALA E 243 -12.62 31.84 -27.76
N ALA E 244 -13.51 30.88 -27.98
CA ALA E 244 -13.65 29.75 -27.08
C ALA E 244 -12.40 28.88 -27.15
N GLU E 245 -11.87 28.74 -28.37
CA GLU E 245 -10.67 27.95 -28.60
C GLU E 245 -9.47 28.63 -27.94
N LEU E 246 -9.40 29.95 -28.01
CA LEU E 246 -8.29 30.66 -27.36
C LEU E 246 -8.42 30.51 -25.85
N ILE E 247 -9.64 30.63 -25.33
CA ILE E 247 -9.83 30.49 -23.89
C ILE E 247 -9.47 29.08 -23.44
N ALA E 248 -9.90 28.07 -24.20
CA ALA E 248 -9.58 26.69 -23.84
C ALA E 248 -8.09 26.45 -23.74
N LYS E 249 -7.31 27.02 -24.66
CA LYS E 249 -5.86 26.86 -24.66
C LYS E 249 -5.23 27.60 -23.48
N LYS E 250 -5.70 28.82 -23.22
CA LYS E 250 -5.19 29.61 -22.10
C LYS E 250 -5.46 28.87 -20.79
N LEU E 251 -6.69 28.41 -20.61
CA LEU E 251 -7.07 27.66 -19.42
C LEU E 251 -6.21 26.39 -19.28
N LEU E 252 -6.10 25.63 -20.36
CA LEU E 252 -5.30 24.42 -20.29
C LEU E 252 -3.84 24.67 -19.89
N SER E 253 -3.29 25.81 -20.31
CA SER E 253 -1.90 26.15 -20.01
C SER E 253 -1.57 26.21 -18.52
N PHE E 254 -2.59 26.43 -17.67
CA PHE E 254 -2.37 26.50 -16.22
C PHE E 254 -2.48 25.14 -15.56
N LEU E 255 -2.95 24.14 -16.33
CA LEU E 255 -3.18 22.82 -15.77
C LEU E 255 -2.21 21.71 -16.09
N PRO E 256 -2.06 20.78 -15.15
CA PRO E 256 -1.17 19.63 -15.34
C PRO E 256 -1.91 18.66 -16.27
N GLN E 257 -1.20 17.64 -16.77
CA GLN E 257 -1.82 16.64 -17.62
C GLN E 257 -2.81 15.79 -16.83
N ASN E 258 -2.46 15.49 -15.58
CA ASN E 258 -3.29 14.65 -14.71
C ASN E 258 -2.94 14.93 -13.25
N ASN E 259 -3.61 14.25 -12.33
CA ASN E 259 -3.39 14.52 -10.91
C ASN E 259 -2.09 14.04 -10.28
N THR E 260 -1.19 13.42 -11.06
CA THR E 260 0.08 12.95 -10.50
C THR E 260 1.18 13.98 -10.75
N GLU E 261 0.84 15.08 -11.44
CA GLU E 261 1.82 16.11 -11.77
C GLU E 261 1.38 17.53 -11.39
N GLU E 262 2.34 18.46 -11.32
CA GLU E 262 2.03 19.85 -11.07
C GLU E 262 2.18 20.43 -12.45
N ALA E 263 1.46 21.50 -12.78
CA ALA E 263 1.55 22.06 -14.11
C ALA E 263 2.97 22.52 -14.44
N SER E 264 3.36 22.38 -15.71
CA SER E 264 4.68 22.81 -16.13
C SER E 264 4.73 24.35 -16.05
N PHE E 265 5.88 24.88 -15.64
CA PHE E 265 6.04 26.32 -15.53
C PHE E 265 5.99 26.93 -16.92
N VAL E 266 5.49 28.16 -17.01
CA VAL E 266 5.39 28.87 -18.29
C VAL E 266 5.92 30.31 -18.15
N ASN E 267 6.76 30.73 -19.09
CA ASN E 267 7.33 32.09 -19.12
C ASN E 267 7.56 32.67 -17.72
N PRO E 268 8.40 32.01 -16.92
CA PRO E 268 8.69 32.47 -15.55
C PRO E 268 9.29 33.85 -15.43
N ASN E 269 8.72 34.65 -14.53
CA ASN E 269 9.23 35.99 -14.27
C ASN E 269 9.79 35.81 -12.85
N ASN E 270 11.10 35.93 -12.69
CA ASN E 270 11.68 35.72 -11.37
C ASN E 270 11.98 36.99 -10.58
N ASP E 271 11.62 38.14 -11.12
CA ASP E 271 11.87 39.36 -10.36
C ASP E 271 10.79 39.51 -9.29
N VAL E 272 11.23 39.72 -8.04
CA VAL E 272 10.31 39.90 -6.94
C VAL E 272 10.62 41.18 -6.19
N SER E 273 11.24 42.13 -6.90
CA SER E 273 11.61 43.42 -6.30
C SER E 273 10.38 44.09 -5.74
N PRO E 274 10.56 45.00 -4.76
CA PRO E 274 9.42 45.70 -4.15
C PRO E 274 8.69 46.58 -5.16
N ASN E 275 7.39 46.78 -4.92
CA ASN E 275 6.60 47.66 -5.76
C ASN E 275 5.79 48.52 -4.80
N THR E 276 6.25 49.75 -4.59
CA THR E 276 5.59 50.66 -3.67
C THR E 276 4.17 51.07 -4.04
N GLU E 277 3.79 50.87 -5.30
CA GLU E 277 2.44 51.24 -5.72
C GLU E 277 1.40 50.42 -4.97
N LEU E 278 1.81 49.24 -4.51
CA LEU E 278 0.91 48.36 -3.76
C LEU E 278 0.47 48.98 -2.43
N ARG E 279 1.27 49.90 -1.91
CA ARG E 279 0.93 50.57 -0.66
C ARG E 279 -0.26 51.50 -0.82
N ASP E 280 -0.55 51.88 -2.06
CA ASP E 280 -1.63 52.84 -2.28
C ASP E 280 -2.94 52.33 -2.85
N ILE E 281 -2.98 51.06 -3.23
CA ILE E 281 -4.20 50.52 -3.83
C ILE E 281 -5.33 50.37 -2.83
N VAL E 282 -5.02 49.86 -1.64
CA VAL E 282 -6.00 49.65 -0.60
C VAL E 282 -6.07 50.88 0.31
N PRO E 283 -7.19 51.61 0.28
CA PRO E 283 -7.40 52.81 1.09
C PRO E 283 -7.32 52.52 2.58
N ILE E 284 -6.80 53.47 3.37
CA ILE E 284 -6.73 53.29 4.81
C ILE E 284 -8.15 53.50 5.34
N ASP E 285 -8.93 54.28 4.60
CA ASP E 285 -10.31 54.56 4.97
C ASP E 285 -11.15 53.32 4.66
N GLY E 286 -11.50 52.59 5.71
CA GLY E 286 -12.30 51.39 5.54
C GLY E 286 -13.57 51.61 4.74
N LYS E 287 -14.01 52.85 4.62
CA LYS E 287 -15.23 53.15 3.88
C LYS E 287 -15.08 53.23 2.37
N LYS E 288 -13.85 53.22 1.88
CA LYS E 288 -13.63 53.29 0.43
C LYS E 288 -13.24 51.92 -0.08
N GLY E 289 -13.84 51.51 -1.19
CA GLY E 289 -13.51 50.21 -1.77
C GLY E 289 -12.40 50.38 -2.79
N TYR E 290 -12.20 49.36 -3.62
CA TYR E 290 -11.17 49.38 -4.65
C TYR E 290 -11.34 48.09 -5.43
N ASP E 291 -10.58 47.91 -6.51
CA ASP E 291 -10.66 46.68 -7.30
C ASP E 291 -9.48 45.83 -6.89
N VAL E 292 -9.77 44.69 -6.27
CA VAL E 292 -8.70 43.81 -5.80
C VAL E 292 -7.82 43.24 -6.91
N ARG E 293 -8.30 43.28 -8.15
CA ARG E 293 -7.50 42.75 -9.25
C ARG E 293 -6.32 43.69 -9.52
N ASP E 294 -6.39 44.92 -9.02
CA ASP E 294 -5.27 45.83 -9.18
C ASP E 294 -4.12 45.34 -8.30
N VAL E 295 -4.47 44.69 -7.19
CA VAL E 295 -3.45 44.14 -6.31
C VAL E 295 -2.90 42.90 -7.01
N ILE E 296 -3.80 42.06 -7.53
CA ILE E 296 -3.40 40.85 -8.23
C ILE E 296 -2.44 41.16 -9.36
N ALA E 297 -2.80 42.14 -10.21
CA ALA E 297 -1.97 42.49 -11.35
C ALA E 297 -0.54 42.84 -10.97
N LYS E 298 -0.37 43.47 -9.81
CA LYS E 298 0.97 43.85 -9.36
C LYS E 298 1.77 42.77 -8.68
N ILE E 299 1.14 41.62 -8.38
CA ILE E 299 1.88 40.57 -7.72
C ILE E 299 2.11 39.30 -8.56
N VAL E 300 1.31 39.10 -9.59
CA VAL E 300 1.49 37.91 -10.43
C VAL E 300 2.37 38.21 -11.64
N ASP E 301 3.01 37.18 -12.18
CA ASP E 301 3.89 37.32 -13.34
C ASP E 301 3.27 38.10 -14.49
N TRP E 302 3.96 39.14 -14.92
CA TRP E 302 3.49 39.95 -16.05
C TRP E 302 2.10 40.57 -15.88
N GLY E 303 1.54 40.52 -14.67
CA GLY E 303 0.21 41.07 -14.44
C GLY E 303 -0.86 40.23 -15.13
N ASP E 304 -0.46 39.04 -15.58
CA ASP E 304 -1.36 38.15 -16.30
C ASP E 304 -2.19 37.23 -15.42
N TYR E 305 -3.48 37.15 -15.70
CA TYR E 305 -4.35 36.26 -14.96
C TYR E 305 -5.57 35.92 -15.82
N LEU E 306 -6.12 34.74 -15.59
CA LEU E 306 -7.31 34.31 -16.32
C LEU E 306 -8.39 34.17 -15.26
N GLU E 307 -9.35 35.11 -15.27
CA GLU E 307 -10.40 35.07 -14.25
C GLU E 307 -11.45 34.00 -14.56
N VAL E 308 -11.80 33.22 -13.54
CA VAL E 308 -12.79 32.16 -13.65
C VAL E 308 -14.12 32.72 -13.09
N LYS E 309 -15.22 32.45 -13.78
CA LYS E 309 -16.54 32.96 -13.38
C LYS E 309 -16.48 34.48 -13.14
N ALA E 310 -15.82 35.18 -14.05
CA ALA E 310 -15.65 36.63 -13.93
C ALA E 310 -16.94 37.43 -13.81
N GLY E 311 -18.01 36.92 -14.41
CA GLY E 311 -19.28 37.62 -14.36
C GLY E 311 -20.29 37.12 -13.34
N TYR E 312 -19.87 36.18 -12.50
CA TYR E 312 -20.74 35.62 -11.46
C TYR E 312 -20.20 35.99 -10.08
N ALA E 313 -21.10 36.32 -9.15
CA ALA E 313 -20.71 36.64 -7.77
C ALA E 313 -19.42 37.43 -7.76
N THR E 314 -19.49 38.62 -8.36
CA THR E 314 -18.34 39.49 -8.51
C THR E 314 -17.83 40.10 -7.21
N ASN E 315 -18.46 39.74 -6.09
CA ASN E 315 -18.02 40.20 -4.77
C ASN E 315 -16.82 39.36 -4.35
N LEU E 316 -16.51 38.35 -5.16
CA LEU E 316 -15.36 37.47 -4.92
C LEU E 316 -14.69 37.12 -6.23
N VAL E 317 -13.38 37.26 -6.27
CA VAL E 317 -12.62 36.96 -7.48
C VAL E 317 -11.88 35.63 -7.36
N THR E 318 -11.92 34.82 -8.43
CA THR E 318 -11.20 33.54 -8.48
C THR E 318 -10.48 33.62 -9.82
N ALA E 319 -9.17 33.45 -9.81
CA ALA E 319 -8.41 33.55 -11.05
C ALA E 319 -7.13 32.71 -11.06
N PHE E 320 -6.77 32.21 -12.23
CA PHE E 320 -5.54 31.46 -12.37
C PHE E 320 -4.46 32.47 -12.74
N ALA E 321 -3.26 32.29 -12.21
CA ALA E 321 -2.15 33.17 -12.52
C ALA E 321 -0.88 32.39 -12.28
N ARG E 322 0.25 33.09 -12.36
CA ARG E 322 1.51 32.43 -12.12
C ARG E 322 2.45 33.30 -11.29
N VAL E 323 3.23 32.64 -10.46
CA VAL E 323 4.23 33.34 -9.66
C VAL E 323 5.52 32.58 -9.95
N ASN E 324 6.49 33.28 -10.53
CA ASN E 324 7.76 32.66 -10.90
C ASN E 324 7.50 31.48 -11.82
N GLY E 325 6.52 31.64 -12.71
CA GLY E 325 6.19 30.59 -13.67
C GLY E 325 5.29 29.47 -13.19
N ARG E 326 5.04 29.41 -11.89
CA ARG E 326 4.21 28.34 -11.32
C ARG E 326 2.73 28.71 -11.31
N SER E 327 1.88 27.80 -11.79
CA SER E 327 0.43 28.01 -11.78
C SER E 327 -0.05 28.13 -10.35
N VAL E 328 -0.89 29.12 -10.08
CA VAL E 328 -1.51 29.31 -8.76
C VAL E 328 -2.96 29.73 -8.97
N GLY E 329 -3.77 29.48 -7.96
CA GLY E 329 -5.17 29.88 -8.00
C GLY E 329 -5.33 30.98 -6.95
N ILE E 330 -5.88 32.13 -7.36
CA ILE E 330 -6.05 33.24 -6.43
C ILE E 330 -7.52 33.42 -6.08
N VAL E 331 -7.80 33.54 -4.77
CA VAL E 331 -9.16 33.73 -4.26
C VAL E 331 -9.07 35.04 -3.48
N ALA E 332 -9.83 36.04 -3.90
CA ALA E 332 -9.75 37.35 -3.30
C ALA E 332 -11.10 38.05 -3.15
N ASN E 333 -11.33 38.70 -2.01
CA ASN E 333 -12.57 39.42 -1.83
C ASN E 333 -12.54 40.70 -2.65
N GLN E 334 -13.69 41.16 -3.11
CA GLN E 334 -13.79 42.37 -3.94
C GLN E 334 -14.54 43.49 -3.18
N PRO E 335 -13.81 44.34 -2.43
CA PRO E 335 -14.42 45.42 -1.65
C PRO E 335 -15.33 46.36 -2.44
N SER E 336 -15.07 46.49 -3.74
CA SER E 336 -15.87 47.35 -4.58
C SER E 336 -17.25 46.81 -4.94
N VAL E 337 -17.57 45.58 -4.52
CA VAL E 337 -18.88 44.99 -4.81
C VAL E 337 -19.47 44.42 -3.52
N MET E 338 -20.60 44.98 -3.10
CA MET E 338 -21.27 44.54 -1.89
C MET E 338 -20.34 44.56 -0.68
N SER E 339 -19.46 45.55 -0.62
CA SER E 339 -18.49 45.71 0.47
C SER E 339 -17.56 44.51 0.65
N GLY E 340 -17.47 43.68 -0.37
CA GLY E 340 -16.60 42.53 -0.27
C GLY E 340 -17.20 41.41 0.58
N CYS E 341 -18.48 41.54 0.95
CA CYS E 341 -19.15 40.52 1.73
C CYS E 341 -19.18 39.19 0.98
N LEU E 342 -19.07 38.09 1.72
CA LEU E 342 -19.20 36.76 1.11
C LEU E 342 -20.70 36.48 1.18
N ASP E 343 -21.23 35.74 0.21
CA ASP E 343 -22.66 35.39 0.22
C ASP E 343 -22.80 33.97 -0.31
N ILE E 344 -24.03 33.50 -0.46
CA ILE E 344 -24.26 32.15 -0.95
C ILE E 344 -23.55 31.87 -2.28
N ASN E 345 -23.76 32.72 -3.27
CA ASN E 345 -23.15 32.52 -4.58
C ASN E 345 -21.62 32.56 -4.57
N ALA E 346 -21.04 33.51 -3.85
CA ALA E 346 -19.58 33.61 -3.78
C ALA E 346 -18.99 32.39 -3.07
N SER E 347 -19.71 31.85 -2.08
CA SER E 347 -19.23 30.67 -1.36
C SER E 347 -19.08 29.48 -2.32
N ASP E 348 -20.07 29.30 -3.20
CA ASP E 348 -20.03 28.23 -4.19
C ASP E 348 -18.86 28.46 -5.16
N LYS E 349 -18.76 29.70 -5.64
CA LYS E 349 -17.71 30.10 -6.59
C LYS E 349 -16.33 29.80 -6.01
N ALA E 350 -16.12 30.17 -4.76
CA ALA E 350 -14.85 29.95 -4.11
C ALA E 350 -14.56 28.47 -3.86
N ALA E 351 -15.52 27.78 -3.26
CA ALA E 351 -15.36 26.37 -2.92
C ALA E 351 -15.04 25.48 -4.13
N GLU E 352 -15.76 25.68 -5.23
CA GLU E 352 -15.52 24.88 -6.44
C GLU E 352 -14.10 25.09 -6.93
N PHE E 353 -13.66 26.35 -6.97
CA PHE E 353 -12.32 26.70 -7.44
C PHE E 353 -11.28 26.06 -6.53
N VAL E 354 -11.46 26.19 -5.22
CA VAL E 354 -10.55 25.61 -4.24
C VAL E 354 -10.46 24.08 -4.41
N ASN E 355 -11.59 23.39 -4.53
CA ASN E 355 -11.54 21.93 -4.70
C ASN E 355 -10.83 21.55 -5.99
N PHE E 356 -11.08 22.30 -7.06
CA PHE E 356 -10.41 21.98 -8.32
C PHE E 356 -8.89 22.12 -8.21
N CYS E 357 -8.44 23.27 -7.71
CA CYS E 357 -7.01 23.53 -7.57
C CYS E 357 -6.38 22.45 -6.72
N ASP E 358 -7.05 22.09 -5.62
CA ASP E 358 -6.51 21.05 -4.76
C ASP E 358 -6.38 19.73 -5.53
N SER E 359 -7.40 19.36 -6.30
CA SER E 359 -7.35 18.11 -7.06
C SER E 359 -6.17 18.04 -8.00
N PHE E 360 -5.83 19.16 -8.63
CA PHE E 360 -4.72 19.15 -9.58
C PHE E 360 -3.43 19.82 -9.16
N ASN E 361 -3.19 19.79 -7.85
CA ASN E 361 -1.94 20.30 -7.27
C ASN E 361 -1.53 21.73 -7.54
N ILE E 362 -2.52 22.62 -7.63
CA ILE E 362 -2.29 24.05 -7.88
C ILE E 362 -2.39 24.81 -6.55
N PRO E 363 -1.28 25.43 -6.08
CA PRO E 363 -1.33 26.17 -4.81
C PRO E 363 -2.41 27.24 -4.82
N LEU E 364 -2.91 27.57 -3.63
CA LEU E 364 -3.97 28.54 -3.45
C LEU E 364 -3.48 29.78 -2.70
N VAL E 365 -3.69 30.94 -3.29
CA VAL E 365 -3.29 32.21 -2.72
C VAL E 365 -4.52 33.05 -2.46
N GLN E 366 -4.71 33.44 -1.20
CA GLN E 366 -5.85 34.25 -0.77
C GLN E 366 -5.44 35.70 -0.48
N LEU E 367 -6.28 36.64 -0.94
CA LEU E 367 -6.08 38.07 -0.66
C LEU E 367 -7.35 38.44 0.10
N VAL E 368 -7.20 38.76 1.39
CA VAL E 368 -8.34 39.02 2.25
C VAL E 368 -8.69 40.46 2.64
N ASP E 369 -9.96 40.78 2.46
CA ASP E 369 -10.54 42.07 2.84
C ASP E 369 -12.04 41.78 2.87
N VAL E 370 -12.49 41.12 3.93
CA VAL E 370 -13.89 40.71 4.05
C VAL E 370 -14.46 41.12 5.41
N PRO E 371 -15.57 41.85 5.40
CA PRO E 371 -16.22 42.32 6.64
C PRO E 371 -17.20 41.35 7.29
N GLY E 372 -17.52 40.27 6.59
CA GLY E 372 -18.43 39.26 7.08
C GLY E 372 -19.27 38.72 5.93
N PHE E 373 -20.31 37.96 6.25
CA PHE E 373 -21.21 37.46 5.21
C PHE E 373 -22.30 38.51 5.02
N LEU E 374 -22.90 38.50 3.84
CA LEU E 374 -23.93 39.45 3.49
C LEU E 374 -25.23 39.28 4.29
N PRO E 375 -25.65 40.33 5.02
CA PRO E 375 -26.88 40.29 5.82
C PRO E 375 -28.12 40.27 4.93
N GLY E 376 -29.12 39.50 5.34
CA GLY E 376 -30.35 39.46 4.57
C GLY E 376 -31.17 38.22 4.83
N VAL E 377 -32.48 38.39 4.95
CA VAL E 377 -33.36 37.27 5.18
C VAL E 377 -33.14 36.18 4.13
N GLN E 378 -33.15 36.56 2.85
CA GLN E 378 -32.97 35.59 1.78
C GLN E 378 -31.64 34.85 1.83
N GLN E 379 -30.62 35.46 2.41
CA GLN E 379 -29.32 34.80 2.52
C GLN E 379 -29.48 33.64 3.51
N GLU E 380 -30.24 33.89 4.58
CA GLU E 380 -30.48 32.86 5.60
C GLU E 380 -31.40 31.80 5.01
N TYR E 381 -32.50 32.24 4.40
CA TYR E 381 -33.46 31.35 3.79
C TYR E 381 -32.89 30.57 2.62
N GLY E 382 -31.83 31.10 2.03
CA GLY E 382 -31.21 30.43 0.90
C GLY E 382 -30.16 29.42 1.34
N GLY E 383 -29.95 29.31 2.65
CA GLY E 383 -28.99 28.37 3.19
C GLY E 383 -27.54 28.83 3.22
N ILE E 384 -27.29 30.07 3.64
CA ILE E 384 -25.91 30.54 3.73
C ILE E 384 -25.11 29.65 4.68
N ILE E 385 -25.79 29.04 5.65
CA ILE E 385 -25.09 28.17 6.59
C ILE E 385 -24.44 26.99 5.85
N ARG E 386 -25.21 26.28 5.03
CA ARG E 386 -24.64 25.14 4.32
C ARG E 386 -23.77 25.56 3.11
N HIS E 387 -24.05 26.70 2.49
CA HIS E 387 -23.22 27.12 1.35
C HIS E 387 -21.87 27.67 1.84
N GLY E 388 -21.92 28.53 2.85
CA GLY E 388 -20.70 29.10 3.39
C GLY E 388 -19.79 28.01 3.91
N ALA E 389 -20.41 26.95 4.45
CA ALA E 389 -19.65 25.82 4.98
C ALA E 389 -18.77 25.16 3.92
N LYS E 390 -19.14 25.32 2.65
CA LYS E 390 -18.37 24.74 1.55
C LYS E 390 -16.96 25.33 1.49
N MET E 391 -16.82 26.61 1.81
CA MET E 391 -15.49 27.22 1.77
C MET E 391 -14.62 26.65 2.90
N LEU E 392 -15.20 26.56 4.10
CA LEU E 392 -14.47 26.00 5.23
C LEU E 392 -14.11 24.55 4.90
N TYR E 393 -15.05 23.84 4.29
CA TYR E 393 -14.79 22.45 3.95
C TYR E 393 -13.66 22.33 2.93
N ALA E 394 -13.82 23.02 1.79
CA ALA E 394 -12.82 22.95 0.73
C ALA E 394 -11.42 23.30 1.19
N TYR E 395 -11.27 24.41 1.90
CA TYR E 395 -9.94 24.78 2.39
C TYR E 395 -9.39 23.78 3.42
N SER E 396 -10.22 23.37 4.38
CA SER E 396 -9.76 22.42 5.41
C SER E 396 -9.34 21.07 4.83
N GLU E 397 -9.95 20.67 3.72
CA GLU E 397 -9.61 19.40 3.08
C GLU E 397 -8.39 19.56 2.16
N ALA E 398 -8.21 20.76 1.62
CA ALA E 398 -7.11 20.98 0.69
C ALA E 398 -5.74 20.70 1.28
N THR E 399 -4.86 20.07 0.49
CA THR E 399 -3.51 19.77 0.94
C THR E 399 -2.44 20.47 0.10
N VAL E 400 -2.84 21.20 -0.93
CA VAL E 400 -1.86 21.94 -1.73
C VAL E 400 -1.37 23.09 -0.85
N PRO E 401 -0.27 23.75 -1.24
CA PRO E 401 0.24 24.87 -0.46
C PRO E 401 -0.88 25.92 -0.41
N LYS E 402 -1.11 26.50 0.77
CA LYS E 402 -2.13 27.52 0.95
C LYS E 402 -1.46 28.75 1.57
N ILE E 403 -1.44 29.85 0.83
CA ILE E 403 -0.80 31.08 1.29
C ILE E 403 -1.83 32.20 1.34
N THR E 404 -1.90 32.87 2.49
CA THR E 404 -2.88 33.91 2.68
C THR E 404 -2.31 35.27 3.09
N VAL E 405 -2.74 36.31 2.40
CA VAL E 405 -2.30 37.67 2.66
C VAL E 405 -3.52 38.48 3.09
N VAL E 406 -3.49 39.03 4.30
CA VAL E 406 -4.61 39.82 4.78
C VAL E 406 -4.37 41.29 4.46
N LEU E 407 -5.16 41.84 3.54
CA LEU E 407 -5.04 43.23 3.11
C LEU E 407 -5.70 44.22 4.07
N ARG E 408 -6.91 43.90 4.50
CA ARG E 408 -7.60 44.82 5.39
C ARG E 408 -8.56 44.11 6.32
N LYS E 409 -9.87 44.27 6.09
CA LYS E 409 -10.87 43.62 6.96
C LYS E 409 -10.76 42.10 6.90
N ALA E 410 -10.91 41.45 8.05
CA ALA E 410 -10.86 39.98 8.15
C ALA E 410 -11.67 39.67 9.40
N TYR E 411 -13.00 39.74 9.26
CA TYR E 411 -13.89 39.54 10.39
C TYR E 411 -14.57 38.18 10.55
N GLY E 412 -14.56 37.70 11.79
CA GLY E 412 -15.22 36.46 12.15
C GLY E 412 -15.12 35.26 11.21
N GLY E 413 -16.25 34.59 11.04
CA GLY E 413 -16.28 33.41 10.19
C GLY E 413 -15.90 33.65 8.75
N SER E 414 -16.08 34.87 8.24
CA SER E 414 -15.77 35.11 6.84
C SER E 414 -14.26 35.07 6.65
N TYR E 415 -13.51 35.46 7.69
CA TYR E 415 -12.05 35.45 7.65
C TYR E 415 -11.59 34.00 7.66
N LEU E 416 -12.19 33.19 8.53
CA LEU E 416 -11.81 31.78 8.60
C LEU E 416 -12.09 31.11 7.26
N ALA E 417 -13.17 31.54 6.61
CA ALA E 417 -13.58 30.98 5.31
C ALA E 417 -12.57 31.31 4.22
N MET E 418 -11.74 32.33 4.46
CA MET E 418 -10.73 32.72 3.49
C MET E 418 -9.38 32.08 3.81
N CYS E 419 -9.44 30.96 4.52
CA CYS E 419 -8.28 30.16 4.88
C CYS E 419 -7.20 30.80 5.75
N ASN E 420 -7.40 30.81 7.06
CA ASN E 420 -6.41 31.36 7.96
C ASN E 420 -5.51 30.19 8.41
N ARG E 421 -4.60 30.41 9.35
CA ARG E 421 -3.70 29.35 9.80
C ARG E 421 -4.44 28.12 10.31
N ASP E 422 -5.55 28.34 11.00
CA ASP E 422 -6.32 27.25 11.56
C ASP E 422 -6.93 26.33 10.51
N LEU E 423 -7.16 26.83 9.31
CA LEU E 423 -7.69 25.95 8.27
C LEU E 423 -6.54 25.43 7.41
N GLY E 424 -5.33 25.48 7.95
CA GLY E 424 -4.20 24.93 7.23
C GLY E 424 -3.36 25.84 6.35
N ALA E 425 -3.57 27.15 6.39
CA ALA E 425 -2.74 28.05 5.59
C ALA E 425 -1.31 27.77 6.04
N ASP E 426 -0.42 27.57 5.08
CA ASP E 426 0.98 27.29 5.41
C ASP E 426 1.75 28.56 5.76
N ALA E 427 1.36 29.68 5.17
CA ALA E 427 1.99 30.96 5.46
C ALA E 427 0.91 32.04 5.43
N VAL E 428 0.92 32.93 6.43
CA VAL E 428 -0.06 34.00 6.48
C VAL E 428 0.65 35.33 6.73
N TYR E 429 0.34 36.34 5.93
CA TYR E 429 0.96 37.65 6.13
C TYR E 429 -0.10 38.72 6.29
N ALA E 430 0.20 39.70 7.14
CA ALA E 430 -0.72 40.80 7.36
C ALA E 430 -0.11 42.11 6.85
N TRP E 431 -0.89 42.88 6.10
CA TRP E 431 -0.43 44.18 5.64
C TRP E 431 -0.62 45.03 6.89
N PRO E 432 -0.05 46.25 6.93
CA PRO E 432 -0.21 47.07 8.14
C PRO E 432 -1.65 47.51 8.33
N SER E 433 -2.46 47.34 7.30
CA SER E 433 -3.87 47.71 7.34
C SER E 433 -4.77 46.53 7.72
N ALA E 434 -4.15 45.40 7.96
CA ALA E 434 -4.90 44.19 8.31
C ALA E 434 -5.71 44.38 9.58
N GLU E 435 -6.96 43.93 9.54
CA GLU E 435 -7.81 44.04 10.69
C GLU E 435 -8.53 42.73 10.99
N ILE E 436 -7.76 41.73 11.43
CA ILE E 436 -8.29 40.42 11.79
C ILE E 436 -9.01 40.60 13.12
N ALA E 437 -10.29 40.26 13.18
CA ALA E 437 -11.05 40.44 14.40
C ALA E 437 -12.26 39.51 14.50
N VAL E 438 -12.65 39.18 15.71
CA VAL E 438 -13.79 38.30 15.88
C VAL E 438 -15.01 39.08 15.39
N MET E 439 -14.96 40.40 15.58
CA MET E 439 -16.02 41.31 15.13
C MET E 439 -15.49 42.73 15.32
N GLY E 440 -16.18 43.70 14.72
CA GLY E 440 -15.76 45.10 14.84
C GLY E 440 -15.66 45.58 16.27
N ALA E 441 -14.64 46.39 16.58
CA ALA E 441 -14.46 46.91 17.93
C ALA E 441 -15.73 47.55 18.48
N GLU E 442 -16.43 48.30 17.64
CA GLU E 442 -17.66 48.97 18.08
C GLU E 442 -18.74 47.97 18.47
N GLY E 443 -18.99 47.01 17.60
CA GLY E 443 -20.01 46.00 17.86
C GLY E 443 -19.71 45.21 19.13
N ALA E 444 -18.44 44.88 19.32
CA ALA E 444 -18.03 44.14 20.50
C ALA E 444 -18.34 44.98 21.74
N ALA E 445 -17.76 46.17 21.78
CA ALA E 445 -17.93 47.10 22.90
C ALA E 445 -19.36 47.19 23.41
N ASN E 446 -20.30 47.36 22.49
CA ASN E 446 -21.70 47.47 22.88
C ASN E 446 -22.24 46.25 23.59
N VAL E 447 -21.57 45.10 23.41
CA VAL E 447 -22.02 43.88 24.06
C VAL E 447 -21.37 43.63 25.41
N ILE E 448 -20.04 43.66 25.46
CA ILE E 448 -19.32 43.41 26.71
C ILE E 448 -19.05 44.59 27.64
N PHE E 449 -19.28 45.81 27.17
CA PHE E 449 -19.05 46.99 28.02
C PHE E 449 -20.36 47.74 28.25
N ARG E 450 -21.44 47.14 27.77
CA ARG E 450 -22.79 47.68 27.88
C ARG E 450 -23.10 48.30 29.24
N LYS E 451 -22.80 47.57 30.30
CA LYS E 451 -23.05 48.02 31.67
C LYS E 451 -22.19 49.20 32.10
N GLU E 452 -20.88 49.07 31.93
CA GLU E 452 -19.92 50.08 32.31
C GLU E 452 -20.11 51.39 31.54
N ILE E 453 -20.71 51.29 30.37
CA ILE E 453 -20.97 52.47 29.55
C ILE E 453 -22.20 53.18 30.09
N LYS E 454 -23.25 52.40 30.34
CA LYS E 454 -24.51 52.94 30.84
C LYS E 454 -24.37 53.60 32.21
N ALA E 455 -23.38 53.18 32.99
CA ALA E 455 -23.19 53.74 34.33
C ALA E 455 -22.09 54.80 34.43
N ALA E 456 -21.37 55.02 33.32
CA ALA E 456 -20.30 56.01 33.32
C ALA E 456 -20.85 57.43 33.41
N ASP E 457 -20.10 58.32 34.07
CA ASP E 457 -20.54 59.71 34.17
C ASP E 457 -20.76 60.25 32.77
N ASP E 458 -19.81 59.96 31.87
CA ASP E 458 -19.92 60.39 30.49
C ASP E 458 -19.92 59.15 29.59
N PRO E 459 -21.10 58.56 29.34
CA PRO E 459 -21.26 57.36 28.51
C PRO E 459 -20.52 57.39 27.15
N ASP E 460 -20.65 58.50 26.42
CA ASP E 460 -20.00 58.61 25.11
C ASP E 460 -18.49 58.50 25.21
N ALA E 461 -17.92 59.12 26.23
CA ALA E 461 -16.47 59.09 26.43
C ALA E 461 -16.03 57.68 26.83
N MET E 462 -16.87 57.01 27.61
CA MET E 462 -16.56 55.64 28.05
C MET E 462 -16.60 54.71 26.86
N ARG E 463 -17.61 54.87 26.01
CA ARG E 463 -17.73 54.02 24.83
C ARG E 463 -16.52 54.19 23.91
N ALA E 464 -16.16 55.42 23.58
CA ALA E 464 -15.02 55.67 22.71
C ALA E 464 -13.74 55.11 23.35
N GLU E 465 -13.66 55.21 24.67
CA GLU E 465 -12.51 54.69 25.41
C GLU E 465 -12.39 53.17 25.28
N LYS E 466 -13.50 52.48 25.49
CA LYS E 466 -13.54 51.01 25.41
C LYS E 466 -13.35 50.49 23.99
N ILE E 467 -13.95 51.19 23.02
CA ILE E 467 -13.81 50.80 21.63
C ILE E 467 -12.33 50.89 21.26
N GLU E 468 -11.70 51.97 21.68
CA GLU E 468 -10.29 52.22 21.42
C GLU E 468 -9.48 51.09 22.05
N GLU E 469 -9.81 50.76 23.30
CA GLU E 469 -9.16 49.70 24.06
C GLU E 469 -9.24 48.35 23.35
N TYR E 470 -10.45 48.00 22.92
CA TYR E 470 -10.69 46.73 22.23
C TYR E 470 -9.93 46.69 20.91
N GLN E 471 -10.05 47.76 20.13
CA GLN E 471 -9.39 47.86 18.84
C GLN E 471 -7.88 47.62 18.97
N ASN E 472 -7.26 48.30 19.92
CA ASN E 472 -5.83 48.18 20.12
C ASN E 472 -5.41 46.88 20.79
N ALA E 473 -6.32 46.27 21.55
CA ALA E 473 -5.99 45.03 22.23
C ALA E 473 -6.07 43.80 21.32
N PHE E 474 -6.93 43.84 20.31
CA PHE E 474 -7.11 42.70 19.43
C PHE E 474 -6.97 42.90 17.93
N ASN E 475 -7.58 43.98 17.43
CA ASN E 475 -7.67 44.22 16.00
C ASN E 475 -6.55 44.85 15.18
N THR E 476 -5.31 44.79 15.66
CA THR E 476 -4.21 45.34 14.90
C THR E 476 -3.35 44.19 14.39
N PRO E 477 -2.58 44.44 13.31
CA PRO E 477 -1.71 43.44 12.70
C PRO E 477 -0.72 42.90 13.74
N TYR E 478 -0.32 43.76 14.67
CA TYR E 478 0.63 43.38 15.68
C TYR E 478 0.11 42.37 16.70
N VAL E 479 -1.19 42.43 16.99
CA VAL E 479 -1.74 41.47 17.93
C VAL E 479 -1.89 40.14 17.21
N ALA E 480 -2.29 40.19 15.93
CA ALA E 480 -2.44 38.96 15.16
C ALA E 480 -1.09 38.27 15.12
N ALA E 481 -0.04 39.04 14.90
CA ALA E 481 1.31 38.49 14.86
C ALA E 481 1.75 38.03 16.25
N ALA E 482 1.35 38.78 17.27
CA ALA E 482 1.67 38.45 18.65
C ALA E 482 1.15 37.05 18.96
N ARG E 483 -0.09 36.78 18.54
CA ARG E 483 -0.72 35.49 18.78
C ARG E 483 -0.27 34.40 17.80
N GLY E 484 0.51 34.78 16.79
CA GLY E 484 0.99 33.80 15.84
C GLY E 484 0.01 33.48 14.73
N GLN E 485 -1.05 34.27 14.62
CA GLN E 485 -2.06 34.07 13.56
C GLN E 485 -1.51 34.49 12.20
N VAL E 486 -0.42 35.26 12.20
CA VAL E 486 0.24 35.64 10.96
C VAL E 486 1.74 35.42 11.16
N ASP E 487 2.43 35.02 10.10
CA ASP E 487 3.88 34.80 10.16
C ASP E 487 4.61 36.11 10.44
N ASP E 488 4.09 37.20 9.88
CA ASP E 488 4.77 38.49 9.99
C ASP E 488 3.83 39.60 9.51
N VAL E 489 4.17 40.85 9.84
CA VAL E 489 3.40 42.01 9.38
C VAL E 489 4.35 42.54 8.31
N ILE E 490 3.84 42.76 7.10
CA ILE E 490 4.69 43.17 6.00
C ILE E 490 4.39 44.50 5.34
N ASP E 491 5.42 45.04 4.68
CA ASP E 491 5.30 46.26 3.91
C ASP E 491 4.55 45.75 2.66
N PRO E 492 3.40 46.36 2.35
CA PRO E 492 2.62 45.93 1.18
C PRO E 492 3.48 45.79 -0.07
N ALA E 493 4.52 46.63 -0.14
CA ALA E 493 5.41 46.62 -1.30
C ALA E 493 6.14 45.29 -1.52
N ASP E 494 6.29 44.49 -0.46
CA ASP E 494 6.99 43.21 -0.55
C ASP E 494 6.06 42.00 -0.75
N THR E 495 4.77 42.24 -0.97
CA THR E 495 3.81 41.15 -1.13
C THR E 495 4.24 40.06 -2.12
N ARG E 496 4.60 40.44 -3.34
CA ARG E 496 5.00 39.44 -4.33
C ARG E 496 6.16 38.59 -3.81
N ARG E 497 7.18 39.23 -3.24
CA ARG E 497 8.31 38.46 -2.70
C ARG E 497 7.88 37.50 -1.61
N LYS E 498 7.08 37.96 -0.64
CA LYS E 498 6.66 37.06 0.42
C LYS E 498 5.87 35.85 -0.13
N ILE E 499 4.97 36.09 -1.07
CA ILE E 499 4.19 35.00 -1.68
C ILE E 499 5.12 34.06 -2.45
N ALA E 500 6.05 34.63 -3.20
CA ALA E 500 6.97 33.82 -4.01
C ALA E 500 7.85 32.90 -3.16
N SER E 501 8.39 33.43 -2.07
CA SER E 501 9.27 32.61 -1.23
C SER E 501 8.47 31.54 -0.51
N ALA E 502 7.25 31.87 -0.12
CA ALA E 502 6.41 30.89 0.56
C ALA E 502 6.12 29.74 -0.40
N LEU E 503 5.76 30.08 -1.64
CA LEU E 503 5.45 29.07 -2.64
C LEU E 503 6.65 28.19 -2.88
N GLU E 504 7.83 28.81 -2.95
CA GLU E 504 9.06 28.07 -3.18
C GLU E 504 9.37 27.11 -2.03
N MET E 505 9.23 27.55 -0.80
CA MET E 505 9.56 26.65 0.30
C MET E 505 8.55 25.51 0.45
N TYR E 506 7.29 25.77 0.11
CA TYR E 506 6.26 24.75 0.22
C TYR E 506 6.06 23.93 -1.05
N ALA E 507 6.93 24.12 -2.04
CA ALA E 507 6.83 23.36 -3.28
C ALA E 507 7.03 21.89 -2.97
N THR E 508 7.58 21.58 -1.80
CA THR E 508 7.79 20.18 -1.46
C THR E 508 6.84 19.71 -0.36
N LYS E 509 5.78 20.49 -0.11
CA LYS E 509 4.81 20.12 0.90
C LYS E 509 4.17 18.75 0.63
N ARG E 510 4.17 17.89 1.64
CA ARG E 510 3.56 16.56 1.54
C ARG E 510 2.68 16.45 2.78
N GLN E 511 1.38 16.60 2.58
CA GLN E 511 0.42 16.57 3.66
C GLN E 511 -0.60 15.47 3.42
N THR E 512 -0.84 14.67 4.44
CA THR E 512 -1.77 13.55 4.34
C THR E 512 -3.10 13.80 5.07
N ARG E 513 -4.11 13.02 4.72
CA ARG E 513 -5.44 13.14 5.30
C ARG E 513 -5.89 11.78 5.84
N PRO E 514 -6.86 11.77 6.78
CA PRO E 514 -7.35 10.50 7.33
C PRO E 514 -7.91 9.64 6.20
N ALA E 515 -7.81 8.32 6.33
CA ALA E 515 -8.33 7.43 5.30
C ALA E 515 -9.86 7.52 5.31
N LYS E 516 -10.44 7.71 4.13
CA LYS E 516 -11.88 7.81 3.98
C LYS E 516 -12.21 7.68 2.50
N LYS E 517 -13.42 7.25 2.17
CA LYS E 517 -13.80 7.16 0.77
C LYS E 517 -13.81 8.57 0.27
N HIS E 518 -14.34 9.45 1.11
CA HIS E 518 -14.45 10.87 0.83
C HIS E 518 -15.19 11.46 2.02
N GLY E 519 -15.08 12.77 2.19
CA GLY E 519 -15.78 13.41 3.28
C GLY E 519 -17.21 13.68 2.83
N ASN E 520 -17.96 14.40 3.66
CA ASN E 520 -19.35 14.75 3.38
C ASN E 520 -19.36 16.23 2.98
N PHE E 521 -19.02 16.53 1.73
CA PHE E 521 -18.99 17.93 1.26
C PHE E 521 -20.39 18.54 1.33
N PRO E 522 -20.51 19.76 1.90
CA PRO E 522 -21.85 20.36 2.00
C PRO E 522 -22.54 20.55 0.65
N CYS E 523 -23.87 20.36 0.66
CA CYS E 523 -24.65 20.51 -0.55
C CYS E 523 -25.41 21.84 -0.55
N LYS F 7 53.96 -20.05 5.28
CA LYS F 7 53.60 -20.19 3.83
C LYS F 7 53.23 -18.84 3.22
N LEU F 8 52.96 -17.85 4.07
CA LEU F 8 52.60 -16.52 3.62
C LEU F 8 53.84 -15.62 3.71
N ALA F 9 54.16 -14.94 2.61
CA ALA F 9 55.33 -14.06 2.56
C ALA F 9 55.41 -13.14 3.79
N SER F 10 56.62 -12.66 4.08
CA SER F 10 56.83 -11.80 5.25
C SER F 10 56.53 -10.34 4.98
N THR F 11 56.39 -9.98 3.71
CA THR F 11 56.10 -8.59 3.34
C THR F 11 54.79 -8.50 2.58
N MET F 12 54.12 -7.37 2.73
CA MET F 12 52.85 -7.15 2.05
C MET F 12 53.11 -7.32 0.55
N GLU F 13 54.13 -6.62 0.05
CA GLU F 13 54.51 -6.70 -1.36
C GLU F 13 54.75 -8.16 -1.76
N GLY F 14 55.34 -8.96 -0.88
CA GLY F 14 55.59 -10.35 -1.20
C GLY F 14 54.31 -11.18 -1.23
N ARG F 15 53.38 -10.85 -0.36
CA ARG F 15 52.11 -11.58 -0.34
C ARG F 15 51.28 -11.21 -1.55
N VAL F 16 51.40 -9.96 -2.00
CA VAL F 16 50.65 -9.52 -3.18
C VAL F 16 51.11 -10.33 -4.39
N GLU F 17 52.42 -10.47 -4.52
CA GLU F 17 52.97 -11.24 -5.63
C GLU F 17 52.55 -12.69 -5.49
N GLN F 18 52.54 -13.17 -4.25
CA GLN F 18 52.14 -14.54 -3.96
C GLN F 18 50.68 -14.73 -4.35
N LEU F 19 49.84 -13.77 -3.96
CA LEU F 19 48.42 -13.78 -4.29
C LEU F 19 48.26 -13.89 -5.80
N ALA F 20 49.05 -13.10 -6.52
CA ALA F 20 49.03 -13.09 -7.97
C ALA F 20 49.28 -14.48 -8.53
N GLU F 21 50.23 -15.21 -7.94
CA GLU F 21 50.56 -16.56 -8.40
C GLU F 21 49.42 -17.53 -8.13
N GLN F 22 48.82 -17.44 -6.95
CA GLN F 22 47.71 -18.30 -6.56
C GLN F 22 46.57 -18.11 -7.56
N ARG F 23 46.24 -16.85 -7.81
CA ARG F 23 45.17 -16.53 -8.74
C ARG F 23 45.46 -17.16 -10.11
N GLN F 24 46.71 -17.07 -10.54
CA GLN F 24 47.10 -17.62 -11.83
C GLN F 24 46.81 -19.13 -11.88
N VAL F 25 47.13 -19.85 -10.80
CA VAL F 25 46.87 -21.28 -10.75
C VAL F 25 45.37 -21.56 -10.88
N ILE F 26 44.57 -20.78 -10.16
CA ILE F 26 43.12 -20.94 -10.20
C ILE F 26 42.53 -20.66 -11.58
N GLU F 27 42.95 -19.57 -12.20
CA GLU F 27 42.42 -19.23 -13.50
C GLU F 27 42.84 -20.21 -14.60
N ALA F 28 43.80 -21.07 -14.29
CA ALA F 28 44.27 -22.06 -15.25
C ALA F 28 43.29 -23.23 -15.31
N GLY F 29 42.40 -23.29 -14.33
CA GLY F 29 41.42 -24.35 -14.30
C GLY F 29 42.02 -25.75 -14.33
N GLY F 30 41.53 -26.57 -15.23
CA GLY F 30 42.01 -27.93 -15.35
C GLY F 30 43.35 -28.13 -16.04
N GLY F 31 44.04 -27.03 -16.36
CA GLY F 31 45.35 -27.13 -16.99
C GLY F 31 45.43 -26.97 -18.50
N GLU F 32 46.65 -26.71 -18.99
CA GLU F 32 46.91 -26.52 -20.42
C GLU F 32 46.32 -27.61 -21.30
N ARG F 33 46.64 -28.85 -20.97
CA ARG F 33 46.14 -29.97 -21.73
C ARG F 33 44.62 -29.89 -21.90
N ARG F 34 43.92 -29.71 -20.78
CA ARG F 34 42.46 -29.61 -20.82
C ARG F 34 42.02 -28.41 -21.63
N VAL F 35 42.66 -27.27 -21.39
CA VAL F 35 42.32 -26.03 -22.09
C VAL F 35 42.48 -26.19 -23.60
N GLU F 36 43.62 -26.74 -24.01
CA GLU F 36 43.86 -26.95 -25.43
C GLU F 36 42.82 -27.91 -26.02
N LYS F 37 42.41 -28.90 -25.24
CA LYS F 37 41.39 -29.83 -25.74
C LYS F 37 40.10 -29.04 -25.99
N GLN F 38 39.74 -28.19 -25.02
CA GLN F 38 38.53 -27.38 -25.13
C GLN F 38 38.64 -26.61 -26.45
N HIS F 39 39.74 -25.88 -26.61
CA HIS F 39 39.98 -25.10 -27.82
C HIS F 39 39.93 -25.91 -29.10
N SER F 40 40.50 -27.12 -29.08
CA SER F 40 40.52 -27.96 -30.27
C SER F 40 39.13 -28.46 -30.63
N GLN F 41 38.22 -28.42 -29.67
CA GLN F 41 36.84 -28.85 -29.94
C GLN F 41 36.07 -27.61 -30.44
N GLY F 42 36.80 -26.53 -30.66
CA GLY F 42 36.20 -25.29 -31.14
C GLY F 42 35.40 -24.52 -30.11
N LYS F 43 35.87 -24.54 -28.86
CA LYS F 43 35.20 -23.86 -27.76
C LYS F 43 36.11 -22.92 -27.00
N GLN F 44 35.57 -21.81 -26.50
CA GLN F 44 36.38 -20.89 -25.69
C GLN F 44 36.34 -21.49 -24.28
N THR F 45 37.17 -20.98 -23.39
CA THR F 45 37.18 -21.46 -22.01
C THR F 45 36.14 -20.65 -21.25
N ALA F 46 35.89 -21.01 -20.01
CA ALA F 46 34.90 -20.29 -19.21
C ALA F 46 35.26 -18.83 -19.07
N ARG F 47 36.55 -18.55 -18.82
CA ARG F 47 36.99 -17.18 -18.63
C ARG F 47 37.08 -16.36 -19.92
N GLU F 48 37.33 -17.04 -21.04
CA GLU F 48 37.42 -16.36 -22.31
C GLU F 48 36.02 -15.86 -22.67
N ARG F 49 35.02 -16.69 -22.36
CA ARG F 49 33.63 -16.34 -22.64
C ARG F 49 33.23 -15.07 -21.87
N LEU F 50 33.55 -15.04 -20.59
CA LEU F 50 33.22 -13.87 -19.78
C LEU F 50 33.97 -12.65 -20.30
N ASN F 51 35.24 -12.83 -20.63
CA ASN F 51 36.05 -11.71 -21.13
C ASN F 51 35.53 -11.17 -22.45
N ASN F 52 34.91 -12.03 -23.25
CA ASN F 52 34.36 -11.60 -24.53
C ASN F 52 32.97 -10.99 -24.35
N LEU F 53 32.23 -11.47 -23.35
CA LEU F 53 30.89 -10.96 -23.11
C LEU F 53 30.85 -9.59 -22.43
N LEU F 54 31.62 -9.46 -21.36
CA LEU F 54 31.66 -8.23 -20.55
C LEU F 54 32.59 -7.15 -21.08
N ASP F 55 32.29 -5.89 -20.78
CA ASP F 55 33.13 -4.79 -21.23
C ASP F 55 34.56 -5.05 -20.72
N PRO F 56 35.58 -4.57 -21.45
CA PRO F 56 36.96 -4.76 -21.03
C PRO F 56 37.26 -4.39 -19.59
N HIS F 57 37.87 -5.33 -18.87
CA HIS F 57 38.24 -5.16 -17.48
C HIS F 57 37.10 -4.86 -16.51
N SER F 58 35.86 -5.13 -16.93
CA SER F 58 34.70 -4.85 -16.08
C SER F 58 34.39 -6.00 -15.12
N PHE F 59 34.99 -7.16 -15.36
CA PHE F 59 34.72 -8.32 -14.51
C PHE F 59 35.34 -8.21 -13.12
N ASP F 60 34.48 -8.38 -12.12
CA ASP F 60 34.86 -8.33 -10.72
C ASP F 60 34.41 -9.70 -10.22
N GLU F 61 35.37 -10.62 -10.09
CA GLU F 61 35.05 -11.98 -9.69
C GLU F 61 34.82 -12.22 -8.21
N VAL F 62 33.88 -13.13 -7.93
CA VAL F 62 33.54 -13.53 -6.57
C VAL F 62 33.76 -15.04 -6.44
N GLY F 63 34.49 -15.44 -5.42
CA GLY F 63 34.71 -16.86 -5.21
C GLY F 63 35.77 -17.55 -6.04
N ALA F 64 36.74 -16.81 -6.55
CA ALA F 64 37.80 -17.46 -7.32
C ALA F 64 38.44 -18.51 -6.39
N PHE F 65 38.72 -18.11 -5.16
CA PHE F 65 39.36 -19.00 -4.19
C PHE F 65 38.42 -19.88 -3.39
N ARG F 66 37.12 -19.85 -3.66
CA ARG F 66 36.21 -20.68 -2.90
C ARG F 66 36.48 -22.14 -3.24
N LYS F 67 36.36 -23.00 -2.23
CA LYS F 67 36.61 -24.44 -2.42
C LYS F 67 35.48 -25.33 -1.92
N HIS F 68 35.37 -26.51 -2.51
CA HIS F 68 34.33 -27.46 -2.12
C HIS F 68 34.64 -28.01 -0.74
N ARG F 69 33.59 -28.42 -0.04
CA ARG F 69 33.77 -28.96 1.31
C ARG F 69 33.49 -30.45 1.37
N THR F 70 33.07 -31.02 0.25
CA THR F 70 32.76 -32.44 0.16
C THR F 70 34.05 -33.27 0.28
N THR F 71 33.91 -34.52 0.69
CA THR F 71 35.07 -35.40 0.90
C THR F 71 34.95 -36.84 0.38
N LEU F 72 33.73 -37.32 0.16
CA LEU F 72 33.57 -38.68 -0.32
C LEU F 72 34.10 -38.95 -1.72
N PHE F 73 34.40 -40.21 -1.98
CA PHE F 73 34.91 -40.68 -3.26
C PHE F 73 35.98 -39.81 -3.93
N GLY F 74 37.02 -39.50 -3.18
CA GLY F 74 38.11 -38.71 -3.72
C GLY F 74 38.03 -37.20 -3.62
N MET F 75 36.86 -36.67 -3.27
CA MET F 75 36.72 -35.23 -3.20
C MET F 75 37.58 -34.62 -2.11
N ASP F 76 37.95 -35.42 -1.10
CA ASP F 76 38.76 -34.90 -0.02
C ASP F 76 40.16 -34.53 -0.50
N LYS F 77 40.64 -35.21 -1.53
CA LYS F 77 41.97 -34.89 -2.07
C LYS F 77 41.92 -34.25 -3.44
N ALA F 78 40.73 -34.11 -4.01
CA ALA F 78 40.59 -33.50 -5.33
C ALA F 78 40.77 -31.98 -5.26
N VAL F 79 41.53 -31.44 -6.22
CA VAL F 79 41.76 -30.00 -6.31
C VAL F 79 40.82 -29.52 -7.42
N VAL F 80 39.87 -28.66 -7.05
CA VAL F 80 38.87 -28.16 -7.98
C VAL F 80 38.76 -26.65 -7.94
N PRO F 81 39.55 -25.94 -8.78
CA PRO F 81 39.58 -24.47 -8.86
C PRO F 81 38.20 -23.84 -9.02
N ALA F 82 37.88 -22.91 -8.13
CA ALA F 82 36.61 -22.18 -8.15
C ALA F 82 35.41 -23.13 -8.19
N ASP F 83 35.67 -24.38 -7.83
CA ASP F 83 34.70 -25.46 -7.85
C ASP F 83 34.02 -25.61 -9.22
N GLY F 84 34.70 -25.15 -10.26
CA GLY F 84 34.18 -25.32 -11.60
C GLY F 84 33.26 -24.26 -12.20
N VAL F 85 33.14 -23.11 -11.57
CA VAL F 85 32.30 -22.06 -12.14
C VAL F 85 32.95 -20.72 -11.85
N VAL F 86 32.86 -19.82 -12.82
CA VAL F 86 33.42 -18.49 -12.65
C VAL F 86 32.21 -17.58 -12.51
N THR F 87 32.14 -16.89 -11.37
CA THR F 87 31.01 -16.01 -11.05
C THR F 87 31.42 -14.61 -10.60
N GLY F 88 30.57 -13.63 -10.89
CA GLY F 88 30.87 -12.27 -10.49
C GLY F 88 29.99 -11.25 -11.19
N ARG F 89 30.37 -9.98 -11.09
CA ARG F 89 29.62 -8.93 -11.74
C ARG F 89 30.51 -8.24 -12.76
N GLY F 90 29.89 -7.53 -13.70
CA GLY F 90 30.62 -6.81 -14.72
C GLY F 90 29.65 -5.86 -15.40
N THR F 91 29.99 -5.41 -16.60
CA THR F 91 29.09 -4.54 -17.32
C THR F 91 29.03 -4.94 -18.79
N ILE F 92 27.90 -4.62 -19.40
CA ILE F 92 27.71 -4.88 -20.83
C ILE F 92 27.19 -3.53 -21.31
N LEU F 93 27.98 -2.87 -22.17
CA LEU F 93 27.65 -1.54 -22.66
C LEU F 93 27.41 -0.61 -21.49
N GLY F 94 28.19 -0.83 -20.43
CA GLY F 94 28.09 0.02 -19.26
C GLY F 94 26.99 -0.38 -18.29
N ARG F 95 26.16 -1.33 -18.69
CA ARG F 95 25.08 -1.77 -17.81
C ARG F 95 25.55 -2.84 -16.83
N PRO F 96 25.31 -2.63 -15.54
CA PRO F 96 25.74 -3.63 -14.56
C PRO F 96 25.01 -4.95 -14.79
N VAL F 97 25.75 -6.05 -14.75
CA VAL F 97 25.14 -7.37 -14.94
C VAL F 97 25.86 -8.36 -14.02
N HIS F 98 25.25 -9.52 -13.82
CA HIS F 98 25.86 -10.58 -13.02
C HIS F 98 25.98 -11.75 -13.98
N ALA F 99 26.99 -12.59 -13.81
CA ALA F 99 27.15 -13.71 -14.72
C ALA F 99 27.87 -14.88 -14.06
N ALA F 100 27.68 -16.06 -14.66
CA ALA F 100 28.31 -17.31 -14.23
C ALA F 100 28.80 -17.97 -15.52
N SER F 101 29.86 -18.77 -15.42
CA SER F 101 30.40 -19.45 -16.60
C SER F 101 30.99 -20.77 -16.12
N GLN F 102 30.46 -21.90 -16.59
CA GLN F 102 30.99 -23.19 -16.16
C GLN F 102 32.30 -23.54 -16.84
N ASP F 103 33.23 -24.08 -16.05
CA ASP F 103 34.56 -24.47 -16.53
C ASP F 103 34.63 -25.98 -16.72
N PHE F 104 34.33 -26.41 -17.94
CA PHE F 104 34.35 -27.83 -18.28
C PHE F 104 35.71 -28.50 -18.05
N THR F 105 36.80 -27.72 -18.04
CA THR F 105 38.12 -28.34 -17.85
C THR F 105 38.30 -28.83 -16.41
N VAL F 106 37.35 -28.49 -15.54
CA VAL F 106 37.42 -28.91 -14.14
C VAL F 106 36.31 -29.92 -13.85
N MET F 107 36.69 -31.20 -13.75
CA MET F 107 35.74 -32.27 -13.50
C MET F 107 34.52 -32.19 -14.43
N GLY F 108 34.80 -31.99 -15.71
CA GLY F 108 33.75 -31.93 -16.71
C GLY F 108 32.65 -30.92 -16.46
N GLY F 109 32.98 -29.83 -15.76
CA GLY F 109 31.98 -28.83 -15.48
C GLY F 109 30.92 -29.34 -14.50
N SER F 110 31.12 -30.56 -14.00
CA SER F 110 30.18 -31.16 -13.05
C SER F 110 29.80 -30.15 -12.00
N ALA F 111 28.51 -30.12 -11.67
CA ALA F 111 28.00 -29.15 -10.71
C ALA F 111 28.15 -29.55 -9.26
N GLY F 112 29.25 -29.13 -8.65
CA GLY F 112 29.48 -29.42 -7.25
C GLY F 112 28.50 -28.59 -6.43
N GLU F 113 28.28 -29.02 -5.20
CA GLU F 113 27.36 -28.32 -4.31
C GLU F 113 27.81 -26.88 -4.11
N THR F 114 29.11 -26.65 -3.96
CA THR F 114 29.64 -25.32 -3.76
C THR F 114 29.48 -24.49 -5.04
N GLN F 115 29.61 -25.16 -6.18
CA GLN F 115 29.46 -24.48 -7.46
C GLN F 115 28.05 -23.87 -7.52
N SER F 116 27.04 -24.68 -7.23
CA SER F 116 25.66 -24.23 -7.24
C SER F 116 25.43 -23.11 -6.22
N THR F 117 26.12 -23.17 -5.09
CA THR F 117 25.97 -22.13 -4.08
C THR F 117 26.54 -20.82 -4.62
N LYS F 118 27.61 -20.90 -5.40
CA LYS F 118 28.21 -19.72 -5.99
C LYS F 118 27.22 -19.11 -6.98
N VAL F 119 26.65 -19.97 -7.81
CA VAL F 119 25.68 -19.53 -8.80
C VAL F 119 24.47 -18.87 -8.14
N VAL F 120 23.90 -19.55 -7.14
CA VAL F 120 22.74 -19.02 -6.44
C VAL F 120 23.02 -17.66 -5.80
N GLU F 121 24.18 -17.50 -5.16
CA GLU F 121 24.50 -16.21 -4.53
C GLU F 121 24.54 -15.13 -5.59
N THR F 122 25.10 -15.46 -6.75
CA THR F 122 25.19 -14.50 -7.85
C THR F 122 23.79 -14.14 -8.31
N MET F 123 22.94 -15.14 -8.47
CA MET F 123 21.55 -14.92 -8.87
C MET F 123 20.83 -14.02 -7.86
N GLU F 124 21.07 -14.27 -6.56
CA GLU F 124 20.44 -13.46 -5.51
C GLU F 124 20.98 -12.03 -5.59
N GLN F 125 22.24 -11.88 -5.98
CA GLN F 125 22.80 -10.54 -6.10
C GLN F 125 22.11 -9.82 -7.25
N ALA F 126 21.84 -10.54 -8.34
CA ALA F 126 21.16 -9.95 -9.50
C ALA F 126 19.75 -9.51 -9.10
N LEU F 127 19.06 -10.36 -8.36
CA LEU F 127 17.70 -10.05 -7.91
C LEU F 127 17.70 -8.83 -7.00
N LEU F 128 18.56 -8.87 -5.99
CA LEU F 128 18.71 -7.80 -5.02
C LEU F 128 18.98 -6.44 -5.65
N THR F 129 19.85 -6.42 -6.65
CA THR F 129 20.24 -5.17 -7.31
C THR F 129 19.45 -4.84 -8.58
N GLY F 130 18.57 -5.75 -8.97
CA GLY F 130 17.76 -5.54 -10.16
C GLY F 130 18.57 -5.49 -11.45
N THR F 131 19.45 -6.46 -11.63
CA THR F 131 20.30 -6.51 -12.82
C THR F 131 20.19 -7.85 -13.54
N PRO F 132 20.42 -7.85 -14.86
CA PRO F 132 20.35 -9.09 -15.65
C PRO F 132 21.33 -10.16 -15.16
N PHE F 133 21.00 -11.41 -15.45
CA PHE F 133 21.84 -12.54 -15.09
C PHE F 133 22.07 -13.40 -16.33
N LEU F 134 23.34 -13.56 -16.69
CA LEU F 134 23.72 -14.36 -17.84
C LEU F 134 24.55 -15.56 -17.35
N PHE F 135 24.30 -16.73 -17.95
CA PHE F 135 24.94 -17.97 -17.55
C PHE F 135 25.41 -18.85 -18.73
N PHE F 136 26.71 -19.14 -18.77
CA PHE F 136 27.29 -20.01 -19.78
C PHE F 136 27.33 -21.43 -19.19
N TYR F 137 26.59 -22.36 -19.78
CA TYR F 137 26.51 -23.74 -19.33
C TYR F 137 27.44 -24.63 -20.15
N ASP F 138 28.22 -25.48 -19.48
CA ASP F 138 29.19 -26.36 -20.14
C ASP F 138 29.43 -27.39 -19.05
N SER F 139 28.59 -28.42 -19.00
CA SER F 139 28.69 -29.37 -17.89
C SER F 139 28.10 -30.76 -18.07
N GLY F 140 28.64 -31.71 -17.31
CA GLY F 140 28.16 -33.07 -17.36
C GLY F 140 27.07 -33.29 -16.31
N GLY F 141 26.64 -32.22 -15.66
CA GLY F 141 25.58 -32.33 -14.67
C GLY F 141 26.01 -32.33 -13.22
N ALA F 142 25.13 -32.79 -12.34
CA ALA F 142 25.41 -32.84 -10.91
C ALA F 142 26.64 -33.70 -10.65
N ARG F 143 27.58 -33.18 -9.87
CA ARG F 143 28.81 -33.91 -9.59
C ARG F 143 28.45 -35.20 -8.86
N ILE F 144 28.58 -36.31 -9.58
CA ILE F 144 28.24 -37.62 -9.05
C ILE F 144 28.92 -38.02 -7.74
N GLN F 145 30.19 -37.67 -7.57
CA GLN F 145 30.90 -38.02 -6.33
C GLN F 145 30.24 -37.41 -5.10
N GLU F 146 29.45 -36.36 -5.29
CA GLU F 146 28.81 -35.67 -4.17
C GLU F 146 27.38 -36.10 -3.87
N GLY F 147 26.89 -37.10 -4.60
CA GLY F 147 25.55 -37.61 -4.36
C GLY F 147 24.43 -36.61 -4.09
N ILE F 148 23.75 -36.74 -2.95
CA ILE F 148 22.64 -35.82 -2.67
C ILE F 148 23.07 -34.39 -2.38
N ASP F 149 24.36 -34.17 -2.11
CA ASP F 149 24.82 -32.81 -1.85
C ASP F 149 24.74 -31.98 -3.14
N SER F 150 25.13 -32.56 -4.26
CA SER F 150 25.08 -31.83 -5.52
C SER F 150 23.62 -31.76 -5.97
N LEU F 151 22.86 -32.80 -5.64
CA LEU F 151 21.44 -32.87 -5.98
C LEU F 151 20.78 -31.63 -5.35
N SER F 152 21.11 -31.38 -4.08
CA SER F 152 20.56 -30.24 -3.35
C SER F 152 20.92 -28.90 -3.99
N GLY F 153 22.15 -28.79 -4.47
CA GLY F 153 22.56 -27.56 -5.11
C GLY F 153 21.62 -27.20 -6.25
N TYR F 154 21.20 -28.19 -7.02
CA TYR F 154 20.30 -27.95 -8.14
C TYR F 154 18.90 -27.52 -7.68
N GLY F 155 18.39 -28.14 -6.62
CA GLY F 155 17.08 -27.74 -6.12
C GLY F 155 17.12 -26.25 -5.82
N LYS F 156 18.21 -25.83 -5.18
CA LYS F 156 18.38 -24.43 -4.83
C LYS F 156 18.52 -23.56 -6.07
N MET F 157 19.19 -24.08 -7.11
CA MET F 157 19.36 -23.28 -8.31
C MET F 157 18.03 -23.08 -9.02
N PHE F 158 17.26 -24.15 -9.19
CA PHE F 158 15.97 -24.04 -9.86
C PHE F 158 15.06 -23.08 -9.11
N PHE F 159 15.07 -23.17 -7.78
CA PHE F 159 14.23 -22.29 -6.98
C PHE F 159 14.62 -20.83 -7.21
N ALA F 160 15.92 -20.59 -7.36
CA ALA F 160 16.39 -19.24 -7.59
C ALA F 160 16.01 -18.75 -9.00
N ASN F 161 16.05 -19.64 -9.99
CA ASN F 161 15.68 -19.25 -11.35
C ASN F 161 14.23 -18.76 -11.33
N VAL F 162 13.38 -19.48 -10.61
CA VAL F 162 11.97 -19.11 -10.53
C VAL F 162 11.78 -17.79 -9.78
N LYS F 163 12.56 -17.60 -8.73
CA LYS F 163 12.48 -16.38 -7.92
C LYS F 163 12.81 -15.16 -8.79
N LEU F 164 13.83 -15.28 -9.64
CA LEU F 164 14.22 -14.19 -10.53
C LEU F 164 13.29 -14.05 -11.75
N SER F 165 12.51 -15.08 -12.03
CA SER F 165 11.65 -15.06 -13.19
C SER F 165 10.69 -13.86 -13.26
N GLY F 166 10.78 -13.09 -14.33
CA GLY F 166 9.93 -11.94 -14.50
C GLY F 166 10.37 -10.74 -13.68
N VAL F 167 11.52 -10.83 -13.00
CA VAL F 167 12.03 -9.72 -12.20
C VAL F 167 13.29 -9.13 -12.89
N VAL F 168 14.21 -10.01 -13.29
CA VAL F 168 15.40 -9.57 -14.02
C VAL F 168 15.57 -10.52 -15.20
N PRO F 169 15.96 -10.00 -16.36
CA PRO F 169 16.12 -10.91 -17.49
C PRO F 169 17.18 -11.97 -17.18
N GLN F 170 16.94 -13.20 -17.62
CA GLN F 170 17.88 -14.28 -17.42
C GLN F 170 18.19 -14.90 -18.78
N ILE F 171 19.46 -14.91 -19.16
CA ILE F 171 19.83 -15.47 -20.45
C ILE F 171 20.79 -16.65 -20.22
N ALA F 172 20.49 -17.78 -20.85
CA ALA F 172 21.31 -18.98 -20.74
C ALA F 172 22.00 -19.24 -22.07
N ILE F 173 23.28 -19.58 -22.01
CA ILE F 173 24.01 -19.90 -23.22
C ILE F 173 24.61 -21.28 -22.99
N ILE F 174 24.15 -22.25 -23.76
CA ILE F 174 24.66 -23.62 -23.66
C ILE F 174 25.79 -23.67 -24.69
N ALA F 175 27.02 -23.82 -24.19
CA ALA F 175 28.20 -23.83 -25.05
C ALA F 175 29.00 -25.12 -24.93
N GLY F 176 28.32 -26.19 -24.53
CA GLY F 176 28.97 -27.47 -24.38
C GLY F 176 27.91 -28.44 -23.92
N PRO F 177 28.29 -29.52 -23.22
CA PRO F 177 27.28 -30.47 -22.76
C PRO F 177 26.41 -29.82 -21.68
N CYS F 178 25.26 -30.42 -21.45
CA CYS F 178 24.34 -30.00 -20.41
C CYS F 178 23.54 -31.28 -20.24
N ALA F 179 24.17 -32.26 -19.58
CA ALA F 179 23.57 -33.57 -19.41
C ALA F 179 22.69 -33.80 -18.19
N GLY F 180 21.41 -34.06 -18.43
CA GLY F 180 20.50 -34.32 -17.33
C GLY F 180 19.65 -33.16 -16.87
N GLY F 181 19.14 -33.29 -15.64
CA GLY F 181 18.29 -32.29 -15.04
C GLY F 181 18.88 -30.91 -14.95
N ALA F 182 20.18 -30.78 -15.17
CA ALA F 182 20.81 -29.47 -15.14
C ALA F 182 20.10 -28.62 -16.21
N SER F 183 19.53 -29.30 -17.20
CA SER F 183 18.82 -28.65 -18.30
C SER F 183 17.61 -27.83 -17.84
N TYR F 184 17.05 -28.14 -16.67
CA TYR F 184 15.89 -27.38 -16.21
C TYR F 184 16.23 -25.93 -15.83
N SER F 185 17.49 -25.64 -15.50
CA SER F 185 17.82 -24.26 -15.16
C SER F 185 17.69 -23.41 -16.43
N PRO F 186 18.32 -23.82 -17.55
CA PRO F 186 18.17 -23.01 -18.76
C PRO F 186 16.67 -22.88 -19.11
N ALA F 187 15.92 -23.94 -18.85
CA ALA F 187 14.48 -23.93 -19.15
C ALA F 187 13.72 -22.88 -18.35
N LEU F 188 14.22 -22.59 -17.16
CA LEU F 188 13.60 -21.63 -16.26
C LEU F 188 14.09 -20.20 -16.49
N THR F 189 15.12 -20.04 -17.31
CA THR F 189 15.61 -18.69 -17.62
C THR F 189 14.69 -18.23 -18.75
N ASP F 190 14.91 -17.03 -19.28
CA ASP F 190 14.04 -16.52 -20.32
C ASP F 190 14.40 -16.93 -21.74
N PHE F 191 15.69 -16.89 -22.06
CA PHE F 191 16.15 -17.26 -23.40
C PHE F 191 17.36 -18.19 -23.37
N ILE F 192 17.33 -19.19 -24.23
CA ILE F 192 18.46 -20.11 -24.31
C ILE F 192 19.12 -19.94 -25.67
N ILE F 193 20.41 -19.68 -25.66
CA ILE F 193 21.19 -19.55 -26.87
C ILE F 193 22.02 -20.83 -26.84
N MET F 194 21.97 -21.62 -27.91
CA MET F 194 22.74 -22.86 -27.95
C MET F 194 23.72 -22.82 -29.13
N THR F 195 24.99 -23.15 -28.88
CA THR F 195 25.99 -23.16 -29.96
C THR F 195 25.91 -24.52 -30.66
N LYS F 196 26.48 -24.61 -31.86
CA LYS F 196 26.43 -25.87 -32.58
C LYS F 196 27.35 -26.94 -31.95
N LYS F 197 28.13 -26.53 -30.95
CA LYS F 197 29.02 -27.47 -30.26
C LYS F 197 28.38 -28.00 -28.98
N ALA F 198 27.22 -27.44 -28.61
CA ALA F 198 26.53 -27.83 -27.39
C ALA F 198 25.51 -28.95 -27.54
N HIS F 199 25.18 -29.58 -26.41
CA HIS F 199 24.20 -30.67 -26.36
C HIS F 199 23.45 -30.55 -25.04
N MET F 200 22.18 -30.91 -25.07
CA MET F 200 21.34 -30.80 -23.88
C MET F 200 20.24 -31.86 -23.95
N PHE F 201 19.99 -32.51 -22.83
CA PHE F 201 18.94 -33.52 -22.78
C PHE F 201 18.71 -33.96 -21.34
N ILE F 202 17.52 -34.50 -21.07
CA ILE F 202 17.20 -34.97 -19.74
C ILE F 202 17.80 -36.36 -19.52
N THR F 203 17.71 -37.20 -20.55
CA THR F 203 18.23 -38.56 -20.51
C THR F 203 19.16 -38.78 -21.71
N GLY F 204 20.39 -39.21 -21.43
CA GLY F 204 21.37 -39.43 -22.47
C GLY F 204 21.04 -40.55 -23.45
N PRO F 205 21.66 -40.56 -24.64
CA PRO F 205 21.41 -41.59 -25.66
C PRO F 205 21.67 -43.02 -25.16
N GLN F 206 22.72 -43.17 -24.35
CA GLN F 206 23.09 -44.48 -23.82
C GLN F 206 21.95 -45.07 -22.99
N VAL F 207 21.54 -44.32 -21.97
CA VAL F 207 20.45 -44.77 -21.10
C VAL F 207 19.19 -45.06 -21.90
N ILE F 208 18.86 -44.17 -22.83
CA ILE F 208 17.67 -44.35 -23.65
C ILE F 208 17.71 -45.68 -24.39
N LYS F 209 18.83 -45.98 -25.02
CA LYS F 209 19.00 -47.23 -25.75
C LYS F 209 18.83 -48.37 -24.77
N SER F 210 19.52 -48.26 -23.63
CA SER F 210 19.47 -49.27 -22.59
C SER F 210 18.06 -49.50 -22.04
N VAL F 211 17.16 -48.54 -22.23
CA VAL F 211 15.81 -48.66 -21.72
C VAL F 211 14.73 -48.95 -22.76
N THR F 212 14.76 -48.22 -23.87
CA THR F 212 13.75 -48.41 -24.92
C THR F 212 14.31 -49.11 -26.15
N GLY F 213 15.63 -49.25 -26.21
CA GLY F 213 16.27 -49.88 -27.36
C GLY F 213 16.44 -48.91 -28.52
N GLU F 214 15.94 -47.69 -28.36
CA GLU F 214 16.01 -46.67 -29.40
C GLU F 214 17.45 -46.26 -29.67
N ASP F 215 17.79 -46.09 -30.95
CA ASP F 215 19.12 -45.67 -31.34
C ASP F 215 19.10 -44.21 -31.74
N VAL F 216 19.96 -43.41 -31.11
CA VAL F 216 20.04 -41.99 -31.40
C VAL F 216 21.39 -41.47 -30.94
N THR F 217 21.94 -40.50 -31.67
CA THR F 217 23.22 -39.94 -31.28
C THR F 217 22.93 -38.70 -30.44
N ALA F 218 23.93 -38.21 -29.73
CA ALA F 218 23.77 -37.01 -28.91
C ALA F 218 23.29 -35.85 -29.78
N ASP F 219 23.91 -35.70 -30.94
CA ASP F 219 23.54 -34.63 -31.86
C ASP F 219 22.09 -34.73 -32.33
N GLU F 220 21.67 -35.94 -32.67
CA GLU F 220 20.30 -36.12 -33.14
C GLU F 220 19.28 -35.89 -32.02
N LEU F 221 19.66 -36.30 -30.81
CA LEU F 221 18.76 -36.20 -29.66
C LEU F 221 18.65 -34.78 -29.10
N GLY F 222 19.79 -34.14 -28.90
CA GLY F 222 19.78 -32.82 -28.33
C GLY F 222 20.79 -31.81 -28.83
N GLY F 223 21.13 -31.89 -30.12
CA GLY F 223 22.04 -30.91 -30.66
C GLY F 223 21.18 -29.67 -30.83
N ALA F 224 21.79 -28.53 -31.14
CA ALA F 224 21.04 -27.29 -31.30
C ALA F 224 19.87 -27.35 -32.28
N GLU F 225 20.06 -27.99 -33.44
CA GLU F 225 18.99 -28.05 -34.42
C GLU F 225 17.76 -28.84 -33.98
N ALA F 226 17.98 -29.92 -33.25
CA ALA F 226 16.85 -30.71 -32.79
C ALA F 226 16.04 -29.92 -31.75
N HIS F 227 16.72 -29.23 -30.85
CA HIS F 227 16.01 -28.44 -29.83
C HIS F 227 15.24 -27.26 -30.42
N MET F 228 15.83 -26.61 -31.42
CA MET F 228 15.19 -25.47 -32.05
C MET F 228 13.99 -25.88 -32.91
N ALA F 229 14.21 -26.78 -33.84
CA ALA F 229 13.15 -27.19 -34.76
C ALA F 229 12.13 -28.20 -34.27
N ILE F 230 12.53 -29.11 -33.39
CA ILE F 230 11.61 -30.14 -32.93
C ILE F 230 11.03 -29.99 -31.53
N SER F 231 11.91 -29.82 -30.55
CA SER F 231 11.52 -29.74 -29.15
C SER F 231 10.95 -28.41 -28.66
N GLY F 232 11.32 -27.31 -29.31
CA GLY F 232 10.82 -26.00 -28.91
C GLY F 232 11.42 -25.50 -27.60
N ASN F 233 12.57 -26.06 -27.23
CA ASN F 233 13.25 -25.72 -25.99
C ASN F 233 14.14 -24.47 -26.06
N ILE F 234 14.67 -24.15 -27.24
CA ILE F 234 15.58 -23.02 -27.31
C ILE F 234 15.15 -21.82 -28.13
N HIS F 235 15.85 -20.70 -27.96
CA HIS F 235 15.49 -19.47 -28.64
C HIS F 235 16.41 -18.99 -29.75
N PHE F 236 17.69 -19.37 -29.70
CA PHE F 236 18.64 -18.98 -30.74
C PHE F 236 19.71 -20.07 -30.96
N VAL F 237 20.12 -20.26 -32.22
CA VAL F 237 21.18 -21.20 -32.54
C VAL F 237 22.39 -20.36 -32.93
N ALA F 238 23.53 -20.61 -32.28
CA ALA F 238 24.75 -19.86 -32.58
C ALA F 238 25.81 -20.75 -33.20
N GLU F 239 26.47 -20.27 -34.25
CA GLU F 239 27.51 -21.06 -34.89
C GLU F 239 28.52 -21.51 -33.87
N ASP F 240 29.02 -20.55 -33.10
CA ASP F 240 30.02 -20.85 -32.07
C ASP F 240 29.92 -19.86 -30.93
N ASP F 241 30.87 -19.93 -30.00
CA ASP F 241 30.88 -19.05 -28.84
C ASP F 241 30.94 -17.56 -29.20
N ASP F 242 31.69 -17.23 -30.24
CA ASP F 242 31.79 -15.84 -30.68
C ASP F 242 30.40 -15.36 -31.08
N ALA F 243 29.72 -16.17 -31.88
CA ALA F 243 28.37 -15.85 -32.35
C ALA F 243 27.40 -15.76 -31.17
N ALA F 244 27.50 -16.71 -30.23
CA ALA F 244 26.62 -16.73 -29.06
C ALA F 244 26.79 -15.46 -28.24
N GLU F 245 28.04 -15.02 -28.09
CA GLU F 245 28.32 -13.81 -27.34
C GLU F 245 27.69 -12.58 -28.02
N LEU F 246 27.77 -12.51 -29.35
CA LEU F 246 27.17 -11.40 -30.08
C LEU F 246 25.64 -11.42 -29.94
N ILE F 247 25.05 -12.61 -30.04
CA ILE F 247 23.60 -12.73 -29.91
C ILE F 247 23.17 -12.34 -28.49
N ALA F 248 23.95 -12.71 -27.48
CA ALA F 248 23.58 -12.36 -26.11
C ALA F 248 23.54 -10.86 -25.93
N LYS F 249 24.53 -10.16 -26.47
CA LYS F 249 24.57 -8.71 -26.33
C LYS F 249 23.45 -8.06 -27.15
N LYS F 250 23.20 -8.59 -28.34
CA LYS F 250 22.15 -8.06 -29.21
C LYS F 250 20.80 -8.22 -28.50
N LEU F 251 20.57 -9.40 -27.94
CA LEU F 251 19.32 -9.68 -27.22
C LEU F 251 19.16 -8.71 -26.05
N LEU F 252 20.18 -8.65 -25.21
CA LEU F 252 20.12 -7.78 -24.04
C LEU F 252 19.84 -6.31 -24.39
N SER F 253 20.32 -5.83 -25.54
CA SER F 253 20.11 -4.43 -25.92
C SER F 253 18.63 -4.05 -26.06
N PHE F 254 17.75 -5.02 -26.21
CA PHE F 254 16.32 -4.72 -26.32
C PHE F 254 15.64 -4.73 -24.97
N LEU F 255 16.37 -5.17 -23.95
CA LEU F 255 15.79 -5.34 -22.62
C LEU F 255 16.21 -4.36 -21.54
N PRO F 256 15.30 -4.13 -20.56
CA PRO F 256 15.57 -3.23 -19.44
C PRO F 256 16.37 -4.05 -18.42
N GLN F 257 16.92 -3.39 -17.41
CA GLN F 257 17.67 -4.05 -16.36
C GLN F 257 16.78 -4.93 -15.51
N ASN F 258 15.54 -4.50 -15.28
CA ASN F 258 14.63 -5.25 -14.43
C ASN F 258 13.17 -4.87 -14.72
N ASN F 259 12.22 -5.53 -14.05
CA ASN F 259 10.80 -5.28 -14.30
C ASN F 259 10.21 -3.93 -13.88
N THR F 260 11.02 -3.04 -13.33
CA THR F 260 10.49 -1.74 -12.91
C THR F 260 10.83 -0.69 -13.97
N GLU F 261 11.56 -1.12 -15.01
CA GLU F 261 11.98 -0.21 -16.06
C GLU F 261 11.61 -0.64 -17.47
N GLU F 262 11.60 0.33 -18.40
CA GLU F 262 11.33 0.07 -19.81
C GLU F 262 12.73 0.17 -20.43
N ALA F 263 13.00 -0.59 -21.49
CA ALA F 263 14.33 -0.57 -22.11
C ALA F 263 14.77 0.81 -22.59
N SER F 264 16.06 1.10 -22.45
CA SER F 264 16.56 2.39 -22.91
C SER F 264 16.47 2.38 -24.43
N PHE F 265 16.15 3.52 -25.01
CA PHE F 265 16.03 3.64 -26.46
C PHE F 265 17.41 3.51 -27.07
N VAL F 266 17.47 2.92 -28.26
CA VAL F 266 18.74 2.73 -28.96
C VAL F 266 18.64 3.19 -30.42
N ASN F 267 19.64 3.98 -30.83
CA ASN F 267 19.73 4.47 -32.20
C ASN F 267 18.37 4.72 -32.86
N PRO F 268 17.59 5.68 -32.34
CA PRO F 268 16.27 6.00 -32.87
C PRO F 268 16.24 6.51 -34.30
N ASN F 269 15.36 5.97 -35.12
CA ASN F 269 15.19 6.50 -36.47
C ASN F 269 13.81 7.13 -36.35
N ASN F 270 13.73 8.46 -36.47
CA ASN F 270 12.47 9.15 -36.29
C ASN F 270 11.61 9.37 -37.54
N ASP F 271 12.03 8.84 -38.68
CA ASP F 271 11.26 8.99 -39.91
C ASP F 271 10.00 8.13 -39.80
N VAL F 272 8.87 8.66 -40.25
CA VAL F 272 7.63 7.90 -40.24
C VAL F 272 6.88 8.16 -41.55
N SER F 273 7.62 8.61 -42.56
CA SER F 273 7.08 8.90 -43.88
C SER F 273 6.43 7.64 -44.46
N PRO F 274 5.35 7.80 -45.24
CA PRO F 274 4.68 6.65 -45.84
C PRO F 274 5.60 5.85 -46.76
N ASN F 275 5.28 4.58 -46.96
CA ASN F 275 6.05 3.72 -47.85
C ASN F 275 5.05 2.92 -48.69
N THR F 276 4.84 3.34 -49.94
CA THR F 276 3.90 2.64 -50.80
C THR F 276 4.24 1.17 -51.03
N GLU F 277 5.53 0.81 -50.92
CA GLU F 277 5.94 -0.57 -51.11
C GLU F 277 5.13 -1.52 -50.23
N LEU F 278 4.61 -1.01 -49.12
CA LEU F 278 3.83 -1.84 -48.20
C LEU F 278 2.51 -2.30 -48.80
N ARG F 279 2.02 -1.59 -49.81
CA ARG F 279 0.73 -1.93 -50.43
C ARG F 279 0.84 -3.19 -51.31
N ASP F 280 2.05 -3.52 -51.72
CA ASP F 280 2.26 -4.66 -52.62
C ASP F 280 2.76 -5.96 -52.02
N ILE F 281 3.20 -5.92 -50.77
CA ILE F 281 3.72 -7.11 -50.11
C ILE F 281 2.66 -8.18 -49.89
N VAL F 282 1.48 -7.77 -49.42
CA VAL F 282 0.37 -8.68 -49.14
C VAL F 282 -0.56 -8.82 -50.34
N PRO F 283 -0.55 -9.99 -51.00
CA PRO F 283 -1.39 -10.29 -52.17
C PRO F 283 -2.88 -10.14 -51.91
N ILE F 284 -3.59 -9.49 -52.83
CA ILE F 284 -5.03 -9.34 -52.67
C ILE F 284 -5.66 -10.71 -52.82
N ASP F 285 -4.95 -11.61 -53.51
CA ASP F 285 -5.44 -12.97 -53.72
C ASP F 285 -5.15 -13.76 -52.45
N GLY F 286 -6.21 -14.23 -51.78
CA GLY F 286 -6.04 -14.98 -50.55
C GLY F 286 -5.35 -16.32 -50.67
N LYS F 287 -5.24 -16.85 -51.88
CA LYS F 287 -4.60 -18.14 -52.07
C LYS F 287 -3.08 -17.98 -52.13
N LYS F 288 -2.62 -16.75 -52.25
CA LYS F 288 -1.18 -16.49 -52.33
C LYS F 288 -0.57 -16.01 -51.00
N GLY F 289 0.53 -16.63 -50.62
CA GLY F 289 1.21 -16.27 -49.39
C GLY F 289 2.29 -15.22 -49.61
N TYR F 290 3.12 -15.00 -48.59
CA TYR F 290 4.20 -14.03 -48.66
C TYR F 290 4.97 -14.19 -47.37
N ASP F 291 6.09 -13.48 -47.21
CA ASP F 291 6.89 -13.58 -45.99
C ASP F 291 6.56 -12.34 -45.15
N VAL F 292 5.87 -12.54 -44.04
CA VAL F 292 5.47 -11.43 -43.19
C VAL F 292 6.65 -10.59 -42.69
N ARG F 293 7.85 -11.16 -42.74
CA ARG F 293 9.03 -10.42 -42.31
C ARG F 293 9.36 -9.29 -43.27
N ASP F 294 8.83 -9.34 -44.50
CA ASP F 294 9.06 -8.25 -45.44
C ASP F 294 8.28 -7.04 -44.99
N VAL F 295 7.16 -7.30 -44.31
CA VAL F 295 6.34 -6.22 -43.77
C VAL F 295 7.06 -5.65 -42.54
N ILE F 296 7.53 -6.54 -41.68
CA ILE F 296 8.24 -6.13 -40.48
C ILE F 296 9.43 -5.25 -40.84
N ALA F 297 10.19 -5.68 -41.85
CA ALA F 297 11.35 -4.91 -42.27
C ALA F 297 11.00 -3.47 -42.67
N LYS F 298 9.82 -3.25 -43.26
CA LYS F 298 9.44 -1.89 -43.68
C LYS F 298 8.91 -1.03 -42.54
N ILE F 299 8.50 -1.68 -41.45
CA ILE F 299 7.91 -1.00 -40.30
C ILE F 299 8.88 -0.59 -39.19
N VAL F 300 9.90 -1.41 -38.95
CA VAL F 300 10.85 -1.15 -37.87
C VAL F 300 12.06 -0.34 -38.23
N ASP F 301 12.63 0.32 -37.23
CA ASP F 301 13.82 1.15 -37.44
C ASP F 301 14.93 0.38 -38.17
N TRP F 302 15.45 1.01 -39.22
CA TRP F 302 16.55 0.47 -40.01
C TRP F 302 16.29 -0.90 -40.63
N GLY F 303 15.09 -1.43 -40.47
CA GLY F 303 14.79 -2.74 -41.00
C GLY F 303 15.37 -3.82 -40.08
N ASP F 304 15.84 -3.41 -38.91
CA ASP F 304 16.46 -4.34 -37.97
C ASP F 304 15.50 -5.04 -37.03
N TYR F 305 15.66 -6.36 -36.91
CA TYR F 305 14.86 -7.15 -35.98
C TYR F 305 15.64 -8.40 -35.57
N LEU F 306 15.45 -8.81 -34.31
CA LEU F 306 16.10 -10.00 -33.78
C LEU F 306 15.00 -11.03 -33.59
N GLU F 307 14.90 -11.97 -34.53
CA GLU F 307 13.86 -12.99 -34.45
C GLU F 307 14.14 -14.07 -33.40
N VAL F 308 13.12 -14.37 -32.60
CA VAL F 308 13.21 -15.36 -31.54
C VAL F 308 12.58 -16.66 -32.05
N LYS F 309 13.18 -17.80 -31.69
CA LYS F 309 12.71 -19.11 -32.15
C LYS F 309 12.45 -19.10 -33.66
N ALA F 310 13.39 -18.50 -34.40
CA ALA F 310 13.25 -18.37 -35.85
C ALA F 310 13.11 -19.70 -36.55
N GLY F 311 13.66 -20.77 -35.97
CA GLY F 311 13.59 -22.07 -36.60
C GLY F 311 12.54 -23.02 -36.06
N TYR F 312 11.64 -22.50 -35.21
CA TYR F 312 10.58 -23.30 -34.59
C TYR F 312 9.23 -22.70 -34.93
N ALA F 313 8.26 -23.56 -35.21
CA ALA F 313 6.89 -23.15 -35.54
C ALA F 313 6.94 -21.92 -36.43
N THR F 314 7.56 -22.09 -37.59
CA THR F 314 7.76 -21.00 -38.51
C THR F 314 6.49 -20.41 -39.11
N ASN F 315 5.35 -20.96 -38.73
CA ASN F 315 4.05 -20.45 -39.16
C ASN F 315 3.67 -19.19 -38.33
N LEU F 316 4.49 -18.86 -37.34
CA LEU F 316 4.23 -17.69 -36.51
C LEU F 316 5.56 -17.03 -36.17
N VAL F 317 5.69 -15.74 -36.45
CA VAL F 317 6.94 -15.06 -36.19
C VAL F 317 6.90 -14.21 -34.91
N THR F 318 7.95 -14.30 -34.10
CA THR F 318 8.10 -13.51 -32.87
C THR F 318 9.48 -12.88 -33.00
N ALA F 319 9.55 -11.55 -32.92
CA ALA F 319 10.84 -10.90 -33.02
C ALA F 319 10.90 -9.58 -32.25
N PHE F 320 12.10 -9.23 -31.81
CA PHE F 320 12.32 -7.96 -31.15
C PHE F 320 12.73 -6.97 -32.24
N ALA F 321 12.34 -5.72 -32.06
CA ALA F 321 12.67 -4.65 -33.01
C ALA F 321 12.44 -3.32 -32.30
N ARG F 322 12.57 -2.23 -33.03
CA ARG F 322 12.37 -0.91 -32.44
C ARG F 322 11.61 -0.01 -33.40
N VAL F 323 10.87 0.93 -32.82
CA VAL F 323 10.15 1.92 -33.58
C VAL F 323 10.52 3.24 -32.89
N ASN F 324 11.19 4.11 -33.62
CA ASN F 324 11.64 5.40 -33.09
C ASN F 324 12.55 5.17 -31.88
N GLY F 325 13.30 4.07 -31.91
CA GLY F 325 14.22 3.77 -30.82
C GLY F 325 13.69 2.93 -29.67
N ARG F 326 12.37 2.77 -29.58
CA ARG F 326 11.75 2.03 -28.50
C ARG F 326 11.66 0.53 -28.79
N SER F 327 12.06 -0.31 -27.82
CA SER F 327 11.98 -1.76 -28.00
C SER F 327 10.52 -2.17 -28.07
N VAL F 328 10.23 -3.10 -28.97
CA VAL F 328 8.87 -3.64 -29.12
C VAL F 328 9.01 -5.12 -29.45
N GLY F 329 7.93 -5.86 -29.20
CA GLY F 329 7.94 -7.26 -29.51
C GLY F 329 6.85 -7.48 -30.55
N ILE F 330 7.22 -8.03 -31.69
CA ILE F 330 6.25 -8.25 -32.76
C ILE F 330 5.83 -9.71 -32.84
N VAL F 331 4.54 -9.93 -32.99
CA VAL F 331 3.97 -11.27 -33.12
C VAL F 331 3.24 -11.20 -34.45
N ALA F 332 3.60 -12.05 -35.39
CA ALA F 332 3.00 -12.01 -36.72
C ALA F 332 2.80 -13.37 -37.38
N ASN F 333 1.61 -13.59 -37.93
CA ASN F 333 1.34 -14.85 -38.61
C ASN F 333 2.18 -14.87 -39.90
N GLN F 334 2.63 -16.07 -40.28
CA GLN F 334 3.47 -16.27 -41.46
C GLN F 334 2.63 -17.06 -42.48
N PRO F 335 1.92 -16.36 -43.37
CA PRO F 335 1.06 -16.97 -44.39
C PRO F 335 1.77 -17.94 -45.33
N SER F 336 3.08 -17.78 -45.47
CA SER F 336 3.88 -18.63 -46.35
C SER F 336 4.20 -20.01 -45.75
N VAL F 337 3.78 -20.24 -44.51
CA VAL F 337 4.02 -21.52 -43.85
C VAL F 337 2.71 -22.03 -43.27
N MET F 338 2.25 -23.17 -43.77
CA MET F 338 1.00 -23.75 -43.32
C MET F 338 -0.17 -22.79 -43.37
N SER F 339 -0.25 -22.01 -44.45
CA SER F 339 -1.33 -21.05 -44.62
C SER F 339 -1.46 -20.07 -43.46
N GLY F 340 -0.42 -19.94 -42.65
CA GLY F 340 -0.47 -19.01 -41.54
C GLY F 340 -1.32 -19.49 -40.36
N CYS F 341 -1.78 -20.74 -40.41
CA CYS F 341 -2.58 -21.28 -39.31
C CYS F 341 -1.78 -21.29 -38.01
N LEU F 342 -2.48 -21.14 -36.89
CA LEU F 342 -1.83 -21.23 -35.59
C LEU F 342 -2.00 -22.72 -35.26
N ASP F 343 -1.08 -23.28 -34.49
CA ASP F 343 -1.15 -24.69 -34.09
C ASP F 343 -0.62 -24.81 -32.66
N ILE F 344 -0.46 -26.04 -32.19
CA ILE F 344 0.04 -26.25 -30.83
C ILE F 344 1.36 -25.55 -30.59
N ASN F 345 2.34 -25.87 -31.44
CA ASN F 345 3.67 -25.28 -31.29
C ASN F 345 3.71 -23.76 -31.40
N ALA F 346 3.03 -23.19 -32.39
CA ALA F 346 3.05 -21.74 -32.55
C ALA F 346 2.37 -21.03 -31.36
N SER F 347 1.36 -21.68 -30.78
CA SER F 347 0.67 -21.13 -29.62
C SER F 347 1.67 -20.96 -28.43
N ASP F 348 2.47 -21.99 -28.18
CA ASP F 348 3.46 -21.96 -27.11
C ASP F 348 4.47 -20.86 -27.40
N LYS F 349 4.92 -20.82 -28.65
CA LYS F 349 5.89 -19.81 -29.10
C LYS F 349 5.39 -18.38 -28.88
N ALA F 350 4.16 -18.13 -29.29
CA ALA F 350 3.58 -16.81 -29.14
C ALA F 350 3.32 -16.44 -27.67
N ALA F 351 2.68 -17.34 -26.93
CA ALA F 351 2.34 -17.08 -25.53
C ALA F 351 3.58 -16.81 -24.68
N GLU F 352 4.63 -17.61 -24.85
CA GLU F 352 5.85 -17.39 -24.07
C GLU F 352 6.43 -15.98 -24.34
N PHE F 353 6.45 -15.57 -25.60
CA PHE F 353 6.99 -14.27 -25.98
C PHE F 353 6.14 -13.13 -25.42
N VAL F 354 4.83 -13.28 -25.50
CA VAL F 354 3.92 -12.27 -24.97
C VAL F 354 4.13 -12.12 -23.46
N ASN F 355 4.12 -13.23 -22.73
CA ASN F 355 4.33 -13.16 -21.28
C ASN F 355 5.66 -12.51 -20.96
N PHE F 356 6.69 -12.86 -21.73
CA PHE F 356 7.99 -12.26 -21.45
C PHE F 356 7.95 -10.76 -21.66
N CYS F 357 7.41 -10.31 -22.80
CA CYS F 357 7.37 -8.87 -23.08
C CYS F 357 6.58 -8.10 -22.02
N ASP F 358 5.47 -8.69 -21.59
CA ASP F 358 4.64 -8.06 -20.57
C ASP F 358 5.44 -7.89 -19.26
N SER F 359 6.16 -8.95 -18.86
CA SER F 359 6.96 -8.92 -17.63
C SER F 359 7.98 -7.81 -17.64
N PHE F 360 8.55 -7.54 -18.81
CA PHE F 360 9.55 -6.49 -18.91
C PHE F 360 9.14 -5.19 -19.62
N ASN F 361 7.85 -4.90 -19.57
CA ASN F 361 7.32 -3.65 -20.09
C ASN F 361 7.64 -3.31 -21.55
N ILE F 362 7.66 -4.33 -22.38
CA ILE F 362 7.91 -4.16 -23.80
C ILE F 362 6.58 -4.22 -24.55
N PRO F 363 6.19 -3.12 -25.22
CA PRO F 363 4.92 -3.06 -25.98
C PRO F 363 4.86 -4.21 -26.97
N LEU F 364 3.64 -4.70 -27.22
CA LEU F 364 3.39 -5.80 -28.17
C LEU F 364 2.64 -5.36 -29.41
N VAL F 365 3.24 -5.64 -30.56
CA VAL F 365 2.68 -5.24 -31.85
C VAL F 365 2.35 -6.51 -32.65
N GLN F 366 1.08 -6.66 -33.00
CA GLN F 366 0.62 -7.82 -33.75
C GLN F 366 0.35 -7.52 -35.22
N LEU F 367 0.79 -8.41 -36.10
CA LEU F 367 0.52 -8.28 -37.53
C LEU F 367 -0.31 -9.53 -37.82
N VAL F 368 -1.57 -9.32 -38.18
CA VAL F 368 -2.51 -10.42 -38.35
C VAL F 368 -2.93 -10.85 -39.76
N ASP F 369 -2.89 -12.16 -40.00
CA ASP F 369 -3.30 -12.76 -41.27
C ASP F 369 -3.38 -14.24 -40.94
N VAL F 370 -4.45 -14.61 -40.26
CA VAL F 370 -4.62 -15.98 -39.80
C VAL F 370 -6.02 -16.49 -40.16
N PRO F 371 -6.09 -17.66 -40.85
CA PRO F 371 -7.32 -18.30 -41.27
C PRO F 371 -7.98 -19.20 -40.25
N GLY F 372 -7.29 -19.43 -39.13
CA GLY F 372 -7.85 -20.28 -38.10
C GLY F 372 -6.76 -21.16 -37.52
N PHE F 373 -7.15 -22.13 -36.69
CA PHE F 373 -6.17 -23.04 -36.14
C PHE F 373 -5.98 -24.20 -37.12
N LEU F 374 -4.80 -24.80 -37.11
CA LEU F 374 -4.48 -25.91 -37.99
C LEU F 374 -5.39 -27.13 -37.82
N PRO F 375 -6.13 -27.51 -38.87
CA PRO F 375 -7.02 -28.69 -38.77
C PRO F 375 -6.20 -29.98 -38.71
N GLY F 376 -6.70 -30.97 -37.98
CA GLY F 376 -5.96 -32.23 -37.91
C GLY F 376 -6.21 -33.00 -36.65
N VAL F 377 -6.35 -34.31 -36.76
CA VAL F 377 -6.58 -35.15 -35.59
C VAL F 377 -5.52 -34.98 -34.50
N GLN F 378 -4.26 -35.04 -34.88
CA GLN F 378 -3.19 -34.88 -33.91
C GLN F 378 -3.16 -33.52 -33.20
N GLN F 379 -3.71 -32.49 -33.83
CA GLN F 379 -3.75 -31.18 -33.18
C GLN F 379 -4.76 -31.28 -32.03
N GLU F 380 -5.88 -31.96 -32.28
CA GLU F 380 -6.88 -32.11 -31.22
C GLU F 380 -6.37 -33.02 -30.10
N TYR F 381 -5.75 -34.14 -30.48
CA TYR F 381 -5.22 -35.11 -29.52
C TYR F 381 -4.03 -34.56 -28.75
N GLY F 382 -3.30 -33.63 -29.36
CA GLY F 382 -2.17 -33.05 -28.67
C GLY F 382 -2.64 -31.90 -27.77
N GLY F 383 -3.95 -31.67 -27.69
CA GLY F 383 -4.45 -30.61 -26.84
C GLY F 383 -4.42 -29.17 -27.37
N ILE F 384 -4.85 -28.94 -28.61
CA ILE F 384 -4.85 -27.56 -29.14
C ILE F 384 -5.73 -26.66 -28.25
N ILE F 385 -6.76 -27.24 -27.64
CA ILE F 385 -7.63 -26.47 -26.77
C ILE F 385 -6.85 -25.80 -25.62
N ARG F 386 -6.08 -26.57 -24.86
CA ARG F 386 -5.33 -25.98 -23.75
C ARG F 386 -4.11 -25.18 -24.21
N HIS F 387 -3.50 -25.57 -25.33
CA HIS F 387 -2.35 -24.81 -25.83
C HIS F 387 -2.77 -23.49 -26.48
N GLY F 388 -3.82 -23.52 -27.31
CA GLY F 388 -4.26 -22.28 -27.95
C GLY F 388 -4.73 -21.27 -26.89
N ALA F 389 -5.28 -21.79 -25.80
CA ALA F 389 -5.76 -20.95 -24.70
C ALA F 389 -4.61 -20.15 -24.07
N LYS F 390 -3.37 -20.62 -24.25
CA LYS F 390 -2.22 -19.91 -23.70
C LYS F 390 -2.06 -18.53 -24.32
N MET F 391 -2.34 -18.40 -25.63
CA MET F 391 -2.24 -17.11 -26.29
C MET F 391 -3.36 -16.18 -25.75
N LEU F 392 -4.57 -16.72 -25.63
CA LEU F 392 -5.70 -15.95 -25.13
C LEU F 392 -5.39 -15.48 -23.70
N TYR F 393 -4.82 -16.37 -22.91
CA TYR F 393 -4.48 -16.03 -21.53
C TYR F 393 -3.39 -14.97 -21.46
N ALA F 394 -2.29 -15.18 -22.20
CA ALA F 394 -1.18 -14.22 -22.17
C ALA F 394 -1.57 -12.80 -22.58
N TYR F 395 -2.29 -12.66 -23.68
CA TYR F 395 -2.71 -11.33 -24.13
C TYR F 395 -3.73 -10.69 -23.18
N SER F 396 -4.66 -11.49 -22.67
CA SER F 396 -5.69 -10.98 -21.76
C SER F 396 -5.08 -10.48 -20.45
N GLU F 397 -4.00 -11.13 -20.00
CA GLU F 397 -3.32 -10.76 -18.77
C GLU F 397 -2.33 -9.60 -18.97
N ALA F 398 -1.78 -9.50 -20.17
CA ALA F 398 -0.81 -8.43 -20.48
C ALA F 398 -1.39 -7.02 -20.29
N THR F 399 -0.56 -6.14 -19.73
CA THR F 399 -0.94 -4.76 -19.46
C THR F 399 -0.10 -3.75 -20.23
N VAL F 400 0.96 -4.22 -20.90
CA VAL F 400 1.77 -3.33 -21.71
C VAL F 400 0.90 -2.84 -22.89
N PRO F 401 1.33 -1.77 -23.57
CA PRO F 401 0.55 -1.29 -24.72
C PRO F 401 0.47 -2.45 -25.71
N LYS F 402 -0.71 -2.66 -26.29
CA LYS F 402 -0.91 -3.73 -27.24
C LYS F 402 -1.50 -3.06 -28.48
N ILE F 403 -0.80 -3.19 -29.61
CA ILE F 403 -1.22 -2.57 -30.84
C ILE F 403 -1.31 -3.64 -31.91
N THR F 404 -2.49 -3.72 -32.52
CA THR F 404 -2.73 -4.75 -33.52
C THR F 404 -3.13 -4.20 -34.88
N VAL F 405 -2.52 -4.75 -35.92
CA VAL F 405 -2.79 -4.33 -37.29
C VAL F 405 -3.23 -5.57 -38.06
N VAL F 406 -4.44 -5.54 -38.61
CA VAL F 406 -4.90 -6.69 -39.36
C VAL F 406 -4.54 -6.51 -40.83
N LEU F 407 -3.67 -7.40 -41.33
CA LEU F 407 -3.21 -7.32 -42.70
C LEU F 407 -4.20 -7.96 -43.66
N ARG F 408 -4.66 -9.15 -43.32
CA ARG F 408 -5.59 -9.86 -44.19
C ARG F 408 -6.55 -10.76 -43.41
N LYS F 409 -6.39 -12.08 -43.49
CA LYS F 409 -7.32 -12.98 -42.79
C LYS F 409 -7.30 -12.78 -41.27
N ALA F 410 -8.46 -12.88 -40.64
CA ALA F 410 -8.58 -12.73 -39.19
C ALA F 410 -9.86 -13.46 -38.78
N TYR F 411 -9.80 -14.78 -38.84
CA TYR F 411 -10.95 -15.66 -38.53
C TYR F 411 -11.08 -16.24 -37.11
N GLY F 412 -12.28 -16.09 -36.55
CA GLY F 412 -12.62 -16.64 -35.24
C GLY F 412 -11.62 -16.58 -34.10
N GLY F 413 -11.55 -17.67 -33.35
CA GLY F 413 -10.66 -17.73 -32.22
C GLY F 413 -9.20 -17.44 -32.53
N SER F 414 -8.73 -17.79 -33.74
CA SER F 414 -7.32 -17.54 -34.07
C SER F 414 -7.03 -16.04 -34.10
N TYR F 415 -8.02 -15.26 -34.51
CA TYR F 415 -7.92 -13.79 -34.55
C TYR F 415 -7.92 -13.24 -33.11
N LEU F 416 -8.84 -13.75 -32.29
CA LEU F 416 -8.91 -13.29 -30.91
C LEU F 416 -7.59 -13.60 -30.21
N ALA F 417 -7.00 -14.74 -30.54
CA ALA F 417 -5.73 -15.13 -29.94
C ALA F 417 -4.62 -14.20 -30.37
N MET F 418 -4.85 -13.45 -31.47
CA MET F 418 -3.85 -12.50 -31.94
C MET F 418 -4.11 -11.11 -31.35
N CYS F 419 -4.93 -11.09 -30.28
CA CYS F 419 -5.21 -9.87 -29.54
C CYS F 419 -5.99 -8.74 -30.21
N ASN F 420 -7.33 -8.87 -30.22
CA ASN F 420 -8.19 -7.83 -30.79
C ASN F 420 -8.58 -6.90 -29.64
N ARG F 421 -9.45 -5.92 -29.89
CA ARG F 421 -9.80 -4.99 -28.81
C ARG F 421 -10.42 -5.66 -27.59
N ASP F 422 -11.16 -6.73 -27.79
CA ASP F 422 -11.78 -7.42 -26.66
C ASP F 422 -10.75 -8.04 -25.73
N LEU F 423 -9.57 -8.36 -26.25
CA LEU F 423 -8.53 -8.91 -25.39
C LEU F 423 -7.62 -7.79 -24.90
N GLY F 424 -8.10 -6.56 -25.05
CA GLY F 424 -7.33 -5.42 -24.55
C GLY F 424 -6.38 -4.69 -25.46
N ALA F 425 -6.47 -4.90 -26.78
CA ALA F 425 -5.62 -4.16 -27.70
C ALA F 425 -5.96 -2.70 -27.50
N ASP F 426 -4.96 -1.84 -27.35
CA ASP F 426 -5.21 -0.41 -27.15
C ASP F 426 -5.59 0.31 -28.43
N ALA F 427 -5.08 -0.18 -29.54
CA ALA F 427 -5.39 0.39 -30.85
C ALA F 427 -5.38 -0.74 -31.86
N VAL F 428 -6.39 -0.76 -32.72
CA VAL F 428 -6.49 -1.78 -33.76
C VAL F 428 -6.71 -1.06 -35.09
N TYR F 429 -5.91 -1.39 -36.08
CA TYR F 429 -6.00 -0.80 -37.41
C TYR F 429 -6.20 -1.92 -38.44
N ALA F 430 -6.98 -1.63 -39.47
CA ALA F 430 -7.25 -2.62 -40.50
C ALA F 430 -6.76 -2.15 -41.85
N TRP F 431 -6.00 -3.01 -42.53
CA TRP F 431 -5.57 -2.69 -43.88
C TRP F 431 -6.86 -2.88 -44.70
N PRO F 432 -6.91 -2.35 -45.93
CA PRO F 432 -8.13 -2.53 -46.73
C PRO F 432 -8.37 -3.98 -47.12
N SER F 433 -7.35 -4.82 -46.91
CA SER F 433 -7.42 -6.25 -47.21
C SER F 433 -7.75 -7.06 -45.96
N ALA F 434 -8.03 -6.38 -44.85
CA ALA F 434 -8.35 -7.08 -43.61
C ALA F 434 -9.67 -7.82 -43.77
N GLU F 435 -9.71 -9.06 -43.28
CA GLU F 435 -10.90 -9.91 -43.34
C GLU F 435 -11.24 -10.45 -41.97
N ILE F 436 -11.69 -9.58 -41.08
CA ILE F 436 -12.09 -9.98 -39.73
C ILE F 436 -13.44 -10.70 -39.89
N ALA F 437 -13.55 -11.92 -39.36
CA ALA F 437 -14.78 -12.70 -39.50
C ALA F 437 -14.86 -13.79 -38.44
N VAL F 438 -16.07 -14.19 -38.10
CA VAL F 438 -16.25 -15.23 -37.11
C VAL F 438 -15.79 -16.54 -37.73
N MET F 439 -15.93 -16.64 -39.06
CA MET F 439 -15.53 -17.83 -39.82
C MET F 439 -15.60 -17.51 -41.30
N GLY F 440 -14.99 -18.34 -42.13
CA GLY F 440 -15.02 -18.12 -43.57
C GLY F 440 -16.43 -18.10 -44.10
N ALA F 441 -16.70 -17.27 -45.10
CA ALA F 441 -18.05 -17.16 -45.65
C ALA F 441 -18.63 -18.48 -46.18
N GLU F 442 -17.78 -19.33 -46.77
CA GLU F 442 -18.29 -20.59 -47.30
C GLU F 442 -18.93 -21.44 -46.22
N GLY F 443 -18.18 -21.67 -45.14
CA GLY F 443 -18.70 -22.47 -44.05
C GLY F 443 -19.95 -21.85 -43.46
N ALA F 444 -19.94 -20.53 -43.32
CA ALA F 444 -21.07 -19.77 -42.77
C ALA F 444 -22.34 -19.93 -43.60
N ALA F 445 -22.22 -19.77 -44.92
CA ALA F 445 -23.38 -19.88 -45.79
C ALA F 445 -23.97 -21.28 -45.75
N ASN F 446 -23.10 -22.28 -45.65
CA ASN F 446 -23.56 -23.65 -45.60
C ASN F 446 -24.49 -23.93 -44.44
N VAL F 447 -24.35 -23.18 -43.34
CA VAL F 447 -25.23 -23.38 -42.21
C VAL F 447 -26.47 -22.51 -42.39
N ILE F 448 -26.27 -21.20 -42.47
CA ILE F 448 -27.35 -20.24 -42.62
C ILE F 448 -28.32 -20.52 -43.77
N PHE F 449 -27.79 -20.85 -44.94
CA PHE F 449 -28.62 -21.08 -46.11
C PHE F 449 -28.76 -22.53 -46.58
N ARG F 450 -28.73 -23.46 -45.64
CA ARG F 450 -28.87 -24.88 -45.95
C ARG F 450 -30.06 -25.16 -46.85
N LYS F 451 -31.24 -24.72 -46.41
CA LYS F 451 -32.47 -24.95 -47.16
C LYS F 451 -32.43 -24.40 -48.58
N GLU F 452 -32.19 -23.10 -48.69
CA GLU F 452 -32.16 -22.46 -49.99
C GLU F 452 -31.14 -23.08 -50.93
N ILE F 453 -29.98 -23.45 -50.40
CA ILE F 453 -28.94 -24.05 -51.23
C ILE F 453 -29.39 -25.40 -51.76
N LYS F 454 -29.93 -26.22 -50.87
CA LYS F 454 -30.38 -27.55 -51.25
C LYS F 454 -31.50 -27.54 -52.29
N ALA F 455 -32.41 -26.58 -52.18
CA ALA F 455 -33.53 -26.48 -53.10
C ALA F 455 -33.22 -25.79 -54.45
N ALA F 456 -32.05 -25.16 -54.56
CA ALA F 456 -31.67 -24.46 -55.78
C ALA F 456 -31.45 -25.35 -57.01
N ASP F 457 -31.71 -24.83 -58.21
CA ASP F 457 -31.49 -25.59 -59.44
C ASP F 457 -30.01 -25.97 -59.49
N ASP F 458 -29.15 -25.08 -58.97
CA ASP F 458 -27.71 -25.33 -58.89
C ASP F 458 -27.20 -24.90 -57.52
N PRO F 459 -27.17 -25.83 -56.56
CA PRO F 459 -26.68 -25.56 -55.20
C PRO F 459 -25.35 -24.81 -55.16
N ASP F 460 -24.44 -25.16 -56.07
CA ASP F 460 -23.12 -24.51 -56.12
C ASP F 460 -23.19 -23.01 -56.43
N ALA F 461 -24.00 -22.64 -57.41
CA ALA F 461 -24.13 -21.24 -57.77
C ALA F 461 -24.86 -20.51 -56.65
N MET F 462 -25.87 -21.15 -56.08
CA MET F 462 -26.62 -20.53 -54.99
C MET F 462 -25.67 -20.29 -53.82
N ARG F 463 -24.83 -21.28 -53.52
CA ARG F 463 -23.87 -21.16 -52.42
C ARG F 463 -22.93 -19.98 -52.68
N ALA F 464 -22.45 -19.88 -53.91
CA ALA F 464 -21.54 -18.81 -54.28
C ALA F 464 -22.16 -17.45 -54.02
N GLU F 465 -23.45 -17.30 -54.30
CA GLU F 465 -24.05 -15.99 -54.06
C GLU F 465 -24.29 -15.73 -52.59
N LYS F 466 -24.47 -16.79 -51.81
CA LYS F 466 -24.68 -16.61 -50.37
C LYS F 466 -23.36 -16.25 -49.72
N ILE F 467 -22.28 -16.86 -50.23
CA ILE F 467 -20.94 -16.60 -49.73
C ILE F 467 -20.61 -15.12 -49.92
N GLU F 468 -20.88 -14.60 -51.12
CA GLU F 468 -20.63 -13.19 -51.44
C GLU F 468 -21.48 -12.31 -50.53
N GLU F 469 -22.72 -12.70 -50.34
CA GLU F 469 -23.63 -11.94 -49.51
C GLU F 469 -23.14 -11.86 -48.06
N TYR F 470 -22.64 -12.97 -47.55
CA TYR F 470 -22.14 -13.02 -46.17
C TYR F 470 -20.84 -12.21 -46.05
N GLN F 471 -19.93 -12.39 -47.01
CA GLN F 471 -18.66 -11.68 -47.02
C GLN F 471 -18.85 -10.18 -46.96
N ASN F 472 -19.73 -9.66 -47.82
CA ASN F 472 -19.96 -8.22 -47.85
C ASN F 472 -20.72 -7.67 -46.66
N ALA F 473 -21.52 -8.51 -46.02
CA ALA F 473 -22.30 -8.07 -44.87
C ALA F 473 -21.45 -7.96 -43.60
N PHE F 474 -20.46 -8.84 -43.47
CA PHE F 474 -19.64 -8.90 -42.28
C PHE F 474 -18.14 -8.81 -42.38
N ASN F 475 -17.57 -9.35 -43.44
CA ASN F 475 -16.13 -9.44 -43.53
C ASN F 475 -15.28 -8.36 -44.19
N THR F 476 -15.80 -7.14 -44.35
CA THR F 476 -15.01 -6.09 -44.96
C THR F 476 -14.49 -5.19 -43.86
N PRO F 477 -13.37 -4.49 -44.10
CA PRO F 477 -12.81 -3.59 -43.09
C PRO F 477 -13.82 -2.55 -42.62
N TYR F 478 -14.66 -2.13 -43.55
CA TYR F 478 -15.66 -1.12 -43.23
C TYR F 478 -16.69 -1.60 -42.22
N VAL F 479 -17.04 -2.88 -42.26
CA VAL F 479 -18.00 -3.40 -41.29
C VAL F 479 -17.31 -3.55 -39.93
N ALA F 480 -16.05 -3.98 -39.93
CA ALA F 480 -15.33 -4.10 -38.66
C ALA F 480 -15.28 -2.70 -38.03
N ALA F 481 -14.97 -1.70 -38.84
CA ALA F 481 -14.88 -0.32 -38.35
C ALA F 481 -16.23 0.21 -37.90
N ALA F 482 -17.28 -0.15 -38.62
CA ALA F 482 -18.62 0.28 -38.27
C ALA F 482 -18.96 -0.19 -36.87
N ARG F 483 -18.51 -1.40 -36.52
CA ARG F 483 -18.76 -1.95 -35.19
C ARG F 483 -17.75 -1.48 -34.14
N GLY F 484 -16.77 -0.69 -34.56
CA GLY F 484 -15.76 -0.20 -33.64
C GLY F 484 -14.72 -1.24 -33.25
N GLN F 485 -14.64 -2.32 -34.02
CA GLN F 485 -13.67 -3.37 -33.75
C GLN F 485 -12.27 -2.96 -34.18
N VAL F 486 -12.19 -1.96 -35.06
CA VAL F 486 -10.88 -1.43 -35.44
C VAL F 486 -11.06 0.07 -35.25
N ASP F 487 -9.97 0.77 -34.96
CA ASP F 487 -10.00 2.22 -34.76
C ASP F 487 -10.20 2.94 -36.09
N ASP F 488 -9.64 2.37 -37.15
CA ASP F 488 -9.67 3.01 -38.46
C ASP F 488 -9.26 1.98 -39.51
N VAL F 489 -9.52 2.30 -40.78
CA VAL F 489 -9.11 1.46 -41.90
C VAL F 489 -8.00 2.35 -42.44
N ILE F 490 -6.84 1.76 -42.67
CA ILE F 490 -5.70 2.56 -43.10
C ILE F 490 -5.04 2.15 -44.41
N ASP F 491 -4.31 3.11 -44.97
CA ASP F 491 -3.54 2.88 -46.18
C ASP F 491 -2.33 2.09 -45.69
N PRO F 492 -2.06 0.91 -46.27
CA PRO F 492 -0.92 0.11 -45.83
C PRO F 492 0.37 0.92 -45.82
N ALA F 493 0.48 1.89 -46.71
CA ALA F 493 1.67 2.73 -46.81
C ALA F 493 1.94 3.52 -45.53
N ASP F 494 0.89 3.72 -44.72
CA ASP F 494 1.00 4.47 -43.47
C ASP F 494 1.20 3.59 -42.23
N THR F 495 1.49 2.32 -42.42
CA THR F 495 1.61 1.44 -41.26
C THR F 495 2.64 1.81 -40.19
N ARG F 496 3.85 2.20 -40.60
CA ARG F 496 4.87 2.57 -39.63
C ARG F 496 4.40 3.76 -38.80
N ARG F 497 3.89 4.79 -39.47
CA ARG F 497 3.42 5.98 -38.75
C ARG F 497 2.29 5.65 -37.77
N LYS F 498 1.33 4.84 -38.20
CA LYS F 498 0.22 4.50 -37.32
C LYS F 498 0.69 3.78 -36.05
N ILE F 499 1.60 2.82 -36.22
CA ILE F 499 2.11 2.10 -35.08
C ILE F 499 2.95 3.03 -34.21
N ALA F 500 3.79 3.83 -34.86
CA ALA F 500 4.65 4.79 -34.16
C ALA F 500 3.82 5.76 -33.33
N SER F 501 2.74 6.29 -33.91
CA SER F 501 1.90 7.24 -33.19
C SER F 501 1.18 6.53 -32.06
N ALA F 502 0.75 5.29 -32.31
CA ALA F 502 0.05 4.55 -31.27
C ALA F 502 0.97 4.28 -30.08
N LEU F 503 2.23 3.93 -30.35
CA LEU F 503 3.19 3.67 -29.28
C LEU F 503 3.43 4.93 -28.44
N GLU F 504 3.49 6.07 -29.11
CA GLU F 504 3.70 7.35 -28.45
C GLU F 504 2.48 7.66 -27.58
N MET F 505 1.30 7.51 -28.16
CA MET F 505 0.05 7.77 -27.44
C MET F 505 -0.06 6.96 -26.16
N TYR F 506 0.33 5.68 -26.22
CA TYR F 506 0.23 4.81 -25.05
C TYR F 506 1.50 4.68 -24.22
N ALA F 507 2.49 5.50 -24.52
CA ALA F 507 3.74 5.48 -23.77
C ALA F 507 3.49 5.84 -22.30
N THR F 508 2.30 6.38 -22.01
CA THR F 508 1.95 6.75 -20.64
C THR F 508 0.83 5.88 -20.09
N LYS F 509 0.57 4.75 -20.74
CA LYS F 509 -0.48 3.86 -20.29
C LYS F 509 -0.25 3.25 -18.91
N ARG F 510 -1.28 3.28 -18.07
CA ARG F 510 -1.21 2.65 -16.75
C ARG F 510 -2.43 1.75 -16.66
N GLN F 511 -2.20 0.46 -16.47
CA GLN F 511 -3.30 -0.50 -16.40
C GLN F 511 -2.98 -1.56 -15.34
N THR F 512 -3.98 -1.91 -14.55
CA THR F 512 -3.79 -2.89 -13.50
C THR F 512 -4.68 -4.13 -13.66
N ARG F 513 -4.41 -5.13 -12.82
CA ARG F 513 -5.15 -6.38 -12.85
C ARG F 513 -5.69 -6.73 -11.47
N PRO F 514 -6.72 -7.59 -11.41
CA PRO F 514 -7.33 -8.01 -10.13
C PRO F 514 -6.26 -8.63 -9.22
N ALA F 515 -6.39 -8.40 -7.92
CA ALA F 515 -5.45 -8.94 -6.93
C ALA F 515 -5.50 -10.46 -6.94
N LYS F 516 -4.34 -11.10 -7.01
CA LYS F 516 -4.26 -12.56 -7.03
C LYS F 516 -2.80 -12.93 -6.92
N LYS F 517 -2.51 -14.13 -6.42
CA LYS F 517 -1.11 -14.56 -6.34
C LYS F 517 -0.65 -14.67 -7.78
N HIS F 518 -1.53 -15.24 -8.59
CA HIS F 518 -1.29 -15.44 -10.01
C HIS F 518 -2.54 -16.06 -10.60
N GLY F 519 -2.68 -15.98 -11.91
CA GLY F 519 -3.82 -16.60 -12.54
C GLY F 519 -3.43 -18.05 -12.72
N ASN F 520 -4.29 -18.80 -13.41
CA ASN F 520 -4.02 -20.19 -13.63
C ASN F 520 -3.73 -20.39 -15.13
N PHE F 521 -2.47 -20.10 -15.49
CA PHE F 521 -1.99 -20.21 -16.86
C PHE F 521 -2.15 -21.64 -17.38
N PRO F 522 -2.77 -21.82 -18.55
CA PRO F 522 -2.92 -23.20 -19.02
C PRO F 522 -1.59 -23.92 -19.28
N CYS F 523 -1.60 -25.23 -19.08
CA CYS F 523 -0.41 -26.06 -19.27
C CYS F 523 -0.54 -26.92 -20.51
CD CD G . 25.12 2.81 28.39
C8 MCA H . 33.94 -26.38 26.00
N9 MCA H . 34.29 -27.51 25.25
C4 MCA H . 34.45 -27.02 23.97
C5 MCA H . 34.19 -25.64 24.05
N7 MCA H . 33.87 -25.26 25.33
N3 MCA H . 34.79 -27.73 22.82
C2 MCA H . 34.85 -26.93 21.70
N1 MCA H . 34.62 -25.59 21.66
C6 MCA H . 34.27 -24.89 22.83
N6 MCA H . 34.05 -23.58 22.73
C1' MCA H . 34.47 -28.82 25.58
C2' MCA H . 35.61 -28.93 26.60
O2' MCA H . 36.86 -28.96 25.97
C3' MCA H . 35.20 -30.16 27.37
O3' MCA H . 35.74 -31.32 26.75
C4' MCA H . 33.65 -30.15 27.39
O4' MCA H . 33.29 -29.31 26.22
C5' MCA H . 32.94 -29.46 28.62
O5' MCA H . 33.81 -29.03 29.35
P1 MCA H . 34.46 -28.92 30.56
O11 MCA H . 35.70 -28.32 30.51
O12 MCA H . 34.42 -30.24 30.81
O6 MCA H . 33.69 -27.95 31.65
P2 MCA H . 33.20 -27.09 32.54
O21 MCA H . 34.28 -27.45 33.32
O22 MCA H . 31.85 -27.10 32.89
O7 MCA H . 33.58 -25.63 31.97
CPB MCA H . 33.20 -25.17 30.92
CPA MCA H . 33.54 -23.82 30.30
CP7 MCA H . 34.90 -24.26 29.73
CP9 MCA H . 33.45 -22.67 31.32
CP8 MCA H . 32.49 -23.55 29.20
OP3 MCA H . 34.85 -25.19 28.93
CP6 MCA H . 35.72 -23.36 29.00
OP2 MCA H . 36.02 -22.23 29.56
NP2 MCA H . 36.20 -23.70 27.65
CP5 MCA H . 35.69 -22.83 26.64
CP4 MCA H . 35.39 -21.46 26.34
CP3 MCA H . 35.75 -20.72 25.14
OP1 MCA H . 37.10 -20.78 25.06
NP1 MCA H . 35.03 -20.01 24.05
CP2 MCA H . 35.91 -19.42 23.07
CP1 MCA H . 35.04 -18.88 22.00
P3 MCA H . 36.02 -32.92 27.03
O31 MCA H . 37.03 -32.51 28.08
O32 MCA H . 36.66 -33.49 25.79
O33 MCA H . 34.95 -33.79 27.64
S MCA H . 35.72 -18.17 20.82
CS1 MCA H . 34.16 -18.01 20.36
OS1 MCA H . 33.04 -18.36 20.82
CS2 MCA H . 33.94 -16.64 20.07
CS3 MCA H . 33.55 -16.33 18.84
CS4 MCA H . 33.96 -15.29 20.85
OS4 MCA H . 34.36 -14.26 20.30
OS5 MCA H . 33.57 -15.34 22.01
C1 DXX I . 38.04 -15.56 23.86
O1 DXX I . 38.67 -16.64 23.48
CA DXX I . 37.85 -15.42 25.04
CB DXX I . 38.66 -14.32 25.40
C DXX I . 37.01 -16.13 25.98
O DXX I . 37.32 -15.93 27.17
O2 DXX I . 36.08 -16.87 25.65
C1 MPD J . -4.09 -14.54 39.32
C2 MPD J . -3.64 -15.32 38.09
O2 MPD J . -4.63 -15.05 37.08
CM MPD J . -2.30 -14.86 37.60
C3 MPD J . -3.64 -16.85 38.33
C4 MPD J . -2.42 -17.49 39.01
O4 MPD J . -2.20 -16.94 40.29
C5 MPD J . -2.60 -18.99 39.17
CD CD K . -27.34 25.85 -3.80
C8 MCA L . -23.81 36.11 24.82
N9 MCA L . -23.08 36.56 25.93
C4 MCA L . -21.79 36.68 25.47
C5 MCA L . -21.83 36.30 24.11
N7 MCA L . -23.11 35.94 23.73
N3 MCA L . -20.67 37.11 26.18
C2 MCA L . -19.53 37.10 25.40
N1 MCA L . -19.44 36.75 24.07
C6 MCA L . -20.58 36.34 23.39
N6 MCA L . -20.44 36.00 22.10
C1' MCA L . -23.45 36.85 27.21
C2' MCA L . -24.41 38.03 27.19
O2' MCA L . -23.72 39.23 27.04
C3' MCA L . -25.17 37.80 28.49
O3' MCA L . -24.46 38.39 29.57
C4' MCA L . -25.30 36.26 28.60
O4' MCA L . -24.17 35.75 27.78
C5' MCA L . -26.58 35.56 28.00
O5' MCA L . -27.26 36.43 27.53
P1 MCA L . -28.46 37.14 27.43
O11 MCA L . -28.37 38.33 26.75
O12 MCA L . -28.65 37.19 28.75
O6 MCA L . -29.61 36.35 26.57
P2 MCA L . -30.55 35.80 25.82
O21 MCA L . -31.26 36.97 26.01
O22 MCA L . -30.99 34.49 26.05
O7 MCA L . -29.98 35.87 24.30
CPB MCA L . -28.91 35.45 23.95
CPA MCA L . -28.26 35.49 22.58
CP7 MCA L . -27.68 36.92 22.71
CP9 MCA L . -29.25 35.15 21.44
CP8 MCA L . -27.16 34.42 22.57
OP3 MCA L . -26.90 37.09 23.66
CP6 MCA L . -26.93 37.54 21.67
OP2 MCA L . -27.44 37.57 20.50
NP2 MCA L . -25.60 38.18 21.96
CP5 MCA L . -24.55 37.69 21.14
CP4 MCA L . -24.21 37.29 19.81
CP3 MCA L . -22.98 37.58 19.09
OP1 MCA L . -23.08 38.87 18.69
NP1 MCA L . -21.74 36.84 18.73
CP2 MCA L . -20.81 37.64 17.98
CP1 MCA L . -19.86 36.69 17.39
P3 MCA L . -24.62 38.87 31.16
O31 MCA L . -25.59 39.91 30.71
O32 MCA L . -23.29 39.45 31.60
O33 MCA L . -25.25 37.93 32.17
S MCA L . -18.73 37.25 16.51
CS1 MCA L . -18.38 35.66 16.42
OS1 MCA L . -18.87 34.60 16.91
CS2 MCA L . -18.22 35.32 15.07
CS3 MCA L . -17.02 34.87 14.71
CS4 MCA L . -19.10 35.21 13.80
OS4 MCA L . -20.29 35.02 13.96
OS5 MCA L . -18.58 35.35 12.68
C1 DXX M . -22.01 38.91 13.43
O1 DXX M . -21.07 39.34 14.25
CA DXX M . -23.16 39.17 13.69
CB DXX M . -23.42 40.36 12.98
C DXX M . -24.14 38.51 14.50
O DXX M . -25.31 38.85 14.22
O2 DXX M . -23.87 37.69 15.39
C1 MPD N . -39.00 -2.14 15.51
C2 MPD N . -37.59 -1.71 15.87
O2 MPD N . -36.75 -2.87 15.63
CM MPD N . -37.13 -0.57 15.04
C3 MPD N . -37.46 -1.29 17.36
C4 MPD N . -36.61 -2.14 18.29
O4 MPD N . -35.27 -2.21 17.84
C5 MPD N . -36.60 -1.56 19.69
CD CD O . 2.66 -29.14 -24.46
C8 MCA P . -25.84 -24.87 -34.67
N9 MCA P . -26.89 -24.07 -35.11
C4 MCA P . -26.32 -22.82 -35.27
C5 MCA P . -24.97 -22.97 -34.91
N7 MCA P . -24.69 -24.27 -34.53
N3 MCA P . -26.93 -21.64 -35.71
C2 MCA P . -26.07 -20.58 -35.75
N1 MCA P . -24.73 -20.61 -35.41
C6 MCA P . -24.14 -21.80 -34.99
N6 MCA P . -22.85 -21.78 -34.66
C1' MCA P . -28.19 -24.33 -35.36
C2' MCA P . -28.32 -25.32 -36.53
O2' MCA P . -28.25 -24.67 -37.77
C3' MCA P . -29.63 -26.01 -36.18
O3' MCA P . -30.70 -25.25 -36.72
C4' MCA P . -29.66 -26.06 -34.64
O4' MCA P . -28.76 -24.98 -34.22
C5' MCA P . -29.10 -27.36 -33.92
O5' MCA P . -28.71 -28.09 -34.78
P1 MCA P . -28.65 -29.33 -35.42
O11 MCA P . -28.01 -29.31 -36.63
O12 MCA P . -29.98 -29.48 -35.42
O6 MCA P . -27.80 -30.44 -34.59
P2 MCA P . -27.02 -31.37 -34.05
O21 MCA P . -27.29 -32.13 -35.18
O22 MCA P . -27.20 -31.77 -32.71
O7 MCA P . -25.52 -30.82 -34.23
CPB MCA P . -25.06 -29.86 -33.68
CPA MCA P . -23.66 -29.30 -33.86
CP7 MCA P . -23.87 -28.71 -35.28
CP9 MCA P . -22.57 -30.34 -33.61
CP8 MCA P . -23.48 -28.19 -32.80
OP3 MCA P . -24.79 -27.87 -35.36
CP6 MCA P . -22.83 -28.02 -35.95
OP2 MCA P . -21.70 -28.61 -36.07
NP2 MCA P . -23.08 -26.66 -36.51
CP5 MCA P . -22.09 -25.70 -36.15
CP4 MCA P . -20.69 -25.50 -35.93
CP3 MCA P . -19.92 -24.29 -36.16
OP1 MCA P . -19.78 -24.20 -37.50
NP1 MCA P . -19.29 -23.23 -35.36
CP2 MCA P . -18.62 -22.25 -36.20
CP1 MCA P . -18.04 -21.24 -35.30
P3 MCA P . -32.32 -25.35 -37.07
O31 MCA P . -31.97 -26.38 -38.10
O32 MCA P . -32.75 -24.05 -37.68
O33 MCA P . -33.26 -25.92 -36.04
S MCA P . -17.23 -20.10 -35.92
CS1 MCA P . -17.11 -19.71 -34.33
OS1 MCA P . -17.56 -20.21 -33.26
CS2 MCA P . -15.76 -19.54 -33.99
CS3 MCA P . -15.41 -18.35 -33.48
CS4 MCA P . -14.47 -20.42 -33.95
OS4 MCA P . -13.36 -19.90 -34.07
OS5 MCA P . -14.65 -21.62 -33.79
C1 DXX Q . -14.90 -23.57 -37.75
O1 DXX Q . -14.21 -22.87 -36.89
CA DXX Q . -14.79 -24.78 -37.73
CB DXX Q . -13.69 -25.05 -38.57
C DXX Q . -15.54 -25.81 -37.05
O DXX Q . -15.38 -26.92 -37.60
O2 DXX Q . -16.26 -25.62 -36.07
C8 MCA R . 18.43 32.20 33.32
N9 MCA R . 17.53 33.25 33.53
C4 MCA R . 16.29 32.63 33.64
C5 MCA R . 16.55 31.26 33.49
N7 MCA R . 17.89 31.00 33.29
N3 MCA R . 15.06 33.23 33.86
C2 MCA R . 14.03 32.32 33.91
N1 MCA R . 14.14 30.97 33.77
C6 MCA R . 15.38 30.38 33.55
N6 MCA R . 15.43 29.06 33.43
C1' MCA R . 17.71 34.60 33.62
C2' MCA R . 18.45 34.95 34.92
O2' MCA R . 17.56 35.06 36.02
C3' MCA R . 19.20 36.22 34.52
O3' MCA R . 18.49 37.40 34.84
C4' MCA R . 19.48 36.06 33.02
O4' MCA R . 18.52 35.05 32.54
C5' MCA R . 20.91 35.56 32.61
O5' MCA R . 21.51 35.40 33.64
P1 MCA R . 22.63 35.54 34.43
O11 MCA R . 22.48 35.17 35.73
O12 MCA R . 22.76 36.85 34.16
O6 MCA R . 23.85 34.59 33.92
P2 MCA R . 24.85 33.76 33.60
O21 MCA R . 25.43 34.17 34.78
O22 MCA R . 25.43 33.81 32.32
O7 MCA R . 24.31 32.28 33.86
CPB MCA R . 23.61 31.63 33.13
CPA MCA R . 23.06 30.23 33.34
CP7 MCA R . 22.24 30.53 34.61
CP9 MCA R . 24.17 29.16 33.38
CP8 MCA R . 22.14 29.90 32.14
OP3 MCA R . 21.39 31.41 34.49
CP6 MCA R . 21.48 29.54 35.26
OP2 MCA R . 22.08 28.44 35.55
NP2 MCA R . 20.05 29.79 35.56
CP5 MCA R . 19.30 28.62 35.88
CP4 MCA R . 18.94 27.32 35.44
CP3 MCA R . 17.72 26.60 35.77
OP1 MCA R . 17.87 26.20 37.04
NP1 MCA R . 16.45 26.28 35.09
CP2 MCA R . 15.56 25.51 35.91
CP1 MCA R . 14.82 24.63 34.96
P3 MCA R . 18.71 39.04 35.04
O31 MCA R . 19.54 38.73 36.25
O32 MCA R . 17.38 39.65 35.39
O33 MCA R . 19.53 39.82 34.03
S MCA R . 13.79 23.66 35.56
CS1 MCA R . 13.61 23.29 33.98
OS1 MCA R . 14.13 23.66 32.89
CS2 MCA R . 13.58 21.89 33.85
CS3 MCA R . 12.43 21.36 33.47
CS4 MCA R . 14.57 20.68 33.94
OS4 MCA R . 14.21 19.59 34.37
OS5 MCA R . 15.71 20.91 33.55
C1 DXX S . 17.30 20.74 38.17
O1 DXX S . 16.71 20.31 37.07
CA DXX S . 17.87 21.80 38.09
CB DXX S . 17.09 22.68 38.86
C DXX S . 19.06 22.21 37.41
O DXX S . 20.07 22.07 38.14
O2 DXX S . 19.09 22.63 36.25
C8 MCA T . -32.73 17.90 -32.81
N9 MCA T . -32.97 16.96 -33.82
C4 MCA T . -33.15 15.76 -33.15
C5 MCA T . -33.02 16.08 -31.78
N7 MCA T . -32.76 17.42 -31.59
N3 MCA T . -33.40 14.50 -33.68
C2 MCA T . -33.53 13.54 -32.70
N1 MCA T . -33.41 13.72 -31.35
C6 MCA T . -33.15 14.99 -30.84
N6 MCA T . -33.04 15.14 -29.52
C1' MCA T . -33.02 17.07 -35.18
C2' MCA T . -34.27 17.87 -35.57
O2' MCA T . -35.39 17.04 -35.67
C3' MCA T . -33.82 18.53 -36.85
O3' MCA T . -34.07 17.67 -37.94
C4' MCA T . -32.31 18.80 -36.67
O4' MCA T . -31.89 17.83 -35.63
C5' MCA T . -31.87 20.21 -36.10
O5' MCA T . -32.88 20.85 -35.88
P1 MCA T . -33.67 21.98 -35.99
O11 MCA T . -34.90 21.87 -35.40
O12 MCA T . -33.60 21.98 -37.33
O6 MCA T . -33.07 23.30 -35.25
P2 MCA T . -32.72 24.38 -34.55
O21 MCA T . -33.87 24.96 -35.05
O22 MCA T . -31.40 24.89 -34.60
O7 MCA T . -33.08 23.97 -33.04
CPB MCA T . -32.60 23.04 -32.45
CPA MCA T . -32.93 22.55 -31.05
CP7 MCA T . -34.19 21.76 -31.47
CP9 MCA T . -33.05 23.71 -30.02
CP8 MCA T . -31.78 21.63 -30.59
OP3 MCA T . -33.96 20.86 -32.30
CP6 MCA T . -34.97 21.04 -30.52
OP2 MCA T . -35.41 21.69 -29.50
NP2 MCA T . -35.19 19.59 -30.70
CP5 MCA T . -35.34 18.87 -29.47
CP4 MCA T . -34.95 18.83 -28.10
CP3 MCA T . -35.21 17.75 -27.16
OP1 MCA T . -36.54 17.52 -27.22
NP1 MCA T . -34.42 16.92 -26.23
CP2 MCA T . -35.25 15.97 -25.56
CP1 MCA T . -34.34 15.09 -24.80
P3 MCA T . -34.04 17.65 -39.59
O31 MCA T . -35.18 18.62 -39.58
O32 MCA T . -34.46 16.28 -40.04
O33 MCA T . -32.86 18.23 -40.32
S MCA T . -34.98 13.97 -23.98
CS1 MCA T . -33.41 13.72 -23.61
OS1 MCA T . -32.32 14.26 -23.95
CS2 MCA T . -33.27 13.65 -22.22
CS3 MCA T . -32.77 12.52 -21.72
CS4 MCA T . -33.47 14.60 -21.01
OS4 MCA T . -33.72 14.18 -19.87
OS5 MCA T . -33.37 15.79 -21.27
C1 DXX U . -37.96 17.87 -21.99
O1 DXX U . -38.36 17.01 -22.91
CA DXX U . -36.89 18.41 -22.17
CB DXX U . -35.96 17.65 -21.44
C DXX U . -36.50 19.58 -22.92
O DXX U . -37.34 20.49 -22.82
O2 DXX U . -35.45 19.68 -23.59
C8 MCA V . 31.44 -35.63 -16.48
N9 MCA V . 32.45 -35.90 -15.55
C4 MCA V . 31.77 -35.97 -14.33
C5 MCA V . 30.42 -35.73 -14.65
N7 MCA V . 30.23 -35.53 -15.99
N3 MCA V . 32.31 -36.21 -13.08
C2 MCA V . 31.35 -36.21 -12.09
N1 MCA V . 30.00 -35.99 -12.27
C6 MCA V . 29.49 -35.75 -13.54
N6 MCA V . 28.17 -35.54 -13.65
C1' MCA V . 33.79 -36.06 -15.67
C2' MCA V . 34.06 -37.33 -16.48
O2' MCA V . 33.96 -38.49 -15.71
C3' MCA V . 35.42 -36.98 -17.08
O3' MCA V . 36.49 -37.31 -16.18
C4' MCA V . 35.35 -35.47 -17.37
O4' MCA V . 34.33 -34.98 -16.42
C5' MCA V . 34.86 -35.02 -18.79
O5' MCA V . 34.60 -36.03 -19.39
P1 MCA V . 34.68 -36.86 -20.49
O11 MCA V . 34.09 -38.09 -20.35
O12 MCA V . 36.02 -36.80 -20.54
O6 MCA V . 33.89 -36.28 -21.80
P2 MCA V . 33.15 -35.92 -22.84
O21 MCA V . 33.64 -37.08 -23.45
O22 MCA V . 33.20 -34.62 -23.35
O7 MCA V . 31.63 -36.25 -22.43
CPB MCA V . 31.04 -35.73 -21.51
CPA MCA V . 29.62 -36.01 -21.02
CP7 MCA V . 29.95 -37.27 -20.19
CP9 MCA V . 28.59 -36.10 -22.16
CP8 MCA V . 29.20 -34.83 -20.12
OP3 MCA V . 30.80 -37.09 -19.31
CP6 MCA V . 28.95 -37.96 -19.46
OP2 MCA V . 27.88 -38.31 -20.08
NP2 MCA V . 29.13 -38.23 -18.01
CP5 MCA V . 28.06 -37.77 -17.20
CP4 MCA V . 26.65 -37.55 -17.17
CP3 MCA V . 25.75 -37.76 -16.05
OP1 MCA V . 25.43 -39.08 -16.07
NP1 MCA V . 25.16 -36.94 -14.97
CP2 MCA V . 24.31 -37.70 -14.09
CP1 MCA V . 23.45 -36.72 -13.39
P3 MCA V . 38.10 -37.68 -16.18
O31 MCA V . 37.74 -38.97 -16.86
O32 MCA V . 38.53 -37.89 -14.75
O33 MCA V . 39.08 -36.88 -17.01
S MCA V . 22.43 -37.27 -12.38
CS1 MCA V . 22.13 -35.68 -12.23
OS1 MCA V . 22.56 -34.62 -12.78
CS2 MCA V . 20.73 -35.50 -12.24
CS3 MCA V . 20.22 -34.87 -11.19
CS4 MCA V . 19.53 -35.77 -13.18
OS4 MCA V . 18.45 -36.20 -12.74
OS5 MCA V . 19.73 -35.53 -14.36
C1 DXX W . 20.61 -39.44 -15.62
O1 DXX W . 21.38 -40.29 -14.98
CA DXX W . 20.49 -39.58 -16.82
CB DXX W . 19.32 -40.37 -16.98
C DXX W . 21.28 -39.11 -17.93
O DXX W . 21.22 -39.89 -18.91
O2 DXX W . 21.95 -38.06 -17.93
C1 MPD X . 20.53 -0.59 -36.54
C2 MPD X . 21.24 -0.93 -35.26
O2 MPD X . 20.85 0.07 -34.31
CM MPD X . 20.84 -2.27 -34.74
C3 MPD X . 22.79 -0.84 -35.37
C4 MPD X . 23.53 -1.96 -36.13
O4 MPD X . 23.10 -2.06 -37.46
C5 MPD X . 25.03 -1.70 -36.14
#